data_5BSH
#
_entry.id   5BSH
#
_cell.length_a   87.489
_cell.length_b   100.928
_cell.length_c   101.925
_cell.angle_alpha   67.650
_cell.angle_beta   85.460
_cell.angle_gamma   89.440
#
_symmetry.space_group_name_H-M   'P 1'
#
loop_
_entity.id
_entity.type
_entity.pdbx_description
1 polymer 'Pyrroline-5-carboxylate reductase'
2 non-polymer PROLINE
3 water water
#
_entity_poly.entity_id   1
_entity_poly.type   'polypeptide(L)'
_entity_poly.pdbx_seq_one_letter_code
;SNAMEIIPIPADSYTLGFIGAGKMAESIAKGAVRSGVLSPSRIKTAIHSNPARRTAFESIGITVLSSNDDVVRDSNVVVF
SVKPQLLKDVVLKLKPLLTKDKLLVSVAAGIKMKDLQEWAGHERFIRVMPNTAATVGEAASVMSLGGAATEEDANLISQL
FGSIGKIWKADDKYFDAITGLSGSGPAYIYLAIEALADGGVAAGLPRDLALSLASQTVLGAASMATQSGKHPGQLKDDVT
SPGGTTIAGVHELEKAGFRGILMNAVVAAAKRSQELS
;
_entity_poly.pdbx_strand_id   A,B,C,D,E,F,G,H,I,J
#
# COMPACT_ATOMS: atom_id res chain seq x y z
N ILE A 6 19.37 -47.84 -34.28
CA ILE A 6 18.01 -47.38 -33.80
C ILE A 6 16.94 -48.44 -34.06
N ILE A 7 17.12 -49.58 -33.38
CA ILE A 7 16.16 -50.67 -33.38
C ILE A 7 15.07 -50.26 -32.40
N PRO A 8 13.79 -50.52 -32.72
CA PRO A 8 12.75 -50.16 -31.78
C PRO A 8 12.93 -50.91 -30.46
N ILE A 9 12.54 -50.27 -29.34
CA ILE A 9 12.61 -50.91 -28.03
C ILE A 9 11.42 -51.92 -27.93
N PRO A 10 11.64 -53.15 -27.46
CA PRO A 10 10.51 -54.13 -27.32
C PRO A 10 9.47 -53.72 -26.33
N ALA A 11 8.30 -53.35 -26.82
CA ALA A 11 7.30 -52.67 -26.01
C ALA A 11 6.87 -53.43 -24.75
N ASP A 12 6.86 -54.76 -24.81
CA ASP A 12 6.30 -55.55 -23.70
C ASP A 12 7.36 -56.22 -22.88
N SER A 13 8.58 -56.20 -23.36
CA SER A 13 9.65 -56.99 -22.70
C SER A 13 10.91 -56.18 -22.36
N TYR A 14 10.88 -54.87 -22.59
CA TYR A 14 12.09 -54.07 -22.39
C TYR A 14 12.54 -54.10 -20.90
N THR A 15 13.84 -53.93 -20.69
CA THR A 15 14.37 -53.71 -19.35
C THR A 15 14.72 -52.25 -19.11
N LEU A 16 14.50 -51.82 -17.86
CA LEU A 16 14.61 -50.45 -17.50
C LEU A 16 15.67 -50.29 -16.44
N GLY A 17 16.56 -49.31 -16.66
CA GLY A 17 17.68 -49.06 -15.79
C GLY A 17 17.67 -47.66 -15.21
N PHE A 18 17.72 -47.58 -13.89
CA PHE A 18 17.75 -46.32 -13.19
C PHE A 18 19.18 -45.94 -12.76
N ILE A 19 19.69 -44.84 -13.30
CA ILE A 19 20.95 -44.23 -12.87
C ILE A 19 20.63 -43.06 -12.00
N GLY A 20 20.81 -43.25 -10.69
CA GLY A 20 20.27 -42.36 -9.68
C GLY A 20 19.12 -43.10 -9.03
N ALA A 21 19.18 -43.25 -7.70
CA ALA A 21 18.21 -44.07 -7.00
C ALA A 21 17.39 -43.24 -6.00
N GLY A 22 17.14 -41.98 -6.34
CA GLY A 22 16.39 -41.10 -5.43
C GLY A 22 14.89 -41.34 -5.43
N LYS A 23 14.19 -40.40 -4.84
CA LYS A 23 12.75 -40.48 -4.63
C LYS A 23 12.04 -40.63 -5.95
N MET A 24 12.49 -39.85 -6.93
CA MET A 24 11.80 -39.84 -8.24
C MET A 24 11.93 -41.18 -8.93
N ALA A 25 13.13 -41.77 -8.92
CA ALA A 25 13.32 -43.06 -9.48
C ALA A 25 12.47 -44.10 -8.79
N GLU A 26 12.40 -44.01 -7.46
CA GLU A 26 11.58 -44.95 -6.68
C GLU A 26 10.14 -44.77 -7.09
N SER A 27 9.68 -43.54 -7.16
CA SER A 27 8.25 -43.30 -7.53
C SER A 27 7.95 -43.88 -8.91
N ILE A 28 8.85 -43.68 -9.87
CA ILE A 28 8.64 -44.24 -11.21
C ILE A 28 8.60 -45.76 -11.20
N ALA A 29 9.56 -46.36 -10.52
CA ALA A 29 9.61 -47.79 -10.41
C ALA A 29 8.35 -48.41 -9.75
N LYS A 30 7.93 -47.84 -8.61
CA LYS A 30 6.75 -48.34 -7.90
C LYS A 30 5.50 -48.17 -8.73
N GLY A 31 5.35 -47.00 -9.32
CA GLY A 31 4.25 -46.76 -10.22
C GLY A 31 4.21 -47.73 -11.39
N ALA A 32 5.35 -48.00 -11.99
CA ALA A 32 5.34 -48.82 -13.18
C ALA A 32 4.97 -50.27 -12.84
N VAL A 33 5.45 -50.71 -11.69
CA VAL A 33 5.14 -52.02 -11.19
C VAL A 33 3.66 -52.10 -10.82
N ARG A 34 3.19 -51.21 -9.92
CA ARG A 34 1.79 -51.22 -9.50
C ARG A 34 0.86 -51.35 -10.69
N SER A 35 1.09 -50.55 -11.71
CA SER A 35 0.20 -50.52 -12.88
C SER A 35 0.47 -51.61 -13.90
N GLY A 36 1.49 -52.41 -13.66
CA GLY A 36 1.77 -53.55 -14.53
C GLY A 36 2.44 -53.22 -15.85
N VAL A 37 2.93 -51.99 -16.00
CA VAL A 37 3.74 -51.65 -17.17
C VAL A 37 5.02 -52.48 -17.17
N LEU A 38 5.52 -52.78 -15.96
CA LEU A 38 6.76 -53.49 -15.74
C LEU A 38 6.66 -54.48 -14.56
N SER A 39 7.50 -55.51 -14.54
CA SER A 39 7.67 -56.35 -13.35
C SER A 39 9.02 -55.99 -12.75
N PRO A 40 9.17 -56.10 -11.42
CA PRO A 40 10.45 -55.79 -10.75
C PRO A 40 11.68 -56.47 -11.31
N SER A 41 11.50 -57.65 -11.86
CA SER A 41 12.61 -58.38 -12.45
C SER A 41 13.15 -57.70 -13.71
N ARG A 42 12.34 -56.86 -14.34
CA ARG A 42 12.77 -56.10 -15.53
C ARG A 42 13.39 -54.71 -15.22
N ILE A 43 13.51 -54.41 -13.92
CA ILE A 43 14.09 -53.18 -13.45
C ILE A 43 15.39 -53.41 -12.68
N LYS A 44 16.36 -52.55 -12.96
CA LYS A 44 17.64 -52.52 -12.27
C LYS A 44 17.98 -51.09 -11.86
N THR A 45 18.66 -50.95 -10.73
CA THR A 45 19.29 -49.70 -10.35
C THR A 45 20.64 -49.96 -9.66
N ALA A 46 21.45 -48.92 -9.54
CA ALA A 46 22.78 -49.05 -8.89
C ALA A 46 22.89 -48.10 -7.72
N ILE A 47 23.66 -48.37 -6.67
CA ILE A 47 23.87 -47.24 -5.75
C ILE A 47 24.88 -46.20 -6.31
N HIS A 48 24.53 -44.91 -6.26
CA HIS A 48 25.40 -43.85 -6.81
C HIS A 48 25.94 -42.81 -5.81
N SER A 49 25.04 -42.07 -5.14
CA SER A 49 25.46 -41.08 -4.14
C SER A 49 24.91 -41.39 -2.74
N ASN A 50 23.88 -42.20 -2.70
CA ASN A 50 23.26 -42.67 -1.45
C ASN A 50 23.05 -44.22 -1.24
N PRO A 51 23.77 -44.84 -0.29
CA PRO A 51 23.44 -46.25 0.09
C PRO A 51 22.17 -46.43 0.95
N ALA A 52 21.72 -45.37 1.61
CA ALA A 52 20.41 -45.41 2.36
C ALA A 52 19.15 -45.76 1.45
N ARG A 53 19.32 -45.46 0.17
CA ARG A 53 18.39 -45.82 -0.91
C ARG A 53 18.18 -47.34 -1.32
N ARG A 54 19.11 -48.27 -1.03
CA ARG A 54 18.97 -49.71 -1.42
C ARG A 54 17.65 -50.41 -0.95
N THR A 55 17.23 -50.05 0.25
CA THR A 55 16.09 -50.69 0.89
C THR A 55 14.84 -50.41 0.09
N ALA A 56 14.65 -49.14 -0.28
CA ALA A 56 13.50 -48.68 -1.00
C ALA A 56 13.27 -49.51 -2.27
N PHE A 57 14.38 -49.87 -2.96
CA PHE A 57 14.30 -50.68 -4.19
C PHE A 57 14.16 -52.18 -3.94
N GLU A 58 14.97 -52.70 -3.03
CA GLU A 58 14.93 -54.12 -2.72
C GLU A 58 13.60 -54.54 -2.09
N SER A 59 13.05 -53.68 -1.24
CA SER A 59 11.75 -53.89 -0.63
C SER A 59 10.56 -54.00 -1.61
N ILE A 60 10.73 -53.61 -2.86
CA ILE A 60 9.69 -53.85 -3.89
C ILE A 60 10.12 -54.83 -4.99
N GLY A 61 11.23 -55.52 -4.73
CA GLY A 61 11.62 -56.68 -5.57
C GLY A 61 12.60 -56.39 -6.67
N ILE A 62 13.21 -55.23 -6.59
CA ILE A 62 14.09 -54.76 -7.67
C ILE A 62 15.52 -55.05 -7.27
N THR A 63 16.24 -55.59 -8.22
CA THR A 63 17.65 -55.87 -8.02
C THR A 63 18.53 -54.62 -8.09
N VAL A 64 19.27 -54.42 -7.01
CA VAL A 64 20.30 -53.39 -6.93
C VAL A 64 21.67 -53.95 -7.33
N LEU A 65 22.26 -53.43 -8.41
CA LEU A 65 23.61 -53.77 -8.82
C LEU A 65 24.58 -52.75 -8.28
N SER A 66 25.87 -53.07 -8.42
CA SER A 66 26.91 -52.30 -7.69
C SER A 66 27.66 -51.31 -8.58
N SER A 67 27.38 -51.35 -9.88
CA SER A 67 27.91 -50.31 -10.80
C SER A 67 26.85 -49.78 -11.82
N ASN A 68 27.00 -48.51 -12.15
CA ASN A 68 26.21 -47.88 -13.17
C ASN A 68 26.39 -48.59 -14.52
N ASP A 69 27.62 -49.02 -14.78
CA ASP A 69 27.98 -49.67 -16.03
C ASP A 69 27.06 -50.85 -16.31
N ASP A 70 26.85 -51.66 -15.30
CA ASP A 70 26.10 -52.91 -15.48
C ASP A 70 24.61 -52.66 -15.61
N VAL A 71 24.11 -51.69 -14.86
CA VAL A 71 22.73 -51.22 -15.04
C VAL A 71 22.50 -50.86 -16.54
N VAL A 72 23.41 -50.11 -17.12
CA VAL A 72 23.30 -49.72 -18.53
C VAL A 72 23.36 -50.90 -19.48
N ARG A 73 24.40 -51.74 -19.33
CA ARG A 73 24.56 -52.97 -20.16
C ARG A 73 23.27 -53.79 -20.25
N ASP A 74 22.64 -54.04 -19.09
CA ASP A 74 21.45 -54.86 -18.99
C ASP A 74 20.11 -54.13 -19.29
N SER A 75 20.16 -52.86 -19.71
CA SER A 75 18.94 -52.07 -19.89
C SER A 75 18.76 -51.61 -21.33
N ASN A 76 17.55 -51.78 -21.81
CA ASN A 76 17.08 -51.15 -23.09
C ASN A 76 16.77 -49.66 -22.96
N VAL A 77 16.29 -49.26 -21.77
CA VAL A 77 15.89 -47.90 -21.48
C VAL A 77 16.60 -47.48 -20.21
N VAL A 78 17.26 -46.34 -20.26
CA VAL A 78 17.98 -45.82 -19.12
C VAL A 78 17.43 -44.48 -18.68
N VAL A 79 17.05 -44.37 -17.41
CA VAL A 79 16.56 -43.13 -16.78
C VAL A 79 17.64 -42.54 -15.85
N PHE A 80 18.11 -41.34 -16.19
CA PHE A 80 19.00 -40.57 -15.38
C PHE A 80 18.27 -39.62 -14.43
N SER A 81 18.40 -39.86 -13.14
CA SER A 81 17.75 -39.05 -12.13
C SER A 81 18.78 -38.58 -11.05
N VAL A 82 20.04 -38.52 -11.42
CA VAL A 82 21.01 -37.95 -10.49
C VAL A 82 20.84 -36.45 -10.36
N LYS A 83 21.44 -35.90 -9.31
CA LYS A 83 21.36 -34.47 -9.09
C LYS A 83 21.89 -33.82 -10.37
N PRO A 84 21.20 -32.76 -10.83
CA PRO A 84 21.57 -32.14 -12.09
C PRO A 84 23.07 -31.83 -12.26
N GLN A 85 23.70 -31.25 -11.23
CA GLN A 85 25.14 -30.86 -11.29
C GLN A 85 26.07 -32.06 -11.49
N LEU A 86 25.59 -33.26 -11.17
CA LEU A 86 26.40 -34.49 -11.33
C LEU A 86 26.18 -35.20 -12.66
N LEU A 87 25.11 -34.80 -13.36
CA LEU A 87 24.68 -35.57 -14.56
C LEU A 87 25.70 -35.63 -15.69
N LYS A 88 26.29 -34.48 -15.99
CA LYS A 88 27.23 -34.41 -17.07
C LYS A 88 28.33 -35.46 -16.90
N ASP A 89 28.93 -35.47 -15.73
CA ASP A 89 30.06 -36.38 -15.49
C ASP A 89 29.59 -37.81 -15.54
N VAL A 90 28.41 -38.05 -14.99
CA VAL A 90 27.91 -39.42 -15.00
C VAL A 90 27.71 -39.89 -16.44
N VAL A 91 27.14 -39.03 -17.27
CA VAL A 91 26.89 -39.42 -18.68
C VAL A 91 28.19 -39.64 -19.45
N LEU A 92 29.13 -38.71 -19.30
CA LEU A 92 30.44 -38.85 -19.94
C LEU A 92 31.17 -40.17 -19.56
N LYS A 93 31.13 -40.51 -18.28
CA LYS A 93 31.70 -41.75 -17.78
C LYS A 93 31.09 -42.96 -18.48
N LEU A 94 29.76 -42.93 -18.68
CA LEU A 94 29.05 -44.10 -19.23
C LEU A 94 29.03 -44.10 -20.74
N LYS A 95 29.55 -43.06 -21.36
CA LYS A 95 29.39 -42.87 -22.80
C LYS A 95 29.62 -44.06 -23.73
N PRO A 96 30.73 -44.82 -23.56
CA PRO A 96 31.00 -45.95 -24.47
C PRO A 96 29.88 -47.01 -24.48
N LEU A 97 29.20 -47.16 -23.34
CA LEU A 97 28.06 -48.10 -23.21
C LEU A 97 26.68 -47.54 -23.73
N LEU A 98 26.63 -46.25 -24.02
CA LEU A 98 25.35 -45.61 -24.41
C LEU A 98 25.16 -45.74 -25.90
N THR A 99 24.98 -46.98 -26.35
CA THR A 99 24.84 -47.26 -27.78
C THR A 99 23.40 -46.87 -28.24
N LYS A 100 23.25 -46.57 -29.53
CA LYS A 100 22.03 -46.02 -30.12
C LYS A 100 20.81 -46.92 -30.02
N ASP A 101 20.99 -48.20 -29.72
CA ASP A 101 19.89 -49.10 -29.48
C ASP A 101 19.26 -48.93 -28.10
N LYS A 102 19.91 -48.18 -27.23
CA LYS A 102 19.37 -47.83 -25.90
C LYS A 102 18.74 -46.41 -25.86
N LEU A 103 17.47 -46.40 -25.51
CA LEU A 103 16.70 -45.11 -25.29
C LEU A 103 17.09 -44.51 -23.97
N LEU A 104 17.58 -43.28 -24.03
CA LEU A 104 17.95 -42.58 -22.87
C LEU A 104 16.87 -41.56 -22.42
N VAL A 105 16.77 -41.37 -21.11
CA VAL A 105 15.77 -40.46 -20.54
C VAL A 105 16.37 -39.68 -19.40
N SER A 106 16.13 -38.37 -19.37
CA SER A 106 16.57 -37.54 -18.26
C SER A 106 15.38 -36.95 -17.57
N VAL A 107 15.32 -37.13 -16.25
CA VAL A 107 14.43 -36.34 -15.42
C VAL A 107 15.13 -35.23 -14.62
N ALA A 108 16.39 -34.94 -14.95
CA ALA A 108 17.13 -33.86 -14.27
C ALA A 108 16.54 -32.49 -14.55
N ALA A 109 16.28 -31.77 -13.46
CA ALA A 109 15.78 -30.38 -13.60
C ALA A 109 16.84 -29.48 -14.29
N GLY A 110 16.39 -28.61 -15.17
CA GLY A 110 17.24 -27.56 -15.75
C GLY A 110 18.22 -28.00 -16.86
N ILE A 111 18.37 -29.29 -17.15
CA ILE A 111 19.32 -29.73 -18.20
C ILE A 111 18.62 -29.90 -19.55
N LYS A 112 18.99 -29.03 -20.45
CA LYS A 112 18.42 -28.92 -21.79
C LYS A 112 18.76 -30.11 -22.68
N MET A 113 17.87 -30.36 -23.63
CA MET A 113 18.04 -31.45 -24.59
C MET A 113 19.40 -31.35 -25.35
N LYS A 114 19.70 -30.14 -25.82
CA LYS A 114 20.94 -29.90 -26.59
C LYS A 114 22.16 -30.46 -25.89
N ASP A 115 22.22 -30.24 -24.59
CA ASP A 115 23.30 -30.68 -23.77
C ASP A 115 23.28 -32.19 -23.54
N LEU A 116 22.09 -32.72 -23.24
CA LEU A 116 21.98 -34.17 -23.03
C LEU A 116 22.55 -34.90 -24.25
N GLN A 117 22.13 -34.47 -25.43
CA GLN A 117 22.52 -35.11 -26.66
C GLN A 117 24.03 -35.01 -26.92
N GLU A 118 24.60 -33.85 -26.60
CA GLU A 118 26.06 -33.68 -26.77
C GLU A 118 26.83 -34.58 -25.82
N TRP A 119 26.39 -34.66 -24.58
CA TRP A 119 27.09 -35.50 -23.62
C TRP A 119 27.04 -36.98 -24.03
N ALA A 120 25.86 -37.43 -24.46
CA ALA A 120 25.70 -38.85 -24.79
C ALA A 120 26.31 -39.18 -26.15
N GLY A 121 26.43 -38.17 -27.01
CA GLY A 121 26.94 -38.39 -28.35
C GLY A 121 25.93 -38.93 -29.35
N HIS A 122 24.67 -39.00 -28.96
CA HIS A 122 23.61 -39.29 -29.91
C HIS A 122 22.30 -38.58 -29.49
N GLU A 123 21.26 -38.70 -30.31
CA GLU A 123 20.03 -37.94 -30.18
C GLU A 123 18.81 -38.81 -29.84
N ARG A 124 19.05 -40.06 -29.48
CA ARG A 124 17.98 -40.92 -28.94
C ARG A 124 17.82 -40.74 -27.44
N PHE A 125 17.21 -39.60 -27.12
CA PHE A 125 17.13 -39.08 -25.78
C PHE A 125 15.74 -38.44 -25.63
N ILE A 126 15.14 -38.68 -24.47
CA ILE A 126 13.91 -37.99 -24.06
C ILE A 126 14.10 -37.33 -22.72
N ARG A 127 13.63 -36.10 -22.63
CA ARG A 127 13.67 -35.35 -21.38
C ARG A 127 12.28 -35.31 -20.82
N VAL A 128 12.21 -35.55 -19.52
CA VAL A 128 10.98 -35.47 -18.77
C VAL A 128 11.19 -34.61 -17.56
N MET A 129 10.24 -33.71 -17.34
N MET A 129 10.22 -33.74 -17.34
CA MET A 129 10.16 -32.93 -16.11
CA MET A 129 10.10 -32.96 -16.12
C MET A 129 8.88 -33.35 -15.33
C MET A 129 8.87 -33.37 -15.36
N PRO A 130 9.04 -34.27 -14.41
CA PRO A 130 7.91 -34.56 -13.53
C PRO A 130 7.85 -33.55 -12.34
N ASN A 131 7.00 -33.79 -11.36
CA ASN A 131 6.96 -32.97 -10.13
C ASN A 131 6.73 -33.83 -8.94
N THR A 132 6.65 -33.25 -7.76
CA THR A 132 6.74 -33.98 -6.51
C THR A 132 5.55 -34.94 -6.25
N ALA A 133 4.44 -34.73 -6.93
CA ALA A 133 3.26 -35.56 -6.68
C ALA A 133 3.36 -36.94 -7.33
N ALA A 134 4.45 -37.18 -8.05
CA ALA A 134 4.78 -38.54 -8.45
C ALA A 134 4.65 -39.54 -7.31
N THR A 135 5.01 -39.13 -6.09
CA THR A 135 4.91 -39.99 -4.92
C THR A 135 3.49 -40.59 -4.73
N VAL A 136 2.42 -39.88 -5.07
CA VAL A 136 1.08 -40.44 -4.93
C VAL A 136 0.44 -40.65 -6.25
N GLY A 137 1.25 -40.80 -7.31
CA GLY A 137 0.71 -41.06 -8.63
C GLY A 137 -0.11 -39.92 -9.24
N GLU A 138 0.15 -38.70 -8.85
CA GLU A 138 -0.57 -37.58 -9.45
C GLU A 138 0.41 -36.48 -9.92
N ALA A 139 1.55 -36.90 -10.41
CA ALA A 139 2.47 -35.98 -11.05
C ALA A 139 1.86 -35.26 -12.26
N ALA A 140 2.33 -34.04 -12.45
CA ALA A 140 2.19 -33.36 -13.71
C ALA A 140 3.57 -33.41 -14.33
N SER A 141 3.67 -34.08 -15.48
CA SER A 141 4.93 -34.23 -16.19
C SER A 141 4.85 -33.76 -17.58
N VAL A 142 5.97 -33.29 -18.08
CA VAL A 142 6.07 -33.01 -19.49
C VAL A 142 7.29 -33.60 -20.11
N MET A 143 7.19 -33.93 -21.36
CA MET A 143 8.32 -34.55 -22.11
C MET A 143 8.68 -33.83 -23.40
N SER A 144 9.98 -33.74 -23.66
CA SER A 144 10.50 -33.25 -24.93
C SER A 144 11.39 -34.32 -25.55
N LEU A 145 11.41 -34.36 -26.86
CA LEU A 145 12.06 -35.46 -27.65
C LEU A 145 13.32 -34.96 -28.24
N GLY A 146 14.37 -35.73 -28.07
CA GLY A 146 15.59 -35.50 -28.83
C GLY A 146 15.34 -35.73 -30.32
N GLY A 147 16.31 -35.32 -31.14
CA GLY A 147 16.21 -35.43 -32.61
C GLY A 147 16.07 -36.84 -33.17
N ALA A 148 16.55 -37.87 -32.45
CA ALA A 148 16.42 -39.25 -32.93
C ALA A 148 15.42 -40.09 -32.14
N ALA A 149 14.77 -39.50 -31.16
CA ALA A 149 13.72 -40.22 -30.47
C ALA A 149 12.48 -40.46 -31.39
N THR A 150 11.98 -41.69 -31.40
CA THR A 150 10.87 -42.05 -32.31
C THR A 150 9.56 -41.91 -31.65
N GLU A 151 8.51 -41.97 -32.44
CA GLU A 151 7.14 -41.89 -31.89
C GLU A 151 6.90 -43.03 -30.91
N GLU A 152 7.45 -44.17 -31.23
CA GLU A 152 7.33 -45.36 -30.40
C GLU A 152 8.11 -45.20 -29.12
N ASP A 153 9.27 -44.53 -29.18
CA ASP A 153 10.04 -44.21 -27.96
C ASP A 153 9.16 -43.27 -27.05
N ALA A 154 8.53 -42.28 -27.69
CA ALA A 154 7.67 -41.36 -27.02
C ALA A 154 6.53 -42.08 -26.35
N ASN A 155 5.88 -42.97 -27.08
CA ASN A 155 4.77 -43.74 -26.47
C ASN A 155 5.20 -44.63 -25.32
N LEU A 156 6.37 -45.23 -25.46
CA LEU A 156 6.87 -46.06 -24.41
C LEU A 156 7.00 -45.18 -23.11
N ILE A 157 7.58 -43.99 -23.26
CA ILE A 157 7.81 -43.10 -22.13
C ILE A 157 6.49 -42.44 -21.61
N SER A 158 5.56 -42.09 -22.50
CA SER A 158 4.18 -41.73 -22.06
C SER A 158 3.59 -42.79 -21.15
N GLN A 159 3.69 -44.05 -21.57
CA GLN A 159 3.12 -45.12 -20.81
C GLN A 159 3.84 -45.22 -19.43
N LEU A 160 5.17 -45.08 -19.44
CA LEU A 160 5.94 -45.24 -18.21
C LEU A 160 5.56 -44.16 -17.20
N PHE A 161 5.50 -42.91 -17.67
CA PHE A 161 5.20 -41.78 -16.85
C PHE A 161 3.70 -41.51 -16.64
N GLY A 162 2.84 -42.13 -17.47
CA GLY A 162 1.39 -42.20 -17.23
C GLY A 162 1.11 -43.00 -15.94
N SER A 163 2.07 -43.81 -15.53
CA SER A 163 1.93 -44.60 -14.31
C SER A 163 2.10 -43.82 -13.03
N ILE A 164 2.70 -42.61 -13.09
CA ILE A 164 2.90 -41.76 -11.92
C ILE A 164 2.07 -40.46 -11.96
N GLY A 165 1.18 -40.34 -12.95
CA GLY A 165 0.34 -39.14 -13.05
C GLY A 165 0.02 -38.89 -14.51
N LYS A 166 -0.04 -37.65 -14.91
CA LYS A 166 -0.34 -37.28 -16.28
C LYS A 166 0.95 -36.82 -16.93
N ILE A 167 0.99 -36.94 -18.25
CA ILE A 167 2.14 -36.53 -19.01
C ILE A 167 1.73 -35.90 -20.36
N TRP A 168 2.33 -34.76 -20.62
CA TRP A 168 2.11 -34.02 -21.83
C TRP A 168 3.41 -33.83 -22.58
N LYS A 169 3.31 -33.47 -23.87
CA LYS A 169 4.47 -33.21 -24.70
C LYS A 169 4.64 -31.73 -24.83
N ALA A 170 5.89 -31.29 -24.84
CA ALA A 170 6.16 -29.88 -25.13
C ALA A 170 7.58 -29.66 -25.62
N ASP A 171 7.78 -28.57 -26.38
CA ASP A 171 9.08 -28.22 -26.86
C ASP A 171 9.95 -27.94 -25.69
N ASP A 172 11.21 -28.32 -25.84
CA ASP A 172 12.23 -28.07 -24.82
C ASP A 172 12.31 -26.61 -24.41
N LYS A 173 12.06 -25.71 -25.33
CA LYS A 173 12.15 -24.31 -24.97
C LYS A 173 11.10 -23.83 -23.88
N TYR A 174 10.02 -24.58 -23.63
CA TYR A 174 9.04 -24.21 -22.65
C TYR A 174 9.47 -24.66 -21.24
N PHE A 175 10.57 -25.37 -21.10
CA PHE A 175 10.81 -26.02 -19.82
C PHE A 175 11.04 -25.09 -18.59
N ASP A 176 11.61 -23.93 -18.80
CA ASP A 176 11.81 -22.99 -17.70
C ASP A 176 10.52 -22.55 -17.11
N ALA A 177 9.59 -22.21 -17.97
CA ALA A 177 8.31 -21.86 -17.60
C ALA A 177 7.50 -23.01 -16.98
N ILE A 178 7.66 -24.19 -17.52
CA ILE A 178 7.03 -25.35 -16.93
C ILE A 178 7.54 -25.52 -15.49
N THR A 179 8.85 -25.28 -15.27
CA THR A 179 9.44 -25.49 -13.95
C THR A 179 8.80 -24.55 -12.91
N GLY A 180 8.54 -23.32 -13.35
CA GLY A 180 7.89 -22.35 -12.50
C GLY A 180 6.41 -22.65 -12.19
N LEU A 181 5.79 -23.44 -13.01
CA LEU A 181 4.34 -23.79 -12.85
C LEU A 181 4.15 -25.15 -12.22
N SER A 182 4.43 -26.19 -12.96
CA SER A 182 4.17 -27.56 -12.43
C SER A 182 5.27 -28.04 -11.52
N GLY A 183 6.49 -27.55 -11.71
CA GLY A 183 7.62 -27.97 -10.85
C GLY A 183 7.56 -27.34 -9.48
N SER A 184 7.36 -26.00 -9.48
CA SER A 184 7.30 -25.25 -8.28
C SER A 184 5.95 -25.06 -7.69
N GLY A 185 4.90 -25.15 -8.52
CA GLY A 185 3.54 -24.95 -8.10
C GLY A 185 3.13 -25.66 -6.82
N PRO A 186 3.58 -26.91 -6.58
CA PRO A 186 3.02 -27.55 -5.40
C PRO A 186 3.25 -26.78 -4.13
N ALA A 187 4.40 -26.07 -4.00
CA ALA A 187 4.66 -25.33 -2.81
C ALA A 187 3.71 -24.17 -2.62
N TYR A 188 3.27 -23.60 -3.73
CA TYR A 188 2.29 -22.49 -3.66
C TYR A 188 1.02 -23.06 -3.08
N ILE A 189 0.71 -24.31 -3.44
CA ILE A 189 -0.54 -24.94 -2.95
C ILE A 189 -0.44 -25.44 -1.50
N TYR A 190 0.77 -25.84 -1.07
CA TYR A 190 0.95 -26.15 0.33
C TYR A 190 0.74 -24.92 1.22
N LEU A 191 1.26 -23.77 0.79
CA LEU A 191 0.98 -22.51 1.49
C LEU A 191 -0.49 -22.25 1.51
N ALA A 192 -1.12 -22.41 0.37
CA ALA A 192 -2.58 -22.16 0.30
C ALA A 192 -3.38 -23.01 1.26
N ILE A 193 -3.00 -24.28 1.33
CA ILE A 193 -3.71 -25.21 2.22
C ILE A 193 -3.51 -24.82 3.68
N GLU A 194 -2.28 -24.47 4.06
CA GLU A 194 -2.02 -24.10 5.42
C GLU A 194 -2.80 -22.78 5.75
N ALA A 195 -2.82 -21.86 4.82
CA ALA A 195 -3.51 -20.59 5.02
C ALA A 195 -4.99 -20.79 5.12
N LEU A 196 -5.52 -21.64 4.29
CA LEU A 196 -6.99 -21.94 4.39
C LEU A 196 -7.33 -22.57 5.75
N ALA A 197 -6.50 -23.46 6.21
CA ALA A 197 -6.65 -24.03 7.56
C ALA A 197 -6.58 -22.97 8.64
N ASP A 198 -5.57 -22.11 8.56
CA ASP A 198 -5.37 -21.04 9.51
C ASP A 198 -6.62 -20.09 9.48
N GLY A 199 -7.12 -19.84 8.28
CA GLY A 199 -8.36 -19.14 8.12
C GLY A 199 -9.51 -19.81 8.83
N GLY A 200 -9.61 -21.12 8.72
CA GLY A 200 -10.75 -21.82 9.34
C GLY A 200 -10.65 -21.65 10.85
N VAL A 201 -9.43 -21.80 11.39
CA VAL A 201 -9.21 -21.69 12.85
C VAL A 201 -9.50 -20.26 13.25
N ALA A 202 -9.17 -19.31 12.37
CA ALA A 202 -9.41 -17.87 12.71
C ALA A 202 -10.90 -17.64 12.77
N ALA A 203 -11.66 -18.38 12.01
CA ALA A 203 -13.12 -18.32 12.06
C ALA A 203 -13.75 -19.27 13.07
N GLY A 204 -12.96 -19.92 13.91
CA GLY A 204 -13.55 -20.68 15.03
C GLY A 204 -13.48 -22.19 14.93
N LEU A 205 -12.94 -22.71 13.84
CA LEU A 205 -12.86 -24.14 13.66
C LEU A 205 -11.72 -24.78 14.41
N PRO A 206 -11.94 -26.02 14.87
CA PRO A 206 -10.81 -26.80 15.35
C PRO A 206 -9.81 -27.05 14.26
N ARG A 207 -8.56 -27.11 14.67
CA ARG A 207 -7.43 -27.25 13.79
C ARG A 207 -7.44 -28.48 12.95
N ASP A 208 -7.69 -29.66 13.56
CA ASP A 208 -7.68 -30.88 12.76
C ASP A 208 -8.75 -30.85 11.67
N LEU A 209 -9.93 -30.44 12.02
CA LEU A 209 -11.00 -30.33 11.05
C LEU A 209 -10.66 -29.30 9.96
N ALA A 210 -10.10 -28.16 10.39
CA ALA A 210 -9.76 -27.11 9.45
C ALA A 210 -8.80 -27.59 8.43
N LEU A 211 -7.76 -28.29 8.89
CA LEU A 211 -6.76 -28.81 7.95
C LEU A 211 -7.30 -29.89 7.03
N SER A 212 -8.05 -30.86 7.61
CA SER A 212 -8.72 -31.89 6.80
C SER A 212 -9.65 -31.27 5.74
N LEU A 213 -10.42 -30.24 6.10
CA LEU A 213 -11.29 -29.62 5.13
C LEU A 213 -10.55 -28.87 4.06
N ALA A 214 -9.45 -28.21 4.48
CA ALA A 214 -8.66 -27.42 3.56
C ALA A 214 -8.08 -28.33 2.48
N SER A 215 -7.43 -29.40 2.88
CA SER A 215 -6.82 -30.34 1.90
C SER A 215 -7.82 -30.90 0.97
N GLN A 216 -8.94 -31.36 1.51
CA GLN A 216 -9.94 -32.03 0.67
C GLN A 216 -10.71 -31.08 -0.20
N THR A 217 -10.88 -29.86 0.28
CA THR A 217 -11.47 -28.81 -0.55
C THR A 217 -10.64 -28.55 -1.76
N VAL A 218 -9.33 -28.43 -1.55
CA VAL A 218 -8.44 -28.14 -2.64
C VAL A 218 -8.41 -29.31 -3.62
N LEU A 219 -8.34 -30.52 -3.05
CA LEU A 219 -8.38 -31.75 -3.89
C LEU A 219 -9.66 -31.81 -4.73
N GLY A 220 -10.76 -31.56 -4.08
CA GLY A 220 -12.08 -31.58 -4.77
C GLY A 220 -12.25 -30.57 -5.87
N ALA A 221 -11.79 -29.34 -5.61
CA ALA A 221 -11.83 -28.31 -6.66
C ALA A 221 -11.01 -28.64 -7.88
N ALA A 222 -9.79 -29.12 -7.65
CA ALA A 222 -8.90 -29.50 -8.73
C ALA A 222 -9.41 -30.64 -9.54
N SER A 223 -10.02 -31.61 -8.87
CA SER A 223 -10.72 -32.72 -9.56
C SER A 223 -11.86 -32.26 -10.41
N MET A 224 -12.62 -31.33 -9.91
CA MET A 224 -13.65 -30.71 -10.75
C MET A 224 -13.02 -30.06 -11.97
N ALA A 225 -11.88 -29.37 -11.78
CA ALA A 225 -11.27 -28.66 -12.89
C ALA A 225 -10.73 -29.66 -13.92
N THR A 226 -10.13 -30.73 -13.43
CA THR A 226 -9.52 -31.69 -14.31
C THR A 226 -10.59 -32.49 -15.08
N GLN A 227 -11.72 -32.80 -14.44
CA GLN A 227 -12.70 -33.69 -15.07
C GLN A 227 -13.86 -33.00 -15.75
N SER A 228 -14.20 -31.79 -15.37
CA SER A 228 -15.47 -31.22 -15.82
C SER A 228 -15.48 -30.76 -17.28
N GLY A 229 -14.32 -30.54 -17.87
CA GLY A 229 -14.25 -29.90 -19.17
C GLY A 229 -14.67 -28.42 -19.17
N LYS A 230 -14.83 -27.81 -17.99
CA LYS A 230 -15.23 -26.41 -17.93
C LYS A 230 -14.06 -25.45 -17.72
N HIS A 231 -14.19 -24.23 -18.22
CA HIS A 231 -13.23 -23.18 -17.91
C HIS A 231 -13.34 -22.82 -16.37
N PRO A 232 -12.24 -22.48 -15.74
CA PRO A 232 -12.25 -22.22 -14.26
C PRO A 232 -13.21 -21.11 -13.91
N GLY A 233 -13.28 -20.10 -14.76
CA GLY A 233 -14.24 -19.04 -14.59
C GLY A 233 -15.71 -19.51 -14.56
N GLN A 234 -16.01 -20.51 -15.35
CA GLN A 234 -17.38 -21.13 -15.38
C GLN A 234 -17.54 -21.88 -14.06
N LEU A 235 -16.50 -22.55 -13.59
CA LEU A 235 -16.63 -23.31 -12.36
C LEU A 235 -16.84 -22.37 -11.17
N LYS A 236 -16.14 -21.25 -11.18
CA LYS A 236 -16.34 -20.24 -10.17
C LYS A 236 -17.76 -19.67 -10.25
N ASP A 237 -18.25 -19.40 -11.48
CA ASP A 237 -19.64 -18.95 -11.64
C ASP A 237 -20.61 -19.94 -11.10
N ASP A 238 -20.32 -21.21 -11.27
CA ASP A 238 -21.26 -22.25 -10.75
C ASP A 238 -21.39 -22.21 -9.25
N VAL A 239 -20.37 -21.79 -8.50
CA VAL A 239 -20.49 -21.83 -7.04
C VAL A 239 -20.76 -20.51 -6.37
N THR A 240 -20.76 -19.43 -7.14
CA THR A 240 -20.94 -18.11 -6.53
C THR A 240 -22.46 -17.70 -6.54
N SER A 241 -23.21 -18.15 -5.54
CA SER A 241 -24.62 -17.76 -5.33
C SER A 241 -24.76 -16.29 -5.11
N PRO A 242 -25.85 -15.70 -5.61
CA PRO A 242 -26.08 -14.24 -5.48
C PRO A 242 -25.99 -13.70 -4.06
N GLY A 243 -25.10 -12.74 -3.81
CA GLY A 243 -24.93 -12.17 -2.44
C GLY A 243 -24.48 -13.16 -1.36
N GLY A 244 -23.98 -14.31 -1.77
CA GLY A 244 -23.70 -15.39 -0.83
C GLY A 244 -22.30 -15.36 -0.26
N THR A 245 -22.00 -16.42 0.47
CA THR A 245 -20.73 -16.56 1.19
C THR A 245 -19.55 -16.69 0.25
N THR A 246 -19.73 -17.43 -0.84
CA THR A 246 -18.62 -17.67 -1.82
C THR A 246 -18.15 -16.41 -2.50
N ILE A 247 -19.10 -15.60 -2.94
CA ILE A 247 -18.75 -14.32 -3.59
C ILE A 247 -18.15 -13.33 -2.61
N ALA A 248 -18.57 -13.39 -1.35
CA ALA A 248 -17.96 -12.53 -0.40
C ALA A 248 -16.46 -12.90 -0.24
N GLY A 249 -16.16 -14.17 -0.17
CA GLY A 249 -14.76 -14.60 -0.11
C GLY A 249 -13.98 -14.29 -1.36
N VAL A 250 -14.61 -14.53 -2.52
CA VAL A 250 -13.94 -14.20 -3.77
C VAL A 250 -13.65 -12.70 -3.88
N HIS A 251 -14.58 -11.87 -3.43
CA HIS A 251 -14.35 -10.45 -3.44
C HIS A 251 -13.07 -10.06 -2.65
N GLU A 252 -12.86 -10.66 -1.48
CA GLU A 252 -11.62 -10.34 -0.69
C GLU A 252 -10.42 -10.74 -1.46
N LEU A 253 -10.51 -11.86 -2.15
CA LEU A 253 -9.39 -12.30 -3.00
C LEU A 253 -9.07 -11.28 -4.10
N GLU A 254 -10.11 -10.84 -4.77
CA GLU A 254 -9.93 -9.83 -5.80
C GLU A 254 -9.45 -8.47 -5.27
N LYS A 255 -9.94 -8.00 -4.13
CA LYS A 255 -9.50 -6.77 -3.61
C LYS A 255 -8.02 -6.80 -3.42
N ALA A 256 -7.51 -7.95 -3.00
CA ALA A 256 -6.06 -8.01 -2.67
C ALA A 256 -5.21 -8.37 -3.89
N GLY A 257 -5.80 -8.57 -5.04
CA GLY A 257 -5.00 -8.91 -6.22
C GLY A 257 -4.40 -10.36 -6.18
N PHE A 258 -5.17 -11.30 -5.66
CA PHE A 258 -4.75 -12.73 -5.48
C PHE A 258 -4.30 -13.37 -6.76
N ARG A 259 -5.05 -13.17 -7.82
CA ARG A 259 -4.63 -13.72 -9.12
C ARG A 259 -3.31 -13.21 -9.60
N GLY A 260 -3.08 -11.91 -9.45
CA GLY A 260 -1.83 -11.33 -9.83
C GLY A 260 -0.62 -11.93 -9.06
N ILE A 261 -0.86 -12.23 -7.79
CA ILE A 261 0.21 -12.68 -6.88
C ILE A 261 0.69 -14.04 -7.36
N LEU A 262 -0.24 -14.87 -7.76
CA LEU A 262 0.10 -16.18 -8.20
C LEU A 262 0.73 -16.15 -9.57
N MET A 263 0.32 -15.21 -10.39
CA MET A 263 1.00 -14.94 -11.64
C MET A 263 2.44 -14.50 -11.36
N ASN A 264 2.63 -13.64 -10.41
CA ASN A 264 4.02 -13.20 -10.10
C ASN A 264 4.89 -14.36 -9.64
N ALA A 265 4.31 -15.28 -8.91
CA ALA A 265 5.12 -16.41 -8.38
C ALA A 265 5.60 -17.29 -9.53
N VAL A 266 4.66 -17.61 -10.41
CA VAL A 266 5.03 -18.40 -11.61
C VAL A 266 6.09 -17.68 -12.43
N VAL A 267 5.92 -16.40 -12.70
CA VAL A 267 6.91 -15.66 -13.47
C VAL A 267 8.26 -15.59 -12.79
N ALA A 268 8.29 -15.36 -11.47
CA ALA A 268 9.57 -15.29 -10.83
C ALA A 268 10.27 -16.63 -10.80
N ALA A 269 9.52 -17.69 -10.57
CA ALA A 269 10.08 -18.98 -10.55
C ALA A 269 10.64 -19.38 -11.94
N ALA A 270 9.91 -19.09 -12.98
CA ALA A 270 10.38 -19.28 -14.36
C ALA A 270 11.64 -18.46 -14.65
N LYS A 271 11.67 -17.25 -14.20
CA LYS A 271 12.85 -16.46 -14.38
C LYS A 271 14.06 -17.02 -13.59
N ARG A 272 13.84 -17.52 -12.40
N ARG A 272 13.85 -17.52 -12.39
CA ARG A 272 14.91 -18.15 -11.65
CA ARG A 272 14.92 -18.15 -11.63
C ARG A 272 15.42 -19.41 -12.33
C ARG A 272 15.42 -19.41 -12.33
N SER A 273 14.50 -20.15 -12.94
CA SER A 273 14.88 -21.37 -13.67
C SER A 273 15.79 -21.01 -14.83
N GLN A 274 15.43 -19.97 -15.55
N GLN A 274 15.44 -19.96 -15.55
CA GLN A 274 16.25 -19.54 -16.65
CA GLN A 274 16.26 -19.49 -16.68
C GLN A 274 17.63 -19.07 -16.15
C GLN A 274 17.64 -19.05 -16.16
N GLU A 275 17.66 -18.36 -15.03
CA GLU A 275 18.94 -17.91 -14.48
C GLU A 275 19.82 -19.03 -14.02
N LEU A 276 19.24 -20.11 -13.54
CA LEU A 276 20.03 -21.26 -13.06
C LEU A 276 20.44 -22.05 -14.29
N SER A 277 20.10 -21.48 -15.43
CA SER A 277 20.74 -21.61 -16.78
C SER A 277 19.69 -22.29 -17.59
N ILE B 6 -38.88 -43.73 18.10
CA ILE B 6 -37.43 -43.79 17.71
C ILE B 6 -36.94 -45.23 17.67
N ILE B 7 -37.50 -45.95 16.70
CA ILE B 7 -37.06 -47.28 16.38
C ILE B 7 -35.78 -47.08 15.55
N PRO B 8 -34.71 -47.87 15.83
CA PRO B 8 -33.59 -47.82 14.86
C PRO B 8 -34.01 -48.04 13.39
N ILE B 9 -33.31 -47.40 12.46
CA ILE B 9 -33.54 -47.58 11.02
C ILE B 9 -32.90 -48.90 10.61
N PRO B 10 -33.65 -49.77 9.90
CA PRO B 10 -32.99 -51.00 9.43
C PRO B 10 -31.77 -50.75 8.53
N ALA B 11 -30.58 -51.07 9.05
CA ALA B 11 -29.32 -50.80 8.38
C ALA B 11 -29.18 -51.35 6.93
N ASP B 12 -29.73 -52.55 6.69
CA ASP B 12 -29.52 -53.23 5.40
C ASP B 12 -30.71 -53.13 4.48
N SER B 13 -31.83 -52.68 5.00
CA SER B 13 -33.06 -52.70 4.20
C SER B 13 -33.85 -51.39 4.20
N TYR B 14 -33.28 -50.32 4.70
CA TYR B 14 -34.01 -49.08 4.71
C TYR B 14 -34.29 -48.54 3.29
N THR B 15 -35.39 -47.80 3.20
CA THR B 15 -35.72 -47.05 1.98
C THR B 15 -35.39 -45.56 2.13
N LEU B 16 -34.89 -44.97 1.05
CA LEU B 16 -34.39 -43.65 1.02
C LEU B 16 -35.24 -42.78 0.12
N GLY B 17 -35.64 -41.62 0.63
CA GLY B 17 -36.45 -40.65 -0.13
C GLY B 17 -35.75 -39.33 -0.32
N PHE B 18 -35.67 -38.86 -1.57
CA PHE B 18 -35.14 -37.56 -1.90
C PHE B 18 -36.23 -36.52 -2.16
N ILE B 19 -36.27 -35.51 -1.31
CA ILE B 19 -37.13 -34.36 -1.51
C ILE B 19 -36.23 -33.22 -2.05
N GLY B 20 -36.42 -32.93 -3.33
CA GLY B 20 -35.50 -32.11 -4.08
C GLY B 20 -34.73 -33.10 -4.96
N ALA B 21 -34.73 -32.86 -6.26
CA ALA B 21 -34.14 -33.78 -7.23
C ALA B 21 -33.03 -33.10 -8.04
N GLY B 22 -32.31 -32.19 -7.42
CA GLY B 22 -31.19 -31.51 -8.08
C GLY B 22 -29.92 -32.35 -8.18
N LYS B 23 -28.82 -31.66 -8.54
CA LYS B 23 -27.52 -32.27 -8.81
C LYS B 23 -27.00 -33.00 -7.58
N MET B 24 -27.14 -32.38 -6.41
CA MET B 24 -26.64 -32.95 -5.16
C MET B 24 -27.37 -34.26 -4.84
N ALA B 25 -28.69 -34.27 -4.98
CA ALA B 25 -29.47 -35.51 -4.75
C ALA B 25 -29.07 -36.61 -5.72
N GLU B 26 -28.89 -36.21 -6.97
CA GLU B 26 -28.48 -37.13 -8.02
C GLU B 26 -27.13 -37.72 -7.65
N SER B 27 -26.21 -36.86 -7.26
CA SER B 27 -24.86 -37.32 -6.93
C SER B 27 -24.91 -38.32 -5.79
N ILE B 28 -25.69 -38.01 -4.78
CA ILE B 28 -25.80 -38.94 -3.65
C ILE B 28 -26.45 -40.30 -4.07
N ALA B 29 -27.55 -40.22 -4.80
CA ALA B 29 -28.23 -41.43 -5.30
C ALA B 29 -27.30 -42.31 -6.18
N LYS B 30 -26.59 -41.69 -7.13
CA LYS B 30 -25.71 -42.44 -8.03
C LYS B 30 -24.57 -43.05 -7.29
N GLY B 31 -23.96 -42.26 -6.44
CA GLY B 31 -22.91 -42.75 -5.59
C GLY B 31 -23.36 -43.94 -4.74
N ALA B 32 -24.53 -43.83 -4.12
CA ALA B 32 -24.96 -44.87 -3.20
C ALA B 32 -25.18 -46.20 -3.96
N VAL B 33 -25.73 -46.06 -5.15
CA VAL B 33 -25.99 -47.22 -6.00
C VAL B 33 -24.67 -47.81 -6.55
N ARG B 34 -23.85 -46.99 -7.21
CA ARG B 34 -22.52 -47.42 -7.66
C ARG B 34 -21.77 -48.24 -6.59
N SER B 35 -21.67 -47.69 -5.38
CA SER B 35 -20.89 -48.31 -4.32
C SER B 35 -21.64 -49.50 -3.66
N GLY B 36 -22.88 -49.76 -4.05
CA GLY B 36 -23.67 -50.85 -3.45
C GLY B 36 -24.26 -50.64 -2.06
N VAL B 37 -24.28 -49.42 -1.57
CA VAL B 37 -24.95 -49.15 -0.30
C VAL B 37 -26.44 -49.47 -0.42
N LEU B 38 -26.96 -49.18 -1.59
CA LEU B 38 -28.39 -49.16 -1.88
C LEU B 38 -28.60 -49.76 -3.25
N SER B 39 -29.77 -50.36 -3.47
CA SER B 39 -30.24 -50.67 -4.81
C SER B 39 -31.32 -49.64 -5.21
N PRO B 40 -31.45 -49.35 -6.50
CA PRO B 40 -32.35 -48.27 -6.98
C PRO B 40 -33.78 -48.48 -6.54
N SER B 41 -34.18 -49.73 -6.34
CA SER B 41 -35.53 -50.04 -5.95
C SER B 41 -35.82 -49.55 -4.54
N ARG B 42 -34.78 -49.33 -3.76
CA ARG B 42 -34.94 -48.80 -2.38
C ARG B 42 -34.97 -47.27 -2.32
N ILE B 43 -34.86 -46.64 -3.48
CA ILE B 43 -34.79 -45.18 -3.56
C ILE B 43 -36.01 -44.63 -4.27
N LYS B 44 -36.56 -43.55 -3.71
CA LYS B 44 -37.63 -42.79 -4.34
C LYS B 44 -37.30 -41.29 -4.37
N THR B 45 -37.77 -40.59 -5.40
CA THR B 45 -37.76 -39.13 -5.45
C THR B 45 -39.02 -38.61 -6.12
N ALA B 46 -39.31 -37.33 -5.93
CA ALA B 46 -40.50 -36.71 -6.53
C ALA B 46 -40.10 -35.58 -7.43
N ILE B 47 -40.75 -35.48 -8.58
CA ILE B 47 -40.48 -34.43 -9.53
C ILE B 47 -41.83 -33.95 -10.01
N HIS B 48 -41.97 -32.63 -10.18
CA HIS B 48 -43.20 -32.04 -10.73
C HIS B 48 -42.97 -31.41 -12.11
N SER B 49 -42.11 -30.41 -12.14
CA SER B 49 -42.09 -29.53 -13.33
C SER B 49 -41.22 -30.19 -14.41
N ASN B 50 -40.21 -30.94 -14.00
CA ASN B 50 -39.13 -31.25 -14.89
C ASN B 50 -39.11 -32.67 -15.49
N PRO B 51 -39.30 -32.81 -16.82
CA PRO B 51 -39.06 -34.13 -17.43
C PRO B 51 -37.56 -34.53 -17.55
N ALA B 52 -36.67 -33.54 -17.60
CA ALA B 52 -35.21 -33.76 -17.70
C ALA B 52 -34.59 -34.38 -16.44
N ARG B 53 -35.00 -33.86 -15.28
CA ARG B 53 -34.59 -34.40 -13.99
C ARG B 53 -35.19 -35.78 -13.81
N ARG B 54 -36.42 -35.96 -14.24
CA ARG B 54 -37.02 -37.30 -14.27
C ARG B 54 -36.15 -38.32 -14.98
N THR B 55 -35.61 -37.94 -16.15
CA THR B 55 -34.83 -38.84 -17.00
C THR B 55 -33.56 -39.23 -16.23
N ALA B 56 -32.90 -38.24 -15.62
CA ALA B 56 -31.68 -38.49 -14.82
C ALA B 56 -31.85 -39.57 -13.73
N PHE B 57 -32.98 -39.55 -13.02
CA PHE B 57 -33.24 -40.54 -11.94
C PHE B 57 -33.74 -41.88 -12.47
N GLU B 58 -34.66 -41.81 -13.41
CA GLU B 58 -35.16 -43.02 -14.05
C GLU B 58 -34.02 -43.78 -14.73
N SER B 59 -33.13 -43.05 -15.40
CA SER B 59 -32.04 -43.69 -16.15
C SER B 59 -31.05 -44.47 -15.29
N ILE B 60 -31.11 -44.30 -13.97
CA ILE B 60 -30.30 -45.15 -13.07
C ILE B 60 -31.17 -46.09 -12.24
N GLY B 61 -32.43 -46.19 -12.61
CA GLY B 61 -33.31 -47.24 -12.09
C GLY B 61 -34.15 -46.84 -10.90
N ILE B 62 -34.26 -45.54 -10.68
CA ILE B 62 -34.97 -45.04 -9.52
C ILE B 62 -36.37 -44.64 -9.90
N THR B 63 -37.32 -45.05 -9.08
CA THR B 63 -38.70 -44.66 -9.29
C THR B 63 -39.00 -43.22 -8.88
N VAL B 64 -39.51 -42.47 -9.84
CA VAL B 64 -39.98 -41.12 -9.61
C VAL B 64 -41.50 -41.10 -9.35
N LEU B 65 -41.88 -40.63 -8.17
CA LEU B 65 -43.28 -40.46 -7.81
C LEU B 65 -43.68 -39.01 -8.07
N SER B 66 -44.97 -38.73 -8.02
CA SER B 66 -45.47 -37.41 -8.42
C SER B 66 -45.76 -36.47 -7.24
N SER B 67 -45.68 -36.96 -6.00
CA SER B 67 -45.83 -36.10 -4.82
C SER B 67 -44.77 -36.37 -3.75
N ASN B 68 -44.43 -35.28 -3.08
CA ASN B 68 -43.49 -35.35 -1.96
C ASN B 68 -44.05 -36.22 -0.84
N ASP B 69 -45.37 -36.12 -0.64
CA ASP B 69 -46.08 -36.87 0.39
C ASP B 69 -45.79 -38.37 0.32
N ASP B 70 -45.86 -38.92 -0.89
CA ASP B 70 -45.69 -40.35 -1.07
C ASP B 70 -44.25 -40.79 -0.94
N VAL B 71 -43.33 -39.97 -1.42
CA VAL B 71 -41.90 -40.20 -1.17
C VAL B 71 -41.69 -40.42 0.34
N VAL B 72 -42.22 -39.52 1.14
CA VAL B 72 -42.03 -39.55 2.59
C VAL B 72 -42.66 -40.80 3.22
N ARG B 73 -43.96 -41.03 2.93
CA ARG B 73 -44.66 -42.23 3.40
C ARG B 73 -43.83 -43.48 3.22
N ASP B 74 -43.32 -43.70 1.99
CA ASP B 74 -42.56 -44.92 1.64
C ASP B 74 -41.07 -44.94 2.05
N SER B 75 -40.61 -43.91 2.75
CA SER B 75 -39.19 -43.79 3.08
C SER B 75 -38.91 -43.82 4.61
N ASN B 76 -37.92 -44.62 5.01
CA ASN B 76 -37.35 -44.61 6.37
C ASN B 76 -36.42 -43.39 6.60
N VAL B 77 -35.72 -42.97 5.55
CA VAL B 77 -34.72 -41.89 5.58
C VAL B 77 -35.08 -40.91 4.49
N VAL B 78 -35.23 -39.66 4.88
CA VAL B 78 -35.59 -38.60 3.94
C VAL B 78 -34.50 -37.53 3.85
N VAL B 79 -34.02 -37.27 2.64
CA VAL B 79 -33.01 -36.27 2.37
C VAL B 79 -33.60 -35.06 1.66
N PHE B 80 -33.49 -33.90 2.33
CA PHE B 80 -33.97 -32.63 1.80
C PHE B 80 -32.83 -31.93 1.12
N SER B 81 -32.96 -31.75 -0.19
CA SER B 81 -31.99 -30.99 -0.96
C SER B 81 -32.64 -29.87 -1.78
N VAL B 82 -33.80 -29.37 -1.37
CA VAL B 82 -34.36 -28.22 -2.06
C VAL B 82 -33.53 -26.93 -1.77
N LYS B 83 -33.74 -25.92 -2.58
CA LYS B 83 -33.06 -24.62 -2.37
C LYS B 83 -33.39 -24.16 -0.95
N PRO B 84 -32.41 -23.61 -0.23
CA PRO B 84 -32.58 -23.29 1.20
C PRO B 84 -33.83 -22.44 1.50
N GLN B 85 -34.10 -21.43 0.67
CA GLN B 85 -35.24 -20.50 0.88
C GLN B 85 -36.58 -21.21 0.76
N LEU B 86 -36.62 -22.34 0.10
CA LEU B 86 -37.86 -23.12 -0.07
C LEU B 86 -38.05 -24.19 1.00
N LEU B 87 -36.99 -24.48 1.75
CA LEU B 87 -37.00 -25.63 2.63
C LEU B 87 -38.05 -25.54 3.74
N LYS B 88 -38.15 -24.37 4.35
CA LYS B 88 -39.06 -24.20 5.47
C LYS B 88 -40.48 -24.61 5.04
N ASP B 89 -40.96 -24.04 3.94
CA ASP B 89 -42.33 -24.29 3.49
C ASP B 89 -42.52 -25.75 3.12
N VAL B 90 -41.50 -26.33 2.48
CA VAL B 90 -41.58 -27.74 2.10
C VAL B 90 -41.69 -28.63 3.35
N VAL B 91 -40.88 -28.34 4.37
CA VAL B 91 -40.96 -29.13 5.60
C VAL B 91 -42.34 -28.97 6.31
N LEU B 92 -42.80 -27.74 6.43
CA LEU B 92 -44.07 -27.45 7.12
C LEU B 92 -45.25 -28.17 6.44
N LYS B 93 -45.27 -28.13 5.12
CA LYS B 93 -46.26 -28.84 4.32
C LYS B 93 -46.25 -30.34 4.66
N LEU B 94 -45.06 -30.93 4.80
CA LEU B 94 -44.93 -32.39 5.00
C LEU B 94 -45.01 -32.81 6.45
N LYS B 95 -45.11 -31.85 7.34
CA LYS B 95 -44.99 -32.12 8.75
C LYS B 95 -45.78 -33.30 9.34
N PRO B 96 -47.08 -33.43 9.03
CA PRO B 96 -47.86 -34.54 9.60
C PRO B 96 -47.29 -35.94 9.27
N LEU B 97 -46.67 -36.08 8.10
CA LEU B 97 -46.01 -37.32 7.68
C LEU B 97 -44.60 -37.55 8.28
N LEU B 98 -44.03 -36.53 8.90
CA LEU B 98 -42.64 -36.63 9.40
C LEU B 98 -42.63 -37.22 10.80
N THR B 99 -43.01 -38.48 10.90
CA THR B 99 -43.08 -39.14 12.19
C THR B 99 -41.66 -39.51 12.69
N LYS B 100 -41.53 -39.69 13.99
CA LYS B 100 -40.22 -39.92 14.66
C LYS B 100 -39.48 -41.20 14.28
N ASP B 101 -40.17 -42.15 13.69
CA ASP B 101 -39.50 -43.36 13.16
C ASP B 101 -38.73 -43.09 11.85
N LYS B 102 -38.95 -41.92 11.24
CA LYS B 102 -38.23 -41.51 10.03
C LYS B 102 -37.05 -40.55 10.33
N LEU B 103 -35.86 -40.97 9.94
CA LEU B 103 -34.62 -40.13 10.02
C LEU B 103 -34.62 -39.09 8.91
N LEU B 104 -34.55 -37.84 9.32
CA LEU B 104 -34.52 -36.72 8.40
C LEU B 104 -33.10 -36.16 8.22
N VAL B 105 -32.78 -35.76 7.00
CA VAL B 105 -31.45 -35.25 6.65
C VAL B 105 -31.59 -33.99 5.79
N SER B 106 -30.83 -32.94 6.14
CA SER B 106 -30.82 -31.72 5.34
C SER B 106 -29.44 -31.50 4.81
N VAL B 107 -29.34 -31.27 3.51
CA VAL B 107 -28.11 -30.77 2.92
C VAL B 107 -28.16 -29.27 2.62
N ALA B 108 -29.19 -28.58 3.09
CA ALA B 108 -29.37 -27.17 2.72
C ALA B 108 -28.33 -26.29 3.33
N ALA B 109 -27.69 -25.48 2.50
CA ALA B 109 -26.71 -24.48 3.00
C ALA B 109 -27.38 -23.46 3.94
N GLY B 110 -26.70 -23.16 5.05
CA GLY B 110 -27.12 -22.09 5.95
C GLY B 110 -28.31 -22.36 6.89
N ILE B 111 -28.99 -23.50 6.80
CA ILE B 111 -30.10 -23.78 7.69
C ILE B 111 -29.64 -24.59 8.92
N LYS B 112 -29.68 -23.92 10.07
CA LYS B 112 -29.28 -24.47 11.38
C LYS B 112 -30.15 -25.61 11.87
N MET B 113 -29.56 -26.46 12.70
CA MET B 113 -30.23 -27.63 13.28
C MET B 113 -31.45 -27.20 14.09
N LYS B 114 -31.28 -26.18 14.90
CA LYS B 114 -32.37 -25.64 15.72
C LYS B 114 -33.65 -25.39 14.91
N ASP B 115 -33.48 -24.77 13.75
CA ASP B 115 -34.59 -24.45 12.85
C ASP B 115 -35.15 -25.67 12.19
N LEU B 116 -34.27 -26.56 11.71
CA LEU B 116 -34.75 -27.81 11.11
C LEU B 116 -35.68 -28.55 12.09
N GLN B 117 -35.22 -28.72 13.31
CA GLN B 117 -35.95 -29.42 14.33
C GLN B 117 -37.30 -28.75 14.64
N GLU B 118 -37.31 -27.43 14.70
CA GLU B 118 -38.57 -26.70 14.96
C GLU B 118 -39.56 -26.87 13.82
N TRP B 119 -39.08 -26.80 12.58
CA TRP B 119 -39.97 -26.99 11.45
C TRP B 119 -40.56 -28.40 11.38
N ALA B 120 -39.73 -29.39 11.64
CA ALA B 120 -40.17 -30.79 11.62
C ALA B 120 -40.96 -31.21 12.85
N GLY B 121 -40.73 -30.54 13.96
CA GLY B 121 -41.42 -30.84 15.21
C GLY B 121 -40.76 -31.94 16.01
N HIS B 122 -39.62 -32.42 15.56
CA HIS B 122 -38.85 -33.40 16.35
C HIS B 122 -37.37 -33.22 16.10
N GLU B 123 -36.56 -34.04 16.78
CA GLU B 123 -35.10 -33.88 16.81
C GLU B 123 -34.32 -35.02 16.17
N ARG B 124 -35.01 -35.90 15.46
CA ARG B 124 -34.34 -36.96 14.69
C ARG B 124 -33.99 -36.47 13.29
N PHE B 125 -32.95 -35.65 13.27
CA PHE B 125 -32.59 -34.86 12.13
C PHE B 125 -31.04 -34.83 12.09
N ILE B 126 -30.48 -34.98 10.89
CA ILE B 126 -29.07 -34.84 10.67
C ILE B 126 -28.87 -33.81 9.57
N ARG B 127 -27.88 -32.97 9.80
CA ARG B 127 -27.52 -31.93 8.86
C ARG B 127 -26.20 -32.30 8.28
N VAL B 128 -26.15 -32.25 6.95
CA VAL B 128 -24.92 -32.48 6.18
C VAL B 128 -24.67 -31.27 5.28
N MET B 129 -23.44 -30.79 5.34
CA MET B 129 -23.01 -29.73 4.48
C MET B 129 -21.97 -30.36 3.55
N PRO B 130 -22.38 -30.70 2.34
CA PRO B 130 -21.36 -31.15 1.36
C PRO B 130 -20.80 -29.92 0.61
N ASN B 131 -20.03 -30.11 -0.43
CA ASN B 131 -19.65 -29.04 -1.30
C ASN B 131 -19.67 -29.52 -2.72
N THR B 132 -19.34 -28.64 -3.62
CA THR B 132 -19.57 -28.87 -5.05
C THR B 132 -18.83 -30.07 -5.68
N ALA B 133 -17.77 -30.56 -5.02
CA ALA B 133 -17.02 -31.66 -5.58
C ALA B 133 -17.68 -33.05 -5.39
N ALA B 134 -18.82 -33.07 -4.74
CA ALA B 134 -19.72 -34.26 -4.79
C ALA B 134 -19.88 -34.81 -6.20
N THR B 135 -19.96 -33.93 -7.19
CA THR B 135 -20.05 -34.35 -8.54
C THR B 135 -19.02 -35.36 -8.96
N VAL B 136 -17.78 -35.23 -8.50
CA VAL B 136 -16.76 -36.15 -8.91
C VAL B 136 -16.34 -37.01 -7.77
N GLY B 137 -17.19 -37.15 -6.77
CA GLY B 137 -16.89 -38.04 -5.64
C GLY B 137 -15.77 -37.56 -4.73
N GLU B 138 -15.47 -36.26 -4.75
CA GLU B 138 -14.44 -35.75 -3.87
C GLU B 138 -14.96 -34.60 -2.99
N ALA B 139 -16.20 -34.68 -2.62
CA ALA B 139 -16.75 -33.71 -1.65
C ALA B 139 -16.00 -33.67 -0.33
N ALA B 140 -15.98 -32.49 0.27
CA ALA B 140 -15.64 -32.32 1.70
C ALA B 140 -16.95 -32.02 2.40
N SER B 141 -17.41 -32.98 3.22
CA SER B 141 -18.68 -32.89 3.87
C SER B 141 -18.52 -32.93 5.36
N VAL B 142 -19.40 -32.24 6.05
CA VAL B 142 -19.48 -32.38 7.52
C VAL B 142 -20.92 -32.59 7.95
N MET B 143 -21.06 -33.37 9.00
CA MET B 143 -22.39 -33.66 9.53
C MET B 143 -22.53 -33.24 11.01
N SER B 144 -23.68 -32.68 11.35
CA SER B 144 -24.07 -32.46 12.72
C SER B 144 -25.38 -33.23 13.03
N LEU B 145 -25.55 -33.61 14.29
CA LEU B 145 -26.66 -34.46 14.77
C LEU B 145 -27.66 -33.66 15.58
N GLY B 146 -28.93 -33.80 15.23
CA GLY B 146 -30.01 -33.31 16.05
C GLY B 146 -30.03 -34.03 17.38
N GLY B 147 -30.78 -33.48 18.33
CA GLY B 147 -30.82 -33.99 19.71
C GLY B 147 -31.33 -35.41 19.89
N ALA B 148 -32.12 -35.90 18.95
CA ALA B 148 -32.59 -37.30 18.97
C ALA B 148 -31.95 -38.22 17.90
N ALA B 149 -30.99 -37.72 17.14
CA ALA B 149 -30.25 -38.59 16.18
C ALA B 149 -29.29 -39.53 16.92
N THR B 150 -29.32 -40.81 16.59
CA THR B 150 -28.52 -41.80 17.31
C THR B 150 -27.19 -42.01 16.66
N GLU B 151 -26.29 -42.69 17.34
CA GLU B 151 -25.01 -43.12 16.73
C GLU B 151 -25.23 -43.95 15.45
N GLU B 152 -26.24 -44.81 15.50
CA GLU B 152 -26.56 -45.67 14.37
C GLU B 152 -27.09 -44.85 13.20
N ASP B 153 -27.89 -43.85 13.52
CA ASP B 153 -28.37 -42.90 12.49
C ASP B 153 -27.13 -42.24 11.81
N ALA B 154 -26.21 -41.81 12.65
CA ALA B 154 -24.98 -41.16 12.18
C ALA B 154 -24.20 -42.09 11.25
N ASN B 155 -24.03 -43.34 11.64
CA ASN B 155 -23.28 -44.30 10.84
C ASN B 155 -23.97 -44.58 9.54
N LEU B 156 -25.30 -44.64 9.59
CA LEU B 156 -26.03 -44.83 8.37
C LEU B 156 -25.75 -43.69 7.36
N ILE B 157 -25.78 -42.48 7.85
CA ILE B 157 -25.50 -41.33 7.02
C ILE B 157 -23.99 -41.26 6.58
N SER B 158 -23.05 -41.56 7.47
CA SER B 158 -21.63 -41.58 7.08
C SER B 158 -21.47 -42.48 5.88
N GLN B 159 -22.15 -43.63 5.91
CA GLN B 159 -21.98 -44.63 4.85
C GLN B 159 -22.61 -44.13 3.55
N LEU B 160 -23.75 -43.48 3.68
CA LEU B 160 -24.40 -42.90 2.52
C LEU B 160 -23.53 -41.78 1.84
N PHE B 161 -23.02 -40.84 2.61
CA PHE B 161 -22.22 -39.71 2.09
C PHE B 161 -20.72 -40.01 1.85
N GLY B 162 -20.28 -41.16 2.39
CA GLY B 162 -18.94 -41.70 2.11
C GLY B 162 -18.83 -42.01 0.62
N SER B 163 -19.96 -42.20 -0.04
N SER B 163 -19.97 -42.22 -0.03
CA SER B 163 -20.01 -42.48 -1.46
CA SER B 163 -19.97 -42.54 -1.49
C SER B 163 -19.61 -41.33 -2.37
C SER B 163 -19.63 -41.33 -2.37
N ILE B 164 -19.73 -40.09 -1.86
CA ILE B 164 -19.49 -38.86 -2.67
C ILE B 164 -18.25 -38.03 -2.22
N GLY B 165 -17.48 -38.56 -1.29
CA GLY B 165 -16.23 -37.93 -0.90
C GLY B 165 -15.92 -38.30 0.52
N LYS B 166 -15.46 -37.34 1.29
CA LYS B 166 -15.11 -37.60 2.66
C LYS B 166 -16.09 -36.86 3.52
N ILE B 167 -16.25 -37.37 4.74
CA ILE B 167 -17.19 -36.84 5.67
C ILE B 167 -16.64 -36.86 7.09
N TRP B 168 -16.82 -35.73 7.78
CA TRP B 168 -16.41 -35.53 9.15
C TRP B 168 -17.58 -35.05 9.99
N LYS B 169 -17.43 -35.22 11.29
CA LYS B 169 -18.49 -34.82 12.23
C LYS B 169 -18.12 -33.55 12.88
N ALA B 170 -19.09 -32.67 13.12
CA ALA B 170 -18.83 -31.43 13.83
C ALA B 170 -20.07 -30.84 14.43
N ASP B 171 -19.89 -30.08 15.53
N ASP B 171 -19.90 -30.09 15.53
CA ASP B 171 -21.00 -29.39 16.13
CA ASP B 171 -21.02 -29.42 16.17
C ASP B 171 -21.58 -28.40 15.14
C ASP B 171 -21.59 -28.39 15.18
N ASP B 172 -22.90 -28.27 15.19
CA ASP B 172 -23.64 -27.31 14.36
C ASP B 172 -23.07 -25.88 14.45
N LYS B 173 -22.58 -25.49 15.63
CA LYS B 173 -22.08 -24.16 15.77
C LYS B 173 -20.85 -23.85 14.82
N TYR B 174 -20.17 -24.86 14.27
CA TYR B 174 -19.06 -24.62 13.39
C TYR B 174 -19.47 -24.41 11.96
N PHE B 175 -20.74 -24.59 11.63
CA PHE B 175 -21.13 -24.65 10.24
C PHE B 175 -21.00 -23.36 9.43
N ASP B 176 -21.15 -22.23 10.04
CA ASP B 176 -20.84 -20.96 9.34
C ASP B 176 -19.40 -20.89 8.86
N ALA B 177 -18.51 -21.25 9.74
CA ALA B 177 -17.11 -21.28 9.41
C ALA B 177 -16.76 -22.38 8.37
N ILE B 178 -17.42 -23.55 8.48
CA ILE B 178 -17.21 -24.59 7.54
C ILE B 178 -17.66 -24.12 6.16
N THR B 179 -18.75 -23.40 6.10
CA THR B 179 -19.25 -22.86 4.86
C THR B 179 -18.23 -21.95 4.16
N GLY B 180 -17.56 -21.13 4.96
CA GLY B 180 -16.53 -20.19 4.43
C GLY B 180 -15.29 -20.92 3.94
N LEU B 181 -15.08 -22.14 4.42
CA LEU B 181 -13.91 -22.92 4.08
C LEU B 181 -14.19 -24.00 3.01
N SER B 182 -14.88 -25.07 3.37
CA SER B 182 -15.18 -26.17 2.41
C SER B 182 -16.30 -25.85 1.47
N GLY B 183 -17.24 -25.04 1.89
CA GLY B 183 -18.35 -24.65 1.01
C GLY B 183 -17.96 -23.66 -0.07
N SER B 184 -17.24 -22.65 0.36
CA SER B 184 -16.82 -21.57 -0.51
C SER B 184 -15.48 -21.73 -1.09
N GLY B 185 -14.63 -22.50 -0.40
CA GLY B 185 -13.25 -22.68 -0.84
C GLY B 185 -13.04 -23.10 -2.31
N PRO B 186 -13.92 -23.91 -2.89
CA PRO B 186 -13.61 -24.30 -4.26
C PRO B 186 -13.45 -23.13 -5.19
N ALA B 187 -14.20 -22.08 -4.97
CA ALA B 187 -14.07 -20.93 -5.86
C ALA B 187 -12.69 -20.27 -5.72
N TYR B 188 -12.12 -20.34 -4.51
CA TYR B 188 -10.80 -19.73 -4.27
C TYR B 188 -9.82 -20.49 -5.14
N ILE B 189 -10.02 -21.80 -5.24
CA ILE B 189 -9.10 -22.63 -5.96
C ILE B 189 -9.29 -22.52 -7.43
N TYR B 190 -10.52 -22.27 -7.88
CA TYR B 190 -10.75 -22.06 -9.29
C TYR B 190 -10.00 -20.79 -9.70
N LEU B 191 -10.05 -19.75 -8.89
CA LEU B 191 -9.27 -18.53 -9.20
C LEU B 191 -7.80 -18.86 -9.26
N ALA B 192 -7.36 -19.64 -8.31
CA ALA B 192 -5.94 -19.99 -8.26
C ALA B 192 -5.50 -20.73 -9.50
N ILE B 193 -6.33 -21.64 -9.94
CA ILE B 193 -5.99 -22.42 -11.14
C ILE B 193 -5.95 -21.56 -12.37
N GLU B 194 -6.90 -20.65 -12.50
CA GLU B 194 -6.88 -19.73 -13.64
C GLU B 194 -5.65 -18.82 -13.59
N ALA B 195 -5.33 -18.35 -12.42
CA ALA B 195 -4.16 -17.45 -12.24
C ALA B 195 -2.90 -18.14 -12.49
N LEU B 196 -2.80 -19.37 -12.05
CA LEU B 196 -1.58 -20.17 -12.36
C LEU B 196 -1.41 -20.37 -13.88
N ALA B 197 -2.51 -20.71 -14.54
CA ALA B 197 -2.49 -20.88 -15.99
C ALA B 197 -2.09 -19.56 -16.66
N ASP B 198 -2.65 -18.45 -16.20
CA ASP B 198 -2.35 -17.14 -16.79
C ASP B 198 -0.89 -16.82 -16.55
N GLY B 199 -0.38 -17.23 -15.38
CA GLY B 199 1.07 -17.06 -15.09
C GLY B 199 1.93 -17.86 -16.03
N GLY B 200 1.51 -19.08 -16.31
CA GLY B 200 2.28 -19.89 -17.27
C GLY B 200 2.34 -19.20 -18.63
N VAL B 201 1.18 -18.70 -19.10
CA VAL B 201 1.09 -18.10 -20.43
C VAL B 201 1.95 -16.82 -20.40
N ALA B 202 1.92 -16.12 -19.27
CA ALA B 202 2.70 -14.89 -19.12
C ALA B 202 4.18 -15.23 -19.23
N ALA B 203 4.56 -16.42 -18.80
CA ALA B 203 5.94 -16.88 -18.95
C ALA B 203 6.20 -17.60 -20.26
N GLY B 204 5.26 -17.60 -21.17
CA GLY B 204 5.54 -18.12 -22.57
C GLY B 204 4.94 -19.47 -22.89
N LEU B 205 4.22 -20.09 -21.94
CA LEU B 205 3.56 -21.38 -22.22
C LEU B 205 2.28 -21.24 -23.06
N PRO B 206 2.03 -22.24 -23.90
CA PRO B 206 0.73 -22.33 -24.54
C PRO B 206 -0.35 -22.51 -23.50
N ARG B 207 -1.49 -21.94 -23.84
CA ARG B 207 -2.65 -21.92 -22.97
C ARG B 207 -3.15 -23.29 -22.55
N ASP B 208 -3.32 -24.21 -23.50
CA ASP B 208 -3.90 -25.47 -23.13
C ASP B 208 -2.99 -26.20 -22.17
N LEU B 209 -1.72 -26.18 -22.47
CA LEU B 209 -0.71 -26.84 -21.60
C LEU B 209 -0.65 -26.17 -20.21
N ALA B 210 -0.66 -24.85 -20.22
CA ALA B 210 -0.73 -24.11 -18.94
C ALA B 210 -1.86 -24.45 -18.07
N LEU B 211 -3.07 -24.47 -18.66
CA LEU B 211 -4.19 -24.86 -17.89
C LEU B 211 -4.13 -26.31 -17.38
N SER B 212 -3.81 -27.23 -18.27
CA SER B 212 -3.67 -28.65 -17.90
C SER B 212 -2.65 -28.82 -16.77
N LEU B 213 -1.50 -28.13 -16.86
CA LEU B 213 -0.52 -28.24 -15.78
C LEU B 213 -0.99 -27.61 -14.47
N ALA B 214 -1.71 -26.50 -14.56
CA ALA B 214 -2.19 -25.83 -13.38
C ALA B 214 -3.14 -26.73 -12.61
N SER B 215 -4.15 -27.26 -13.29
CA SER B 215 -5.11 -28.14 -12.65
C SER B 215 -4.48 -29.34 -12.03
N GLN B 216 -3.60 -30.00 -12.78
CA GLN B 216 -3.04 -31.21 -12.26
C GLN B 216 -2.03 -30.94 -11.15
N THR B 217 -1.33 -29.81 -11.25
CA THR B 217 -0.40 -29.43 -10.18
C THR B 217 -1.13 -29.22 -8.87
N VAL B 218 -2.26 -28.53 -8.94
CA VAL B 218 -3.07 -28.34 -7.72
C VAL B 218 -3.61 -29.67 -7.21
N LEU B 219 -4.09 -30.51 -8.14
CA LEU B 219 -4.63 -31.84 -7.74
C LEU B 219 -3.53 -32.67 -7.03
N GLY B 220 -2.36 -32.68 -7.63
CA GLY B 220 -1.22 -33.40 -7.07
C GLY B 220 -0.78 -32.96 -5.73
N ALA B 221 -0.67 -31.65 -5.57
CA ALA B 221 -0.33 -31.14 -4.26
C ALA B 221 -1.30 -31.50 -3.18
N ALA B 222 -2.61 -31.31 -3.47
CA ALA B 222 -3.64 -31.63 -2.49
C ALA B 222 -3.67 -33.11 -2.14
N SER B 223 -3.42 -33.95 -3.13
CA SER B 223 -3.25 -35.40 -2.89
C SER B 223 -2.09 -35.70 -1.99
N MET B 224 -0.99 -35.00 -2.17
CA MET B 224 0.16 -35.18 -1.28
C MET B 224 -0.22 -34.76 0.15
N ALA B 225 -1.00 -33.68 0.25
CA ALA B 225 -1.39 -33.21 1.57
C ALA B 225 -2.38 -34.19 2.24
N THR B 226 -3.34 -34.71 1.46
CA THR B 226 -4.30 -35.63 2.06
C THR B 226 -3.66 -36.94 2.45
N GLN B 227 -2.72 -37.43 1.66
CA GLN B 227 -2.19 -38.77 1.92
C GLN B 227 -0.89 -38.86 2.70
N SER B 228 -0.05 -37.82 2.70
CA SER B 228 1.33 -37.99 3.20
C SER B 228 1.38 -38.08 4.72
N GLY B 229 0.36 -37.62 5.41
CA GLY B 229 0.42 -37.47 6.86
C GLY B 229 1.38 -36.35 7.33
N LYS B 230 1.88 -35.54 6.40
CA LYS B 230 2.78 -34.43 6.78
C LYS B 230 2.04 -33.10 6.98
N HIS B 231 2.59 -32.29 7.83
CA HIS B 231 2.16 -30.88 7.89
C HIS B 231 2.49 -30.15 6.56
N PRO B 232 1.66 -29.20 6.16
CA PRO B 232 1.89 -28.45 4.91
C PRO B 232 3.23 -27.76 4.88
N GLY B 233 3.65 -27.30 6.01
CA GLY B 233 4.98 -26.69 6.15
C GLY B 233 6.13 -27.63 5.84
N GLN B 234 5.94 -28.88 6.22
N GLN B 234 5.94 -28.89 6.22
CA GLN B 234 6.95 -29.89 5.96
CA GLN B 234 6.94 -29.90 5.94
C GLN B 234 6.91 -30.21 4.46
C GLN B 234 6.92 -30.19 4.45
N LEU B 235 5.74 -30.23 3.86
CA LEU B 235 5.65 -30.46 2.45
C LEU B 235 6.30 -29.35 1.65
N LYS B 236 6.12 -28.14 2.10
CA LYS B 236 6.74 -27.01 1.44
C LYS B 236 8.25 -27.08 1.61
N ASP B 237 8.70 -27.50 2.78
CA ASP B 237 10.16 -27.68 2.99
C ASP B 237 10.71 -28.75 2.09
N ASP B 238 9.98 -29.84 1.90
CA ASP B 238 10.49 -30.87 1.04
C ASP B 238 10.75 -30.35 -0.38
N VAL B 239 10.01 -29.37 -0.89
CA VAL B 239 10.15 -29.02 -2.30
C VAL B 239 10.89 -27.70 -2.53
N THR B 240 11.24 -27.03 -1.47
CA THR B 240 12.01 -25.77 -1.59
C THR B 240 13.53 -25.96 -1.53
N SER B 241 14.14 -26.33 -2.66
CA SER B 241 15.58 -26.50 -2.74
C SER B 241 16.31 -25.19 -2.54
N PRO B 242 17.46 -25.21 -1.93
CA PRO B 242 18.23 -24.00 -1.67
C PRO B 242 18.42 -23.18 -2.89
N GLY B 243 18.07 -21.92 -2.81
CA GLY B 243 18.30 -20.95 -3.92
C GLY B 243 17.58 -21.32 -5.21
N GLY B 244 16.67 -22.25 -5.14
CA GLY B 244 16.04 -22.79 -6.34
C GLY B 244 14.78 -22.00 -6.80
N THR B 245 14.11 -22.54 -7.80
CA THR B 245 12.98 -21.90 -8.43
C THR B 245 11.80 -21.84 -7.50
N THR B 246 11.61 -22.89 -6.73
CA THR B 246 10.44 -22.98 -5.85
C THR B 246 10.43 -21.90 -4.78
N ILE B 247 11.57 -21.77 -4.14
CA ILE B 247 11.68 -20.81 -3.06
C ILE B 247 11.57 -19.41 -3.64
N ALA B 248 12.04 -19.22 -4.86
CA ALA B 248 11.88 -17.89 -5.48
C ALA B 248 10.38 -17.58 -5.65
N GLY B 249 9.62 -18.55 -6.07
CA GLY B 249 8.18 -18.36 -6.21
C GLY B 249 7.52 -18.18 -4.88
N VAL B 250 7.91 -19.00 -3.92
CA VAL B 250 7.36 -18.82 -2.56
C VAL B 250 7.63 -17.50 -1.95
N HIS B 251 8.85 -17.00 -2.13
CA HIS B 251 9.17 -15.70 -1.67
C HIS B 251 8.25 -14.60 -2.23
N GLU B 252 7.95 -14.62 -3.52
CA GLU B 252 6.96 -13.63 -4.06
C GLU B 252 5.64 -13.72 -3.43
N LEU B 253 5.21 -14.96 -3.17
CA LEU B 253 3.93 -15.13 -2.46
C LEU B 253 3.94 -14.50 -1.02
N GLU B 254 5.04 -14.74 -0.31
CA GLU B 254 5.18 -14.17 1.04
C GLU B 254 5.36 -12.66 1.01
N LYS B 255 6.11 -12.12 0.06
CA LYS B 255 6.22 -10.67 -0.03
C LYS B 255 4.83 -10.05 -0.14
N ALA B 256 3.91 -10.73 -0.82
CA ALA B 256 2.56 -10.13 -1.02
C ALA B 256 1.56 -10.45 0.02
N GLY B 257 1.92 -11.26 0.99
CA GLY B 257 0.96 -11.60 2.02
C GLY B 257 -0.12 -12.62 1.58
N PHE B 258 0.25 -13.53 0.74
CA PHE B 258 -0.65 -14.53 0.12
C PHE B 258 -1.43 -15.34 1.10
N ARG B 259 -0.74 -15.80 2.14
CA ARG B 259 -1.42 -16.57 3.17
C ARG B 259 -2.50 -15.72 3.84
N GLY B 260 -2.17 -14.50 4.15
CA GLY B 260 -3.15 -13.60 4.82
C GLY B 260 -4.43 -13.33 3.97
N ILE B 261 -4.26 -13.35 2.65
CA ILE B 261 -5.36 -13.05 1.70
C ILE B 261 -6.32 -14.18 1.73
N LEU B 262 -5.80 -15.38 1.76
CA LEU B 262 -6.68 -16.57 1.86
C LEU B 262 -7.36 -16.67 3.21
N MET B 263 -6.65 -16.26 4.25
CA MET B 263 -7.28 -16.18 5.57
C MET B 263 -8.42 -15.17 5.57
N ASN B 264 -8.18 -14.01 5.02
CA ASN B 264 -9.25 -13.04 4.91
C ASN B 264 -10.46 -13.56 4.17
N ALA B 265 -10.26 -14.37 3.13
CA ALA B 265 -11.35 -14.85 2.33
C ALA B 265 -12.23 -15.78 3.17
N VAL B 266 -11.57 -16.68 3.89
CA VAL B 266 -12.30 -17.62 4.68
C VAL B 266 -13.07 -16.87 5.77
N VAL B 267 -12.45 -15.93 6.39
CA VAL B 267 -13.09 -15.14 7.51
C VAL B 267 -14.26 -14.29 6.97
N ALA B 268 -14.14 -13.70 5.78
CA ALA B 268 -15.22 -12.90 5.24
C ALA B 268 -16.39 -13.78 4.82
N ALA B 269 -16.09 -14.93 4.25
CA ALA B 269 -17.12 -15.85 3.87
C ALA B 269 -17.86 -16.40 5.07
N ALA B 270 -17.14 -16.76 6.12
CA ALA B 270 -17.74 -17.23 7.37
C ALA B 270 -18.60 -16.14 8.05
N LYS B 271 -18.09 -14.93 8.06
CA LYS B 271 -18.89 -13.84 8.51
C LYS B 271 -20.20 -13.64 7.66
N ARG B 272 -20.11 -13.73 6.34
N ARG B 272 -20.12 -13.73 6.33
CA ARG B 272 -21.31 -13.57 5.50
CA ARG B 272 -21.31 -13.57 5.49
C ARG B 272 -22.29 -14.69 5.78
C ARG B 272 -22.30 -14.69 5.77
N SER B 273 -21.79 -15.89 6.01
CA SER B 273 -22.66 -17.05 6.33
C SER B 273 -23.42 -16.80 7.60
N GLN B 274 -22.75 -16.30 8.58
CA GLN B 274 -23.44 -15.94 9.82
C GLN B 274 -24.48 -14.81 9.62
N GLU B 275 -24.14 -13.79 8.85
CA GLU B 275 -25.09 -12.73 8.58
C GLU B 275 -26.32 -13.20 7.85
N LEU B 276 -26.20 -14.18 6.98
CA LEU B 276 -27.34 -14.66 6.20
C LEU B 276 -28.16 -15.51 7.11
N SER B 277 -27.68 -15.55 8.34
CA SER B 277 -28.39 -15.89 9.58
C SER B 277 -27.74 -17.19 10.00
N PRO C 8 47.56 -36.20 15.24
CA PRO C 8 46.45 -35.88 16.15
C PRO C 8 46.84 -34.76 17.12
N ILE C 9 45.97 -33.75 17.28
CA ILE C 9 46.13 -32.78 18.39
C ILE C 9 45.70 -33.53 19.65
N PRO C 10 46.51 -33.49 20.75
CA PRO C 10 46.11 -34.22 21.98
C PRO C 10 44.79 -33.71 22.56
N ALA C 11 43.74 -34.53 22.49
CA ALA C 11 42.37 -34.12 22.83
C ALA C 11 42.18 -33.55 24.25
N ASP C 12 42.93 -34.07 25.21
CA ASP C 12 42.74 -33.69 26.62
C ASP C 12 43.81 -32.76 27.16
N SER C 13 44.88 -32.56 26.42
CA SER C 13 46.00 -31.79 26.93
C SER C 13 46.46 -30.66 26.01
N TYR C 14 45.72 -30.38 24.93
CA TYR C 14 46.21 -29.39 23.96
C TYR C 14 46.23 -27.99 24.53
N THR C 15 47.13 -27.17 24.02
CA THR C 15 47.20 -25.78 24.40
C THR C 15 46.58 -24.93 23.30
N LEU C 16 45.93 -23.86 23.72
CA LEU C 16 45.17 -23.01 22.83
C LEU C 16 45.73 -21.61 22.85
N GLY C 17 45.94 -21.05 21.67
CA GLY C 17 46.51 -19.71 21.54
C GLY C 17 45.54 -18.79 20.83
N PHE C 18 45.30 -17.62 21.42
CA PHE C 18 44.47 -16.55 20.81
C PHE C 18 45.31 -15.44 20.23
N ILE C 19 45.24 -15.30 18.92
CA ILE C 19 45.82 -14.18 18.23
C ILE C 19 44.68 -13.23 17.94
N GLY C 20 44.66 -12.16 18.70
CA GLY C 20 43.53 -11.23 18.72
C GLY C 20 42.89 -11.50 20.05
N ALA C 21 42.72 -10.44 20.84
CA ALA C 21 42.23 -10.56 22.21
C ALA C 21 40.94 -9.78 22.41
N GLY C 22 40.11 -9.71 21.38
CA GLY C 22 38.81 -9.00 21.46
C GLY C 22 37.76 -9.78 22.22
N LYS C 23 36.54 -9.31 22.09
CA LYS C 23 35.36 -9.83 22.82
C LYS C 23 35.15 -11.28 22.51
N MET C 24 35.25 -11.62 21.21
CA MET C 24 34.96 -12.98 20.77
C MET C 24 35.95 -13.98 21.38
N ALA C 25 37.23 -13.62 21.34
CA ALA C 25 38.29 -14.48 21.95
C ALA C 25 38.06 -14.65 23.45
N GLU C 26 37.71 -13.55 24.11
CA GLU C 26 37.38 -13.60 25.52
C GLU C 26 36.18 -14.55 25.75
N SER C 27 35.13 -14.38 24.96
CA SER C 27 33.95 -15.26 25.13
C SER C 27 34.34 -16.73 24.99
N ILE C 28 35.14 -17.03 23.96
CA ILE C 28 35.53 -18.43 23.74
C ILE C 28 36.35 -18.94 24.94
N ALA C 29 37.30 -18.13 25.37
CA ALA C 29 38.17 -18.53 26.47
C ALA C 29 37.35 -18.78 27.74
N LYS C 30 36.47 -17.83 28.08
CA LYS C 30 35.67 -17.96 29.29
C LYS C 30 34.76 -19.18 29.19
N GLY C 31 34.11 -19.34 28.04
CA GLY C 31 33.24 -20.50 27.84
C GLY C 31 33.99 -21.83 27.99
N ALA C 32 35.18 -21.90 27.42
CA ALA C 32 35.90 -23.15 27.42
C ALA C 32 36.33 -23.52 28.84
N VAL C 33 36.71 -22.49 29.59
CA VAL C 33 37.07 -22.66 30.97
C VAL C 33 35.85 -23.07 31.79
N ARG C 34 34.82 -22.23 31.78
CA ARG C 34 33.59 -22.55 32.54
C ARG C 34 33.16 -24.01 32.38
N SER C 35 33.12 -24.47 31.14
CA SER C 35 32.63 -25.82 30.85
C SER C 35 33.68 -26.91 31.05
N GLY C 36 34.90 -26.51 31.39
CA GLY C 36 35.95 -27.49 31.67
C GLY C 36 36.60 -28.16 30.45
N VAL C 37 36.38 -27.62 29.27
CA VAL C 37 37.06 -28.11 28.08
C VAL C 37 38.54 -27.82 28.21
N LEU C 38 38.84 -26.70 28.88
CA LEU C 38 40.19 -26.18 29.06
C LEU C 38 40.40 -25.60 30.46
N SER C 39 41.64 -25.61 30.95
CA SER C 39 41.98 -24.84 32.15
C SER C 39 42.73 -23.59 31.67
N PRO C 40 42.61 -22.46 32.39
CA PRO C 40 43.35 -21.23 32.03
C PRO C 40 44.84 -21.36 31.79
N SER C 41 45.48 -22.30 32.48
CA SER C 41 46.90 -22.54 32.29
C SER C 41 47.23 -23.08 30.88
N ARG C 42 46.23 -23.67 30.21
CA ARG C 42 46.40 -24.21 28.84
C ARG C 42 46.08 -23.18 27.75
N ILE C 43 45.78 -21.96 28.17
CA ILE C 43 45.43 -20.90 27.24
C ILE C 43 46.45 -19.77 27.31
N LYS C 44 46.82 -19.25 26.15
CA LYS C 44 47.68 -18.08 26.02
C LYS C 44 47.07 -17.09 25.03
N THR C 45 47.33 -15.82 25.27
CA THR C 45 47.03 -14.78 24.29
C THR C 45 48.13 -13.70 24.32
N ALA C 46 48.18 -12.85 23.31
CA ALA C 46 49.15 -11.75 23.25
C ALA C 46 48.48 -10.39 23.18
N SER C 49 46.63 -4.75 21.84
CA SER C 49 46.41 -3.34 21.54
C SER C 49 45.98 -2.48 22.76
N ASN C 50 45.38 -3.10 23.80
CA ASN C 50 44.99 -2.42 25.05
C ASN C 50 45.64 -3.02 26.32
N PRO C 51 46.15 -2.17 27.22
CA PRO C 51 46.46 -2.67 28.57
C PRO C 51 45.20 -3.12 29.34
N ALA C 52 44.02 -2.64 28.93
CA ALA C 52 42.73 -3.04 29.53
C ALA C 52 42.33 -4.48 29.18
N ARG C 53 42.54 -4.85 27.93
CA ARG C 53 42.27 -6.23 27.47
C ARG C 53 43.11 -7.23 28.24
N ARG C 54 44.33 -6.83 28.57
CA ARG C 54 45.18 -7.65 29.45
C ARG C 54 44.50 -8.02 30.76
N THR C 55 43.78 -7.08 31.34
CA THR C 55 43.06 -7.35 32.58
C THR C 55 41.99 -8.41 32.39
N ALA C 56 41.18 -8.24 31.35
CA ALA C 56 40.09 -9.17 31.06
C ALA C 56 40.58 -10.65 31.03
N PHE C 57 41.74 -10.87 30.42
CA PHE C 57 42.29 -12.26 30.29
C PHE C 57 42.98 -12.73 31.57
N GLU C 58 43.80 -11.84 32.14
CA GLU C 58 44.47 -12.15 33.39
C GLU C 58 43.46 -12.43 34.48
N SER C 59 42.38 -11.65 34.53
CA SER C 59 41.34 -11.83 35.57
C SER C 59 40.60 -13.17 35.55
N ILE C 60 40.75 -13.95 34.49
CA ILE C 60 40.23 -15.32 34.48
C ILE C 60 41.34 -16.37 34.45
N GLY C 61 42.56 -15.93 34.70
CA GLY C 61 43.68 -16.84 35.00
C GLY C 61 44.51 -17.21 33.81
N ILE C 62 44.35 -16.44 32.74
CA ILE C 62 45.06 -16.74 31.50
C ILE C 62 46.33 -15.89 31.40
N THR C 63 47.43 -16.54 31.03
CA THR C 63 48.70 -15.83 30.81
C THR C 63 48.76 -15.05 29.50
N VAL C 64 49.03 -13.76 29.63
CA VAL C 64 49.21 -12.86 28.51
C VAL C 64 50.70 -12.72 28.19
N LEU C 65 51.09 -13.14 27.00
CA LEU C 65 52.46 -12.97 26.51
C LEU C 65 52.54 -11.72 25.66
N SER C 66 53.77 -11.31 25.34
CA SER C 66 53.97 -9.99 24.74
C SER C 66 54.15 -10.04 23.23
N SER C 67 54.29 -11.25 22.67
CA SER C 67 54.37 -11.41 21.22
C SER C 67 53.48 -12.53 20.68
N ASN C 68 52.97 -12.30 19.47
CA ASN C 68 52.17 -13.30 18.75
C ASN C 68 53.00 -14.56 18.50
N ASP C 69 54.29 -14.35 18.22
CA ASP C 69 55.24 -15.43 17.93
C ASP C 69 55.23 -16.50 19.02
N ASP C 70 55.29 -16.06 20.26
CA ASP C 70 55.41 -16.98 21.39
C ASP C 70 54.08 -17.66 21.69
N VAL C 71 52.98 -16.94 21.54
CA VAL C 71 51.64 -17.56 21.62
C VAL C 71 51.58 -18.78 20.67
N VAL C 72 52.00 -18.57 19.44
CA VAL C 72 51.99 -19.63 18.43
C VAL C 72 52.90 -20.81 18.82
N ARG C 73 54.18 -20.50 19.14
CA ARG C 73 55.15 -21.54 19.53
C ARG C 73 54.56 -22.49 20.57
N ASP C 74 53.97 -21.91 21.61
CA ASP C 74 53.46 -22.67 22.76
C ASP C 74 52.03 -23.23 22.57
N SER C 75 51.47 -23.10 21.38
CA SER C 75 50.09 -23.54 21.14
C SER C 75 49.97 -24.65 20.10
N ASN C 76 49.22 -25.68 20.44
CA ASN C 76 48.76 -26.72 19.47
C ASN C 76 47.66 -26.22 18.52
N VAL C 77 46.80 -25.35 19.04
CA VAL C 77 45.65 -24.82 18.32
C VAL C 77 45.69 -23.30 18.41
N VAL C 78 45.57 -22.64 17.27
CA VAL C 78 45.64 -21.18 17.21
C VAL C 78 44.38 -20.60 16.63
N VAL C 79 43.75 -19.70 17.38
CA VAL C 79 42.55 -19.02 16.97
C VAL C 79 42.83 -17.55 16.63
N PHE C 80 42.58 -17.21 15.37
CA PHE C 80 42.73 -15.84 14.86
C PHE C 80 41.43 -15.09 14.93
N SER C 81 41.40 -14.06 15.75
CA SER C 81 40.20 -13.22 15.89
C SER C 81 40.52 -11.74 15.67
N VAL C 82 41.59 -11.44 14.95
CA VAL C 82 41.87 -10.03 14.65
C VAL C 82 40.92 -9.49 13.64
N LYS C 83 40.88 -8.17 13.53
CA LYS C 83 39.96 -7.54 12.60
C LYS C 83 40.28 -8.09 11.23
N PRO C 84 39.23 -8.40 10.44
CA PRO C 84 39.44 -9.07 9.16
C PRO C 84 40.52 -8.43 8.23
N GLN C 85 40.50 -7.11 8.10
CA GLN C 85 41.45 -6.36 7.24
C GLN C 85 42.90 -6.52 7.68
N LEU C 86 43.13 -6.87 8.94
CA LEU C 86 44.48 -7.04 9.48
C LEU C 86 44.99 -8.48 9.39
N LEU C 87 44.07 -9.41 9.13
CA LEU C 87 44.39 -10.85 9.27
C LEU C 87 45.48 -11.33 8.33
N LYS C 88 45.40 -10.89 7.09
CA LYS C 88 46.34 -11.33 6.09
C LYS C 88 47.77 -11.04 6.53
N ASP C 89 48.01 -9.79 6.92
CA ASP C 89 49.38 -9.40 7.34
C ASP C 89 49.84 -10.11 8.60
N VAL C 90 48.91 -10.30 9.55
CA VAL C 90 49.24 -11.05 10.77
C VAL C 90 49.64 -12.49 10.43
N VAL C 91 48.90 -13.12 9.53
CA VAL C 91 49.21 -14.52 9.18
C VAL C 91 50.55 -14.61 8.45
N LEU C 92 50.76 -13.73 7.48
CA LEU C 92 52.02 -13.72 6.70
C LEU C 92 53.25 -13.53 7.59
N LYS C 93 53.15 -12.60 8.53
CA LYS C 93 54.18 -12.37 9.55
C LYS C 93 54.51 -13.66 10.32
N LEU C 94 53.48 -14.43 10.69
CA LEU C 94 53.67 -15.60 11.57
C LEU C 94 54.01 -16.86 10.79
N LYS C 95 54.00 -16.77 9.47
CA LYS C 95 54.02 -17.95 8.63
C LYS C 95 55.06 -19.04 8.93
N PRO C 96 56.36 -18.66 9.14
CA PRO C 96 57.38 -19.66 9.45
C PRO C 96 57.06 -20.53 10.67
N LEU C 97 56.39 -19.96 11.67
CA LEU C 97 55.95 -20.69 12.88
C LEU C 97 54.66 -21.56 12.69
N LEU C 98 53.97 -21.38 11.58
CA LEU C 98 52.66 -22.06 11.39
C LEU C 98 52.89 -23.42 10.78
N THR C 99 53.51 -24.29 11.55
CA THR C 99 53.85 -25.62 11.06
C THR C 99 52.59 -26.50 11.06
N LYS C 100 52.60 -27.53 10.19
CA LYS C 100 51.43 -28.40 9.94
C LYS C 100 50.93 -29.20 11.15
N ASP C 101 51.74 -29.31 12.21
CA ASP C 101 51.30 -29.95 13.44
C ASP C 101 50.37 -29.04 14.29
N LYS C 102 50.27 -27.76 13.92
CA LYS C 102 49.36 -26.79 14.59
C LYS C 102 48.06 -26.55 13.79
N LEU C 103 46.94 -26.82 14.45
CA LEU C 103 45.60 -26.58 13.88
C LEU C 103 45.28 -25.10 13.98
N LEU C 104 45.05 -24.51 12.82
CA LEU C 104 44.68 -23.09 12.75
C LEU C 104 43.14 -22.90 12.62
N VAL C 105 42.65 -21.84 13.26
CA VAL C 105 41.23 -21.50 13.25
C VAL C 105 41.06 -20.00 12.98
N SER C 106 40.13 -19.65 12.11
CA SER C 106 39.77 -18.26 11.90
C SER C 106 38.33 -18.04 12.28
N VAL C 107 38.08 -17.01 13.06
CA VAL C 107 36.71 -16.52 13.29
C VAL C 107 36.46 -15.19 12.59
N ALA C 108 37.37 -14.78 11.71
CA ALA C 108 37.26 -13.50 11.02
C ALA C 108 36.10 -13.48 10.04
N ALA C 109 35.27 -12.47 10.19
CA ALA C 109 34.13 -12.31 9.26
C ALA C 109 34.63 -12.11 7.82
N GLY C 110 33.99 -12.78 6.87
CA GLY C 110 34.22 -12.54 5.45
C GLY C 110 35.46 -13.16 4.81
N ILE C 111 36.36 -13.75 5.59
CA ILE C 111 37.60 -14.32 5.00
C ILE C 111 37.45 -15.79 4.66
N LYS C 112 37.49 -16.06 3.36
CA LYS C 112 37.27 -17.39 2.77
C LYS C 112 38.37 -18.36 3.10
N MET C 113 38.00 -19.62 3.13
CA MET C 113 38.96 -20.72 3.40
C MET C 113 40.12 -20.70 2.40
N LYS C 114 39.80 -20.54 1.13
CA LYS C 114 40.82 -20.52 0.07
C LYS C 114 41.96 -19.57 0.41
N ASP C 115 41.59 -18.38 0.89
CA ASP C 115 42.56 -17.34 1.24
C ASP C 115 43.33 -17.66 2.51
N LEU C 116 42.61 -18.17 3.53
CA LEU C 116 43.28 -18.54 4.79
C LEU C 116 44.41 -19.54 4.51
N GLN C 117 44.10 -20.55 3.70
CA GLN C 117 45.05 -21.59 3.36
C GLN C 117 46.25 -21.08 2.57
N GLU C 118 46.00 -20.17 1.64
CA GLU C 118 47.11 -19.57 0.86
C GLU C 118 47.99 -18.75 1.74
N TRP C 119 47.41 -17.98 2.64
CA TRP C 119 48.26 -17.15 3.53
C TRP C 119 49.12 -18.01 4.45
N ALA C 120 48.53 -19.05 5.01
CA ALA C 120 49.24 -19.90 5.97
C ALA C 120 50.18 -20.86 5.29
N GLY C 121 49.94 -21.15 4.02
CA GLY C 121 50.76 -22.07 3.26
C GLY C 121 50.43 -23.52 3.48
N HIS C 122 49.38 -23.81 4.23
CA HIS C 122 48.89 -25.19 4.36
C HIS C 122 47.37 -25.20 4.54
N GLU C 123 46.81 -26.39 4.62
CA GLU C 123 45.36 -26.58 4.59
C GLU C 123 44.78 -27.11 5.90
N ARG C 124 45.59 -27.14 6.96
CA ARG C 124 45.11 -27.51 8.27
C ARG C 124 44.54 -26.30 9.00
N PHE C 125 43.34 -25.93 8.52
CA PHE C 125 42.70 -24.68 8.89
C PHE C 125 41.19 -24.98 9.02
N ILE C 126 40.58 -24.41 10.06
CA ILE C 126 39.16 -24.44 10.21
C ILE C 126 38.65 -23.02 10.34
N ARG C 127 37.53 -22.77 9.70
CA ARG C 127 36.89 -21.44 9.73
C ARG C 127 35.59 -21.59 10.49
N VAL C 128 35.40 -20.66 11.42
CA VAL C 128 34.20 -20.62 12.24
C VAL C 128 33.61 -19.25 12.17
N MET C 129 32.29 -19.22 11.98
N MET C 129 32.31 -19.23 11.99
CA MET C 129 31.51 -17.97 12.01
CA MET C 129 31.56 -18.00 12.04
C MET C 129 30.55 -18.10 13.20
C MET C 129 30.57 -18.12 13.21
N PRO C 130 30.95 -17.57 14.34
CA PRO C 130 30.01 -17.47 15.45
C PRO C 130 29.06 -16.23 15.29
N ASN C 131 28.24 -15.92 16.30
CA ASN C 131 27.45 -14.71 16.31
C ASN C 131 27.52 -14.11 17.66
N THR C 132 26.86 -12.98 17.82
CA THR C 132 26.95 -12.16 19.06
C THR C 132 26.57 -12.85 20.38
N ALA C 133 25.73 -13.88 20.33
CA ALA C 133 25.24 -14.52 21.54
C ALA C 133 26.25 -15.42 22.19
N ALA C 134 27.43 -15.54 21.59
CA ALA C 134 28.54 -16.13 22.27
C ALA C 134 28.71 -15.56 23.68
N THR C 135 28.49 -14.28 23.84
CA THR C 135 28.62 -13.64 25.17
C THR C 135 27.82 -14.33 26.26
N VAL C 136 26.66 -14.90 25.95
CA VAL C 136 25.89 -15.60 26.98
C VAL C 136 25.85 -17.09 26.75
N GLY C 137 26.83 -17.62 26.00
CA GLY C 137 26.84 -19.03 25.67
C GLY C 137 25.74 -19.56 24.80
N GLU C 138 25.10 -18.71 23.98
CA GLU C 138 24.06 -19.22 23.12
C GLU C 138 24.33 -18.86 21.65
N ALA C 139 25.58 -18.88 21.27
CA ALA C 139 25.91 -18.60 19.89
C ALA C 139 25.33 -19.60 18.94
N ALA C 140 25.04 -19.12 17.75
CA ALA C 140 24.81 -20.00 16.61
C ALA C 140 26.05 -19.90 15.73
N SER C 141 26.80 -20.99 15.69
CA SER C 141 28.06 -20.99 14.95
C SER C 141 28.04 -22.02 13.83
N VAL C 142 28.78 -21.73 12.78
CA VAL C 142 29.02 -22.72 11.73
C VAL C 142 30.51 -22.82 11.41
N MET C 143 30.93 -24.03 11.09
CA MET C 143 32.32 -24.29 10.75
C MET C 143 32.49 -24.92 9.36
N SER C 144 33.54 -24.47 8.65
CA SER C 144 33.98 -25.12 7.39
C SER C 144 35.44 -25.59 7.55
N LEU C 145 35.77 -26.69 6.86
CA LEU C 145 37.07 -27.39 7.05
C LEU C 145 37.97 -27.14 5.89
N GLY C 146 39.19 -26.75 6.18
CA GLY C 146 40.23 -26.73 5.16
C GLY C 146 40.53 -28.13 4.65
N GLY C 147 41.20 -28.21 3.52
CA GLY C 147 41.47 -29.50 2.84
C GLY C 147 42.29 -30.53 3.64
N ALA C 148 43.07 -30.08 4.62
CA ALA C 148 43.82 -30.99 5.48
C ALA C 148 43.28 -31.09 6.91
N ALA C 149 42.19 -30.42 7.21
CA ALA C 149 41.61 -30.54 8.56
C ALA C 149 40.97 -31.92 8.74
N THR C 150 41.30 -32.60 9.84
CA THR C 150 40.83 -33.99 10.04
C THR C 150 39.56 -34.02 10.81
N GLU C 151 38.91 -35.19 10.82
CA GLU C 151 37.67 -35.34 11.58
C GLU C 151 37.88 -35.04 13.07
N GLU C 152 39.03 -35.44 13.55
CA GLU C 152 39.45 -35.21 14.95
C GLU C 152 39.69 -33.72 15.23
N ASP C 153 40.25 -33.02 14.24
CA ASP C 153 40.37 -31.56 14.32
C ASP C 153 38.94 -30.94 14.45
N ALA C 154 38.05 -31.40 13.59
CA ALA C 154 36.66 -30.92 13.54
C ALA C 154 35.98 -31.14 14.89
N ASN C 155 36.16 -32.33 15.45
CA ASN C 155 35.58 -32.63 16.77
C ASN C 155 36.16 -31.80 17.88
N LEU C 156 37.44 -31.52 17.80
CA LEU C 156 38.07 -30.68 18.79
C LEU C 156 37.45 -29.28 18.77
N ILE C 157 37.25 -28.74 17.58
CA ILE C 157 36.66 -27.42 17.42
C ILE C 157 35.15 -27.40 17.71
N SER C 158 34.40 -28.42 17.31
CA SER C 158 32.99 -28.61 17.80
C SER C 158 32.88 -28.55 19.32
N GLN C 159 33.77 -29.24 20.02
CA GLN C 159 33.74 -29.21 21.47
C GLN C 159 34.07 -27.80 22.01
N LEU C 160 35.08 -27.16 21.40
CA LEU C 160 35.50 -25.82 21.86
C LEU C 160 34.36 -24.80 21.70
N PHE C 161 33.72 -24.82 20.53
CA PHE C 161 32.69 -23.87 20.23
C PHE C 161 31.31 -24.31 20.74
N GLY C 162 31.19 -25.60 21.10
CA GLY C 162 30.02 -26.13 21.84
C GLY C 162 29.96 -25.54 23.26
N SER C 163 31.06 -24.99 23.71
CA SER C 163 31.13 -24.26 24.97
C SER C 163 30.55 -22.84 24.96
N ILE C 164 30.36 -22.24 23.79
CA ILE C 164 29.73 -20.90 23.67
C ILE C 164 28.35 -20.90 22.97
N GLY C 165 27.83 -22.07 22.70
CA GLY C 165 26.51 -22.21 22.08
C GLY C 165 26.45 -23.49 21.28
N LYS C 166 25.90 -23.43 20.10
CA LYS C 166 25.75 -24.57 19.24
C LYS C 166 26.60 -24.37 18.03
N ILE C 167 26.96 -25.47 17.40
CA ILE C 167 27.80 -25.42 16.21
C ILE C 167 27.47 -26.49 15.19
N TRP C 168 27.40 -26.05 13.94
CA TRP C 168 27.07 -26.90 12.82
C TRP C 168 28.15 -26.82 11.77
N LYS C 169 28.17 -27.79 10.87
CA LYS C 169 29.13 -27.82 9.78
C LYS C 169 28.48 -27.32 8.52
N ALA C 170 29.20 -26.55 7.74
CA ALA C 170 28.73 -26.16 6.40
C ALA C 170 29.85 -25.80 5.43
N ASP C 171 29.60 -25.95 4.12
CA ASP C 171 30.55 -25.58 3.09
C ASP C 171 30.80 -24.12 3.19
N ASP C 172 32.04 -23.75 2.95
CA ASP C 172 32.47 -22.37 2.93
C ASP C 172 31.63 -21.53 2.03
N LYS C 173 31.14 -22.08 0.94
CA LYS C 173 30.34 -21.24 0.03
C LYS C 173 29.03 -20.70 0.68
N TYR C 174 28.57 -21.29 1.78
CA TYR C 174 27.31 -20.86 2.38
C TYR C 174 27.49 -19.67 3.31
N PHE C 175 28.73 -19.27 3.55
CA PHE C 175 29.02 -18.31 4.66
C PHE C 175 28.43 -16.86 4.50
N ASP C 176 28.32 -16.36 3.28
CA ASP C 176 27.49 -15.12 3.06
C ASP C 176 26.03 -15.17 3.47
N ALA C 177 25.37 -16.21 3.05
CA ALA C 177 24.03 -16.41 3.48
C ALA C 177 23.90 -16.66 5.02
N ILE C 178 24.85 -17.43 5.58
CA ILE C 178 24.78 -17.69 7.00
C ILE C 178 24.89 -16.34 7.72
N THR C 179 25.71 -15.44 7.19
CA THR C 179 25.91 -14.13 7.80
C THR C 179 24.57 -13.34 7.90
N GLY C 180 23.78 -13.46 6.88
CA GLY C 180 22.50 -12.75 6.80
C GLY C 180 21.51 -13.32 7.80
N LEU C 181 21.70 -14.57 8.18
CA LEU C 181 20.74 -15.29 9.03
C LEU C 181 21.24 -15.29 10.49
N SER C 182 22.29 -16.08 10.79
CA SER C 182 22.75 -16.17 12.18
C SER C 182 23.62 -15.02 12.59
N GLY C 183 24.30 -14.41 11.64
CA GLY C 183 25.14 -13.25 11.98
C GLY C 183 24.32 -11.99 12.26
N SER C 184 23.38 -11.74 11.38
CA SER C 184 22.58 -10.51 11.43
C SER C 184 21.28 -10.67 12.12
N GLY C 185 20.76 -11.89 12.15
CA GLY C 185 19.48 -12.19 12.75
C GLY C 185 19.23 -11.65 14.13
N PRO C 186 20.23 -11.59 14.97
CA PRO C 186 19.85 -11.17 16.32
C PRO C 186 19.19 -9.78 16.28
N ALA C 187 19.67 -8.88 15.44
CA ALA C 187 19.12 -7.56 15.43
C ALA C 187 17.64 -7.60 15.06
N TYR C 188 17.27 -8.51 14.13
CA TYR C 188 15.88 -8.64 13.75
C TYR C 188 15.07 -8.95 14.98
N ILE C 189 15.63 -9.80 15.83
CA ILE C 189 14.95 -10.19 17.08
C ILE C 189 14.93 -9.15 18.14
N TYR C 190 15.95 -8.31 18.20
CA TYR C 190 15.93 -7.19 19.07
C TYR C 190 14.84 -6.21 18.71
N LEU C 191 14.68 -5.91 17.44
CA LEU C 191 13.56 -5.09 17.01
C LEU C 191 12.24 -5.78 17.37
N ALA C 192 12.18 -7.07 17.16
CA ALA C 192 10.92 -7.77 17.53
C ALA C 192 10.58 -7.65 18.99
N ILE C 193 11.57 -7.83 19.82
CA ILE C 193 11.35 -7.76 21.28
C ILE C 193 10.87 -6.38 21.70
N GLU C 194 11.50 -5.35 21.16
CA GLU C 194 11.09 -4.01 21.47
C GLU C 194 9.66 -3.78 21.00
N ALA C 195 9.36 -4.24 19.81
CA ALA C 195 8.04 -4.05 19.23
C ALA C 195 6.99 -4.79 20.01
N LEU C 196 7.30 -5.99 20.45
CA LEU C 196 6.35 -6.72 21.29
C LEU C 196 6.08 -6.00 22.65
N ALA C 197 7.13 -5.45 23.23
CA ALA C 197 6.99 -4.66 24.43
C ALA C 197 6.16 -3.42 24.16
N ASP C 198 6.42 -2.74 23.04
CA ASP C 198 5.68 -1.54 22.71
C ASP C 198 4.21 -1.94 22.53
N GLY C 199 4.02 -3.09 21.95
CA GLY C 199 2.64 -3.64 21.73
C GLY C 199 1.95 -3.86 23.07
N GLY C 200 2.68 -4.41 24.01
CA GLY C 200 2.08 -4.66 25.33
C GLY C 200 1.65 -3.36 25.99
N VAL C 201 2.52 -2.37 25.92
CA VAL C 201 2.21 -1.05 26.48
C VAL C 201 1.02 -0.44 25.75
N ALA C 202 0.97 -0.62 24.45
CA ALA C 202 -0.13 -0.09 23.64
C ALA C 202 -1.42 -0.74 24.03
N ALA C 203 -1.37 -1.96 24.53
CA ALA C 203 -2.55 -2.61 25.07
C ALA C 203 -2.77 -2.39 26.57
N GLY C 204 -1.99 -1.59 27.20
CA GLY C 204 -2.27 -1.22 28.63
C GLY C 204 -1.26 -1.67 29.66
N LEU C 205 -0.25 -2.42 29.23
CA LEU C 205 0.71 -2.92 30.20
C LEU C 205 1.73 -1.94 30.65
N PRO C 206 2.19 -2.07 31.90
CA PRO C 206 3.41 -1.36 32.29
C PRO C 206 4.61 -1.79 31.46
N ARG C 207 5.50 -0.81 31.24
CA ARG C 207 6.69 -0.97 30.43
C ARG C 207 7.61 -2.07 30.92
N ASP C 208 7.93 -2.07 32.20
CA ASP C 208 8.92 -3.04 32.70
C ASP C 208 8.39 -4.45 32.56
N LEU C 209 7.12 -4.63 32.90
CA LEU C 209 6.51 -5.94 32.71
C LEU C 209 6.47 -6.32 31.21
N ALA C 210 6.05 -5.37 30.38
CA ALA C 210 5.97 -5.66 28.94
C ALA C 210 7.27 -6.11 28.34
N LEU C 211 8.34 -5.45 28.70
CA LEU C 211 9.65 -5.82 28.22
C LEU C 211 10.13 -7.14 28.76
N SER C 212 9.99 -7.36 30.07
CA SER C 212 10.31 -8.65 30.65
C SER C 212 9.57 -9.75 30.01
N LEU C 213 8.25 -9.57 29.81
CA LEU C 213 7.46 -10.63 29.15
C LEU C 213 7.86 -10.88 27.71
N ALA C 214 8.16 -9.80 26.98
CA ALA C 214 8.53 -9.92 25.55
C ALA C 214 9.80 -10.75 25.41
N SER C 215 10.82 -10.40 26.20
CA SER C 215 12.09 -11.17 26.15
C SER C 215 11.94 -12.60 26.51
N GLN C 216 11.24 -12.87 27.57
CA GLN C 216 11.10 -14.27 28.00
C GLN C 216 10.18 -15.07 27.12
N THR C 217 9.18 -14.42 26.56
CA THR C 217 8.31 -15.08 25.57
C THR C 217 9.07 -15.52 24.35
N VAL C 218 9.93 -14.63 23.83
CA VAL C 218 10.78 -15.00 22.72
C VAL C 218 11.77 -16.10 23.09
N LEU C 219 12.40 -15.97 24.25
CA LEU C 219 13.32 -17.05 24.76
C LEU C 219 12.60 -18.42 24.88
N GLY C 220 11.46 -18.40 25.54
CA GLY C 220 10.64 -19.62 25.64
C GLY C 220 10.25 -20.27 24.32
N ALA C 221 9.79 -19.48 23.40
CA ALA C 221 9.37 -20.02 22.10
C ALA C 221 10.51 -20.66 21.36
N ALA C 222 11.64 -19.98 21.32
CA ALA C 222 12.78 -20.51 20.65
C ALA C 222 13.27 -21.78 21.31
N SER C 223 13.22 -21.83 22.63
CA SER C 223 13.55 -23.10 23.35
C SER C 223 12.61 -24.22 22.97
N MET C 224 11.33 -23.91 22.82
CA MET C 224 10.38 -24.93 22.34
C MET C 224 10.82 -25.40 20.97
N ALA C 225 11.25 -24.46 20.11
CA ALA C 225 11.60 -24.83 18.77
C ALA C 225 12.86 -25.72 18.79
N THR C 226 13.83 -25.32 19.60
CA THR C 226 15.12 -26.00 19.58
C THR C 226 15.00 -27.40 20.19
N GLN C 227 14.13 -27.56 21.19
CA GLN C 227 14.05 -28.84 21.89
C GLN C 227 12.95 -29.75 21.47
N SER C 228 11.87 -29.24 20.87
CA SER C 228 10.70 -30.08 20.68
C SER C 228 10.84 -31.07 19.55
N GLY C 229 11.76 -30.85 18.64
CA GLY C 229 11.81 -31.63 17.42
C GLY C 229 10.65 -31.34 16.44
N LYS C 230 9.84 -30.32 16.67
CA LYS C 230 8.64 -30.10 15.84
C LYS C 230 8.91 -29.06 14.77
N HIS C 231 8.24 -29.22 13.67
CA HIS C 231 8.23 -28.13 12.69
C HIS C 231 7.54 -26.86 13.28
N PRO C 232 8.06 -25.68 12.98
CA PRO C 232 7.47 -24.44 13.49
C PRO C 232 6.02 -24.26 13.20
N GLY C 233 5.60 -24.70 12.05
CA GLY C 233 4.16 -24.79 11.75
C GLY C 233 3.31 -25.63 12.67
N GLN C 234 3.90 -26.74 13.13
CA GLN C 234 3.22 -27.61 14.07
C GLN C 234 3.18 -26.92 15.40
N LEU C 235 4.25 -26.24 15.76
CA LEU C 235 4.24 -25.51 17.05
C LEU C 235 3.21 -24.35 17.03
N LYS C 236 3.10 -23.67 15.90
CA LYS C 236 2.08 -22.63 15.75
C LYS C 236 0.66 -23.29 15.85
N ASP C 237 0.48 -24.43 15.22
CA ASP C 237 -0.85 -25.15 15.33
C ASP C 237 -1.14 -25.52 16.77
N ASP C 238 -0.15 -25.96 17.53
CA ASP C 238 -0.38 -26.31 18.93
C ASP C 238 -0.92 -25.15 19.77
N VAL C 239 -0.56 -23.90 19.50
CA VAL C 239 -0.98 -22.79 20.34
C VAL C 239 -2.12 -21.98 19.76
N THR C 240 -2.52 -22.26 18.53
CA THR C 240 -3.62 -21.48 17.93
C THR C 240 -5.03 -22.11 18.17
N SER C 241 -5.63 -21.82 19.33
CA SER C 241 -6.96 -22.29 19.69
C SER C 241 -8.01 -21.71 18.76
N PRO C 242 -9.08 -22.46 18.51
CA PRO C 242 -10.13 -22.00 17.60
C PRO C 242 -10.72 -20.67 17.96
N GLY C 243 -10.69 -19.71 17.05
CA GLY C 243 -11.25 -18.38 17.31
C GLY C 243 -10.65 -17.64 18.51
N GLY C 244 -9.48 -18.08 18.96
CA GLY C 244 -8.85 -17.52 20.15
C GLY C 244 -7.92 -16.30 19.88
N THR C 245 -7.24 -15.90 20.94
CA THR C 245 -6.39 -14.73 20.98
C THR C 245 -5.20 -14.91 20.06
N THR C 246 -4.59 -16.08 20.10
CA THR C 246 -3.39 -16.34 19.30
C THR C 246 -3.60 -16.24 17.83
N ILE C 247 -4.67 -16.85 17.36
CA ILE C 247 -4.94 -16.82 15.92
C ILE C 247 -5.33 -15.42 15.48
N ALA C 248 -5.97 -14.65 16.38
CA ALA C 248 -6.28 -13.26 15.99
C ALA C 248 -4.97 -12.48 15.78
N GLY C 249 -4.02 -12.71 16.65
CA GLY C 249 -2.69 -12.06 16.47
C GLY C 249 -1.99 -12.58 15.21
N VAL C 250 -2.02 -13.90 15.01
CA VAL C 250 -1.35 -14.43 13.83
C VAL C 250 -1.95 -13.85 12.57
N HIS C 251 -3.28 -13.76 12.54
CA HIS C 251 -3.94 -13.25 11.38
C HIS C 251 -3.41 -11.84 11.02
N GLU C 252 -3.21 -11.00 12.02
CA GLU C 252 -2.66 -9.65 11.75
C GLU C 252 -1.29 -9.76 11.16
N LEU C 253 -0.49 -10.70 11.66
CA LEU C 253 0.82 -10.86 11.09
C LEU C 253 0.72 -11.24 9.59
N GLU C 254 -0.17 -12.18 9.28
CA GLU C 254 -0.26 -12.65 7.92
C GLU C 254 -0.86 -11.54 7.03
N LYS C 255 -1.84 -10.80 7.50
CA LYS C 255 -2.38 -9.71 6.68
C LYS C 255 -1.28 -8.80 6.21
N ALA C 256 -0.25 -8.63 7.04
CA ALA C 256 0.80 -7.66 6.71
C ALA C 256 1.95 -8.25 5.99
N GLY C 257 1.92 -9.54 5.75
CA GLY C 257 3.08 -10.15 5.11
C GLY C 257 4.36 -10.27 5.98
N PHE C 258 4.16 -10.50 7.25
CA PHE C 258 5.23 -10.62 8.24
C PHE C 258 6.32 -11.58 7.83
N ARG C 259 5.93 -12.76 7.40
CA ARG C 259 6.96 -13.76 6.98
C ARG C 259 7.79 -13.29 5.84
N GLY C 260 7.13 -12.69 4.86
CA GLY C 260 7.86 -12.13 3.73
C GLY C 260 8.91 -11.07 4.10
N ILE C 261 8.59 -10.30 5.13
CA ILE C 261 9.45 -9.16 5.53
C ILE C 261 10.72 -9.73 6.14
N LEU C 262 10.58 -10.79 6.90
CA LEU C 262 11.76 -11.42 7.52
C LEU C 262 12.58 -12.16 6.45
N MET C 263 11.90 -12.68 5.45
CA MET C 263 12.62 -13.24 4.27
C MET C 263 13.39 -12.15 3.55
N ASN C 264 12.76 -11.01 3.33
CA ASN C 264 13.46 -9.92 2.70
C ASN C 264 14.73 -9.49 3.46
N ALA C 265 14.64 -9.48 4.81
CA ALA C 265 15.77 -9.06 5.57
C ALA C 265 16.94 -9.99 5.39
N VAL C 266 16.66 -11.30 5.53
CA VAL C 266 17.73 -12.30 5.40
C VAL C 266 18.34 -12.22 4.04
N VAL C 267 17.51 -12.17 3.01
CA VAL C 267 18.03 -12.00 1.63
C VAL C 267 18.91 -10.72 1.44
N ALA C 268 18.45 -9.57 1.92
CA ALA C 268 19.18 -8.37 1.64
C ALA C 268 20.51 -8.40 2.45
N ALA C 269 20.47 -8.92 3.65
CA ALA C 269 21.67 -9.04 4.40
C ALA C 269 22.69 -9.97 3.74
N ALA C 270 22.22 -11.10 3.29
CA ALA C 270 23.08 -12.04 2.52
C ALA C 270 23.66 -11.41 1.27
N LYS C 271 22.83 -10.69 0.57
CA LYS C 271 23.35 -9.97 -0.57
C LYS C 271 24.45 -8.94 -0.20
N ARG C 272 24.26 -8.23 0.89
N ARG C 272 24.26 -8.22 0.89
CA ARG C 272 25.25 -7.25 1.31
CA ARG C 272 25.26 -7.24 1.32
C ARG C 272 26.56 -7.95 1.72
C ARG C 272 26.56 -7.95 1.72
N SER C 273 26.45 -9.11 2.34
CA SER C 273 27.61 -9.85 2.77
C SER C 273 28.39 -10.23 1.54
N GLN C 274 27.70 -10.65 0.52
CA GLN C 274 28.38 -11.03 -0.72
C GLN C 274 29.07 -9.80 -1.33
N GLU C 275 28.40 -8.66 -1.32
CA GLU C 275 28.98 -7.46 -1.89
C GLU C 275 30.21 -6.98 -1.15
N LEU C 276 30.27 -7.22 0.15
CA LEU C 276 31.42 -6.80 0.97
C LEU C 276 32.50 -7.82 0.76
N SER C 277 32.20 -8.74 -0.13
CA SER C 277 33.09 -9.57 -0.96
C SER C 277 32.85 -10.97 -0.44
N PRO D 8 -1.03 -19.66 57.77
CA PRO D 8 0.27 -19.57 57.08
C PRO D 8 0.68 -20.99 56.62
N ILE D 9 1.00 -21.15 55.32
CA ILE D 9 1.28 -22.49 54.74
C ILE D 9 2.72 -22.91 55.13
N PRO D 10 2.93 -24.14 55.66
CA PRO D 10 4.31 -24.57 56.00
C PRO D 10 5.26 -24.60 54.79
N ALA D 11 6.24 -23.69 54.77
CA ALA D 11 7.07 -23.45 53.57
C ALA D 11 7.84 -24.66 53.00
N ASP D 12 8.35 -25.49 53.89
CA ASP D 12 9.12 -26.66 53.47
C ASP D 12 8.40 -28.02 53.54
N SER D 13 7.19 -28.05 54.10
CA SER D 13 6.48 -29.31 54.29
C SER D 13 5.06 -29.33 53.74
N TYR D 14 4.66 -28.30 53.01
CA TYR D 14 3.29 -28.27 52.50
C TYR D 14 3.03 -29.37 51.50
N THR D 15 1.78 -29.79 51.44
CA THR D 15 1.33 -30.72 50.42
C THR D 15 0.56 -29.96 49.31
N LEU D 16 0.75 -30.44 48.09
CA LEU D 16 0.22 -29.81 46.92
C LEU D 16 -0.77 -30.72 46.21
N GLY D 17 -1.93 -30.19 45.87
CA GLY D 17 -2.98 -30.93 45.18
C GLY D 17 -3.35 -30.36 43.84
N PHE D 18 -3.36 -31.22 42.82
CA PHE D 18 -3.71 -30.82 41.47
C PHE D 18 -5.10 -31.26 41.12
N ILE D 19 -5.96 -30.30 40.87
CA ILE D 19 -7.28 -30.56 40.34
C ILE D 19 -7.24 -30.23 38.87
N GLY D 20 -7.26 -31.27 38.06
CA GLY D 20 -6.99 -31.18 36.66
C GLY D 20 -5.60 -31.76 36.50
N ALA D 21 -5.46 -32.75 35.62
CA ALA D 21 -4.22 -33.50 35.46
C ALA D 21 -3.67 -33.38 34.04
N GLY D 22 -3.89 -32.24 33.41
CA GLY D 22 -3.40 -31.99 32.05
C GLY D 22 -1.90 -31.70 31.97
N LYS D 23 -1.49 -31.23 30.80
CA LYS D 23 -0.08 -30.96 30.48
C LYS D 23 0.52 -29.94 31.44
N MET D 24 -0.25 -28.89 31.73
CA MET D 24 0.25 -27.82 32.56
C MET D 24 0.52 -28.32 33.99
N ALA D 25 -0.44 -29.06 34.55
CA ALA D 25 -0.26 -29.63 35.88
C ALA D 25 0.95 -30.59 35.93
N GLU D 26 1.08 -31.41 34.90
CA GLU D 26 2.22 -32.28 34.76
C GLU D 26 3.52 -31.46 34.72
N SER D 27 3.55 -30.42 33.89
CA SER D 27 4.74 -29.61 33.80
C SER D 27 5.09 -29.03 35.17
N ILE D 28 4.11 -28.51 35.88
CA ILE D 28 4.38 -27.87 37.18
C ILE D 28 4.90 -28.93 38.17
N ALA D 29 4.23 -30.08 38.21
CA ALA D 29 4.65 -31.18 39.09
C ALA D 29 6.09 -31.64 38.79
N LYS D 30 6.39 -31.90 37.52
CA LYS D 30 7.73 -32.36 37.14
C LYS D 30 8.78 -31.32 37.46
N GLY D 31 8.49 -30.08 37.09
CA GLY D 31 9.39 -28.99 37.38
C GLY D 31 9.65 -28.88 38.88
N ALA D 32 8.61 -28.96 39.69
CA ALA D 32 8.78 -28.74 41.13
C ALA D 32 9.63 -29.86 41.75
N VAL D 33 9.43 -31.08 41.27
CA VAL D 33 10.20 -32.22 41.71
C VAL D 33 11.65 -32.10 41.23
N ARG D 34 11.86 -31.99 39.92
CA ARG D 34 13.21 -31.83 39.36
C ARG D 34 14.03 -30.84 40.19
N SER D 35 13.47 -29.65 40.44
CA SER D 35 14.20 -28.57 41.13
C SER D 35 14.24 -28.73 42.64
N GLY D 36 13.58 -29.75 43.16
CA GLY D 36 13.62 -30.02 44.60
C GLY D 36 12.75 -29.13 45.47
N VAL D 37 11.85 -28.37 44.86
CA VAL D 37 10.89 -27.59 45.67
C VAL D 37 9.99 -28.55 46.46
N LEU D 38 9.72 -29.70 45.87
CA LEU D 38 8.78 -30.69 46.37
C LEU D 38 9.33 -32.09 46.15
N SER D 39 8.91 -33.05 46.97
CA SER D 39 9.09 -34.47 46.66
C SER D 39 7.73 -35.04 46.21
N PRO D 40 7.75 -36.06 45.31
CA PRO D 40 6.49 -36.65 44.78
C PRO D 40 5.48 -37.12 45.84
N SER D 41 5.99 -37.52 46.99
CA SER D 41 5.12 -37.96 48.09
C SER D 41 4.27 -36.82 48.65
N ARG D 42 4.71 -35.58 48.45
CA ARG D 42 3.96 -34.39 48.89
C ARG D 42 2.93 -33.90 47.87
N ILE D 43 2.82 -34.60 46.76
CA ILE D 43 1.94 -34.20 45.68
C ILE D 43 0.84 -35.24 45.49
N LYS D 44 -0.38 -34.76 45.29
CA LYS D 44 -1.51 -35.59 44.91
C LYS D 44 -2.24 -35.00 43.72
N THR D 45 -2.83 -35.88 42.91
CA THR D 45 -3.77 -35.47 41.86
C THR D 45 -4.90 -36.51 41.75
N ALA D 46 -5.99 -36.14 41.08
CA ALA D 46 -7.11 -37.06 40.86
C ALA D 46 -7.34 -37.31 39.38
N SER D 49 -11.00 -41.59 34.62
CA SER D 49 -11.25 -41.96 33.22
C SER D 49 -10.02 -42.25 32.35
N ASN D 50 -9.01 -41.41 32.41
CA ASN D 50 -7.84 -41.55 31.53
C ASN D 50 -6.75 -42.42 32.17
N PRO D 51 -6.47 -43.61 31.60
CA PRO D 51 -5.33 -44.38 32.10
C PRO D 51 -3.95 -43.82 31.72
N ALA D 52 -3.88 -43.08 30.61
CA ALA D 52 -2.63 -42.48 30.11
C ALA D 52 -2.12 -41.32 30.99
N ARG D 53 -3.03 -40.46 31.41
CA ARG D 53 -2.71 -39.39 32.34
C ARG D 53 -2.27 -39.96 33.68
N ARG D 54 -2.98 -40.98 34.15
CA ARG D 54 -2.56 -41.71 35.35
C ARG D 54 -1.10 -42.13 35.32
N THR D 55 -0.72 -42.66 34.17
CA THR D 55 0.65 -43.14 33.98
C THR D 55 1.65 -42.01 34.12
N ALA D 56 1.37 -40.91 33.43
CA ALA D 56 2.25 -39.74 33.44
C ALA D 56 2.60 -39.29 34.87
N PHE D 57 1.61 -39.29 35.76
CA PHE D 57 1.82 -38.85 37.16
C PHE D 57 2.47 -39.95 38.02
N GLU D 58 1.95 -41.17 37.89
CA GLU D 58 2.50 -42.30 38.61
C GLU D 58 3.95 -42.53 38.25
N SER D 59 4.28 -42.38 36.97
CA SER D 59 5.66 -42.60 36.48
C SER D 59 6.71 -41.63 37.05
N ILE D 60 6.28 -40.55 37.67
CA ILE D 60 7.23 -39.67 38.36
C ILE D 60 7.06 -39.72 39.88
N GLY D 61 6.28 -40.69 40.35
CA GLY D 61 6.22 -41.01 41.77
C GLY D 61 5.10 -40.32 42.52
N ILE D 62 4.13 -39.81 41.79
CA ILE D 62 3.02 -39.07 42.40
C ILE D 62 1.80 -39.98 42.57
N THR D 63 1.20 -39.95 43.75
CA THR D 63 -0.02 -40.72 44.03
C THR D 63 -1.28 -40.12 43.42
N VAL D 64 -1.96 -40.93 42.60
CA VAL D 64 -3.21 -40.56 41.96
C VAL D 64 -4.37 -41.10 42.79
N LEU D 65 -5.19 -40.19 43.30
CA LEU D 65 -6.39 -40.57 44.03
C LEU D 65 -7.57 -40.55 43.08
N SER D 66 -8.70 -41.06 43.52
CA SER D 66 -9.84 -41.27 42.62
C SER D 66 -10.92 -40.18 42.73
N SER D 67 -10.81 -39.29 43.72
CA SER D 67 -11.73 -38.17 43.84
C SER D 67 -11.03 -36.84 44.11
N ASN D 68 -11.62 -35.80 43.55
CA ASN D 68 -11.16 -34.45 43.78
C ASN D 68 -11.23 -34.08 45.25
N ASP D 69 -12.28 -34.57 45.92
CA ASP D 69 -12.54 -34.31 47.33
C ASP D 69 -11.36 -34.65 48.21
N ASP D 70 -10.78 -35.81 47.96
CA ASP D 70 -9.67 -36.31 48.78
C ASP D 70 -8.35 -35.59 48.47
N VAL D 71 -8.13 -35.28 47.21
CA VAL D 71 -6.99 -34.43 46.83
C VAL D 71 -7.01 -33.13 47.69
N VAL D 72 -8.18 -32.50 47.75
CA VAL D 72 -8.34 -31.23 48.50
C VAL D 72 -8.10 -31.43 50.00
N ARG D 73 -8.81 -32.40 50.60
CA ARG D 73 -8.64 -32.74 52.03
C ARG D 73 -7.16 -32.83 52.43
N ASP D 74 -6.39 -33.59 51.67
CA ASP D 74 -4.97 -33.87 51.97
C ASP D 74 -3.97 -32.78 51.50
N SER D 75 -4.47 -31.67 50.95
CA SER D 75 -3.59 -30.65 50.39
C SER D 75 -3.70 -29.30 51.13
N ASN D 76 -2.54 -28.73 51.43
CA ASN D 76 -2.41 -27.31 51.89
C ASN D 76 -2.60 -26.28 50.75
N VAL D 77 -2.15 -26.66 49.55
CA VAL D 77 -2.18 -25.79 48.38
C VAL D 77 -2.86 -26.57 47.27
N VAL D 78 -3.87 -25.95 46.65
CA VAL D 78 -4.62 -26.59 45.57
C VAL D 78 -4.52 -25.79 44.27
N VAL D 79 -4.04 -26.45 43.22
CA VAL D 79 -3.92 -25.88 41.90
C VAL D 79 -5.01 -26.42 40.98
N PHE D 80 -5.85 -25.50 40.51
CA PHE D 80 -6.88 -25.80 39.52
C PHE D 80 -6.40 -25.57 38.10
N SER D 81 -6.34 -26.65 37.33
CA SER D 81 -5.93 -26.58 35.93
C SER D 81 -6.93 -27.27 35.01
N VAL D 82 -8.19 -27.37 35.41
CA VAL D 82 -9.19 -27.87 34.49
C VAL D 82 -9.51 -26.86 33.39
N LYS D 83 -10.15 -27.34 32.34
CA LYS D 83 -10.54 -26.46 31.24
C LYS D 83 -11.37 -25.33 31.83
N PRO D 84 -11.14 -24.11 31.35
CA PRO D 84 -11.81 -22.94 31.94
C PRO D 84 -13.34 -23.06 32.11
N GLN D 85 -14.04 -23.55 31.07
CA GLN D 85 -15.52 -23.67 31.08
C GLN D 85 -16.01 -24.63 32.14
N LEU D 86 -15.15 -25.54 32.60
CA LEU D 86 -15.51 -26.53 33.63
C LEU D 86 -15.19 -26.08 35.06
N LEU D 87 -14.38 -25.03 35.18
CA LEU D 87 -13.82 -24.64 36.48
C LEU D 87 -14.89 -24.24 37.50
N LYS D 88 -15.85 -23.44 37.06
CA LYS D 88 -16.86 -22.94 37.95
C LYS D 88 -17.56 -24.11 38.67
N ASP D 89 -18.02 -25.09 37.90
CA ASP D 89 -18.76 -26.23 38.48
C ASP D 89 -17.87 -27.07 39.38
N VAL D 90 -16.61 -27.25 38.97
CA VAL D 90 -15.66 -27.98 39.80
C VAL D 90 -15.46 -27.28 41.15
N VAL D 91 -15.32 -25.96 41.13
CA VAL D 91 -15.08 -25.23 42.38
C VAL D 91 -16.31 -25.29 43.28
N LEU D 92 -17.49 -25.05 42.69
CA LEU D 92 -18.77 -25.07 43.46
C LEU D 92 -19.03 -26.42 44.14
N LYS D 93 -18.77 -27.50 43.40
CA LYS D 93 -18.80 -28.88 43.94
C LYS D 93 -17.87 -29.06 45.15
N LEU D 94 -16.65 -28.52 45.09
CA LEU D 94 -15.66 -28.70 46.17
C LEU D 94 -15.78 -27.70 47.31
N LYS D 95 -16.68 -26.74 47.16
CA LYS D 95 -16.71 -25.57 48.05
C LYS D 95 -16.63 -25.83 49.58
N PRO D 96 -17.42 -26.79 50.11
CA PRO D 96 -17.38 -27.05 51.55
C PRO D 96 -15.97 -27.42 52.07
N LEU D 97 -15.18 -28.11 51.25
CA LEU D 97 -13.81 -28.49 51.59
C LEU D 97 -12.77 -27.35 51.42
N LEU D 98 -13.17 -26.25 50.79
CA LEU D 98 -12.20 -25.18 50.47
C LEU D 98 -12.13 -24.22 51.64
N THR D 99 -11.59 -24.70 52.73
CA THR D 99 -11.47 -23.90 53.94
C THR D 99 -10.30 -22.90 53.80
N LYS D 100 -10.38 -21.81 54.56
CA LYS D 100 -9.43 -20.68 54.47
C LYS D 100 -7.96 -20.97 54.79
N ASP D 101 -7.71 -22.09 55.45
CA ASP D 101 -6.34 -22.52 55.71
C ASP D 101 -5.66 -23.11 54.46
N LYS D 102 -6.45 -23.37 53.41
CA LYS D 102 -5.93 -23.85 52.11
C LYS D 102 -5.79 -22.73 51.06
N LEU D 103 -4.55 -22.56 50.58
CA LEU D 103 -4.23 -21.62 49.50
C LEU D 103 -4.66 -22.21 48.17
N LEU D 104 -5.52 -21.48 47.49
CA LEU D 104 -6.03 -21.88 46.19
C LEU D 104 -5.33 -21.13 45.03
N VAL D 105 -5.10 -21.86 43.94
CA VAL D 105 -4.40 -21.33 42.79
C VAL D 105 -5.16 -21.73 41.53
N SER D 106 -5.37 -20.77 40.63
CA SER D 106 -5.95 -21.08 39.32
C SER D 106 -4.93 -20.76 38.23
N VAL D 107 -4.75 -21.69 37.32
CA VAL D 107 -4.03 -21.41 36.07
C VAL D 107 -4.97 -21.33 34.86
N ALA D 108 -6.27 -21.28 35.10
CA ALA D 108 -7.24 -21.27 34.02
C ALA D 108 -7.20 -19.99 33.23
N ALA D 109 -7.09 -20.13 31.91
CA ALA D 109 -7.10 -18.95 31.02
C ALA D 109 -8.45 -18.20 31.12
N GLY D 110 -8.39 -16.88 31.19
CA GLY D 110 -9.58 -16.03 31.11
C GLY D 110 -10.48 -15.91 32.35
N ILE D 111 -10.22 -16.66 33.42
CA ILE D 111 -11.05 -16.56 34.64
C ILE D 111 -10.49 -15.57 35.67
N LYS D 112 -11.23 -14.48 35.84
CA LYS D 112 -10.85 -13.34 36.70
C LYS D 112 -10.84 -13.68 38.16
N MET D 113 -10.01 -12.95 38.90
CA MET D 113 -9.90 -13.14 40.34
C MET D 113 -11.25 -12.97 41.04
N LYS D 114 -11.97 -11.93 40.66
CA LYS D 114 -13.29 -11.65 41.24
C LYS D 114 -14.19 -12.88 41.26
N ASP D 115 -14.21 -13.58 40.13
CA ASP D 115 -15.03 -14.76 39.96
C ASP D 115 -14.50 -15.95 40.74
N LEU D 116 -13.20 -16.17 40.71
CA LEU D 116 -12.57 -17.24 41.48
C LEU D 116 -12.95 -17.12 42.95
N GLN D 117 -12.81 -15.93 43.50
CA GLN D 117 -13.12 -15.66 44.90
C GLN D 117 -14.61 -15.87 45.26
N GLU D 118 -15.51 -15.45 44.36
CA GLU D 118 -16.94 -15.67 44.57
C GLU D 118 -17.29 -17.13 44.55
N TRP D 119 -16.72 -17.89 43.62
CA TRP D 119 -17.00 -19.33 43.56
C TRP D 119 -16.51 -20.07 44.80
N ALA D 120 -15.31 -19.75 45.23
CA ALA D 120 -14.71 -20.40 46.39
C ALA D 120 -15.29 -19.94 47.71
N GLY D 121 -15.84 -18.73 47.71
CA GLY D 121 -16.38 -18.15 48.93
C GLY D 121 -15.34 -17.50 49.84
N HIS D 122 -14.09 -17.43 49.41
CA HIS D 122 -13.07 -16.68 50.15
C HIS D 122 -12.05 -16.06 49.19
N GLU D 123 -11.08 -15.34 49.74
CA GLU D 123 -10.15 -14.52 48.96
C GLU D 123 -8.69 -14.97 49.08
N ARG D 124 -8.47 -16.13 49.68
CA ARG D 124 -7.14 -16.74 49.68
C ARG D 124 -6.92 -17.56 48.40
N PHE D 125 -6.70 -16.80 47.33
CA PHE D 125 -6.67 -17.31 45.97
C PHE D 125 -5.56 -16.56 45.22
N ILE D 126 -4.78 -17.29 44.44
CA ILE D 126 -3.81 -16.71 43.55
C ILE D 126 -4.09 -17.21 42.14
N ARG D 127 -3.97 -16.27 41.19
CA ARG D 127 -4.17 -16.58 39.78
C ARG D 127 -2.84 -16.49 39.11
N VAL D 128 -2.58 -17.50 38.31
CA VAL D 128 -1.35 -17.56 37.54
C VAL D 128 -1.72 -17.82 36.08
N MET D 129 -1.08 -17.05 35.22
CA MET D 129 -1.20 -17.28 33.79
C MET D 129 0.17 -17.64 33.22
N PRO D 130 0.42 -18.89 33.07
CA PRO D 130 1.65 -19.30 32.43
C PRO D 130 1.51 -19.24 30.88
N ASN D 131 2.50 -19.70 30.13
CA ASN D 131 2.40 -19.90 28.68
C ASN D 131 2.96 -21.23 28.30
N THR D 132 2.89 -21.53 27.01
CA THR D 132 3.26 -22.82 26.48
C THR D 132 4.71 -23.34 26.78
N ALA D 133 5.65 -22.45 26.98
CA ALA D 133 7.03 -22.83 27.18
C ALA D 133 7.30 -23.45 28.59
N ALA D 134 6.27 -23.54 29.42
CA ALA D 134 6.35 -24.36 30.64
C ALA D 134 6.92 -25.73 30.35
N THR D 135 6.53 -26.31 29.22
CA THR D 135 7.01 -27.59 28.82
C THR D 135 8.52 -27.72 28.86
N VAL D 136 9.27 -26.69 28.53
CA VAL D 136 10.73 -26.77 28.56
C VAL D 136 11.30 -25.89 29.65
N GLY D 137 10.49 -25.58 30.66
CA GLY D 137 10.98 -24.78 31.79
C GLY D 137 11.33 -23.39 31.44
N GLU D 138 10.75 -22.85 30.37
CA GLU D 138 11.00 -21.42 30.04
C GLU D 138 9.69 -20.60 29.90
N ALA D 139 8.69 -20.94 30.71
CA ALA D 139 7.47 -20.16 30.74
C ALA D 139 7.68 -18.73 31.10
N ALA D 140 6.84 -17.87 30.51
CA ALA D 140 6.64 -16.49 30.98
C ALA D 140 5.30 -16.44 31.68
N SER D 141 5.34 -16.34 33.01
CA SER D 141 4.16 -16.45 33.83
C SER D 141 3.93 -15.17 34.58
N VAL D 142 2.66 -14.85 34.82
CA VAL D 142 2.35 -13.74 35.70
C VAL D 142 1.32 -14.20 36.75
N MET D 143 1.40 -13.58 37.93
CA MET D 143 0.50 -13.90 39.04
C MET D 143 -0.18 -12.68 39.61
N SER D 144 -1.46 -12.86 39.89
CA SER D 144 -2.23 -11.82 40.61
C SER D 144 -2.73 -12.44 41.93
N LEU D 145 -2.87 -11.60 42.95
CA LEU D 145 -3.22 -12.03 44.31
C LEU D 145 -4.64 -11.69 44.66
N GLY D 146 -5.37 -12.65 45.16
CA GLY D 146 -6.66 -12.39 45.78
C GLY D 146 -6.51 -11.51 47.02
N GLY D 147 -7.62 -10.95 47.48
CA GLY D 147 -7.62 -10.01 48.62
C GLY D 147 -7.10 -10.54 49.96
N ALA D 148 -7.14 -11.86 50.15
CA ALA D 148 -6.60 -12.48 51.36
C ALA D 148 -5.31 -13.28 51.16
N ALA D 149 -4.77 -13.24 49.95
CA ALA D 149 -3.47 -13.89 49.72
C ALA D 149 -2.34 -13.09 50.38
N THR D 150 -1.46 -13.77 51.11
CA THR D 150 -0.38 -13.09 51.84
C THR D 150 0.89 -13.03 51.03
N GLU D 151 1.84 -12.22 51.48
CA GLU D 151 3.16 -12.15 50.84
C GLU D 151 3.85 -13.51 50.83
N GLU D 152 3.65 -14.26 51.90
CA GLU D 152 4.23 -15.58 52.05
C GLU D 152 3.57 -16.56 51.10
N ASP D 153 2.26 -16.41 50.91
CA ASP D 153 1.53 -17.20 49.90
C ASP D 153 2.17 -16.92 48.50
N ALA D 154 2.37 -15.63 48.21
CA ALA D 154 2.92 -15.19 46.94
C ALA D 154 4.30 -15.77 46.72
N ASN D 155 5.15 -15.72 47.74
CA ASN D 155 6.49 -16.30 47.64
C ASN D 155 6.48 -17.80 47.44
N LEU D 156 5.54 -18.44 48.08
CA LEU D 156 5.43 -19.89 47.90
C LEU D 156 5.13 -20.21 46.42
N ILE D 157 4.19 -19.46 45.84
CA ILE D 157 3.80 -19.66 44.44
C ILE D 157 4.91 -19.19 43.48
N SER D 158 5.60 -18.09 43.78
CA SER D 158 6.78 -17.69 42.99
C SER D 158 7.78 -18.83 42.89
N GLN D 159 8.02 -19.49 44.00
CA GLN D 159 9.00 -20.56 44.03
C GLN D 159 8.50 -21.76 43.22
N LEU D 160 7.22 -22.07 43.36
CA LEU D 160 6.63 -23.19 42.64
C LEU D 160 6.70 -22.98 41.09
N PHE D 161 6.30 -21.80 40.64
CA PHE D 161 6.26 -21.47 39.22
C PHE D 161 7.61 -20.96 38.65
N GLY D 162 8.55 -20.60 39.54
CA GLY D 162 9.96 -20.36 39.19
C GLY D 162 10.60 -21.66 38.69
N SER D 163 10.01 -22.78 39.04
CA SER D 163 10.50 -24.07 38.60
C SER D 163 10.18 -24.41 37.12
N ILE D 164 9.23 -23.73 36.50
CA ILE D 164 8.85 -23.93 35.08
C ILE D 164 9.16 -22.68 34.16
N GLY D 165 9.84 -21.69 34.71
CA GLY D 165 10.26 -20.54 33.94
C GLY D 165 10.38 -19.35 34.84
N LYS D 166 9.97 -18.20 34.36
CA LYS D 166 10.06 -16.97 35.11
C LYS D 166 8.65 -16.55 35.46
N ILE D 167 8.54 -15.78 36.53
CA ILE D 167 7.25 -15.34 37.02
C ILE D 167 7.33 -13.93 37.56
N TRP D 168 6.34 -13.15 37.16
CA TRP D 168 6.19 -11.78 37.56
C TRP D 168 4.82 -11.53 38.17
N LYS D 169 4.71 -10.44 38.94
CA LYS D 169 3.44 -10.08 39.57
C LYS D 169 2.76 -9.02 38.77
N ALA D 170 1.45 -9.10 38.68
CA ALA D 170 0.70 -8.04 38.03
C ALA D 170 -0.76 -8.01 38.48
N ASP D 171 -1.37 -6.82 38.40
CA ASP D 171 -2.79 -6.67 38.72
C ASP D 171 -3.58 -7.52 37.76
N ASP D 172 -4.61 -8.12 38.28
CA ASP D 172 -5.55 -8.90 37.51
C ASP D 172 -6.09 -8.16 36.30
N LYS D 173 -6.28 -6.87 36.40
CA LYS D 173 -6.79 -6.15 35.23
C LYS D 173 -5.85 -6.18 33.97
N TYR D 174 -4.56 -6.49 34.12
CA TYR D 174 -3.66 -6.57 32.99
C TYR D 174 -3.71 -7.92 32.23
N PHE D 175 -4.51 -8.89 32.70
CA PHE D 175 -4.42 -10.26 32.18
C PHE D 175 -4.87 -10.49 30.73
N ASP D 176 -5.83 -9.73 30.25
CA ASP D 176 -6.11 -9.70 28.79
C ASP D 176 -4.95 -9.31 27.91
N ALA D 177 -4.34 -8.21 28.27
CA ALA D 177 -3.20 -7.76 27.52
C ALA D 177 -2.00 -8.73 27.64
N ILE D 178 -1.80 -9.28 28.85
CA ILE D 178 -0.72 -10.25 29.02
C ILE D 178 -0.96 -11.40 28.05
N THR D 179 -2.23 -11.81 27.90
CA THR D 179 -2.57 -12.94 27.07
C THR D 179 -2.13 -12.71 25.62
N GLY D 180 -2.32 -11.49 25.17
CA GLY D 180 -1.96 -11.10 23.81
C GLY D 180 -0.44 -11.05 23.60
N LEU D 181 0.31 -10.93 24.67
CA LEU D 181 1.80 -10.82 24.60
C LEU D 181 2.47 -12.13 24.95
N SER D 182 2.45 -12.52 26.22
CA SER D 182 3.13 -13.79 26.62
C SER D 182 2.32 -15.03 26.32
N GLY D 183 1.00 -14.92 26.27
CA GLY D 183 0.17 -16.09 25.94
C GLY D 183 0.25 -16.44 24.45
N SER D 184 0.08 -15.41 23.62
CA SER D 184 -0.04 -15.57 22.21
C SER D 184 1.26 -15.38 21.52
N GLY D 185 2.18 -14.67 22.14
CA GLY D 185 3.47 -14.34 21.52
C GLY D 185 4.26 -15.50 20.97
N PRO D 186 4.14 -16.69 21.56
CA PRO D 186 4.99 -17.75 21.01
C PRO D 186 4.69 -18.06 19.55
N ALA D 187 3.44 -17.98 19.17
CA ALA D 187 3.11 -18.22 17.84
C ALA D 187 3.74 -17.21 16.87
N TYR D 188 3.83 -15.97 17.30
CA TYR D 188 4.43 -14.93 16.46
C TYR D 188 5.86 -15.27 16.21
N ILE D 189 6.49 -15.82 17.22
CA ILE D 189 7.88 -16.26 17.08
C ILE D 189 8.07 -17.56 16.28
N TYR D 190 7.09 -18.48 16.31
CA TYR D 190 7.14 -19.65 15.47
C TYR D 190 7.08 -19.21 14.01
N LEU D 191 6.22 -18.27 13.65
CA LEU D 191 6.17 -17.76 12.30
C LEU D 191 7.53 -17.13 11.97
N ALA D 192 8.07 -16.36 12.87
CA ALA D 192 9.33 -15.72 12.59
C ALA D 192 10.44 -16.72 12.33
N ILE D 193 10.49 -17.77 13.15
CA ILE D 193 11.54 -18.84 12.96
C ILE D 193 11.41 -19.52 11.60
N GLU D 194 10.18 -19.78 11.20
CA GLU D 194 9.97 -20.39 9.92
C GLU D 194 10.35 -19.46 8.81
N ALA D 195 9.96 -18.21 8.94
CA ALA D 195 10.27 -17.21 7.89
C ALA D 195 11.75 -16.95 7.80
N LEU D 196 12.41 -16.92 8.92
CA LEU D 196 13.90 -16.82 8.86
C LEU D 196 14.56 -17.99 8.15
N ALA D 197 14.05 -19.18 8.42
CA ALA D 197 14.56 -20.35 7.76
C ALA D 197 14.30 -20.25 6.26
N ASP D 198 13.07 -19.91 5.89
CA ASP D 198 12.71 -19.75 4.51
C ASP D 198 13.59 -18.70 3.84
N GLY D 199 13.88 -17.65 4.57
CA GLY D 199 14.82 -16.65 4.09
C GLY D 199 16.21 -17.18 3.84
N GLY D 200 16.70 -18.02 4.74
CA GLY D 200 17.99 -18.64 4.55
C GLY D 200 18.04 -19.52 3.33
N VAL D 201 16.99 -20.30 3.13
CA VAL D 201 16.90 -21.12 1.98
C VAL D 201 16.84 -20.25 0.71
N ALA D 202 16.14 -19.14 0.80
CA ALA D 202 15.92 -18.29 -0.39
C ALA D 202 17.25 -17.74 -0.73
N ALA D 203 18.13 -17.61 0.25
CA ALA D 203 19.52 -17.14 -0.04
C ALA D 203 20.50 -18.23 -0.33
N GLY D 204 20.05 -19.47 -0.43
CA GLY D 204 20.95 -20.55 -0.87
C GLY D 204 21.36 -21.56 0.21
N LEU D 205 20.91 -21.37 1.44
CA LEU D 205 21.19 -22.35 2.46
C LEU D 205 20.36 -23.64 2.39
N PRO D 206 21.00 -24.75 2.76
CA PRO D 206 20.22 -25.96 3.03
C PRO D 206 19.17 -25.76 4.13
N ARG D 207 18.05 -26.47 3.96
CA ARG D 207 16.93 -26.33 4.84
C ARG D 207 17.22 -26.70 6.29
N ASP D 208 17.84 -27.85 6.52
CA ASP D 208 18.07 -28.25 7.91
C ASP D 208 18.97 -27.30 8.61
N LEU D 209 20.02 -26.87 7.93
CA LEU D 209 20.89 -25.83 8.54
C LEU D 209 20.12 -24.51 8.82
N ALA D 210 19.34 -24.09 7.81
CA ALA D 210 18.62 -22.82 7.93
C ALA D 210 17.69 -22.82 9.16
N LEU D 211 16.96 -23.91 9.34
CA LEU D 211 16.10 -24.01 10.42
C LEU D 211 16.85 -24.05 11.75
N SER D 212 17.86 -24.90 11.85
CA SER D 212 18.70 -24.94 13.04
C SER D 212 19.25 -23.61 13.37
N LEU D 213 19.75 -22.90 12.36
CA LEU D 213 20.32 -21.55 12.66
C LEU D 213 19.26 -20.60 13.14
N ALA D 214 18.09 -20.69 12.51
CA ALA D 214 17.02 -19.69 12.80
C ALA D 214 16.61 -19.83 14.26
N SER D 215 16.33 -21.07 14.67
CA SER D 215 15.92 -21.32 16.04
C SER D 215 16.97 -20.87 17.06
N GLN D 216 18.21 -21.21 16.82
CA GLN D 216 19.27 -20.92 17.80
C GLN D 216 19.64 -19.45 17.75
N THR D 217 19.51 -18.85 16.58
CA THR D 217 19.67 -17.34 16.52
C THR D 217 18.63 -16.59 17.34
N VAL D 218 17.36 -17.02 17.23
CA VAL D 218 16.33 -16.44 18.06
C VAL D 218 16.59 -16.68 19.54
N LEU D 219 16.90 -17.93 19.88
CA LEU D 219 17.22 -18.27 21.30
C LEU D 219 18.36 -17.42 21.84
N GLY D 220 19.41 -17.34 21.08
CA GLY D 220 20.59 -16.50 21.47
C GLY D 220 20.29 -15.04 21.66
N ALA D 221 19.56 -14.46 20.74
CA ALA D 221 19.18 -13.03 20.86
C ALA D 221 18.33 -12.72 22.07
N ALA D 222 17.34 -13.58 22.34
CA ALA D 222 16.48 -13.45 23.52
C ALA D 222 17.22 -13.64 24.79
N SER D 223 18.18 -14.54 24.77
CA SER D 223 19.07 -14.70 25.97
C SER D 223 19.93 -13.51 26.22
N MET D 224 20.41 -12.90 25.14
CA MET D 224 21.14 -11.64 25.29
C MET D 224 20.22 -10.58 25.90
N ALA D 225 18.93 -10.58 25.50
CA ALA D 225 18.05 -9.55 25.98
C ALA D 225 17.73 -9.78 27.47
N THR D 226 17.51 -11.02 27.82
CA THR D 226 17.13 -11.34 29.20
C THR D 226 18.29 -11.12 30.14
N GLN D 227 19.50 -11.41 29.71
CA GLN D 227 20.65 -11.37 30.65
C GLN D 227 21.50 -10.13 30.59
N SER D 228 21.52 -9.40 29.48
CA SER D 228 22.49 -8.34 29.36
C SER D 228 22.22 -7.12 30.22
N GLY D 229 21.00 -6.94 30.68
CA GLY D 229 20.62 -5.67 31.26
C GLY D 229 20.57 -4.48 30.27
N LYS D 230 20.65 -4.74 28.96
CA LYS D 230 20.63 -3.64 28.00
C LYS D 230 19.23 -3.42 27.40
N HIS D 231 18.96 -2.20 27.00
CA HIS D 231 17.78 -1.94 26.19
C HIS D 231 17.95 -2.63 24.78
N PRO D 232 16.88 -3.19 24.24
CA PRO D 232 16.92 -3.79 22.88
C PRO D 232 17.50 -2.94 21.83
N GLY D 233 17.21 -1.65 21.87
CA GLY D 233 17.88 -0.70 20.98
C GLY D 233 19.40 -0.64 21.07
N GLN D 234 19.89 -0.75 22.28
N GLN D 234 19.89 -0.75 22.28
CA GLN D 234 21.34 -0.75 22.52
CA GLN D 234 21.34 -0.76 22.54
C GLN D 234 21.91 -2.08 21.99
C GLN D 234 21.91 -2.08 21.99
N LEU D 235 21.19 -3.18 22.17
CA LEU D 235 21.63 -4.43 21.64
C LEU D 235 21.70 -4.40 20.08
N LYS D 236 20.71 -3.80 19.48
CA LYS D 236 20.67 -3.67 18.05
C LYS D 236 21.84 -2.79 17.61
N ASP D 237 22.08 -1.72 18.33
CA ASP D 237 23.25 -0.85 18.01
C ASP D 237 24.56 -1.61 18.10
N ASP D 238 24.71 -2.46 19.10
CA ASP D 238 25.93 -3.23 19.20
C ASP D 238 26.22 -4.08 17.95
N VAL D 239 25.20 -4.59 17.25
CA VAL D 239 25.49 -5.51 16.15
C VAL D 239 25.42 -4.87 14.78
N THR D 240 25.01 -3.61 14.70
CA THR D 240 24.82 -2.97 13.40
C THR D 240 26.11 -2.20 12.96
N SER D 241 27.08 -2.93 12.39
CA SER D 241 28.30 -2.37 11.86
C SER D 241 28.01 -1.41 10.74
N PRO D 242 28.82 -0.39 10.60
CA PRO D 242 28.61 0.65 9.57
C PRO D 242 28.51 0.11 8.18
N GLY D 243 27.42 0.41 7.48
CA GLY D 243 27.23 -0.08 6.08
C GLY D 243 27.24 -1.59 5.91
N GLY D 244 27.05 -2.32 7.01
CA GLY D 244 27.22 -3.76 7.00
C GLY D 244 25.91 -4.54 6.70
N THR D 245 26.02 -5.84 6.88
CA THR D 245 25.00 -6.77 6.54
C THR D 245 23.80 -6.62 7.44
N THR D 246 24.07 -6.43 8.72
CA THR D 246 23.01 -6.32 9.72
C THR D 246 22.10 -5.15 9.52
N ILE D 247 22.68 -4.00 9.32
CA ILE D 247 21.90 -2.80 9.03
C ILE D 247 21.13 -2.89 7.72
N ALA D 248 21.69 -3.56 6.71
CA ALA D 248 20.94 -3.72 5.46
C ALA D 248 19.66 -4.54 5.73
N GLY D 249 19.76 -5.55 6.56
CA GLY D 249 18.60 -6.33 6.92
C GLY D 249 17.64 -5.55 7.80
N VAL D 250 18.17 -4.85 8.76
CA VAL D 250 17.31 -4.01 9.60
C VAL D 250 16.57 -2.96 8.77
N HIS D 251 17.25 -2.40 7.77
CA HIS D 251 16.59 -1.40 6.95
C HIS D 251 15.33 -1.99 6.23
N GLU D 252 15.44 -3.23 5.74
CA GLU D 252 14.27 -3.88 5.07
C GLU D 252 13.16 -4.04 6.06
N LEU D 253 13.49 -4.41 7.28
CA LEU D 253 12.44 -4.51 8.29
C LEU D 253 11.73 -3.17 8.45
N GLU D 254 12.52 -2.13 8.57
CA GLU D 254 11.92 -0.83 8.85
C GLU D 254 11.13 -0.30 7.64
N LYS D 255 11.59 -0.57 6.42
CA LYS D 255 10.87 -0.13 5.26
C LYS D 255 9.51 -0.68 5.29
N ALA D 256 9.37 -1.90 5.79
CA ALA D 256 8.05 -2.57 5.77
C ALA D 256 7.22 -2.31 6.99
N GLY D 257 7.72 -1.58 7.95
CA GLY D 257 6.95 -1.37 9.18
C GLY D 257 6.83 -2.63 10.09
N PHE D 258 7.87 -3.41 10.15
CA PHE D 258 7.95 -4.65 10.94
C PHE D 258 7.55 -4.43 12.41
N ARG D 259 8.08 -3.41 13.02
CA ARG D 259 7.68 -3.16 14.45
C ARG D 259 6.24 -2.97 14.61
N GLY D 260 5.67 -2.14 13.72
CA GLY D 260 4.25 -1.85 13.79
C GLY D 260 3.34 -3.08 13.68
N ILE D 261 3.80 -4.02 12.88
CA ILE D 261 3.04 -5.25 12.60
C ILE D 261 2.99 -6.09 13.84
N LEU D 262 4.10 -6.16 14.56
CA LEU D 262 4.11 -6.92 15.82
C LEU D 262 3.28 -6.22 16.89
N MET D 263 3.29 -4.89 16.85
CA MET D 263 2.39 -4.14 17.76
C MET D 263 0.93 -4.42 17.42
N ASN D 264 0.59 -4.47 16.14
CA ASN D 264 -0.75 -4.78 15.79
C ASN D 264 -1.20 -6.16 16.26
N ALA D 265 -0.30 -7.14 16.21
CA ALA D 265 -0.65 -8.48 16.60
C ALA D 265 -0.97 -8.51 18.09
N VAL D 266 -0.11 -7.88 18.89
CA VAL D 266 -0.32 -7.90 20.35
C VAL D 266 -1.63 -7.20 20.69
N VAL D 267 -1.87 -6.05 20.06
CA VAL D 267 -3.13 -5.32 20.27
C VAL D 267 -4.39 -6.09 19.82
N ALA D 268 -4.36 -6.76 18.67
CA ALA D 268 -5.50 -7.48 18.27
C ALA D 268 -5.75 -8.70 19.16
N ALA D 269 -4.69 -9.37 19.54
CA ALA D 269 -4.85 -10.51 20.41
C ALA D 269 -5.41 -10.10 21.78
N ALA D 270 -4.91 -9.02 22.32
CA ALA D 270 -5.46 -8.44 23.62
C ALA D 270 -6.91 -8.05 23.49
N LYS D 271 -7.26 -7.48 22.36
CA LYS D 271 -8.65 -7.14 22.14
C LYS D 271 -9.52 -8.43 22.07
N ARG D 272 -9.03 -9.46 21.40
N ARG D 272 -9.04 -9.47 21.39
CA ARG D 272 -9.79 -10.70 21.33
CA ARG D 272 -9.79 -10.72 21.32
C ARG D 272 -9.93 -11.33 22.71
C ARG D 272 -9.93 -11.33 22.71
N SER D 273 -8.90 -11.21 23.52
CA SER D 273 -8.93 -11.77 24.89
C SER D 273 -9.99 -11.10 25.72
N GLN D 274 -10.09 -9.81 25.57
CA GLN D 274 -11.12 -9.05 26.24
C GLN D 274 -12.51 -9.45 25.74
N GLU D 275 -12.67 -9.63 24.43
CA GLU D 275 -13.97 -9.99 23.88
C GLU D 275 -14.41 -11.39 24.34
N LEU D 276 -13.47 -12.28 24.59
CA LEU D 276 -13.79 -13.66 25.01
C LEU D 276 -14.05 -13.60 26.48
N SER D 277 -14.03 -12.37 26.97
CA SER D 277 -14.72 -11.84 28.16
C SER D 277 -13.58 -11.50 29.09
N ILE E 6 56.53 23.03 8.29
CA ILE E 6 55.43 22.68 9.26
C ILE E 6 55.81 23.07 10.69
N ILE E 7 55.90 24.39 10.85
CA ILE E 7 56.07 24.98 12.16
C ILE E 7 54.67 24.95 12.80
N PRO E 8 54.54 24.56 14.11
CA PRO E 8 53.22 24.75 14.77
C PRO E 8 52.67 26.19 14.71
N ILE E 9 51.34 26.33 14.62
CA ILE E 9 50.69 27.63 14.48
C ILE E 9 50.68 28.20 15.88
N PRO E 10 51.14 29.47 16.03
CA PRO E 10 51.10 30.06 17.40
C PRO E 10 49.69 30.13 17.95
N ALA E 11 49.43 29.33 18.98
CA ALA E 11 48.09 29.16 19.53
C ALA E 11 47.40 30.48 20.01
N ASP E 12 48.18 31.44 20.53
CA ASP E 12 47.60 32.65 21.15
C ASP E 12 47.69 33.83 20.27
N SER E 13 48.48 33.74 19.21
CA SER E 13 48.76 34.92 18.41
C SER E 13 48.56 34.75 16.90
N TYR E 14 48.01 33.63 16.48
CA TYR E 14 47.84 33.43 15.05
C TYR E 14 46.88 34.45 14.43
N THR E 15 47.11 34.73 13.16
CA THR E 15 46.17 35.51 12.35
C THR E 15 45.35 34.61 11.40
N LEU E 16 44.08 34.98 11.23
CA LEU E 16 43.11 34.18 10.58
C LEU E 16 42.63 34.92 9.31
N GLY E 17 42.59 34.20 8.18
CA GLY E 17 42.09 34.73 6.92
C GLY E 17 40.88 33.99 6.38
N PHE E 18 39.84 34.73 6.02
CA PHE E 18 38.63 34.16 5.35
C PHE E 18 38.58 34.42 3.86
N ILE E 19 38.66 33.35 3.08
CA ILE E 19 38.53 33.43 1.63
C ILE E 19 37.12 32.94 1.37
N GLY E 20 36.27 33.89 1.03
CA GLY E 20 34.80 33.69 0.96
C GLY E 20 34.22 34.34 2.20
N ALA E 21 33.30 35.27 1.98
CA ALA E 21 32.81 36.17 3.02
C ALA E 21 31.31 35.98 3.22
N GLY E 22 30.84 34.77 3.00
CA GLY E 22 29.40 34.47 3.16
C GLY E 22 28.98 34.33 4.62
N LYS E 23 27.77 33.76 4.79
CA LYS E 23 27.11 33.62 6.08
C LYS E 23 27.92 32.73 7.04
N MET E 24 28.43 31.64 6.49
CA MET E 24 29.20 30.67 7.28
C MET E 24 30.49 31.33 7.82
N ALA E 25 31.20 32.05 6.96
CA ALA E 25 32.43 32.78 7.42
C ALA E 25 32.11 33.79 8.47
N GLU E 26 31.02 34.53 8.24
CA GLU E 26 30.56 35.55 9.20
C GLU E 26 30.23 34.90 10.56
N SER E 27 29.50 33.80 10.51
CA SER E 27 29.17 33.10 11.71
C SER E 27 30.42 32.66 12.47
N ILE E 28 31.34 32.03 11.79
CA ILE E 28 32.60 31.62 12.46
C ILE E 28 33.37 32.83 13.04
N ALA E 29 33.51 33.90 12.24
CA ALA E 29 34.21 35.11 12.72
C ALA E 29 33.55 35.74 13.97
N LYS E 30 32.23 35.93 13.91
CA LYS E 30 31.50 36.53 15.02
C LYS E 30 31.58 35.67 16.23
N GLY E 31 31.35 34.39 16.03
CA GLY E 31 31.49 33.46 17.11
C GLY E 31 32.86 33.54 17.75
N ALA E 32 33.90 33.52 16.93
CA ALA E 32 35.28 33.45 17.51
C ALA E 32 35.54 34.71 18.35
N VAL E 33 35.04 35.84 17.85
CA VAL E 33 35.25 37.12 18.53
C VAL E 33 34.41 37.17 19.82
N ARG E 34 33.09 36.96 19.69
CA ARG E 34 32.21 36.87 20.86
C ARG E 34 32.85 36.05 21.99
N SER E 35 33.29 34.84 21.68
CA SER E 35 33.79 33.90 22.70
C SER E 35 35.22 34.24 23.17
N GLY E 36 35.85 35.24 22.55
CA GLY E 36 37.22 35.61 22.93
C GLY E 36 38.37 34.71 22.46
N VAL E 37 38.13 33.88 21.44
CA VAL E 37 39.22 33.09 20.88
C VAL E 37 40.24 34.05 20.29
N LEU E 38 39.73 35.17 19.83
CA LEU E 38 40.65 36.17 19.30
C LEU E 38 39.96 37.49 18.93
N SER E 39 40.81 38.48 18.71
CA SER E 39 40.34 39.85 18.47
C SER E 39 40.23 40.14 16.98
N PRO E 40 39.29 41.03 16.61
CA PRO E 40 38.98 41.34 15.21
C PRO E 40 40.25 41.75 14.46
N SER E 41 41.21 42.34 15.17
CA SER E 41 42.45 42.80 14.54
C SER E 41 43.27 41.66 14.00
N ARG E 42 43.06 40.45 14.52
CA ARG E 42 43.78 39.25 14.04
C ARG E 42 43.11 38.61 12.82
N ILE E 43 42.00 39.17 12.38
CA ILE E 43 41.16 38.55 11.34
C ILE E 43 41.20 39.43 10.13
N LYS E 44 41.35 38.80 8.95
CA LYS E 44 41.17 39.46 7.67
C LYS E 44 40.21 38.68 6.75
N THR E 45 39.49 39.39 5.91
CA THR E 45 38.74 38.79 4.82
C THR E 45 38.84 39.68 3.56
N ALA E 46 38.53 39.12 2.39
CA ALA E 46 38.54 39.86 1.14
C ALA E 46 37.17 39.89 0.50
N ILE E 47 36.77 41.05 0.00
CA ILE E 47 35.47 41.22 -0.65
C ILE E 47 35.74 42.05 -1.88
N HIS E 48 35.06 41.72 -2.98
CA HIS E 48 35.23 42.49 -4.23
C HIS E 48 33.95 43.24 -4.60
N SER E 49 32.87 42.49 -4.78
CA SER E 49 31.68 43.06 -5.41
C SER E 49 30.87 43.82 -4.37
N ASN E 50 30.84 43.30 -3.16
CA ASN E 50 29.71 43.54 -2.26
C ASN E 50 30.00 44.56 -1.15
N PRO E 51 29.37 45.74 -1.20
CA PRO E 51 29.51 46.68 -0.07
C PRO E 51 28.74 46.23 1.19
N ALA E 52 27.68 45.44 1.02
CA ALA E 52 26.85 44.94 2.14
C ALA E 52 27.60 43.90 3.00
N ARG E 53 28.32 42.98 2.34
CA ARG E 53 29.14 41.97 3.03
C ARG E 53 30.31 42.65 3.70
N ARG E 54 30.87 43.64 3.03
CA ARG E 54 31.87 44.48 3.66
C ARG E 54 31.39 45.09 4.99
N THR E 55 30.16 45.58 5.03
CA THR E 55 29.61 46.18 6.24
C THR E 55 29.53 45.17 7.34
N ALA E 56 28.98 44.00 7.04
CA ALA E 56 28.84 42.93 8.02
C ALA E 56 30.17 42.63 8.76
N PHE E 57 31.29 42.61 8.03
CA PHE E 57 32.62 42.30 8.64
C PHE E 57 33.23 43.50 9.33
N GLU E 58 33.16 44.65 8.66
CA GLU E 58 33.66 45.88 9.23
C GLU E 58 32.93 46.20 10.53
N SER E 59 31.62 45.99 10.55
CA SER E 59 30.80 46.32 11.72
C SER E 59 31.15 45.53 12.97
N ILE E 60 31.93 44.47 12.82
CA ILE E 60 32.42 43.74 14.00
C ILE E 60 33.92 43.91 14.18
N GLY E 61 34.49 44.82 13.42
CA GLY E 61 35.86 45.27 13.68
C GLY E 61 36.91 44.56 12.86
N ILE E 62 36.47 43.87 11.82
CA ILE E 62 37.39 43.10 11.00
C ILE E 62 37.78 43.87 9.76
N THR E 63 39.07 43.87 9.48
CA THR E 63 39.58 44.56 8.27
C THR E 63 39.33 43.77 6.97
N VAL E 64 38.68 44.44 6.03
CA VAL E 64 38.40 43.90 4.72
C VAL E 64 39.44 44.39 3.71
N LEU E 65 40.19 43.46 3.14
CA LEU E 65 41.20 43.78 2.13
C LEU E 65 40.58 43.52 0.78
N SER E 66 41.25 43.95 -0.26
CA SER E 66 40.64 43.94 -1.59
C SER E 66 41.07 42.75 -2.44
N SER E 67 42.06 41.98 -1.97
CA SER E 67 42.51 40.80 -2.71
C SER E 67 42.71 39.60 -1.81
N ASN E 68 42.41 38.45 -2.38
CA ASN E 68 42.59 37.17 -1.71
C ASN E 68 44.06 36.94 -1.37
N ASP E 69 44.93 37.38 -2.27
CA ASP E 69 46.38 37.23 -2.14
C ASP E 69 46.87 37.80 -0.84
N ASP E 70 46.40 38.98 -0.52
CA ASP E 70 46.89 39.67 0.69
C ASP E 70 46.31 39.09 1.96
N VAL E 71 45.04 38.69 1.92
CA VAL E 71 44.46 37.92 3.02
C VAL E 71 45.37 36.71 3.36
N VAL E 72 45.75 35.97 2.34
CA VAL E 72 46.59 34.79 2.55
C VAL E 72 47.99 35.13 3.12
N ARG E 73 48.68 36.06 2.46
CA ARG E 73 50.01 36.53 2.92
C ARG E 73 50.03 36.82 4.42
N ASP E 74 49.07 37.62 4.87
CA ASP E 74 48.98 38.07 6.28
C ASP E 74 48.34 37.06 7.26
N SER E 75 47.98 35.87 6.80
CA SER E 75 47.29 34.88 7.67
C SER E 75 48.10 33.58 7.91
N ASN E 76 48.16 33.15 9.15
CA ASN E 76 48.65 31.81 9.52
C ASN E 76 47.63 30.69 9.21
N VAL E 77 46.36 31.01 9.34
CA VAL E 77 45.25 30.04 9.17
C VAL E 77 44.27 30.62 8.16
N VAL E 78 43.96 29.85 7.13
CA VAL E 78 43.11 30.32 6.03
C VAL E 78 41.90 29.40 5.92
N VAL E 79 40.73 30.01 6.01
CA VAL E 79 39.46 29.30 5.88
C VAL E 79 38.81 29.62 4.53
N PHE E 80 38.61 28.58 3.72
CA PHE E 80 37.94 28.68 2.47
C PHE E 80 36.47 28.36 2.61
N SER E 81 35.62 29.34 2.33
CA SER E 81 34.16 29.16 2.39
C SER E 81 33.50 29.64 1.12
N VAL E 82 34.22 29.64 0.02
CA VAL E 82 33.55 29.95 -1.27
C VAL E 82 32.61 28.84 -1.70
N LYS E 83 31.74 29.15 -2.65
CA LYS E 83 30.88 28.15 -3.22
C LYS E 83 31.73 27.00 -3.74
N PRO E 84 31.31 25.76 -3.51
CA PRO E 84 32.14 24.59 -3.84
C PRO E 84 32.68 24.59 -5.29
N GLN E 85 31.83 24.93 -6.26
CA GLN E 85 32.21 24.91 -7.68
C GLN E 85 33.30 25.92 -8.00
N LEU E 86 33.48 26.92 -7.16
CA LEU E 86 34.49 27.96 -7.38
C LEU E 86 35.80 27.66 -6.68
N LEU E 87 35.76 26.70 -5.77
CA LEU E 87 36.91 26.50 -4.87
C LEU E 87 38.20 26.11 -5.57
N LYS E 88 38.08 25.20 -6.52
CA LYS E 88 39.26 24.68 -7.21
C LYS E 88 40.05 25.82 -7.84
N ASP E 89 39.36 26.66 -8.59
CA ASP E 89 40.04 27.74 -9.29
C ASP E 89 40.61 28.73 -8.30
N VAL E 90 39.87 29.02 -7.23
CA VAL E 90 40.39 29.96 -6.21
C VAL E 90 41.68 29.41 -5.62
N VAL E 91 41.72 28.13 -5.32
CA VAL E 91 42.91 27.56 -4.69
C VAL E 91 44.08 27.57 -5.64
N LEU E 92 43.85 27.17 -6.87
CA LEU E 92 44.92 27.14 -7.90
C LEU E 92 45.55 28.52 -8.15
N LYS E 93 44.70 29.54 -8.19
CA LYS E 93 45.13 30.93 -8.29
C LYS E 93 46.05 31.33 -7.11
N LEU E 94 45.71 30.92 -5.90
CA LEU E 94 46.48 31.31 -4.71
C LEU E 94 47.68 30.43 -4.44
N LYS E 95 47.81 29.35 -5.19
CA LYS E 95 48.73 28.26 -4.81
C LYS E 95 50.16 28.66 -4.40
N PRO E 96 50.80 29.58 -5.15
CA PRO E 96 52.18 29.96 -4.76
C PRO E 96 52.28 30.50 -3.34
N LEU E 97 51.22 31.18 -2.88
CA LEU E 97 51.17 31.75 -1.51
C LEU E 97 50.79 30.75 -0.40
N LEU E 98 50.36 29.56 -0.79
CA LEU E 98 49.87 28.58 0.18
C LEU E 98 51.04 27.73 0.68
N THR E 99 51.93 28.37 1.39
CA THR E 99 53.10 27.66 1.90
C THR E 99 52.75 26.78 3.09
N LYS E 100 53.57 25.76 3.34
CA LYS E 100 53.32 24.75 4.38
C LYS E 100 53.19 25.24 5.83
N ASP E 101 53.69 26.43 6.11
CA ASP E 101 53.58 27.01 7.45
C ASP E 101 52.17 27.54 7.70
N LYS E 102 51.35 27.62 6.64
CA LYS E 102 49.94 28.09 6.76
C LYS E 102 48.95 26.87 6.78
N LEU E 103 48.20 26.78 7.87
CA LEU E 103 47.11 25.77 8.02
C LEU E 103 45.89 26.21 7.19
N LEU E 104 45.48 25.33 6.29
CA LEU E 104 44.36 25.59 5.46
C LEU E 104 43.12 24.81 5.92
N VAL E 105 41.97 25.43 5.74
CA VAL E 105 40.71 24.85 6.21
C VAL E 105 39.64 25.04 5.13
N SER E 106 38.87 23.98 4.86
CA SER E 106 37.78 24.08 3.88
C SER E 106 36.49 23.73 4.55
N VAL E 107 35.50 24.57 4.40
CA VAL E 107 34.18 24.26 4.79
C VAL E 107 33.28 23.89 3.61
N ALA E 108 33.86 23.75 2.42
CA ALA E 108 33.08 23.52 1.23
C ALA E 108 32.41 22.17 1.24
N ALA E 109 31.11 22.15 0.99
CA ALA E 109 30.39 20.88 0.87
C ALA E 109 30.94 20.06 -0.37
N GLY E 110 31.09 18.75 -0.19
CA GLY E 110 31.32 17.81 -1.28
C GLY E 110 32.76 17.75 -1.82
N ILE E 111 33.64 18.62 -1.36
CA ILE E 111 35.05 18.60 -1.82
C ILE E 111 35.95 17.78 -0.86
N LYS E 112 36.39 16.66 -1.38
CA LYS E 112 37.18 15.66 -0.67
C LYS E 112 38.59 16.12 -0.35
N MET E 113 39.14 15.56 0.72
CA MET E 113 40.46 15.96 1.24
C MET E 113 41.53 15.72 0.17
N LYS E 114 41.47 14.60 -0.47
CA LYS E 114 42.41 14.23 -1.54
C LYS E 114 42.54 15.38 -2.53
N ASP E 115 41.41 15.95 -2.93
CA ASP E 115 41.37 17.02 -3.91
C ASP E 115 41.90 18.28 -3.36
N LEU E 116 41.50 18.61 -2.12
CA LEU E 116 42.01 19.82 -1.49
C LEU E 116 43.51 19.83 -1.49
N GLN E 117 44.07 18.73 -1.07
CA GLN E 117 45.50 18.60 -0.93
C GLN E 117 46.21 18.69 -2.29
N GLU E 118 45.64 18.08 -3.31
CA GLU E 118 46.22 18.18 -4.65
C GLU E 118 46.17 19.61 -5.13
N TRP E 119 45.06 20.31 -4.91
CA TRP E 119 44.97 21.67 -5.43
C TRP E 119 45.99 22.58 -4.74
N ALA E 120 46.09 22.45 -3.42
CA ALA E 120 47.00 23.24 -2.65
C ALA E 120 48.48 22.85 -2.78
N GLY E 121 48.75 21.62 -3.10
CA GLY E 121 50.09 21.13 -3.28
C GLY E 121 50.72 20.68 -1.98
N HIS E 122 49.95 20.67 -0.91
CA HIS E 122 50.43 20.09 0.35
C HIS E 122 49.28 19.53 1.17
N GLU E 123 49.60 18.95 2.33
CA GLU E 123 48.69 18.16 3.12
C GLU E 123 48.34 18.75 4.48
N ARG E 124 48.72 19.99 4.68
CA ARG E 124 48.34 20.70 5.91
C ARG E 124 47.00 21.42 5.75
N PHE E 125 45.96 20.59 5.75
CA PHE E 125 44.64 20.97 5.35
C PHE E 125 43.67 20.27 6.31
N ILE E 126 42.64 20.99 6.73
CA ILE E 126 41.58 20.43 7.52
C ILE E 126 40.25 20.77 6.86
N ARG E 127 39.38 19.79 6.90
CA ARG E 127 38.06 19.90 6.22
C ARG E 127 37.07 19.86 7.32
N VAL E 128 36.20 20.84 7.27
CA VAL E 128 35.09 20.95 8.22
C VAL E 128 33.78 21.03 7.42
N MET E 129 32.83 20.18 7.81
N MET E 129 32.83 20.20 7.83
CA MET E 129 31.51 20.23 7.24
CA MET E 129 31.52 20.19 7.23
C MET E 129 30.54 20.64 8.36
C MET E 129 30.51 20.60 8.32
N PRO E 130 30.12 21.87 8.32
CA PRO E 130 29.16 22.32 9.33
C PRO E 130 27.76 22.09 8.73
N ASN E 131 26.72 22.56 9.37
CA ASN E 131 25.38 22.61 8.80
C ASN E 131 24.72 23.94 9.15
N THR E 132 23.49 24.09 8.74
CA THR E 132 22.80 25.41 8.75
C THR E 132 22.56 25.99 10.12
N ALA E 133 22.62 25.17 11.18
CA ALA E 133 22.40 25.68 12.53
C ALA E 133 23.58 26.39 13.15
N ALA E 134 24.67 26.49 12.40
CA ALA E 134 25.71 27.48 12.75
C ALA E 134 25.18 28.89 13.05
N THR E 135 24.16 29.34 12.31
CA THR E 135 23.54 30.62 12.53
C THR E 135 23.10 30.83 13.98
N VAL E 136 22.67 29.79 14.71
CA VAL E 136 22.26 29.98 16.09
C VAL E 136 23.18 29.23 17.00
N GLY E 137 24.40 28.99 16.56
CA GLY E 137 25.39 28.36 17.43
C GLY E 137 25.08 26.91 17.80
N GLU E 138 24.29 26.23 17.01
CA GLU E 138 24.00 24.80 17.30
C GLU E 138 24.32 23.89 16.06
N ALA E 139 25.35 24.25 15.32
CA ALA E 139 25.77 23.42 14.20
C ALA E 139 26.19 22.02 14.65
N ALA E 140 25.96 21.04 13.77
CA ALA E 140 26.55 19.71 13.89
C ALA E 140 27.63 19.64 12.84
N SER E 141 28.88 19.64 13.28
CA SER E 141 30.00 19.76 12.40
C SER E 141 30.81 18.52 12.53
N VAL E 142 31.44 18.15 11.43
CA VAL E 142 32.52 17.16 11.50
C VAL E 142 33.81 17.64 10.79
N MET E 143 34.94 17.21 11.30
CA MET E 143 36.24 17.57 10.75
C MET E 143 37.04 16.34 10.36
N SER E 144 37.68 16.42 9.20
CA SER E 144 38.69 15.43 8.84
C SER E 144 40.05 16.16 8.65
N LEU E 145 41.12 15.41 8.87
CA LEU E 145 42.49 15.94 8.84
C LEU E 145 43.23 15.48 7.61
N GLY E 146 43.87 16.41 6.93
CA GLY E 146 44.84 16.08 5.89
C GLY E 146 46.05 15.37 6.46
N GLY E 147 46.82 14.76 5.59
CA GLY E 147 47.95 13.91 5.99
C GLY E 147 49.06 14.60 6.79
N ALA E 148 49.16 15.93 6.65
CA ALA E 148 50.13 16.70 7.42
C ALA E 148 49.53 17.58 8.50
N ALA E 149 48.23 17.51 8.70
CA ALA E 149 47.60 18.26 9.79
C ALA E 149 47.91 17.63 11.15
N THR E 150 48.29 18.47 12.10
CA THR E 150 48.74 17.93 13.41
C THR E 150 47.63 17.90 14.39
N GLU E 151 47.83 17.21 15.50
CA GLU E 151 46.88 17.27 16.60
C GLU E 151 46.62 18.71 17.10
N GLU E 152 47.68 19.50 17.14
CA GLU E 152 47.60 20.87 17.58
C GLU E 152 46.83 21.71 16.58
N ASP E 153 47.01 21.40 15.29
CA ASP E 153 46.20 22.04 14.23
C ASP E 153 44.69 21.74 14.49
N ALA E 154 44.42 20.47 14.76
CA ALA E 154 43.08 20.00 15.03
C ALA E 154 42.47 20.74 16.19
N ASN E 155 43.22 20.86 17.28
CA ASN E 155 42.69 21.53 18.44
C ASN E 155 42.47 23.00 18.19
N LEU E 156 43.35 23.61 17.43
CA LEU E 156 43.18 25.00 17.10
C LEU E 156 41.85 25.20 16.38
N ILE E 157 41.57 24.31 15.46
CA ILE E 157 40.30 24.36 14.72
C ILE E 157 39.08 23.99 15.59
N SER E 158 39.17 22.93 16.38
CA SER E 158 38.06 22.59 17.30
C SER E 158 37.71 23.88 18.08
N GLN E 159 38.72 24.63 18.54
CA GLN E 159 38.51 25.80 19.41
C GLN E 159 37.96 26.99 18.61
N LEU E 160 38.51 27.19 17.42
CA LEU E 160 37.98 28.23 16.55
C LEU E 160 36.50 28.15 16.23
N PHE E 161 36.11 26.93 15.93
CA PHE E 161 34.78 26.62 15.46
C PHE E 161 33.80 26.45 16.60
N GLY E 162 34.32 26.22 17.80
CA GLY E 162 33.49 25.66 18.93
C GLY E 162 32.34 26.62 19.20
N SER E 163 32.49 27.87 18.77
CA SER E 163 31.47 28.92 18.91
C SER E 163 30.22 28.69 18.10
N ILE E 164 30.33 27.87 17.04
CA ILE E 164 29.17 27.73 16.23
C ILE E 164 28.41 26.41 16.46
N GLY E 165 28.81 25.55 17.41
CA GLY E 165 28.02 24.37 17.72
C GLY E 165 28.94 23.29 18.23
N LYS E 166 28.67 22.04 17.84
CA LYS E 166 29.45 20.91 18.29
C LYS E 166 30.23 20.41 17.11
N ILE E 167 31.33 19.76 17.42
CA ILE E 167 32.22 19.28 16.42
C ILE E 167 32.76 17.91 16.80
N TRP E 168 32.69 16.99 15.85
CA TRP E 168 33.23 15.64 15.95
C TRP E 168 34.25 15.37 14.81
N LYS E 169 35.14 14.42 15.07
CA LYS E 169 36.19 14.08 14.13
C LYS E 169 35.73 12.85 13.37
N ALA E 170 35.95 12.81 12.06
CA ALA E 170 35.62 11.63 11.30
C ALA E 170 36.47 11.52 10.07
N ASP E 171 36.65 10.29 9.60
CA ASP E 171 37.41 10.07 8.39
C ASP E 171 36.67 10.75 7.26
N ASP E 172 37.44 11.29 6.35
CA ASP E 172 36.92 11.89 5.10
C ASP E 172 35.97 11.00 4.32
N LYS E 173 36.24 9.71 4.31
CA LYS E 173 35.38 8.82 3.58
C LYS E 173 33.90 8.82 4.10
N TYR E 174 33.63 9.27 5.32
CA TYR E 174 32.28 9.29 5.80
C TYR E 174 31.49 10.54 5.34
N PHE E 175 32.13 11.51 4.70
CA PHE E 175 31.49 12.80 4.51
C PHE E 175 30.24 12.87 3.56
N ASP E 176 30.15 12.05 2.53
CA ASP E 176 28.87 11.89 1.77
C ASP E 176 27.68 11.48 2.60
N ALA E 177 27.92 10.50 3.43
CA ALA E 177 26.90 10.06 4.33
C ALA E 177 26.57 11.14 5.40
N ILE E 178 27.60 11.81 5.91
CA ILE E 178 27.38 12.82 6.91
C ILE E 178 26.48 13.89 6.25
N THR E 179 26.68 14.16 4.97
CA THR E 179 25.93 15.21 4.29
C THR E 179 24.45 14.85 4.30
N GLY E 180 24.18 13.57 4.12
CA GLY E 180 22.78 13.08 4.09
C GLY E 180 22.10 13.11 5.44
N LEU E 181 22.87 13.15 6.50
CA LEU E 181 22.37 13.15 7.90
C LEU E 181 22.39 14.57 8.51
N SER E 182 23.58 15.12 8.79
CA SER E 182 23.65 16.43 9.48
C SER E 182 23.54 17.58 8.52
N GLY E 183 23.92 17.39 7.28
CA GLY E 183 23.81 18.45 6.26
C GLY E 183 22.40 18.66 5.80
N SER E 184 21.74 17.55 5.48
CA SER E 184 20.39 17.58 4.94
C SER E 184 19.34 17.38 5.95
N GLY E 185 19.69 16.77 7.09
CA GLY E 185 18.71 16.52 8.14
C GLY E 185 17.88 17.69 8.65
N PRO E 186 18.41 18.88 8.72
CA PRO E 186 17.52 19.97 9.19
C PRO E 186 16.25 20.10 8.39
N ALA E 187 16.29 19.88 7.09
CA ALA E 187 15.06 20.03 6.32
C ALA E 187 14.00 18.98 6.66
N TYR E 188 14.46 17.77 7.08
CA TYR E 188 13.57 16.73 7.48
C TYR E 188 12.86 17.17 8.74
N ILE E 189 13.57 17.88 9.59
CA ILE E 189 12.98 18.36 10.80
C ILE E 189 12.07 19.54 10.60
N TYR E 190 12.34 20.37 9.61
CA TYR E 190 11.47 21.48 9.31
C TYR E 190 10.14 20.95 8.81
N LEU E 191 10.17 19.93 7.98
CA LEU E 191 8.92 19.22 7.60
C LEU E 191 8.19 18.64 8.83
N ALA E 192 8.95 18.06 9.72
CA ALA E 192 8.38 17.45 10.88
C ALA E 192 7.70 18.49 11.75
N ILE E 193 8.36 19.61 11.93
CA ILE E 193 7.77 20.70 12.76
C ILE E 193 6.47 21.21 12.14
N GLU E 194 6.46 21.40 10.82
CA GLU E 194 5.26 21.90 10.18
C GLU E 194 4.15 20.88 10.30
N ALA E 195 4.52 19.62 10.15
CA ALA E 195 3.51 18.54 10.19
C ALA E 195 2.97 18.39 11.57
N LEU E 196 3.83 18.54 12.56
CA LEU E 196 3.32 18.50 13.95
C LEU E 196 2.36 19.63 14.25
N ALA E 197 2.72 20.83 13.79
CA ALA E 197 1.81 21.96 13.91
C ALA E 197 0.49 21.72 13.18
N ASP E 198 0.55 21.26 11.95
CA ASP E 198 -0.63 20.97 11.20
C ASP E 198 -1.50 19.91 11.95
N GLY E 199 -0.84 18.92 12.52
CA GLY E 199 -1.51 17.94 13.33
C GLY E 199 -2.23 18.56 14.52
N GLY E 200 -1.57 19.49 15.17
CA GLY E 200 -2.21 20.11 16.36
C GLY E 200 -3.46 20.85 15.89
N VAL E 201 -3.36 21.57 14.78
CA VAL E 201 -4.48 22.33 14.24
C VAL E 201 -5.59 21.35 13.82
N ALA E 202 -5.18 20.21 13.30
CA ALA E 202 -6.16 19.19 12.93
C ALA E 202 -6.90 18.68 14.13
N ALA E 203 -6.25 18.65 15.27
CA ALA E 203 -6.89 18.27 16.52
C ALA E 203 -7.54 19.44 17.28
N GLY E 204 -7.62 20.61 16.71
CA GLY E 204 -8.39 21.69 17.29
C GLY E 204 -7.57 22.84 17.85
N LEU E 205 -6.22 22.77 17.79
CA LEU E 205 -5.41 23.85 18.31
C LEU E 205 -5.29 25.06 17.43
N PRO E 206 -5.19 26.24 18.05
CA PRO E 206 -4.83 27.43 17.26
C PRO E 206 -3.47 27.29 16.67
N ARG E 207 -3.33 27.84 15.48
CA ARG E 207 -2.14 27.75 14.71
C ARG E 207 -0.90 28.28 15.40
N ASP E 208 -0.98 29.47 15.98
N ASP E 208 -0.99 29.46 15.99
CA ASP E 208 0.24 30.03 16.57
CA ASP E 208 0.20 30.05 16.60
C ASP E 208 0.72 29.18 17.75
C ASP E 208 0.71 29.18 17.76
N LEU E 209 -0.22 28.74 18.58
CA LEU E 209 0.12 27.84 19.68
C LEU E 209 0.68 26.49 19.17
N ALA E 210 0.03 25.96 18.16
CA ALA E 210 0.48 24.68 17.59
C ALA E 210 1.91 24.74 17.08
N LEU E 211 2.23 25.81 16.36
CA LEU E 211 3.58 25.99 15.87
C LEU E 211 4.62 26.22 16.96
N SER E 212 4.30 27.09 17.91
CA SER E 212 5.15 27.32 19.06
C SER E 212 5.40 26.02 19.84
N LEU E 213 4.35 25.24 20.06
CA LEU E 213 4.53 23.95 20.78
C LEU E 213 5.35 22.95 19.99
N ALA E 214 5.12 22.89 18.67
CA ALA E 214 5.83 21.93 17.84
C ALA E 214 7.32 22.18 17.88
N SER E 215 7.72 23.43 17.66
CA SER E 215 9.14 23.78 17.69
C SER E 215 9.79 23.52 18.98
N GLN E 216 9.14 23.92 20.06
CA GLN E 216 9.76 23.74 21.35
C GLN E 216 9.71 22.29 21.81
N THR E 217 8.67 21.57 21.43
CA THR E 217 8.64 20.10 21.71
C THR E 217 9.80 19.35 21.03
N VAL E 218 10.07 19.70 19.79
CA VAL E 218 11.25 19.14 19.10
C VAL E 218 12.57 19.56 19.75
N LEU E 219 12.68 20.84 20.10
CA LEU E 219 13.87 21.32 20.78
C LEU E 219 14.10 20.59 22.10
N GLY E 220 13.04 20.51 22.89
CA GLY E 220 13.12 19.81 24.17
C GLY E 220 13.52 18.37 24.10
N ALA E 221 12.90 17.65 23.20
CA ALA E 221 13.29 16.25 22.99
C ALA E 221 14.73 16.00 22.60
N ALA E 222 15.21 16.81 21.66
CA ALA E 222 16.61 16.76 21.23
C ALA E 222 17.56 17.09 22.34
N SER E 223 17.18 18.06 23.15
CA SER E 223 17.99 18.41 24.33
C SER E 223 18.05 17.31 25.34
N MET E 224 16.93 16.60 25.52
CA MET E 224 16.93 15.42 26.34
C MET E 224 17.88 14.36 25.75
N ALA E 225 17.88 14.21 24.42
CA ALA E 225 18.71 13.21 23.83
C ALA E 225 20.20 13.61 23.94
N THR E 226 20.50 14.88 23.71
CA THR E 226 21.92 15.34 23.76
C THR E 226 22.51 15.33 25.16
N GLN E 227 21.69 15.67 26.17
CA GLN E 227 22.21 15.72 27.54
C GLN E 227 22.02 14.50 28.41
N SER E 228 21.02 13.66 28.16
CA SER E 228 20.65 12.63 29.15
C SER E 228 21.61 11.48 29.23
N GLY E 229 22.44 11.29 28.22
CA GLY E 229 23.22 10.06 28.11
C GLY E 229 22.38 8.76 27.85
N LYS E 230 21.09 8.89 27.52
CA LYS E 230 20.23 7.69 27.33
C LYS E 230 20.07 7.34 25.86
N HIS E 231 19.89 6.08 25.61
CA HIS E 231 19.54 5.66 24.27
C HIS E 231 18.13 6.20 23.95
N PRO E 232 17.86 6.53 22.69
CA PRO E 232 16.56 7.10 22.32
C PRO E 232 15.40 6.18 22.66
N GLY E 233 15.63 4.89 22.52
CA GLY E 233 14.66 3.87 22.95
C GLY E 233 14.29 3.91 24.42
N GLN E 234 15.26 4.23 25.25
N GLN E 234 15.26 4.23 25.24
CA GLN E 234 15.03 4.36 26.70
CA GLN E 234 15.07 4.37 26.68
C GLN E 234 14.26 5.64 26.94
C GLN E 234 14.27 5.64 26.93
N LEU E 235 14.61 6.70 26.21
CA LEU E 235 13.86 7.96 26.38
C LEU E 235 12.35 7.76 25.96
N LYS E 236 12.15 7.06 24.88
CA LYS E 236 10.77 6.77 24.41
C LYS E 236 10.08 5.93 25.49
N ASP E 237 10.76 4.92 26.02
CA ASP E 237 10.15 4.10 27.08
C ASP E 237 9.81 4.94 28.31
N ASP E 238 10.63 5.91 28.67
CA ASP E 238 10.30 6.77 29.80
C ASP E 238 8.98 7.54 29.59
N VAL E 239 8.59 7.90 28.37
CA VAL E 239 7.38 8.73 28.20
C VAL E 239 6.16 7.96 27.74
N THR E 240 6.30 6.69 27.47
CA THR E 240 5.12 5.91 26.96
C THR E 240 4.38 5.22 28.13
N SER E 241 3.48 5.94 28.77
CA SER E 241 2.64 5.37 29.82
C SER E 241 1.72 4.28 29.31
N PRO E 242 1.38 3.32 30.14
CA PRO E 242 0.52 2.17 29.72
C PRO E 242 -0.79 2.63 29.15
N GLY E 243 -1.10 2.25 27.94
CA GLY E 243 -2.41 2.54 27.33
C GLY E 243 -2.65 4.00 27.16
N GLY E 244 -1.59 4.79 27.22
CA GLY E 244 -1.74 6.25 27.21
C GLY E 244 -1.70 6.90 25.82
N THR E 245 -1.66 8.23 25.84
CA THR E 245 -1.70 9.03 24.67
C THR E 245 -0.44 8.87 23.85
N THR E 246 0.71 8.79 24.52
CA THR E 246 1.96 8.71 23.80
C THR E 246 2.12 7.47 22.99
N ILE E 247 1.76 6.35 23.57
CA ILE E 247 1.86 5.08 22.89
C ILE E 247 0.86 4.98 21.76
N ALA E 248 -0.28 5.61 21.90
CA ALA E 248 -1.22 5.64 20.80
C ALA E 248 -0.62 6.37 19.61
N GLY E 249 0.06 7.49 19.88
CA GLY E 249 0.68 8.19 18.76
C GLY E 249 1.84 7.43 18.18
N VAL E 250 2.67 6.85 19.07
CA VAL E 250 3.75 6.05 18.57
C VAL E 250 3.31 4.89 17.71
N HIS E 251 2.24 4.22 18.15
CA HIS E 251 1.72 3.13 17.36
C HIS E 251 1.40 3.57 15.92
N GLU E 252 0.78 4.75 15.76
CA GLU E 252 0.48 5.23 14.37
C GLU E 252 1.76 5.41 13.57
N LEU E 253 2.80 5.93 14.22
CA LEU E 253 4.06 6.08 13.53
C LEU E 253 4.59 4.74 13.07
N GLU E 254 4.58 3.76 13.99
CA GLU E 254 5.07 2.46 13.61
C GLU E 254 4.20 1.78 12.53
N LYS E 255 2.87 1.89 12.59
CA LYS E 255 2.06 1.28 11.58
C LYS E 255 2.50 1.75 10.22
N ALA E 256 2.93 3.01 10.13
CA ALA E 256 3.23 3.59 8.84
C ALA E 256 4.67 3.46 8.44
N GLY E 257 5.46 2.85 9.25
CA GLY E 257 6.85 2.69 8.88
C GLY E 257 7.67 4.01 8.94
N PHE E 258 7.37 4.84 9.91
CA PHE E 258 7.98 6.14 10.10
C PHE E 258 9.50 6.10 10.20
N ARG E 259 10.01 5.15 10.98
CA ARG E 259 11.46 5.04 11.11
C ARG E 259 12.09 4.70 9.77
N GLY E 260 11.48 3.78 9.05
CA GLY E 260 12.02 3.37 7.70
C GLY E 260 12.04 4.49 6.65
N ILE E 261 11.10 5.41 6.79
CA ILE E 261 11.02 6.58 5.91
C ILE E 261 12.17 7.53 6.14
N LEU E 262 12.50 7.78 7.40
CA LEU E 262 13.63 8.64 7.73
C LEU E 262 14.94 7.98 7.38
N MET E 263 15.01 6.65 7.50
CA MET E 263 16.19 5.95 7.00
C MET E 263 16.30 6.18 5.48
N ASN E 264 15.22 6.01 4.77
CA ASN E 264 15.26 6.15 3.31
C ASN E 264 15.70 7.55 2.89
N ALA E 265 15.40 8.55 3.70
CA ALA E 265 15.76 9.90 3.32
C ALA E 265 17.25 10.09 3.45
N VAL E 266 17.78 9.61 4.57
CA VAL E 266 19.18 9.74 4.83
C VAL E 266 19.92 9.02 3.75
N VAL E 267 19.50 7.80 3.45
CA VAL E 267 20.22 7.02 2.42
C VAL E 267 20.14 7.66 1.04
N ALA E 268 18.99 8.20 0.68
CA ALA E 268 18.87 8.77 -0.66
C ALA E 268 19.70 10.04 -0.74
N ALA E 269 19.70 10.82 0.34
CA ALA E 269 20.51 12.03 0.34
C ALA E 269 22.01 11.72 0.28
N ALA E 270 22.45 10.69 0.99
CA ALA E 270 23.82 10.25 0.94
C ALA E 270 24.20 9.75 -0.48
N LYS E 271 23.32 9.00 -1.06
CA LYS E 271 23.51 8.56 -2.43
C LYS E 271 23.60 9.74 -3.43
N ARG E 272 22.76 10.75 -3.26
N ARG E 272 22.76 10.75 -3.26
CA ARG E 272 22.85 11.93 -4.11
CA ARG E 272 22.84 11.94 -4.12
C ARG E 272 24.16 12.68 -3.90
C ARG E 272 24.16 12.68 -3.90
N SER E 273 24.62 12.73 -2.66
CA SER E 273 25.88 13.39 -2.35
C SER E 273 27.01 12.71 -3.08
N GLN E 274 27.00 11.41 -3.05
CA GLN E 274 28.04 10.63 -3.74
C GLN E 274 27.96 10.85 -5.27
N GLU E 275 26.75 10.90 -5.81
CA GLU E 275 26.57 11.15 -7.24
C GLU E 275 27.04 12.53 -7.67
N LEU E 276 26.89 13.52 -6.81
CA LEU E 276 27.30 14.90 -7.14
C LEU E 276 28.81 14.97 -6.96
N SER E 277 29.35 13.82 -6.63
CA SER E 277 30.75 13.35 -6.89
C SER E 277 31.29 13.19 -5.50
N ILE F 6 -9.00 37.02 48.40
CA ILE F 6 -8.14 37.08 47.16
C ILE F 6 -7.17 38.28 47.25
N ILE F 7 -6.27 38.15 48.22
CA ILE F 7 -5.16 39.08 48.40
C ILE F 7 -4.11 38.67 47.37
N PRO F 8 -3.49 39.64 46.65
CA PRO F 8 -2.42 39.25 45.74
C PRO F 8 -1.30 38.49 46.44
N ILE F 9 -0.66 37.55 45.72
CA ILE F 9 0.47 36.77 46.25
C ILE F 9 1.73 37.66 46.20
N PRO F 10 2.49 37.74 47.31
CA PRO F 10 3.71 38.60 47.27
C PRO F 10 4.73 38.14 46.26
N ALA F 11 4.90 38.93 45.20
CA ALA F 11 5.70 38.50 44.03
C ALA F 11 7.13 38.06 44.34
N ASP F 12 7.75 38.70 45.34
CA ASP F 12 9.18 38.47 45.59
C ASP F 12 9.43 37.59 46.78
N SER F 13 8.40 37.35 47.55
CA SER F 13 8.62 36.72 48.86
C SER F 13 7.70 35.53 49.11
N TYR F 14 6.95 35.12 48.11
CA TYR F 14 5.97 34.04 48.36
C TYR F 14 6.66 32.72 48.65
N THR F 15 5.97 31.88 49.37
CA THR F 15 6.43 30.52 49.65
C THR F 15 5.69 29.54 48.83
N LEU F 16 6.41 28.52 48.38
CA LEU F 16 5.90 27.58 47.44
C LEU F 16 5.86 26.19 48.05
N GLY F 17 4.73 25.51 47.91
CA GLY F 17 4.54 24.21 48.49
C GLY F 17 4.30 23.20 47.40
N PHE F 18 5.03 22.09 47.44
CA PHE F 18 4.78 20.96 46.54
C PHE F 18 4.05 19.80 47.19
N ILE F 19 2.86 19.48 46.67
CA ILE F 19 2.09 18.31 47.11
C ILE F 19 2.26 17.29 46.02
N GLY F 20 3.03 16.28 46.32
CA GLY F 20 3.55 15.37 45.34
C GLY F 20 5.01 15.75 45.12
N ALA F 21 5.90 14.77 45.28
CA ALA F 21 7.34 15.01 45.30
C ALA F 21 8.04 14.20 44.19
N GLY F 22 7.35 14.00 43.07
CA GLY F 22 7.94 13.29 41.94
C GLY F 22 8.94 14.09 41.12
N LYS F 23 9.26 13.55 39.95
CA LYS F 23 10.25 14.14 39.04
C LYS F 23 9.87 15.59 38.68
N MET F 24 8.60 15.79 38.34
CA MET F 24 8.14 17.07 37.81
C MET F 24 8.26 18.14 38.87
N ALA F 25 7.87 17.80 40.10
CA ALA F 25 8.06 18.73 41.22
C ALA F 25 9.53 19.06 41.44
N GLU F 26 10.37 18.03 41.37
CA GLU F 26 11.81 18.20 41.55
C GLU F 26 12.34 19.11 40.45
N SER F 27 11.92 18.85 39.23
CA SER F 27 12.39 19.68 38.09
C SER F 27 11.98 21.14 38.27
N ILE F 28 10.73 21.36 38.65
CA ILE F 28 10.29 22.75 38.91
C ILE F 28 11.11 23.38 40.05
N ALA F 29 11.27 22.66 41.17
CA ALA F 29 12.00 23.23 42.32
C ALA F 29 13.45 23.56 41.93
N LYS F 30 14.14 22.63 41.22
CA LYS F 30 15.54 22.84 40.85
C LYS F 30 15.68 23.97 39.87
N GLY F 31 14.79 23.98 38.88
CA GLY F 31 14.76 25.09 37.95
C GLY F 31 14.55 26.45 38.63
N ALA F 32 13.59 26.51 39.54
CA ALA F 32 13.23 27.80 40.14
C ALA F 32 14.41 28.35 41.00
N VAL F 33 15.09 27.42 41.66
CA VAL F 33 16.26 27.75 42.46
C VAL F 33 17.43 28.15 41.57
N ARG F 34 17.82 27.27 40.64
CA ARG F 34 18.89 27.60 39.68
C ARG F 34 18.74 29.01 39.09
N SER F 35 17.55 29.33 38.59
CA SER F 35 17.32 30.65 37.96
C SER F 35 17.10 31.81 38.94
N GLY F 36 17.05 31.52 40.23
CA GLY F 36 16.86 32.56 41.25
C GLY F 36 15.45 33.11 41.43
N VAL F 37 14.45 32.44 40.86
CA VAL F 37 13.06 32.86 41.10
C VAL F 37 12.71 32.65 42.55
N LEU F 38 13.34 31.63 43.13
CA LEU F 38 13.10 31.22 44.51
C LEU F 38 14.41 30.83 45.18
N SER F 39 14.45 30.93 46.48
CA SER F 39 15.50 30.27 47.25
C SER F 39 14.90 29.01 47.88
N PRO F 40 15.72 27.97 48.10
CA PRO F 40 15.24 26.75 48.77
C PRO F 40 14.49 26.93 50.09
N SER F 41 14.84 27.95 50.86
CA SER F 41 14.19 28.19 52.15
C SER F 41 12.72 28.58 51.97
N ARG F 42 12.38 29.03 50.77
CA ARG F 42 11.01 29.43 50.45
C ARG F 42 10.18 28.27 49.87
N ILE F 43 10.79 27.09 49.78
CA ILE F 43 10.13 25.93 49.23
C ILE F 43 9.96 24.84 50.26
N LYS F 44 8.78 24.22 50.28
CA LYS F 44 8.47 23.11 51.14
C LYS F 44 7.84 22.00 50.33
N THR F 45 8.11 20.77 50.74
CA THR F 45 7.38 19.63 50.20
C THR F 45 7.12 18.60 51.32
N ALA F 46 6.22 17.67 51.08
CA ALA F 46 5.94 16.59 52.04
C ALA F 46 6.22 15.22 51.44
N ILE F 47 6.81 14.35 52.22
CA ILE F 47 7.09 12.98 51.80
C ILE F 47 6.75 12.08 52.97
N HIS F 48 6.17 10.92 52.69
CA HIS F 48 5.82 9.95 53.76
C HIS F 48 6.69 8.69 53.65
N SER F 49 6.59 8.02 52.52
CA SER F 49 7.10 6.66 52.39
C SER F 49 8.60 6.71 52.14
N ASN F 50 9.00 7.68 51.35
CA ASN F 50 10.24 7.56 50.63
C ASN F 50 11.44 8.32 51.21
N PRO F 51 12.47 7.62 51.73
CA PRO F 51 13.70 8.32 52.09
C PRO F 51 14.53 8.82 50.87
N ALA F 52 14.41 8.17 49.71
CA ALA F 52 15.14 8.56 48.50
C ALA F 52 14.68 9.91 47.89
N ARG F 53 13.37 10.08 47.83
CA ARG F 53 12.77 11.32 47.38
C ARG F 53 13.11 12.43 48.35
N ARG F 54 13.04 12.11 49.63
CA ARG F 54 13.48 13.06 50.65
C ARG F 54 14.89 13.57 50.40
N THR F 55 15.79 12.68 49.99
CA THR F 55 17.17 13.06 49.74
C THR F 55 17.23 14.05 48.60
N ALA F 56 16.54 13.73 47.51
CA ALA F 56 16.55 14.57 46.33
C ALA F 56 16.20 16.04 46.67
N PHE F 57 15.20 16.23 47.54
CA PHE F 57 14.78 17.60 47.91
C PHE F 57 15.71 18.25 48.96
N GLU F 58 16.07 17.47 49.97
CA GLU F 58 16.98 17.95 51.00
C GLU F 58 18.30 18.31 50.38
N SER F 59 18.78 17.52 49.43
CA SER F 59 20.09 17.77 48.80
C SER F 59 20.20 19.06 48.00
N ILE F 60 19.08 19.71 47.72
CA ILE F 60 19.13 21.04 47.11
C ILE F 60 18.71 22.14 48.07
N GLY F 61 18.58 21.79 49.35
CA GLY F 61 18.32 22.76 50.41
C GLY F 61 16.87 23.01 50.78
N ILE F 62 15.98 22.11 50.37
CA ILE F 62 14.55 22.29 50.59
C ILE F 62 14.12 21.48 51.78
N THR F 63 13.35 22.12 52.66
CA THR F 63 12.81 21.44 53.83
C THR F 63 11.63 20.51 53.51
N VAL F 64 11.78 19.26 53.90
CA VAL F 64 10.77 18.25 53.76
C VAL F 64 9.98 18.08 55.06
N LEU F 65 8.69 18.35 55.00
CA LEU F 65 7.80 18.21 56.15
C LEU F 65 7.08 16.88 56.03
N SER F 66 6.40 16.48 57.09
CA SER F 66 5.90 15.11 57.16
C SER F 66 4.42 15.00 56.83
N SER F 67 3.74 16.14 56.69
CA SER F 67 2.34 16.15 56.29
C SER F 67 2.05 17.19 55.20
N ASN F 68 1.12 16.81 54.35
CA ASN F 68 0.60 17.69 53.33
C ASN F 68 -0.05 18.95 53.92
N ASP F 69 -0.72 18.76 55.05
CA ASP F 69 -1.38 19.83 55.78
C ASP F 69 -0.44 21.00 56.07
N ASP F 70 0.74 20.69 56.59
CA ASP F 70 1.67 21.73 57.00
C ASP F 70 2.35 22.42 55.82
N VAL F 71 2.62 21.65 54.76
CA VAL F 71 3.06 22.24 53.50
C VAL F 71 2.08 23.34 53.05
N VAL F 72 0.80 23.00 53.04
CA VAL F 72 -0.24 23.95 52.65
C VAL F 72 -0.31 25.18 53.56
N ARG F 73 -0.40 24.96 54.88
CA ARG F 73 -0.41 26.06 55.87
C ARG F 73 0.68 27.08 55.62
N ASP F 74 1.92 26.60 55.44
CA ASP F 74 3.13 27.47 55.26
C ASP F 74 3.37 27.97 53.82
N SER F 75 2.45 27.67 52.91
CA SER F 75 2.63 28.04 51.50
C SER F 75 1.58 29.04 50.97
N ASN F 76 2.05 30.06 50.29
CA ASN F 76 1.19 30.97 49.50
C ASN F 76 0.69 30.32 48.19
N VAL F 77 1.54 29.50 47.60
CA VAL F 77 1.31 28.89 46.26
C VAL F 77 1.53 27.41 46.43
N VAL F 78 0.51 26.62 46.06
CA VAL F 78 0.56 25.16 46.23
C VAL F 78 0.48 24.48 44.87
N VAL F 79 1.48 23.66 44.56
CA VAL F 79 1.56 22.91 43.30
C VAL F 79 1.27 21.44 43.58
N PHE F 80 0.17 20.94 42.98
CA PHE F 80 -0.23 19.55 43.04
C PHE F 80 0.34 18.76 41.87
N SER F 81 1.22 17.80 42.18
CA SER F 81 1.81 16.95 41.15
C SER F 81 1.65 15.45 41.48
N VAL F 82 0.66 15.10 42.27
CA VAL F 82 0.42 13.69 42.53
C VAL F 82 -0.16 13.03 41.29
N LYS F 83 -0.12 11.71 41.28
CA LYS F 83 -0.65 10.95 40.17
C LYS F 83 -2.11 11.40 39.99
N PRO F 84 -2.56 11.58 38.75
CA PRO F 84 -3.90 12.11 38.50
C PRO F 84 -5.04 11.41 39.25
N GLN F 85 -5.03 10.08 39.28
CA GLN F 85 -6.10 9.28 39.94
C GLN F 85 -6.17 9.52 41.43
N LEU F 86 -5.09 10.04 42.03
CA LEU F 86 -5.05 10.30 43.49
C LEU F 86 -5.44 11.71 43.85
N LEU F 87 -5.48 12.58 42.85
CA LEU F 87 -5.54 14.02 43.11
C LEU F 87 -6.82 14.43 43.80
N LYS F 88 -7.92 13.87 43.33
CA LYS F 88 -9.21 14.23 43.87
C LYS F 88 -9.23 14.03 45.39
N ASP F 89 -8.84 12.84 45.83
CA ASP F 89 -8.86 12.54 47.28
C ASP F 89 -7.89 13.43 48.06
N VAL F 90 -6.72 13.69 47.47
CA VAL F 90 -5.75 14.55 48.13
C VAL F 90 -6.32 15.96 48.30
N VAL F 91 -6.97 16.48 47.26
CA VAL F 91 -7.53 17.83 47.37
C VAL F 91 -8.64 17.87 48.42
N LEU F 92 -9.55 16.91 48.37
CA LEU F 92 -10.71 16.87 49.29
C LEU F 92 -10.25 16.81 50.74
N LYS F 93 -9.25 15.98 51.01
CA LYS F 93 -8.60 15.89 52.35
C LYS F 93 -8.08 17.26 52.83
N LEU F 94 -7.45 18.02 51.93
CA LEU F 94 -6.82 19.29 52.31
C LEU F 94 -7.78 20.45 52.29
N LYS F 95 -9.01 20.22 51.84
CA LYS F 95 -9.92 21.32 51.51
C LYS F 95 -10.06 22.48 52.55
N PRO F 96 -10.26 22.15 53.85
CA PRO F 96 -10.42 23.21 54.85
C PRO F 96 -9.25 24.19 54.92
N LEU F 97 -8.03 23.70 54.63
CA LEU F 97 -6.81 24.55 54.56
C LEU F 97 -6.61 25.34 53.23
N LEU F 98 -7.40 25.01 52.21
CA LEU F 98 -7.22 25.65 50.88
C LEU F 98 -7.98 26.96 50.80
N THR F 99 -7.55 27.92 51.59
CA THR F 99 -8.25 29.19 51.69
C THR F 99 -7.92 30.05 50.47
N LYS F 100 -8.82 30.97 50.14
CA LYS F 100 -8.77 31.75 48.88
C LYS F 100 -7.54 32.66 48.72
N ASP F 101 -6.83 32.91 49.81
CA ASP F 101 -5.55 33.67 49.75
C ASP F 101 -4.37 32.82 49.24
N LYS F 102 -4.58 31.51 49.12
CA LYS F 102 -3.59 30.61 48.49
C LYS F 102 -3.92 30.28 47.01
N LEU F 103 -2.97 30.58 46.15
CA LEU F 103 -2.99 30.17 44.72
C LEU F 103 -2.63 28.72 44.51
N LEU F 104 -3.58 27.98 43.96
CA LEU F 104 -3.43 26.56 43.70
C LEU F 104 -3.07 26.28 42.23
N VAL F 105 -2.24 25.28 42.04
CA VAL F 105 -1.72 24.94 40.70
C VAL F 105 -1.75 23.43 40.55
N SER F 106 -2.25 22.94 39.43
CA SER F 106 -2.22 21.53 39.11
C SER F 106 -1.41 21.30 37.90
N VAL F 107 -0.48 20.35 37.98
CA VAL F 107 0.21 19.83 36.80
C VAL F 107 -0.25 18.42 36.42
N ALA F 108 -1.33 17.94 37.02
CA ALA F 108 -1.86 16.62 36.76
C ALA F 108 -2.41 16.47 35.35
N ALA F 109 -1.94 15.45 34.65
CA ALA F 109 -2.40 15.21 33.28
C ALA F 109 -3.89 14.87 33.31
N GLY F 110 -4.64 15.43 32.38
CA GLY F 110 -6.03 15.03 32.12
C GLY F 110 -7.08 15.62 33.07
N ILE F 111 -6.71 16.33 34.13
CA ILE F 111 -7.71 16.84 35.08
C ILE F 111 -8.11 18.27 34.75
N LYS F 112 -9.36 18.40 34.33
CA LYS F 112 -9.94 19.65 33.87
C LYS F 112 -10.09 20.67 34.97
N MET F 113 -10.07 21.93 34.56
CA MET F 113 -10.21 23.07 35.47
C MET F 113 -11.52 22.99 36.24
N LYS F 114 -12.59 22.69 35.54
CA LYS F 114 -13.93 22.57 36.18
C LYS F 114 -13.91 21.69 37.42
N ASP F 115 -13.24 20.55 37.30
CA ASP F 115 -13.11 19.58 38.38
C ASP F 115 -12.20 20.05 39.50
N LEU F 116 -11.06 20.63 39.12
CA LEU F 116 -10.13 21.17 40.12
C LEU F 116 -10.82 22.18 41.03
N GLN F 117 -11.54 23.08 40.42
CA GLN F 117 -12.30 24.11 41.14
C GLN F 117 -13.38 23.55 42.07
N GLU F 118 -14.11 22.54 41.58
CA GLU F 118 -15.14 21.89 42.41
C GLU F 118 -14.53 21.19 43.59
N TRP F 119 -13.42 20.49 43.39
CA TRP F 119 -12.77 19.80 44.51
C TRP F 119 -12.26 20.76 45.58
N ALA F 120 -11.62 21.83 45.14
CA ALA F 120 -11.05 22.82 46.07
C ALA F 120 -12.10 23.72 46.69
N GLY F 121 -13.23 23.90 46.01
CA GLY F 121 -14.29 24.78 46.48
C GLY F 121 -14.09 26.24 46.17
N HIS F 122 -13.07 26.57 45.39
CA HIS F 122 -12.94 27.92 44.89
C HIS F 122 -12.27 27.89 43.50
N GLU F 123 -12.09 29.06 42.91
CA GLU F 123 -11.68 29.21 41.53
C GLU F 123 -10.31 29.89 41.37
N ARG F 124 -9.58 30.03 42.46
CA ARG F 124 -8.21 30.53 42.41
C ARG F 124 -7.25 29.37 42.18
N PHE F 125 -7.27 28.92 40.93
CA PHE F 125 -6.60 27.69 40.50
C PHE F 125 -6.02 27.96 39.14
N ILE F 126 -4.81 27.46 38.92
CA ILE F 126 -4.20 27.45 37.60
C ILE F 126 -3.79 26.01 37.25
N ARG F 127 -4.00 25.67 35.97
CA ARG F 127 -3.64 24.38 35.45
C ARG F 127 -2.52 24.56 34.49
N VAL F 128 -1.51 23.71 34.67
CA VAL F 128 -0.33 23.69 33.82
C VAL F 128 -0.11 22.28 33.32
N MET F 129 0.16 22.18 32.03
N MET F 129 0.16 22.19 32.04
CA MET F 129 0.57 20.95 31.39
CA MET F 129 0.57 20.97 31.41
C MET F 129 1.99 21.15 30.86
C MET F 129 1.99 21.15 30.86
N PRO F 130 2.99 20.76 31.64
CA PRO F 130 4.37 20.73 31.11
C PRO F 130 4.62 19.42 30.29
N ASN F 131 5.85 19.18 29.85
CA ASN F 131 6.21 17.95 29.23
C ASN F 131 7.58 17.48 29.76
N THR F 132 8.06 16.38 29.27
CA THR F 132 9.20 15.64 29.84
C THR F 132 10.54 16.41 29.78
N ALA F 133 10.64 17.42 28.92
CA ALA F 133 11.86 18.16 28.80
C ALA F 133 12.08 19.19 29.90
N ALA F 134 11.12 19.31 30.81
CA ALA F 134 11.35 20.01 32.08
C ALA F 134 12.69 19.60 32.72
N THR F 135 13.03 18.33 32.65
CA THR F 135 14.27 17.81 33.18
C THR F 135 15.49 18.58 32.72
N VAL F 136 15.54 19.06 31.48
CA VAL F 136 16.70 19.82 31.01
C VAL F 136 16.36 21.26 30.80
N GLY F 137 15.31 21.74 31.45
CA GLY F 137 14.90 23.13 31.28
C GLY F 137 14.42 23.52 29.89
N GLU F 138 13.91 22.58 29.12
CA GLU F 138 13.36 22.93 27.79
C GLU F 138 11.92 22.39 27.62
N ALA F 139 11.16 22.41 28.69
CA ALA F 139 9.76 22.05 28.59
C ALA F 139 9.00 22.94 27.64
N ALA F 140 7.98 22.36 27.05
CA ALA F 140 6.91 23.10 26.41
C ALA F 140 5.67 22.96 27.32
N SER F 141 5.27 24.06 27.97
CA SER F 141 4.22 24.08 28.90
C SER F 141 3.08 24.98 28.45
N VAL F 142 1.86 24.61 28.84
CA VAL F 142 0.75 25.52 28.67
C VAL F 142 -0.03 25.66 29.95
N MET F 143 -0.61 26.83 30.14
CA MET F 143 -1.42 27.11 31.33
C MET F 143 -2.82 27.63 31.02
N SER F 144 -3.78 27.17 31.82
CA SER F 144 -5.15 27.70 31.75
C SER F 144 -5.53 28.20 33.16
N LEU F 145 -6.42 29.20 33.21
CA LEU F 145 -6.72 29.94 34.42
C LEU F 145 -8.07 29.60 34.89
N GLY F 146 -8.17 29.35 36.17
CA GLY F 146 -9.48 29.27 36.86
C GLY F 146 -10.18 30.61 36.88
N GLY F 147 -11.48 30.59 37.15
CA GLY F 147 -12.32 31.80 37.12
C GLY F 147 -11.95 32.91 38.08
N ALA F 148 -11.23 32.59 39.15
CA ALA F 148 -10.72 33.62 40.07
C ALA F 148 -9.20 33.84 40.03
N ALA F 149 -8.51 33.18 39.14
CA ALA F 149 -7.07 33.44 38.98
C ALA F 149 -6.81 34.80 38.32
N THR F 150 -5.93 35.60 38.90
CA THR F 150 -5.72 36.97 38.43
C THR F 150 -4.58 37.03 37.44
N GLU F 151 -4.45 38.17 36.75
CA GLU F 151 -3.34 38.37 35.82
C GLU F 151 -2.00 38.24 36.52
N GLU F 152 -1.96 38.71 37.74
CA GLU F 152 -0.76 38.65 38.59
C GLU F 152 -0.44 37.23 39.03
N ASP F 153 -1.48 36.44 39.29
CA ASP F 153 -1.33 35.01 39.55
C ASP F 153 -0.69 34.31 38.29
N ALA F 154 -1.26 34.62 37.11
CA ALA F 154 -0.77 34.10 35.86
C ALA F 154 0.68 34.44 35.65
N ASN F 155 1.04 35.71 35.86
CA ASN F 155 2.45 36.09 35.70
C ASN F 155 3.38 35.40 36.67
N LEU F 156 2.90 35.22 37.90
CA LEU F 156 3.72 34.52 38.87
C LEU F 156 4.04 33.10 38.33
N ILE F 157 3.02 32.44 37.84
CA ILE F 157 3.18 31.05 37.33
C ILE F 157 3.95 31.01 35.99
N SER F 158 3.76 32.00 35.12
CA SER F 158 4.63 32.15 33.92
C SER F 158 6.10 32.22 34.30
N GLN F 159 6.40 33.01 35.30
CA GLN F 159 7.80 33.14 35.76
C GLN F 159 8.34 31.83 36.36
N LEU F 160 7.48 31.16 37.15
CA LEU F 160 7.89 29.91 37.77
C LEU F 160 8.23 28.88 36.71
N PHE F 161 7.33 28.72 35.74
CA PHE F 161 7.44 27.64 34.74
C PHE F 161 8.32 28.06 33.57
N GLY F 162 8.58 29.38 33.45
CA GLY F 162 9.61 29.93 32.54
C GLY F 162 11.00 29.44 32.98
N SER F 163 11.12 28.99 34.22
CA SER F 163 12.39 28.45 34.73
C SER F 163 12.69 27.02 34.27
N ILE F 164 11.69 26.28 33.77
CA ILE F 164 11.89 24.90 33.25
C ILE F 164 11.68 24.77 31.73
N GLY F 165 11.51 25.89 31.06
CA GLY F 165 11.30 25.90 29.62
C GLY F 165 10.44 27.08 29.22
N LYS F 166 9.57 26.90 28.26
CA LYS F 166 8.74 27.96 27.75
C LYS F 166 7.33 27.65 28.25
N ILE F 167 6.51 28.69 28.30
CA ILE F 167 5.15 28.57 28.73
C ILE F 167 4.21 29.52 28.02
N TRP F 168 3.10 28.95 27.58
CA TRP F 168 2.07 29.69 26.85
C TRP F 168 0.73 29.56 27.57
N LYS F 169 -0.21 30.43 27.22
CA LYS F 169 -1.56 30.37 27.74
C LYS F 169 -2.52 29.78 26.76
N ALA F 170 -3.42 28.96 27.25
CA ALA F 170 -4.48 28.41 26.38
C ALA F 170 -5.73 28.01 27.15
N ASP F 171 -6.89 28.01 26.48
CA ASP F 171 -8.14 27.64 27.11
C ASP F 171 -8.00 26.19 27.50
N ASP F 172 -8.58 25.86 28.64
CA ASP F 172 -8.69 24.51 29.11
C ASP F 172 -9.20 23.54 28.07
N LYS F 173 -10.10 23.96 27.20
CA LYS F 173 -10.64 23.02 26.23
C LYS F 173 -9.59 22.51 25.19
N TYR F 174 -8.43 23.14 25.07
CA TYR F 174 -7.43 22.70 24.14
C TYR F 174 -6.52 21.61 24.73
N PHE F 175 -6.66 21.32 26.00
CA PHE F 175 -5.64 20.48 26.67
C PHE F 175 -5.49 19.01 26.16
N ASP F 176 -6.53 18.41 25.64
CA ASP F 176 -6.40 17.08 25.00
C ASP F 176 -5.53 17.07 23.81
N ALA F 177 -5.76 18.03 22.98
CA ALA F 177 -4.96 18.20 21.82
C ALA F 177 -3.48 18.60 22.17
N ILE F 178 -3.31 19.46 23.15
CA ILE F 178 -1.98 19.86 23.54
C ILE F 178 -1.23 18.57 24.03
N THR F 179 -1.94 17.66 24.67
CA THR F 179 -1.36 16.43 25.17
C THR F 179 -0.79 15.58 24.03
N GLY F 180 -1.52 15.58 22.93
CA GLY F 180 -1.12 14.82 21.76
C GLY F 180 0.06 15.40 21.04
N LEU F 181 0.30 16.69 21.21
CA LEU F 181 1.39 17.43 20.57
C LEU F 181 2.61 17.60 21.49
N SER F 182 2.51 18.41 22.53
CA SER F 182 3.66 18.72 23.36
C SER F 182 3.85 17.66 24.41
N GLY F 183 2.79 17.03 24.84
CA GLY F 183 2.92 15.97 25.84
C GLY F 183 3.55 14.70 25.30
N SER F 184 3.06 14.31 24.15
CA SER F 184 3.44 13.07 23.53
C SER F 184 4.49 13.21 22.50
N GLY F 185 4.57 14.37 21.89
CA GLY F 185 5.50 14.62 20.81
C GLY F 185 6.95 14.27 21.06
N PRO F 186 7.41 14.34 22.29
CA PRO F 186 8.83 13.95 22.44
C PRO F 186 9.12 12.57 21.98
N ALA F 187 8.20 11.66 22.20
CA ALA F 187 8.49 10.28 21.83
C ALA F 187 8.57 10.12 20.30
N TYR F 188 7.82 10.94 19.56
CA TYR F 188 7.88 10.92 18.11
C TYR F 188 9.25 11.34 17.69
N ILE F 189 9.82 12.29 18.44
CA ILE F 189 11.19 12.76 18.13
C ILE F 189 12.28 11.83 18.55
N TYR F 190 12.06 11.09 19.64
CA TYR F 190 13.02 10.06 19.99
C TYR F 190 13.09 8.96 18.92
N LEU F 191 11.93 8.55 18.36
CA LEU F 191 11.93 7.65 17.23
C LEU F 191 12.67 8.24 16.08
N ALA F 192 12.35 9.47 15.76
CA ALA F 192 13.00 10.13 14.63
C ALA F 192 14.54 10.14 14.80
N ILE F 193 15.00 10.46 15.99
CA ILE F 193 16.48 10.52 16.22
C ILE F 193 17.10 9.13 16.05
N GLU F 194 16.44 8.08 16.53
CA GLU F 194 16.96 6.74 16.40
C GLU F 194 16.99 6.36 14.91
N ALA F 195 15.93 6.70 14.19
CA ALA F 195 15.82 6.33 12.80
C ALA F 195 16.85 7.08 12.01
N LEU F 196 17.08 8.36 12.32
CA LEU F 196 18.13 9.07 11.61
C LEU F 196 19.51 8.44 11.84
N ALA F 197 19.80 8.09 13.09
CA ALA F 197 21.01 7.40 13.37
C ALA F 197 21.12 6.06 12.58
N ASP F 198 20.06 5.28 12.58
CA ASP F 198 20.00 4.04 11.90
C ASP F 198 20.27 4.30 10.39
N GLY F 199 19.66 5.38 9.89
CA GLY F 199 19.89 5.77 8.50
C GLY F 199 21.33 6.10 8.22
N GLY F 200 21.97 6.80 9.14
CA GLY F 200 23.38 7.14 8.96
C GLY F 200 24.22 5.87 8.90
N VAL F 201 23.95 4.94 9.80
CA VAL F 201 24.69 3.66 9.84
C VAL F 201 24.43 2.90 8.53
N ALA F 202 23.20 3.00 8.02
CA ALA F 202 22.85 2.27 6.81
C ALA F 202 23.62 2.88 5.66
N ALA F 203 23.90 4.16 5.69
CA ALA F 203 24.77 4.81 4.72
C ALA F 203 26.25 4.71 4.99
N GLY F 204 26.66 3.97 6.01
CA GLY F 204 28.10 3.75 6.20
C GLY F 204 28.74 4.42 7.42
N LEU F 205 27.98 5.21 8.18
CA LEU F 205 28.52 5.86 9.33
C LEU F 205 28.71 4.97 10.55
N PRO F 206 29.77 5.22 11.31
CA PRO F 206 29.84 4.64 12.66
C PRO F 206 28.66 5.08 13.54
N ARG F 207 28.24 4.14 14.38
CA ARG F 207 27.08 4.30 15.22
C ARG F 207 27.17 5.48 16.17
N ASP F 208 28.29 5.63 16.87
N ASP F 208 28.30 5.63 16.87
CA ASP F 208 28.36 6.70 17.85
CA ASP F 208 28.41 6.70 17.85
C ASP F 208 28.25 8.06 17.16
C ASP F 208 28.28 8.06 17.17
N LEU F 209 28.95 8.21 16.04
CA LEU F 209 28.89 9.46 15.26
C LEU F 209 27.51 9.71 14.70
N ALA F 210 26.89 8.63 14.21
CA ALA F 210 25.54 8.74 13.68
C ALA F 210 24.56 9.24 14.69
N LEU F 211 24.60 8.68 15.89
CA LEU F 211 23.72 9.10 16.93
C LEU F 211 23.96 10.49 17.44
N SER F 212 25.25 10.83 17.65
CA SER F 212 25.62 12.20 17.99
C SER F 212 25.12 13.19 16.97
N LEU F 213 25.35 12.92 15.69
CA LEU F 213 24.95 13.84 14.71
C LEU F 213 23.44 13.97 14.57
N ALA F 214 22.73 12.84 14.75
CA ALA F 214 21.29 12.86 14.68
C ALA F 214 20.69 13.75 15.75
N SER F 215 21.10 13.52 17.01
CA SER F 215 20.60 14.34 18.10
C SER F 215 20.89 15.81 17.92
N GLN F 216 22.13 16.14 17.60
CA GLN F 216 22.47 17.54 17.47
C GLN F 216 21.86 18.20 16.22
N THR F 217 21.71 17.42 15.14
CA THR F 217 21.02 17.94 13.97
C THR F 217 19.59 18.33 14.26
N VAL F 218 18.90 17.46 14.99
CA VAL F 218 17.53 17.76 15.38
C VAL F 218 17.48 18.96 16.32
N LEU F 219 18.39 18.99 17.28
CA LEU F 219 18.48 20.17 18.22
C LEU F 219 18.72 21.48 17.46
N GLY F 220 19.68 21.43 16.54
CA GLY F 220 19.98 22.58 15.70
C GLY F 220 18.81 23.08 14.85
N ALA F 221 18.13 22.18 14.21
CA ALA F 221 16.97 22.58 13.39
C ALA F 221 15.89 23.20 14.18
N ALA F 222 15.59 22.59 15.35
CA ALA F 222 14.58 23.16 16.23
C ALA F 222 14.93 24.52 16.76
N SER F 223 16.17 24.70 17.12
CA SER F 223 16.66 26.04 17.49
C SER F 223 16.56 27.08 16.38
N MET F 224 16.83 26.69 15.14
CA MET F 224 16.60 27.56 14.03
C MET F 224 15.12 27.92 13.96
N ALA F 225 14.25 26.95 14.21
CA ALA F 225 12.86 27.23 14.10
C ALA F 225 12.40 28.19 15.22
N THR F 226 12.90 27.94 16.42
CA THR F 226 12.45 28.69 17.57
C THR F 226 12.97 30.12 17.49
N GLN F 227 14.19 30.33 16.98
CA GLN F 227 14.80 31.64 17.00
C GLN F 227 14.67 32.46 15.73
N SER F 228 14.48 31.82 14.57
CA SER F 228 14.62 32.55 13.33
C SER F 228 13.45 33.49 13.02
N GLY F 229 12.32 33.27 13.65
CA GLY F 229 11.11 33.94 13.23
C GLY F 229 10.59 33.54 11.83
N LYS F 230 11.12 32.47 11.25
CA LYS F 230 10.67 32.07 9.92
C LYS F 230 9.62 30.94 9.96
N HIS F 231 8.77 30.91 8.94
CA HIS F 231 7.89 29.76 8.77
C HIS F 231 8.75 28.51 8.42
N PRO F 232 8.34 27.34 8.87
CA PRO F 232 9.09 26.12 8.61
C PRO F 232 9.29 25.82 7.12
N GLY F 233 8.30 26.18 6.31
CA GLY F 233 8.43 26.13 4.84
C GLY F 233 9.52 26.98 4.26
N GLN F 234 9.72 28.13 4.87
N GLN F 234 9.73 28.12 4.86
CA GLN F 234 10.79 29.05 4.44
CA GLN F 234 10.75 29.07 4.45
C GLN F 234 12.11 28.47 4.89
C GLN F 234 12.10 28.50 4.91
N LEU F 235 12.17 27.90 6.09
CA LEU F 235 13.43 27.27 6.54
C LEU F 235 13.82 26.08 5.64
N LYS F 236 12.83 25.28 5.25
CA LYS F 236 13.07 24.20 4.32
C LYS F 236 13.55 24.75 2.96
N ASP F 237 12.94 25.85 2.52
CA ASP F 237 13.40 26.48 1.26
C ASP F 237 14.83 26.98 1.36
N ASP F 238 15.22 27.49 2.50
CA ASP F 238 16.61 27.96 2.71
C ASP F 238 17.64 26.84 2.58
N VAL F 239 17.30 25.56 2.86
CA VAL F 239 18.33 24.53 2.82
C VAL F 239 18.24 23.61 1.63
N THR F 240 17.19 23.79 0.81
CA THR F 240 17.00 22.92 -0.32
C THR F 240 17.59 23.44 -1.64
N SER F 241 18.91 23.24 -1.81
CA SER F 241 19.59 23.68 -3.02
C SER F 241 19.08 22.96 -4.23
N PRO F 242 19.02 23.62 -5.38
CA PRO F 242 18.53 22.99 -6.61
C PRO F 242 19.22 21.67 -6.92
N GLY F 243 18.46 20.61 -7.11
CA GLY F 243 19.01 19.30 -7.49
C GLY F 243 20.02 18.74 -6.50
N GLY F 244 20.01 19.28 -5.29
CA GLY F 244 20.99 18.88 -4.28
C GLY F 244 20.54 17.68 -3.38
N THR F 245 21.37 17.40 -2.38
CA THR F 245 21.22 16.30 -1.46
C THR F 245 19.96 16.47 -0.59
N THR F 246 19.73 17.67 -0.13
CA THR F 246 18.61 17.93 0.75
C THR F 246 17.27 17.70 0.10
N ILE F 247 17.10 18.24 -1.09
CA ILE F 247 15.83 18.06 -1.81
C ILE F 247 15.63 16.60 -2.20
N ALA F 248 16.70 15.89 -2.52
CA ALA F 248 16.55 14.46 -2.72
C ALA F 248 15.98 13.74 -1.46
N GLY F 249 16.53 14.05 -0.31
CA GLY F 249 15.99 13.46 0.94
C GLY F 249 14.56 13.91 1.21
N VAL F 250 14.29 15.18 1.05
CA VAL F 250 12.93 15.67 1.21
C VAL F 250 11.95 15.03 0.29
N HIS F 251 12.35 14.84 -0.97
CA HIS F 251 11.49 14.15 -1.89
C HIS F 251 11.09 12.76 -1.36
N GLU F 252 12.05 11.99 -0.81
CA GLU F 252 11.67 10.67 -0.30
C GLU F 252 10.68 10.78 0.80
N LEU F 253 10.85 11.78 1.64
CA LEU F 253 9.88 11.98 2.72
C LEU F 253 8.51 12.22 2.16
N GLU F 254 8.44 13.10 1.20
CA GLU F 254 7.13 13.40 0.58
C GLU F 254 6.54 12.23 -0.15
N LYS F 255 7.36 11.44 -0.86
CA LYS F 255 6.81 10.29 -1.53
C LYS F 255 6.07 9.41 -0.56
N ALA F 256 6.62 9.29 0.63
CA ALA F 256 6.04 8.37 1.59
C ALA F 256 4.95 9.00 2.46
N GLY F 257 4.63 10.26 2.25
CA GLY F 257 3.58 10.89 3.07
C GLY F 257 3.98 11.16 4.55
N PHE F 258 5.23 11.48 4.76
CA PHE F 258 5.82 11.74 6.07
C PHE F 258 5.05 12.74 6.91
N ARG F 259 4.69 13.88 6.31
CA ARG F 259 3.94 14.86 7.01
C ARG F 259 2.63 14.32 7.51
N GLY F 260 1.93 13.61 6.67
CA GLY F 260 0.64 12.97 7.05
C GLY F 260 0.74 12.01 8.23
N ILE F 261 1.89 11.33 8.32
CA ILE F 261 2.09 10.31 9.33
C ILE F 261 2.23 11.00 10.72
N LEU F 262 2.88 12.14 10.73
CA LEU F 262 3.05 12.86 11.95
C LEU F 262 1.73 13.54 12.36
N MET F 263 0.97 13.95 11.37
CA MET F 263 -0.36 14.43 11.64
C MET F 263 -1.21 13.34 12.24
N ASN F 264 -1.16 12.18 11.68
CA ASN F 264 -1.93 11.07 12.27
C ASN F 264 -1.56 10.77 13.66
N ALA F 265 -0.26 10.87 13.98
CA ALA F 265 0.12 10.58 15.36
C ALA F 265 -0.49 11.56 16.35
N VAL F 266 -0.39 12.86 16.00
CA VAL F 266 -0.90 13.88 16.84
C VAL F 266 -2.40 13.67 17.05
N VAL F 267 -3.10 13.48 15.97
CA VAL F 267 -4.54 13.25 16.06
C VAL F 267 -4.91 12.03 16.87
N ALA F 268 -4.19 10.94 16.73
CA ALA F 268 -4.57 9.76 17.48
C ALA F 268 -4.28 9.94 18.93
N ALA F 269 -3.17 10.57 19.24
CA ALA F 269 -2.85 10.82 20.61
C ALA F 269 -3.85 11.75 21.28
N ALA F 270 -4.25 12.81 20.58
CA ALA F 270 -5.31 13.73 21.08
C ALA F 270 -6.62 13.01 21.29
N LYS F 271 -6.92 12.16 20.39
CA LYS F 271 -8.13 11.36 20.55
C LYS F 271 -8.06 10.41 21.78
N ARG F 272 -6.91 9.79 21.99
N ARG F 272 -6.91 9.79 21.99
CA ARG F 272 -6.75 8.95 23.15
CA ARG F 272 -6.74 8.94 23.15
C ARG F 272 -6.88 9.76 24.44
C ARG F 272 -6.87 9.75 24.45
N SER F 273 -6.35 10.97 24.43
CA SER F 273 -6.39 11.83 25.58
C SER F 273 -7.83 12.14 25.93
N GLN F 274 -8.61 12.42 24.92
CA GLN F 274 -10.01 12.67 25.13
C GLN F 274 -10.72 11.44 25.70
N GLU F 275 -10.39 10.27 25.19
CA GLU F 275 -11.02 9.05 25.64
C GLU F 275 -10.66 8.73 27.05
N LEU F 276 -9.48 9.11 27.50
CA LEU F 276 -9.07 8.84 28.87
C LEU F 276 -9.68 9.90 29.76
N SER F 277 -10.50 10.71 29.10
CA SER F 277 -11.66 11.45 29.61
C SER F 277 -11.23 12.87 29.45
N PRO G 10 15.51 50.88 -30.07
CA PRO G 10 14.61 51.06 -31.21
C PRO G 10 13.25 50.84 -30.60
N ALA G 11 13.27 51.21 -29.34
CA ALA G 11 12.32 50.74 -28.36
C ALA G 11 10.86 51.08 -28.68
N ASP G 12 10.61 52.23 -29.31
CA ASP G 12 9.24 52.69 -29.53
C ASP G 12 8.75 52.52 -30.95
N SER G 13 9.65 52.19 -31.86
CA SER G 13 9.29 52.18 -33.27
C SER G 13 9.67 50.91 -34.00
N TYR G 14 10.12 49.89 -33.28
CA TYR G 14 10.60 48.69 -33.97
C TYR G 14 9.48 47.99 -34.70
N THR G 15 9.84 47.30 -35.78
CA THR G 15 8.91 46.41 -36.47
C THR G 15 9.17 44.95 -36.08
N LEU G 16 8.06 44.22 -35.96
CA LEU G 16 8.11 42.85 -35.50
C LEU G 16 7.64 41.90 -36.60
N GLY G 17 8.40 40.82 -36.82
CA GLY G 17 8.11 39.84 -37.85
C GLY G 17 7.89 38.48 -37.28
N PHE G 18 6.77 37.86 -37.66
CA PHE G 18 6.48 36.49 -37.22
C PHE G 18 6.75 35.49 -38.31
N ILE G 19 7.70 34.58 -38.05
CA ILE G 19 7.90 33.45 -38.91
C ILE G 19 7.25 32.25 -38.26
N GLY G 20 6.15 31.80 -38.86
CA GLY G 20 5.28 30.84 -38.22
C GLY G 20 4.09 31.67 -37.76
N ALA G 21 2.90 31.25 -38.20
CA ALA G 21 1.68 32.02 -37.95
C ALA G 21 0.65 31.20 -37.16
N GLY G 22 1.14 30.33 -36.26
CA GLY G 22 0.29 29.51 -35.42
C GLY G 22 -0.32 30.28 -34.26
N LYS G 23 -0.89 29.49 -33.34
CA LYS G 23 -1.66 30.01 -32.20
C LYS G 23 -0.80 30.91 -31.34
N MET G 24 0.43 30.48 -31.10
CA MET G 24 1.34 31.21 -30.21
C MET G 24 1.68 32.59 -30.79
N ALA G 25 2.01 32.63 -32.08
CA ALA G 25 2.28 33.90 -32.75
C ALA G 25 1.06 34.84 -32.70
N GLU G 26 -0.11 34.26 -32.95
CA GLU G 26 -1.35 35.01 -32.89
C GLU G 26 -1.51 35.58 -31.49
N SER G 27 -1.31 34.73 -30.49
CA SER G 27 -1.47 35.18 -29.09
C SER G 27 -0.53 36.34 -28.80
N ILE G 28 0.73 36.19 -29.20
CA ILE G 28 1.69 37.26 -28.95
C ILE G 28 1.25 38.57 -29.68
N ALA G 29 0.90 38.43 -30.96
CA ALA G 29 0.50 39.59 -31.74
C ALA G 29 -0.73 40.30 -31.10
N LYS G 30 -1.76 39.52 -30.78
CA LYS G 30 -2.97 40.09 -30.20
C LYS G 30 -2.68 40.73 -28.85
N GLY G 31 -1.94 40.00 -28.01
CA GLY G 31 -1.54 40.58 -26.73
C GLY G 31 -0.76 41.89 -26.88
N ALA G 32 0.18 41.92 -27.83
CA ALA G 32 1.01 43.12 -27.92
C ALA G 32 0.18 44.35 -28.37
N VAL G 33 -0.74 44.10 -29.28
CA VAL G 33 -1.64 45.13 -29.79
C VAL G 33 -2.59 45.58 -28.68
N ARG G 34 -3.35 44.63 -28.11
CA ARG G 34 -4.27 44.97 -27.01
C ARG G 34 -3.60 45.89 -25.98
N SER G 35 -2.41 45.53 -25.53
CA SER G 35 -1.73 46.28 -24.46
C SER G 35 -1.00 47.54 -24.96
N GLY G 36 -1.01 47.77 -26.27
CA GLY G 36 -0.38 48.96 -26.82
C GLY G 36 1.12 48.94 -26.92
N VAL G 37 1.74 47.77 -26.79
CA VAL G 37 3.20 47.68 -26.99
C VAL G 37 3.52 47.98 -28.46
N LEU G 38 2.60 47.57 -29.33
CA LEU G 38 2.74 47.62 -30.77
C LEU G 38 1.43 48.05 -31.41
N SER G 39 1.52 48.64 -32.59
CA SER G 39 0.34 48.79 -33.43
C SER G 39 0.43 47.75 -34.54
N PRO G 40 -0.72 47.27 -35.05
CA PRO G 40 -0.74 46.25 -36.13
C PRO G 40 0.10 46.60 -37.36
N SER G 41 0.23 47.88 -37.66
CA SER G 41 1.00 48.31 -38.83
C SER G 41 2.48 48.03 -38.65
N ARG G 42 2.92 47.85 -37.39
CA ARG G 42 4.33 47.52 -37.11
C ARG G 42 4.61 46.02 -37.07
N ILE G 43 3.59 45.23 -37.39
CA ILE G 43 3.71 43.79 -37.37
C ILE G 43 3.51 43.21 -38.78
N LYS G 44 4.36 42.24 -39.13
CA LYS G 44 4.23 41.45 -40.35
C LYS G 44 4.34 39.95 -40.07
N THR G 45 3.65 39.15 -40.87
CA THR G 45 3.79 37.70 -40.87
C THR G 45 3.67 37.13 -42.30
N ALA G 46 4.08 35.87 -42.53
CA ALA G 46 3.93 35.13 -43.84
C ALA G 46 2.45 35.22 -44.31
N ALA G 52 -6.82 30.89 -44.23
CA ALA G 52 -7.52 31.03 -42.93
C ALA G 52 -6.70 31.77 -41.89
N ARG G 53 -5.43 31.41 -41.77
CA ARG G 53 -4.52 32.06 -40.80
C ARG G 53 -4.37 33.54 -41.18
N ARG G 54 -4.36 33.83 -42.49
CA ARG G 54 -4.41 35.25 -42.94
C ARG G 54 -5.60 35.94 -42.33
N THR G 55 -6.75 35.25 -42.24
CA THR G 55 -7.94 35.92 -41.72
C THR G 55 -7.70 36.28 -40.28
N ALA G 56 -7.22 35.32 -39.48
CA ALA G 56 -6.90 35.57 -38.07
C ALA G 56 -5.98 36.79 -37.87
N PHE G 57 -4.94 36.92 -38.70
CA PHE G 57 -3.97 38.05 -38.62
C PHE G 57 -4.51 39.33 -39.27
N GLU G 58 -5.09 39.19 -40.46
CA GLU G 58 -5.70 40.31 -41.14
C GLU G 58 -6.81 40.90 -40.27
N SER G 59 -7.63 40.07 -39.64
CA SER G 59 -8.79 40.54 -38.83
C SER G 59 -8.39 41.38 -37.61
N ILE G 60 -7.12 41.39 -37.25
CA ILE G 60 -6.65 42.30 -36.21
C ILE G 60 -5.74 43.39 -36.75
N GLY G 61 -5.69 43.51 -38.07
CA GLY G 61 -5.06 44.65 -38.73
C GLY G 61 -3.62 44.45 -39.14
N ILE G 62 -3.18 43.20 -39.16
CA ILE G 62 -1.78 42.89 -39.47
C ILE G 62 -1.66 42.51 -40.93
N THR G 63 -0.66 43.07 -41.58
CA THR G 63 -0.34 42.70 -42.96
C THR G 63 0.36 41.35 -43.11
N VAL G 64 -0.27 40.49 -43.92
CA VAL G 64 0.27 39.19 -44.26
C VAL G 64 1.01 39.27 -45.59
N LEU G 65 2.31 39.01 -45.56
CA LEU G 65 3.12 38.94 -46.78
C LEU G 65 3.21 37.48 -47.24
N SER G 66 3.71 37.28 -48.45
CA SER G 66 3.65 35.95 -49.07
C SER G 66 4.96 35.17 -48.97
N SER G 67 6.02 35.82 -48.50
CA SER G 67 7.30 35.12 -48.24
C SER G 67 7.92 35.47 -46.89
N ASN G 68 8.59 34.47 -46.33
CA ASN G 68 9.35 34.64 -45.09
C ASN G 68 10.48 35.66 -45.25
N ASP G 69 11.08 35.65 -46.45
CA ASP G 69 12.17 36.56 -46.81
C ASP G 69 11.82 38.01 -46.57
N ASP G 70 10.64 38.41 -47.03
CA ASP G 70 10.21 39.81 -46.94
C ASP G 70 9.80 40.20 -45.51
N VAL G 71 9.17 39.29 -44.80
CA VAL G 71 8.91 39.48 -43.35
C VAL G 71 10.23 39.87 -42.64
N VAL G 72 11.28 39.09 -42.90
CA VAL G 72 12.57 39.32 -42.26
C VAL G 72 13.17 40.67 -42.66
N ARG G 73 13.25 40.92 -43.97
CA ARG G 73 13.77 42.20 -44.48
C ARG G 73 13.18 43.40 -43.76
N ASP G 74 11.85 43.42 -43.64
CA ASP G 74 11.10 44.55 -43.06
C ASP G 74 10.97 44.53 -41.51
N SER G 75 11.61 43.57 -40.85
CA SER G 75 11.51 43.45 -39.40
C SER G 75 12.85 43.69 -38.64
N ASN G 76 12.78 44.50 -37.59
CA ASN G 76 13.88 44.66 -36.61
C ASN G 76 14.01 43.45 -35.67
N VAL G 77 12.86 42.87 -35.35
CA VAL G 77 12.76 41.75 -34.40
C VAL G 77 12.01 40.64 -35.12
N VAL G 78 12.59 39.44 -35.12
CA VAL G 78 11.96 38.27 -35.76
C VAL G 78 11.67 37.17 -34.73
N VAL G 79 10.42 36.74 -34.66
CA VAL G 79 9.97 35.65 -33.79
C VAL G 79 9.68 34.40 -34.60
N PHE G 80 10.43 33.34 -34.33
CA PHE G 80 10.24 32.05 -34.92
C PHE G 80 9.35 31.20 -34.08
N SER G 81 8.20 30.86 -34.64
CA SER G 81 7.24 29.98 -33.95
C SER G 81 6.78 28.80 -34.81
N VAL G 82 7.61 28.39 -35.75
CA VAL G 82 7.29 27.16 -36.50
C VAL G 82 7.52 25.89 -35.64
N LYS G 83 6.96 24.77 -36.11
CA LYS G 83 7.08 23.51 -35.39
C LYS G 83 8.56 23.25 -35.23
N PRO G 84 8.98 22.77 -34.06
CA PRO G 84 10.40 22.63 -33.76
C PRO G 84 11.23 21.91 -34.84
N GLN G 85 10.74 20.80 -35.35
CA GLN G 85 11.50 19.97 -36.34
C GLN G 85 11.71 20.71 -37.65
N LEU G 86 10.86 21.69 -37.93
CA LEU G 86 10.95 22.47 -39.15
C LEU G 86 11.85 23.69 -39.01
N LEU G 87 12.15 24.04 -37.76
CA LEU G 87 12.82 25.30 -37.47
C LEU G 87 14.16 25.32 -38.11
N LYS G 88 14.87 24.21 -37.97
CA LYS G 88 16.21 24.10 -38.47
C LYS G 88 16.22 24.42 -39.95
N ASP G 89 15.36 23.75 -40.71
CA ASP G 89 15.31 23.98 -42.18
C ASP G 89 14.86 25.41 -42.52
N VAL G 90 13.89 25.92 -41.77
CA VAL G 90 13.53 27.34 -42.00
C VAL G 90 14.69 28.33 -41.74
N VAL G 91 15.43 28.15 -40.65
CA VAL G 91 16.53 29.09 -40.35
C VAL G 91 17.64 28.96 -41.40
N LEU G 92 17.98 27.72 -41.77
CA LEU G 92 19.03 27.46 -42.78
C LEU G 92 18.71 28.15 -44.10
N LYS G 93 17.45 28.02 -44.53
CA LYS G 93 16.95 28.71 -45.74
C LYS G 93 17.12 30.25 -45.65
N LEU G 94 16.81 30.84 -44.50
CA LEU G 94 16.75 32.33 -44.34
C LEU G 94 18.07 33.03 -43.94
N LYS G 95 19.11 32.23 -43.74
CA LYS G 95 20.36 32.71 -43.14
C LYS G 95 20.94 34.03 -43.65
N PRO G 96 21.05 34.19 -44.98
CA PRO G 96 21.68 35.41 -45.53
C PRO G 96 21.01 36.73 -45.07
N LEU G 97 19.71 36.69 -44.87
CA LEU G 97 18.93 37.87 -44.40
C LEU G 97 19.01 38.12 -42.88
N LEU G 98 19.54 37.17 -42.13
CA LEU G 98 19.55 37.28 -40.66
C LEU G 98 20.79 38.06 -40.21
N THR G 99 20.81 39.33 -40.54
CA THR G 99 21.95 40.18 -40.21
C THR G 99 21.93 40.57 -38.74
N LYS G 100 23.10 40.88 -38.17
CA LYS G 100 23.30 41.13 -36.72
C LYS G 100 22.52 42.32 -36.15
N ASP G 101 22.03 43.21 -37.00
CA ASP G 101 21.18 44.31 -36.56
C ASP G 101 19.74 43.86 -36.23
N LYS G 102 19.39 42.63 -36.61
CA LYS G 102 18.08 42.04 -36.29
C LYS G 102 18.13 41.09 -35.10
N LEU G 103 17.32 41.41 -34.09
CA LEU G 103 17.14 40.56 -32.90
C LEU G 103 16.24 39.37 -33.23
N LEU G 104 16.78 38.18 -33.04
CA LEU G 104 16.06 36.94 -33.30
C LEU G 104 15.52 36.30 -32.00
N VAL G 105 14.31 35.73 -32.09
CA VAL G 105 13.64 35.16 -30.95
C VAL G 105 13.07 33.81 -31.36
N SER G 106 13.30 32.82 -30.51
CA SER G 106 12.68 31.50 -30.75
C SER G 106 11.74 31.18 -29.63
N VAL G 107 10.53 30.76 -29.97
CA VAL G 107 9.63 30.14 -28.98
C VAL G 107 9.48 28.64 -29.19
N ALA G 108 10.33 28.05 -30.02
CA ALA G 108 10.26 26.62 -30.28
C ALA G 108 10.62 25.75 -29.07
N ALA G 109 9.74 24.80 -28.75
CA ALA G 109 10.00 23.88 -27.67
C ALA G 109 11.24 23.02 -27.97
N GLY G 110 12.10 22.83 -26.97
CA GLY G 110 13.21 21.86 -27.06
C GLY G 110 14.43 22.28 -27.86
N ILE G 111 14.41 23.42 -28.52
CA ILE G 111 15.58 23.86 -29.26
C ILE G 111 16.48 24.79 -28.44
N LYS G 112 17.66 24.26 -28.13
CA LYS G 112 18.68 24.93 -27.31
C LYS G 112 19.25 26.18 -27.96
N MET G 113 19.71 27.10 -27.13
CA MET G 113 20.38 28.32 -27.59
C MET G 113 21.59 28.04 -28.46
N LYS G 114 22.44 27.10 -28.03
CA LYS G 114 23.65 26.73 -28.78
C LYS G 114 23.35 26.45 -30.26
N ASP G 115 22.28 25.68 -30.50
CA ASP G 115 21.84 25.32 -31.84
C ASP G 115 21.25 26.49 -32.60
N LEU G 116 20.40 27.28 -31.94
CA LEU G 116 19.81 28.47 -32.59
C LEU G 116 20.91 29.37 -33.14
N GLN G 117 21.92 29.63 -32.31
CA GLN G 117 23.04 30.49 -32.68
C GLN G 117 23.87 29.92 -33.84
N GLU G 118 24.11 28.62 -33.84
CA GLU G 118 24.83 27.98 -34.93
C GLU G 118 24.06 28.05 -36.22
N TRP G 119 22.75 27.80 -36.17
CA TRP G 119 21.96 27.86 -37.40
C TRP G 119 21.91 29.27 -37.99
N ALA G 120 21.72 30.26 -37.12
CA ALA G 120 21.64 31.66 -37.55
C ALA G 120 22.99 32.26 -37.90
N GLY G 121 24.07 31.70 -37.35
CA GLY G 121 25.40 32.21 -37.58
C GLY G 121 25.79 33.39 -36.72
N HIS G 122 24.93 33.78 -35.80
CA HIS G 122 25.29 34.83 -34.84
C HIS G 122 24.60 34.57 -33.50
N GLU G 123 24.89 35.42 -32.52
CA GLU G 123 24.49 35.19 -31.12
C GLU G 123 23.51 36.24 -30.59
N ARG G 124 22.96 37.07 -31.48
CA ARG G 124 21.88 37.99 -31.12
C ARG G 124 20.52 37.29 -31.22
N PHE G 125 20.28 36.43 -30.23
CA PHE G 125 19.19 35.49 -30.23
C PHE G 125 18.68 35.41 -28.79
N ILE G 126 17.37 35.39 -28.63
CA ILE G 126 16.72 35.15 -27.37
C ILE G 126 15.76 33.98 -27.53
N ARG G 127 15.78 33.13 -26.51
CA ARG G 127 14.89 31.97 -26.47
C ARG G 127 13.85 32.19 -25.39
N VAL G 128 12.59 31.94 -25.77
CA VAL G 128 11.49 32.06 -24.87
C VAL G 128 10.69 30.76 -24.91
N MET G 129 10.36 30.30 -23.71
CA MET G 129 9.50 29.13 -23.53
C MET G 129 8.25 29.62 -22.83
N PRO G 130 7.22 29.94 -23.62
CA PRO G 130 5.96 30.22 -23.00
C PRO G 130 5.21 28.91 -22.63
N ASN G 131 3.97 29.01 -22.20
CA ASN G 131 3.12 27.84 -22.05
C ASN G 131 1.75 28.13 -22.62
N THR G 132 0.89 27.15 -22.53
CA THR G 132 -0.43 27.21 -23.12
C THR G 132 -1.35 28.41 -22.72
N ALA G 133 -1.15 28.99 -21.54
CA ALA G 133 -2.03 30.03 -21.04
C ALA G 133 -1.77 31.41 -21.70
N ALA G 134 -0.81 31.47 -22.61
CA ALA G 134 -0.68 32.63 -23.51
C ALA G 134 -2.02 33.02 -24.14
N THR G 135 -2.82 32.01 -24.51
CA THR G 135 -4.13 32.22 -25.06
C THR G 135 -4.99 33.16 -24.25
N VAL G 136 -4.94 33.12 -22.92
CA VAL G 136 -5.74 34.05 -22.14
C VAL G 136 -4.88 35.09 -21.45
N GLY G 137 -3.68 35.33 -21.97
CA GLY G 137 -2.80 36.35 -21.37
C GLY G 137 -2.23 35.97 -20.00
N GLU G 138 -2.18 34.66 -19.64
CA GLU G 138 -1.63 34.34 -18.33
C GLU G 138 -0.50 33.31 -18.44
N ALA G 139 0.27 33.40 -19.53
CA ALA G 139 1.39 32.50 -19.71
C ALA G 139 2.42 32.63 -18.60
N ALA G 140 3.08 31.49 -18.33
CA ALA G 140 4.30 31.48 -17.50
C ALA G 140 5.41 31.21 -18.48
N SER G 141 6.22 32.25 -18.71
CA SER G 141 7.25 32.20 -19.71
C SER G 141 8.60 32.39 -19.09
N VAL G 142 9.60 31.79 -19.71
CA VAL G 142 10.97 32.10 -19.33
C VAL G 142 11.78 32.42 -20.55
N MET G 143 12.79 33.25 -20.35
CA MET G 143 13.70 33.60 -21.42
C MET G 143 15.16 33.35 -21.06
N SER G 144 15.91 32.89 -22.07
CA SER G 144 17.37 32.81 -21.95
C SER G 144 17.99 33.66 -23.09
N LEU G 145 19.18 34.19 -22.83
CA LEU G 145 19.85 35.14 -23.73
C LEU G 145 21.01 34.50 -24.42
N GLY G 146 21.06 34.66 -25.73
CA GLY G 146 22.25 34.34 -26.53
C GLY G 146 23.42 35.22 -26.13
N GLY G 147 24.63 34.82 -26.50
CA GLY G 147 25.86 35.50 -26.12
C GLY G 147 26.00 36.96 -26.57
N ALA G 148 25.30 37.37 -27.62
CA ALA G 148 25.30 38.75 -28.08
C ALA G 148 23.99 39.51 -27.81
N ALA G 149 23.04 38.89 -27.14
CA ALA G 149 21.81 39.61 -26.77
C ALA G 149 22.09 40.62 -25.64
N THR G 150 21.63 41.87 -25.81
CA THR G 150 21.92 42.93 -24.85
C THR G 150 20.84 43.06 -23.81
N GLU G 151 21.12 43.81 -22.75
CA GLU G 151 20.12 44.06 -21.71
C GLU G 151 18.87 44.72 -22.28
N GLU G 152 19.09 45.60 -23.23
CA GLU G 152 18.00 46.33 -23.91
C GLU G 152 17.18 45.38 -24.79
N ASP G 153 17.85 44.42 -25.42
CA ASP G 153 17.17 43.36 -26.18
C ASP G 153 16.24 42.59 -25.19
N ALA G 154 16.81 42.23 -24.05
CA ALA G 154 16.09 41.47 -23.02
C ALA G 154 14.87 42.23 -22.54
N ASN G 155 15.06 43.53 -22.26
CA ASN G 155 13.90 44.35 -21.86
C ASN G 155 12.83 44.48 -22.92
N LEU G 156 13.26 44.58 -24.15
CA LEU G 156 12.29 44.65 -25.24
C LEU G 156 11.42 43.40 -25.26
N ILE G 157 12.07 42.24 -25.12
CA ILE G 157 11.35 40.95 -25.13
C ILE G 157 10.52 40.78 -23.85
N SER G 158 11.02 41.20 -22.70
CA SER G 158 10.22 41.17 -21.43
C SER G 158 8.92 41.93 -21.63
N GLN G 159 9.01 43.10 -22.26
CA GLN G 159 7.83 43.90 -22.49
C GLN G 159 6.86 43.21 -23.48
N LEU G 160 7.42 42.62 -24.53
CA LEU G 160 6.61 41.93 -25.53
C LEU G 160 5.84 40.75 -24.91
N PHE G 161 6.57 39.91 -24.15
CA PHE G 161 5.95 38.71 -23.58
C PHE G 161 5.23 38.95 -22.27
N GLY G 162 5.47 40.12 -21.66
CA GLY G 162 4.69 40.63 -20.52
C GLY G 162 3.24 40.91 -20.95
N SER G 163 3.03 41.04 -22.26
CA SER G 163 1.71 41.24 -22.82
C SER G 163 0.85 39.99 -22.91
N ILE G 164 1.44 38.78 -22.81
CA ILE G 164 0.70 37.50 -22.79
C ILE G 164 0.81 36.71 -21.44
N GLY G 165 1.38 37.34 -20.42
CA GLY G 165 1.44 36.75 -19.10
C GLY G 165 2.67 37.25 -18.41
N LYS G 166 3.35 36.38 -17.70
CA LYS G 166 4.51 36.81 -16.91
C LYS G 166 5.71 36.19 -17.54
N ILE G 167 6.85 36.81 -17.30
CA ILE G 167 8.09 36.34 -17.86
C ILE G 167 9.29 36.52 -16.92
N TRP G 168 10.08 35.46 -16.83
CA TRP G 168 11.27 35.42 -15.99
C TRP G 168 12.48 35.03 -16.80
N LYS G 169 13.66 35.31 -16.25
CA LYS G 169 14.91 34.98 -16.93
C LYS G 169 15.50 33.76 -16.35
N ALA G 170 16.09 32.92 -17.20
CA ALA G 170 16.78 31.77 -16.69
C ALA G 170 17.78 31.22 -17.63
N ASP G 171 18.81 30.53 -17.10
CA ASP G 171 19.85 29.95 -17.95
C ASP G 171 19.19 28.92 -18.80
N ASP G 172 19.69 28.79 -20.01
CA ASP G 172 19.26 27.77 -20.96
C ASP G 172 19.29 26.36 -20.40
N LYS G 173 20.27 26.07 -19.56
CA LYS G 173 20.35 24.73 -19.01
C LYS G 173 19.15 24.32 -18.13
N TYR G 174 18.33 25.27 -17.66
CA TYR G 174 17.18 24.92 -16.86
C TYR G 174 15.96 24.54 -17.70
N PHE G 175 16.04 24.62 -19.02
CA PHE G 175 14.80 24.57 -19.84
C PHE G 175 14.09 23.20 -19.86
N ASP G 176 14.80 22.10 -19.71
CA ASP G 176 14.12 20.80 -19.47
C ASP G 176 13.25 20.75 -18.26
N ALA G 177 13.84 21.19 -17.16
CA ALA G 177 13.09 21.21 -15.92
C ALA G 177 11.91 22.17 -15.98
N ILE G 178 12.15 23.30 -16.64
CA ILE G 178 11.06 24.28 -16.77
C ILE G 178 9.92 23.64 -17.50
N THR G 179 10.27 22.86 -18.51
CA THR G 179 9.25 22.20 -19.34
C THR G 179 8.33 21.28 -18.52
N GLY G 180 8.94 20.58 -17.58
CA GLY G 180 8.22 19.69 -16.67
C GLY G 180 7.34 20.43 -15.68
N LEU G 181 7.62 21.70 -15.46
CA LEU G 181 6.85 22.52 -14.52
C LEU G 181 5.85 23.44 -15.20
N SER G 182 6.32 24.52 -15.83
CA SER G 182 5.42 25.47 -16.46
C SER G 182 4.86 24.99 -17.79
N GLY G 183 5.62 24.18 -18.49
CA GLY G 183 5.15 23.66 -19.77
C GLY G 183 4.05 22.61 -19.59
N SER G 184 4.33 21.64 -18.72
CA SER G 184 3.49 20.51 -18.50
C SER G 184 2.51 20.70 -17.38
N GLY G 185 2.82 21.57 -16.46
CA GLY G 185 2.00 21.79 -15.31
C GLY G 185 0.53 22.04 -15.59
N PRO G 186 0.18 22.69 -16.72
CA PRO G 186 -1.24 23.00 -16.84
C PRO G 186 -2.08 21.75 -16.83
N ALA G 187 -1.57 20.70 -17.37
CA ALA G 187 -2.36 19.48 -17.41
C ALA G 187 -2.59 18.93 -16.00
N TYR G 188 -1.63 19.14 -15.13
CA TYR G 188 -1.74 18.61 -13.78
C TYR G 188 -2.88 19.37 -13.11
N ILE G 189 -3.00 20.63 -13.44
CA ILE G 189 -4.07 21.45 -12.90
C ILE G 189 -5.40 21.18 -13.54
N TYR G 190 -5.43 20.82 -14.81
CA TYR G 190 -6.68 20.43 -15.41
C TYR G 190 -7.24 19.16 -14.75
N LEU G 191 -6.37 18.19 -14.45
CA LEU G 191 -6.82 17.01 -13.69
C LEU G 191 -7.36 17.48 -12.37
N ALA G 192 -6.65 18.39 -11.73
CA ALA G 192 -7.04 18.77 -10.38
C ALA G 192 -8.40 19.39 -10.40
N ILE G 193 -8.63 20.22 -11.39
CA ILE G 193 -9.93 20.94 -11.50
C ILE G 193 -11.05 19.93 -11.70
N GLU G 194 -10.80 18.94 -12.51
CA GLU G 194 -11.83 17.95 -12.77
C GLU G 194 -12.11 17.16 -11.50
N ALA G 195 -11.05 16.83 -10.81
CA ALA G 195 -11.15 15.97 -9.60
C ALA G 195 -11.81 16.72 -8.51
N LEU G 196 -11.52 18.01 -8.40
CA LEU G 196 -12.25 18.85 -7.41
C LEU G 196 -13.75 18.93 -7.73
N ALA G 197 -14.07 19.07 -8.99
CA ALA G 197 -15.48 19.05 -9.41
C ALA G 197 -16.13 17.73 -9.12
N ASP G 198 -15.44 16.64 -9.43
CA ASP G 198 -15.97 15.31 -9.22
C ASP G 198 -16.22 15.20 -7.68
N GLY G 199 -15.30 15.76 -6.92
CA GLY G 199 -15.38 15.67 -5.44
C GLY G 199 -16.60 16.43 -4.96
N GLY G 200 -16.87 17.58 -5.57
CA GLY G 200 -18.06 18.35 -5.18
C GLY G 200 -19.32 17.55 -5.44
N VAL G 201 -19.38 16.94 -6.61
CA VAL G 201 -20.55 16.15 -7.02
C VAL G 201 -20.67 14.93 -6.10
N ALA G 202 -19.53 14.38 -5.71
CA ALA G 202 -19.54 13.22 -4.81
C ALA G 202 -20.11 13.65 -3.47
N ALA G 203 -19.92 14.89 -3.12
CA ALA G 203 -20.50 15.42 -1.87
C ALA G 203 -21.86 16.05 -2.06
N GLY G 204 -22.47 15.90 -3.22
CA GLY G 204 -23.89 16.28 -3.35
C GLY G 204 -24.15 17.53 -4.20
N LEU G 205 -23.10 18.19 -4.70
CA LEU G 205 -23.27 19.32 -5.54
C LEU G 205 -23.69 19.01 -6.96
N PRO G 206 -24.50 19.89 -7.54
CA PRO G 206 -24.69 19.85 -8.99
C PRO G 206 -23.38 20.03 -9.74
N ARG G 207 -23.31 19.36 -10.87
CA ARG G 207 -22.15 19.35 -11.71
C ARG G 207 -21.72 20.76 -12.19
N ASP G 208 -22.64 21.55 -12.74
CA ASP G 208 -22.22 22.84 -13.30
C ASP G 208 -21.66 23.74 -12.22
N LEU G 209 -22.33 23.77 -11.10
CA LEU G 209 -21.85 24.55 -9.99
C LEU G 209 -20.46 24.01 -9.49
N ALA G 210 -20.37 22.69 -9.40
CA ALA G 210 -19.12 22.12 -8.90
C ALA G 210 -17.96 22.52 -9.77
N LEU G 211 -18.14 22.39 -11.07
CA LEU G 211 -17.10 22.74 -11.97
C LEU G 211 -16.75 24.21 -11.93
N SER G 212 -17.79 25.06 -11.92
CA SER G 212 -17.54 26.49 -11.83
C SER G 212 -16.79 26.81 -10.58
N LEU G 213 -17.24 26.25 -9.45
CA LEU G 213 -16.54 26.58 -8.16
C LEU G 213 -15.08 26.07 -8.18
N ALA G 214 -14.87 24.94 -8.82
CA ALA G 214 -13.49 24.34 -8.86
C ALA G 214 -12.56 25.26 -9.57
N SER G 215 -12.96 25.65 -10.78
CA SER G 215 -12.10 26.50 -11.58
C SER G 215 -11.78 27.80 -10.91
N GLN G 216 -12.80 28.42 -10.37
CA GLN G 216 -12.61 29.74 -9.78
C GLN G 216 -11.84 29.63 -8.43
N THR G 217 -12.05 28.54 -7.72
CA THR G 217 -11.29 28.30 -6.44
C THR G 217 -9.81 28.20 -6.74
N VAL G 218 -9.47 27.45 -7.83
CA VAL G 218 -8.08 27.35 -8.25
C VAL G 218 -7.52 28.70 -8.71
N LEU G 219 -8.29 29.39 -9.54
CA LEU G 219 -7.88 30.76 -10.00
C LEU G 219 -7.64 31.71 -8.79
N GLY G 220 -8.60 31.74 -7.87
CA GLY G 220 -8.46 32.54 -6.67
C GLY G 220 -7.26 32.25 -5.82
N ALA G 221 -7.05 30.97 -5.54
CA ALA G 221 -5.87 30.60 -4.76
C ALA G 221 -4.54 31.02 -5.38
N ALA G 222 -4.41 30.77 -6.68
CA ALA G 222 -3.21 31.09 -7.37
C ALA G 222 -2.96 32.60 -7.42
N SER G 223 -4.03 33.36 -7.55
CA SER G 223 -3.94 34.82 -7.46
C SER G 223 -3.48 35.30 -6.12
N MET G 224 -3.98 34.68 -5.08
CA MET G 224 -3.47 35.00 -3.77
C MET G 224 -1.96 34.69 -3.68
N ALA G 225 -1.54 33.61 -4.30
CA ALA G 225 -0.15 33.23 -4.22
C ALA G 225 0.68 34.23 -5.00
N THR G 226 0.21 34.59 -6.16
CA THR G 226 1.01 35.48 -7.01
C THR G 226 1.10 36.89 -6.40
N GLN G 227 0.03 37.36 -5.78
CA GLN G 227 0.01 38.75 -5.35
C GLN G 227 0.37 38.96 -3.90
N SER G 228 0.21 37.97 -3.04
CA SER G 228 0.28 38.25 -1.61
C SER G 228 1.71 38.48 -1.10
N GLY G 229 2.71 38.07 -1.84
CA GLY G 229 4.07 38.05 -1.32
C GLY G 229 4.29 37.02 -0.17
N LYS G 230 3.34 36.12 0.07
CA LYS G 230 3.50 35.13 1.17
C LYS G 230 4.02 33.78 0.68
N HIS G 231 4.72 33.10 1.55
CA HIS G 231 5.05 31.71 1.31
C HIS G 231 3.75 30.86 1.28
N PRO G 232 3.67 29.88 0.39
CA PRO G 232 2.48 28.99 0.33
C PRO G 232 2.07 28.37 1.65
N GLY G 233 3.05 27.96 2.43
CA GLY G 233 2.82 27.48 3.80
C GLY G 233 2.14 28.47 4.75
N GLN G 234 2.47 29.75 4.59
CA GLN G 234 1.82 30.80 5.33
C GLN G 234 0.39 30.96 4.82
N LEU G 235 0.17 30.87 3.52
CA LEU G 235 -1.16 30.98 2.99
C LEU G 235 -2.06 29.83 3.45
N LYS G 236 -1.50 28.61 3.44
CA LYS G 236 -2.22 27.49 3.98
C LYS G 236 -2.55 27.73 5.45
N ASP G 237 -1.61 28.28 6.20
CA ASP G 237 -1.86 28.52 7.62
C ASP G 237 -2.99 29.53 7.78
N ASP G 238 -3.04 30.53 6.93
CA ASP G 238 -4.08 31.56 7.06
C ASP G 238 -5.46 30.95 6.92
N VAL G 239 -5.65 29.89 6.14
CA VAL G 239 -7.04 29.36 5.89
C VAL G 239 -7.37 28.11 6.69
N THR G 240 -6.41 27.60 7.46
CA THR G 240 -6.67 26.37 8.25
C THR G 240 -7.09 26.63 9.68
N SER G 241 -8.37 26.95 9.86
CA SER G 241 -8.92 27.18 11.17
C SER G 241 -8.82 25.96 12.05
N PRO G 242 -8.71 26.16 13.36
CA PRO G 242 -8.53 25.05 14.28
C PRO G 242 -9.66 24.07 14.18
N GLY G 243 -9.34 22.80 13.96
CA GLY G 243 -10.39 21.75 13.90
C GLY G 243 -11.45 21.93 12.81
N GLY G 244 -11.18 22.82 11.86
CA GLY G 244 -12.17 23.14 10.86
C GLY G 244 -12.14 22.24 9.60
N THR G 245 -12.91 22.65 8.62
CA THR G 245 -13.11 21.89 7.41
C THR G 245 -11.86 21.84 6.59
N THR G 246 -11.19 22.98 6.47
CA THR G 246 -9.98 23.06 5.64
C THR G 246 -8.88 22.11 6.07
N ILE G 247 -8.60 22.06 7.38
CA ILE G 247 -7.56 21.21 7.87
C ILE G 247 -7.96 19.77 7.69
N ALA G 248 -9.26 19.48 7.78
CA ALA G 248 -9.70 18.09 7.60
C ALA G 248 -9.40 17.66 6.16
N GLY G 249 -9.63 18.55 5.23
CA GLY G 249 -9.28 18.23 3.85
C GLY G 249 -7.80 18.15 3.63
N VAL G 250 -7.09 19.13 4.14
CA VAL G 250 -5.63 19.06 4.03
C VAL G 250 -5.05 17.77 4.62
N HIS G 251 -5.58 17.34 5.76
CA HIS G 251 -5.10 16.12 6.35
C HIS G 251 -5.24 14.94 5.36
N GLU G 252 -6.34 14.88 4.61
CA GLU G 252 -6.54 13.76 3.64
C GLU G 252 -5.51 13.84 2.58
N LEU G 253 -5.18 15.05 2.19
CA LEU G 253 -4.13 15.22 1.18
C LEU G 253 -2.80 14.67 1.71
N GLU G 254 -2.48 15.02 2.93
CA GLU G 254 -1.20 14.62 3.50
C GLU G 254 -1.16 13.11 3.76
N LYS G 255 -2.27 12.52 4.19
CA LYS G 255 -2.28 11.08 4.39
C LYS G 255 -1.92 10.38 3.12
N ALA G 256 -2.34 10.92 1.97
CA ALA G 256 -2.10 10.22 0.71
C ALA G 256 -0.79 10.64 0.04
N GLY G 257 -0.05 11.53 0.61
CA GLY G 257 1.24 11.95 -0.01
C GLY G 257 1.05 12.83 -1.26
N PHE G 258 0.04 13.64 -1.23
CA PHE G 258 -0.32 14.54 -2.35
C PHE G 258 0.85 15.38 -2.85
N ARG G 259 1.54 16.01 -1.95
CA ARG G 259 2.73 16.82 -2.36
C ARG G 259 3.72 15.98 -3.12
N GLY G 260 4.00 14.78 -2.60
CA GLY G 260 5.01 13.91 -3.23
C GLY G 260 4.64 13.54 -4.67
N ILE G 261 3.34 13.37 -4.90
CA ILE G 261 2.82 12.95 -6.16
C ILE G 261 3.06 14.05 -7.18
N LEU G 262 2.80 15.27 -6.82
CA LEU G 262 3.06 16.40 -7.71
C LEU G 262 4.57 16.58 -7.97
N MET G 263 5.38 16.32 -6.92
CA MET G 263 6.85 16.34 -7.11
C MET G 263 7.24 15.25 -8.14
N ASN G 264 6.67 14.05 -8.02
CA ASN G 264 6.97 13.03 -8.94
C ASN G 264 6.58 13.39 -10.39
N ALA G 265 5.47 14.12 -10.58
CA ALA G 265 5.03 14.44 -11.91
C ALA G 265 6.02 15.40 -12.56
N VAL G 266 6.42 16.40 -11.80
CA VAL G 266 7.39 17.37 -12.32
C VAL G 266 8.71 16.70 -12.67
N VAL G 267 9.20 15.85 -11.76
CA VAL G 267 10.42 15.16 -12.02
C VAL G 267 10.36 14.24 -13.23
N ALA G 268 9.28 13.49 -13.37
CA ALA G 268 9.20 12.60 -14.48
C ALA G 268 9.08 13.36 -15.80
N ALA G 269 8.31 14.42 -15.79
CA ALA G 269 8.18 15.25 -16.99
C ALA G 269 9.51 15.89 -17.39
N ALA G 270 10.24 16.39 -16.42
CA ALA G 270 11.60 16.94 -16.68
C ALA G 270 12.55 15.88 -17.22
N LYS G 271 12.46 14.69 -16.68
CA LYS G 271 13.26 13.64 -17.18
C LYS G 271 12.89 13.26 -18.62
N ARG G 272 11.60 13.21 -18.93
N ARG G 272 11.60 13.21 -18.93
CA ARG G 272 11.20 12.92 -20.28
CA ARG G 272 11.20 12.92 -20.30
C ARG G 272 11.70 14.02 -21.23
C ARG G 272 11.70 14.02 -21.23
N SER G 273 11.68 15.25 -20.78
CA SER G 273 12.09 16.39 -21.61
C SER G 273 13.56 16.24 -21.95
N GLN G 274 14.33 15.89 -20.96
CA GLN G 274 15.73 15.63 -21.20
C GLN G 274 15.93 14.47 -22.21
N GLU G 275 15.16 13.40 -22.07
CA GLU G 275 15.31 12.26 -22.95
C GLU G 275 14.93 12.56 -24.37
N LEU G 276 13.97 13.46 -24.56
CA LEU G 276 13.56 13.86 -25.93
C LEU G 276 14.59 14.84 -26.47
N SER G 277 15.62 15.03 -25.67
CA SER G 277 17.01 15.43 -25.99
C SER G 277 17.11 16.79 -25.33
N ILE H 6 -42.26 44.57 3.32
CA ILE H 6 -41.34 44.13 2.21
C ILE H 6 -41.45 45.09 1.01
N ILE H 7 -40.99 46.32 1.27
CA ILE H 7 -40.83 47.34 0.24
C ILE H 7 -39.51 47.01 -0.47
N PRO H 8 -39.46 47.12 -1.82
CA PRO H 8 -38.17 46.86 -2.49
C PRO H 8 -37.10 47.83 -1.98
N ILE H 9 -35.85 47.37 -1.94
CA ILE H 9 -34.70 48.19 -1.53
C ILE H 9 -34.36 49.13 -2.73
N PRO H 10 -34.20 50.44 -2.48
CA PRO H 10 -33.90 51.36 -3.63
C PRO H 10 -32.57 51.02 -4.28
N ALA H 11 -32.62 50.54 -5.52
CA ALA H 11 -31.41 49.96 -6.17
C ALA H 11 -30.20 50.93 -6.30
N ASP H 12 -30.48 52.22 -6.51
CA ASP H 12 -29.43 53.22 -6.79
C ASP H 12 -29.10 54.11 -5.60
N SER H 13 -29.90 54.05 -4.55
CA SER H 13 -29.67 54.91 -3.40
C SER H 13 -29.65 54.20 -2.02
N TYR H 14 -29.61 52.87 -2.00
CA TYR H 14 -29.68 52.21 -0.70
C TYR H 14 -28.42 52.48 0.15
N THR H 15 -28.61 52.43 1.47
CA THR H 15 -27.49 52.47 2.42
C THR H 15 -27.15 51.07 2.97
N LEU H 16 -25.87 50.83 3.16
CA LEU H 16 -25.35 49.55 3.52
C LEU H 16 -24.67 49.60 4.86
N GLY H 17 -24.96 48.63 5.71
CA GLY H 17 -24.46 48.58 7.07
C GLY H 17 -23.72 47.32 7.37
N PHE H 18 -22.50 47.47 7.86
CA PHE H 18 -21.68 46.30 8.21
C PHE H 18 -21.65 46.08 9.69
N ILE H 19 -22.14 44.92 10.11
CA ILE H 19 -22.04 44.48 11.47
C ILE H 19 -20.97 43.44 11.51
N GLY H 20 -19.85 43.83 12.09
CA GLY H 20 -18.61 43.09 11.99
C GLY H 20 -17.75 43.86 11.01
N ALA H 21 -16.54 44.21 11.43
CA ALA H 21 -15.66 45.09 10.64
C ALA H 21 -14.33 44.41 10.32
N GLY H 22 -14.38 43.09 10.16
CA GLY H 22 -13.20 42.33 9.81
C GLY H 22 -12.76 42.47 8.35
N LYS H 23 -11.85 41.57 7.96
CA LYS H 23 -11.22 41.58 6.62
C LYS H 23 -12.24 41.45 5.51
N MET H 24 -13.18 40.54 5.70
CA MET H 24 -14.17 40.25 4.70
C MET H 24 -15.05 41.49 4.47
N ALA H 25 -15.53 42.11 5.55
CA ALA H 25 -16.32 43.34 5.42
C ALA H 25 -15.55 44.44 4.70
N GLU H 26 -14.29 44.58 5.09
CA GLU H 26 -13.42 45.56 4.45
C GLU H 26 -13.31 45.26 2.97
N SER H 27 -13.07 44.00 2.64
CA SER H 27 -12.93 43.64 1.24
C SER H 27 -14.21 44.00 0.48
N ILE H 28 -15.36 43.69 1.05
CA ILE H 28 -16.64 43.98 0.37
C ILE H 28 -16.81 45.51 0.20
N ALA H 29 -16.57 46.25 1.26
CA ALA H 29 -16.71 47.70 1.21
C ALA H 29 -15.79 48.33 0.16
N LYS H 30 -14.52 47.97 0.18
CA LYS H 30 -13.53 48.50 -0.76
C LYS H 30 -13.90 48.17 -2.17
N GLY H 31 -14.22 46.90 -2.36
CA GLY H 31 -14.64 46.45 -3.66
C GLY H 31 -15.83 47.24 -4.15
N ALA H 32 -16.83 47.44 -3.29
CA ALA H 32 -18.06 48.06 -3.76
C ALA H 32 -17.82 49.52 -4.17
N VAL H 33 -16.97 50.18 -3.40
CA VAL H 33 -16.58 51.54 -3.70
C VAL H 33 -15.73 51.62 -4.96
N ARG H 34 -14.62 50.90 -4.99
CA ARG H 34 -13.77 50.84 -6.20
C ARG H 34 -14.60 50.71 -7.47
N SER H 35 -15.51 49.75 -7.49
CA SER H 35 -16.28 49.44 -8.71
C SER H 35 -17.45 50.39 -8.93
N GLY H 36 -17.68 51.32 -8.00
CA GLY H 36 -18.77 52.28 -8.13
C GLY H 36 -20.19 51.78 -7.85
N VAL H 37 -20.34 50.62 -7.26
CA VAL H 37 -21.65 50.16 -6.83
C VAL H 37 -22.22 51.12 -5.79
N LEU H 38 -21.33 51.63 -4.97
CA LEU H 38 -21.65 52.41 -3.77
C LEU H 38 -20.67 53.56 -3.67
N SER H 39 -21.09 54.64 -3.02
CA SER H 39 -20.15 55.65 -2.52
C SER H 39 -19.97 55.49 -1.01
N PRO H 40 -18.78 55.80 -0.48
CA PRO H 40 -18.50 55.62 0.97
C PRO H 40 -19.54 56.26 1.90
N SER H 41 -20.15 57.34 1.44
CA SER H 41 -21.14 58.05 2.25
C SER H 41 -22.41 57.22 2.47
N ARG H 42 -22.64 56.24 1.61
CA ARG H 42 -23.77 55.33 1.75
C ARG H 42 -23.48 54.12 2.64
N ILE H 43 -22.26 54.04 3.16
CA ILE H 43 -21.83 52.87 3.93
C ILE H 43 -21.59 53.29 5.39
N LYS H 44 -22.03 52.45 6.32
CA LYS H 44 -21.75 52.60 7.74
C LYS H 44 -21.25 51.28 8.33
N THR H 45 -20.39 51.39 9.33
CA THR H 45 -20.01 50.24 10.14
C THR H 45 -19.84 50.67 11.60
N ALA H 46 -19.82 49.72 12.51
CA ALA H 46 -19.63 50.01 13.91
C ALA H 46 -18.38 49.30 14.40
N ILE H 47 -17.53 50.05 15.08
CA ILE H 47 -16.29 49.52 15.58
C ILE H 47 -16.34 49.51 17.09
N HIS H 48 -16.13 48.32 17.64
CA HIS H 48 -16.34 48.06 19.05
C HIS H 48 -15.44 48.85 19.97
N SER H 49 -14.13 48.72 19.71
CA SER H 49 -13.12 49.48 20.42
C SER H 49 -11.84 49.61 19.60
N ASN H 50 -11.85 49.11 18.37
CA ASN H 50 -10.61 48.94 17.63
C ASN H 50 -10.26 50.14 16.78
N PRO H 51 -9.20 50.92 17.29
CA PRO H 51 -8.81 52.02 16.39
C PRO H 51 -8.24 51.55 15.06
N ALA H 52 -7.47 50.47 15.05
CA ALA H 52 -6.85 50.02 13.78
C ALA H 52 -7.86 49.68 12.68
N ARG H 53 -8.92 48.97 13.07
CA ARG H 53 -10.03 48.64 12.16
C ARG H 53 -10.77 49.92 11.81
N ARG H 54 -10.93 50.81 12.78
CA ARG H 54 -11.49 52.14 12.50
C ARG H 54 -10.72 52.89 11.40
N THR H 55 -9.38 52.82 11.44
CA THR H 55 -8.52 53.53 10.42
C THR H 55 -8.82 52.92 9.05
N ALA H 56 -8.85 51.59 8.96
CA ALA H 56 -9.07 50.90 7.70
C ALA H 56 -10.35 51.39 6.98
N PHE H 57 -11.45 51.58 7.74
CA PHE H 57 -12.74 52.03 7.16
C PHE H 57 -12.79 53.54 6.90
N GLU H 58 -12.33 54.29 7.88
CA GLU H 58 -12.26 55.74 7.73
C GLU H 58 -11.37 56.09 6.55
N SER H 59 -10.23 55.41 6.40
CA SER H 59 -9.25 55.72 5.34
C SER H 59 -9.79 55.51 3.92
N ILE H 60 -10.94 54.86 3.77
CA ILE H 60 -11.61 54.79 2.47
C ILE H 60 -12.93 55.57 2.42
N GLY H 61 -13.15 56.38 3.45
CA GLY H 61 -14.20 57.38 3.41
C GLY H 61 -15.52 56.92 4.01
N ILE H 62 -15.45 55.85 4.79
CA ILE H 62 -16.64 55.30 5.41
C ILE H 62 -16.78 55.78 6.86
N THR H 63 -17.99 56.21 7.22
CA THR H 63 -18.27 56.61 8.59
C THR H 63 -18.42 55.43 9.55
N VAL H 64 -17.61 55.46 10.60
CA VAL H 64 -17.67 54.50 11.69
C VAL H 64 -18.53 55.07 12.84
N LEU H 65 -19.63 54.38 13.15
CA LEU H 65 -20.48 54.72 14.29
C LEU H 65 -20.10 53.84 15.48
N SER H 66 -20.61 54.17 16.64
CA SER H 66 -20.13 53.55 17.88
C SER H 66 -21.04 52.43 18.39
N SER H 67 -22.22 52.28 17.78
CA SER H 67 -23.12 51.17 18.13
C SER H 67 -23.71 50.47 16.91
N ASN H 68 -23.91 49.18 17.08
CA ASN H 68 -24.52 48.34 16.08
C ASN H 68 -25.93 48.83 15.77
N ASP H 69 -26.61 49.28 16.81
CA ASP H 69 -28.00 49.74 16.74
C ASP H 69 -28.17 50.81 15.71
N ASP H 70 -27.27 51.78 15.74
CA ASP H 70 -27.38 52.92 14.82
C ASP H 70 -27.00 52.56 13.37
N VAL H 71 -26.01 51.69 13.22
CA VAL H 71 -25.68 51.14 11.89
C VAL H 71 -26.97 50.56 11.25
N VAL H 72 -27.69 49.74 12.02
CA VAL H 72 -28.90 49.08 11.54
C VAL H 72 -30.01 50.09 11.21
N ARG H 73 -30.32 51.00 12.16
CA ARG H 73 -31.30 52.07 11.92
C ARG H 73 -31.12 52.78 10.60
N ASP H 74 -29.88 53.20 10.34
CA ASP H 74 -29.54 53.99 9.13
C ASP H 74 -29.31 53.16 7.82
N SER H 75 -29.49 51.84 7.89
CA SER H 75 -29.13 50.96 6.76
C SER H 75 -30.35 50.22 6.19
N ASN H 76 -30.48 50.28 4.88
CA ASN H 76 -31.46 49.46 4.11
C ASN H 76 -31.02 48.00 4.03
N VAL H 77 -29.70 47.79 3.95
CA VAL H 77 -29.10 46.45 3.79
C VAL H 77 -28.05 46.28 4.87
N VAL H 78 -28.13 45.17 5.58
CA VAL H 78 -27.22 44.92 6.70
C VAL H 78 -26.46 43.60 6.46
N VAL H 79 -25.14 43.70 6.45
CA VAL H 79 -24.24 42.56 6.27
C VAL H 79 -23.59 42.17 7.62
N PHE H 80 -23.88 40.95 8.05
CA PHE H 80 -23.29 40.37 9.26
C PHE H 80 -22.07 39.54 8.94
N SER H 81 -20.93 40.01 9.42
CA SER H 81 -19.67 39.31 9.21
C SER H 81 -18.93 39.07 10.53
N VAL H 82 -19.65 39.02 11.63
CA VAL H 82 -18.98 38.66 12.87
C VAL H 82 -18.59 37.16 12.87
N LYS H 83 -17.71 36.79 13.80
CA LYS H 83 -17.34 35.40 13.95
C LYS H 83 -18.61 34.57 14.15
N PRO H 84 -18.70 33.39 13.51
CA PRO H 84 -19.95 32.59 13.54
C PRO H 84 -20.54 32.35 14.93
N GLN H 85 -19.69 32.00 15.89
CA GLN H 85 -20.15 31.69 17.28
C GLN H 85 -20.79 32.90 17.96
N LEU H 86 -20.49 34.11 17.50
CA LEU H 86 -21.02 35.34 18.10
C LEU H 86 -22.28 35.84 17.43
N LEU H 87 -22.57 35.30 16.26
CA LEU H 87 -23.62 35.85 15.41
C LEU H 87 -25.02 35.79 16.06
N LYS H 88 -25.34 34.64 16.66
CA LYS H 88 -26.64 34.43 17.24
C LYS H 88 -26.94 35.55 18.25
N ASP H 89 -26.03 35.78 19.19
CA ASP H 89 -26.26 36.78 20.23
C ASP H 89 -26.35 38.18 19.62
N VAL H 90 -25.51 38.45 18.63
CA VAL H 90 -25.55 39.76 17.99
C VAL H 90 -26.91 39.99 17.32
N VAL H 91 -27.42 38.97 16.64
CA VAL H 91 -28.71 39.12 15.95
C VAL H 91 -29.83 39.32 16.96
N LEU H 92 -29.84 38.49 18.00
CA LEU H 92 -30.89 38.55 19.03
C LEU H 92 -30.95 39.93 19.71
N LYS H 93 -29.78 40.47 20.04
CA LYS H 93 -29.63 41.82 20.59
C LYS H 93 -30.28 42.87 19.67
N LEU H 94 -30.06 42.75 18.37
CA LEU H 94 -30.55 43.76 17.42
C LEU H 94 -31.98 43.55 16.97
N LYS H 95 -32.58 42.45 17.39
CA LYS H 95 -33.83 41.97 16.79
C LYS H 95 -34.97 43.00 16.61
N PRO H 96 -35.27 43.80 17.65
CA PRO H 96 -36.33 44.80 17.49
C PRO H 96 -36.12 45.76 16.30
N LEU H 97 -34.86 46.08 15.99
CA LEU H 97 -34.51 46.98 14.86
C LEU H 97 -34.51 46.29 13.48
N LEU H 98 -34.60 44.97 13.47
CA LEU H 98 -34.49 44.23 12.22
C LEU H 98 -35.86 44.11 11.57
N THR H 99 -36.38 45.24 11.12
CA THR H 99 -37.69 45.26 10.51
C THR H 99 -37.64 44.74 9.08
N LYS H 100 -38.77 44.23 8.59
CA LYS H 100 -38.88 43.55 7.28
C LYS H 100 -38.52 44.39 6.06
N ASP H 101 -38.51 45.71 6.20
CA ASP H 101 -38.07 46.58 5.10
C ASP H 101 -36.56 46.54 4.91
N LYS H 102 -35.83 45.94 5.86
CA LYS H 102 -34.35 45.83 5.79
C LYS H 102 -33.89 44.43 5.35
N LEU H 103 -33.15 44.39 4.26
CA LEU H 103 -32.55 43.15 3.72
C LEU H 103 -31.32 42.77 4.52
N LEU H 104 -31.39 41.59 5.12
CA LEU H 104 -30.29 41.08 5.95
C LEU H 104 -29.42 40.03 5.21
N VAL H 105 -28.13 40.07 5.47
CA VAL H 105 -27.16 39.24 4.73
C VAL H 105 -26.17 38.68 5.75
N SER H 106 -25.92 37.38 5.65
CA SER H 106 -24.90 36.73 6.47
C SER H 106 -23.81 36.15 5.62
N VAL H 107 -22.57 36.47 5.97
CA VAL H 107 -21.42 35.78 5.37
C VAL H 107 -20.79 34.81 6.35
N ALA H 108 -21.47 34.53 7.45
CA ALA H 108 -20.90 33.66 8.48
C ALA H 108 -20.80 32.20 7.99
N ALA H 109 -19.61 31.62 8.11
CA ALA H 109 -19.40 30.21 7.74
C ALA H 109 -20.27 29.29 8.65
N GLY H 110 -20.92 28.30 8.04
CA GLY H 110 -21.62 27.24 8.78
C GLY H 110 -23.02 27.57 9.34
N ILE H 111 -23.48 28.82 9.26
CA ILE H 111 -24.79 29.16 9.83
C ILE H 111 -25.88 29.07 8.75
N LYS H 112 -26.74 28.07 8.90
CA LYS H 112 -27.84 27.77 8.01
C LYS H 112 -28.92 28.86 7.95
N MET H 113 -29.58 28.92 6.81
CA MET H 113 -30.65 29.92 6.56
C MET H 113 -31.80 29.78 7.57
N LYS H 114 -32.22 28.55 7.83
CA LYS H 114 -33.26 28.28 8.84
C LYS H 114 -32.99 29.02 10.16
N ASP H 115 -31.76 28.95 10.62
CA ASP H 115 -31.36 29.54 11.87
C ASP H 115 -31.28 31.03 11.79
N LEU H 116 -30.70 31.54 10.71
CA LEU H 116 -30.66 32.99 10.52
C LEU H 116 -32.08 33.59 10.63
N GLN H 117 -33.03 32.96 9.93
CA GLN H 117 -34.39 33.44 9.87
C GLN H 117 -35.09 33.38 11.23
N GLU H 118 -34.82 32.32 11.98
CA GLU H 118 -35.36 32.20 13.34
C GLU H 118 -34.81 33.23 14.29
N TRP H 119 -33.50 33.48 14.23
CA TRP H 119 -32.92 34.51 15.07
C TRP H 119 -33.45 35.92 14.75
N ALA H 120 -33.55 36.24 13.47
CA ALA H 120 -34.02 37.55 13.06
C ALA H 120 -35.53 37.72 13.20
N GLY H 121 -36.26 36.62 13.17
CA GLY H 121 -37.71 36.64 13.25
C GLY H 121 -38.41 36.89 11.91
N HIS H 122 -37.64 36.96 10.82
CA HIS H 122 -38.25 37.07 9.50
C HIS H 122 -37.36 36.42 8.46
N GLU H 123 -37.83 36.41 7.20
CA GLU H 123 -37.25 35.59 6.15
C GLU H 123 -36.65 36.39 5.02
N ARG H 124 -36.53 37.68 5.22
CA ARG H 124 -35.83 38.54 4.28
C ARG H 124 -34.36 38.58 4.60
N PHE H 125 -33.72 37.47 4.24
CA PHE H 125 -32.37 37.16 4.64
C PHE H 125 -31.69 36.49 3.44
N ILE H 126 -30.45 36.88 3.16
CA ILE H 126 -29.63 36.22 2.15
C ILE H 126 -28.33 35.75 2.84
N ARG H 127 -27.93 34.54 2.48
CA ARG H 127 -26.68 33.94 2.96
C ARG H 127 -25.72 33.86 1.84
N VAL H 128 -24.54 34.38 2.13
CA VAL H 128 -23.42 34.32 1.17
C VAL H 128 -22.22 33.60 1.84
N MET H 129 -21.62 32.68 1.10
N MET H 129 -21.63 32.69 1.09
CA MET H 129 -20.38 32.01 1.51
CA MET H 129 -20.39 32.05 1.51
C MET H 129 -19.30 32.42 0.51
C MET H 129 -19.30 32.42 0.51
N PRO H 130 -18.50 33.42 0.85
CA PRO H 130 -17.37 33.75 -0.01
C PRO H 130 -16.18 32.80 0.35
N ASN H 131 -15.01 33.04 -0.20
CA ASN H 131 -13.80 32.38 0.24
C ASN H 131 -12.63 33.39 0.34
N THR H 132 -11.45 32.91 0.69
CA THR H 132 -10.31 33.73 1.03
C THR H 132 -9.79 34.66 -0.10
N ALA H 133 -10.11 34.35 -1.37
CA ALA H 133 -9.60 35.10 -2.46
C ALA H 133 -10.40 36.40 -2.70
N ALA H 134 -11.42 36.67 -1.88
CA ALA H 134 -12.00 38.01 -1.80
C ALA H 134 -10.93 39.10 -1.70
N THR H 135 -9.90 38.85 -0.92
CA THR H 135 -8.81 39.79 -0.76
C THR H 135 -8.24 40.31 -2.09
N VAL H 136 -8.15 39.49 -3.14
CA VAL H 136 -7.62 39.95 -4.41
C VAL H 136 -8.72 39.97 -5.43
N GLY H 137 -9.97 40.10 -5.00
CA GLY H 137 -11.12 40.21 -5.96
C GLY H 137 -11.37 38.97 -6.78
N GLU H 138 -10.94 37.79 -6.30
CA GLU H 138 -11.20 36.60 -7.06
C GLU H 138 -11.90 35.51 -6.19
N ALA H 139 -12.73 35.94 -5.29
CA ALA H 139 -13.53 35.03 -4.51
C ALA H 139 -14.39 34.15 -5.39
N ALA H 140 -14.60 32.93 -4.92
CA ALA H 140 -15.68 32.08 -5.38
C ALA H 140 -16.75 32.09 -4.30
N SER H 141 -17.88 32.71 -4.60
CA SER H 141 -18.94 32.91 -3.63
C SER H 141 -20.22 32.24 -4.08
N VAL H 142 -21.01 31.80 -3.12
CA VAL H 142 -22.36 31.34 -3.43
C VAL H 142 -23.36 31.93 -2.48
N MET H 143 -24.56 32.17 -3.02
CA MET H 143 -25.64 32.76 -2.22
C MET H 143 -26.88 31.87 -2.21
N SER H 144 -27.51 31.79 -1.03
CA SER H 144 -28.85 31.20 -0.90
C SER H 144 -29.83 32.28 -0.39
N LEU H 145 -31.09 32.13 -0.77
CA LEU H 145 -32.16 33.10 -0.46
C LEU H 145 -33.08 32.58 0.65
N GLY H 146 -33.29 33.39 1.67
CA GLY H 146 -34.37 33.16 2.59
C GLY H 146 -35.75 33.22 1.89
N GLY H 147 -36.78 32.71 2.57
CA GLY H 147 -38.12 32.54 2.01
C GLY H 147 -38.82 33.83 1.58
N ALA H 148 -38.42 34.96 2.15
CA ALA H 148 -38.97 36.26 1.72
C ALA H 148 -38.00 37.12 0.89
N ALA H 149 -36.81 36.62 0.60
CA ALA H 149 -35.86 37.37 -0.26
C ALA H 149 -36.35 37.40 -1.70
N THR H 150 -36.38 38.58 -2.31
CA THR H 150 -36.93 38.73 -3.67
C THR H 150 -35.86 38.61 -4.71
N GLU H 151 -36.27 38.51 -5.97
CA GLU H 151 -35.30 38.48 -7.09
C GLU H 151 -34.44 39.74 -7.11
N GLU H 152 -35.07 40.84 -6.78
CA GLU H 152 -34.40 42.15 -6.76
C GLU H 152 -33.42 42.25 -5.61
N ASP H 153 -33.76 41.64 -4.46
CA ASP H 153 -32.82 41.50 -3.33
C ASP H 153 -31.59 40.72 -3.80
N ALA H 154 -31.85 39.62 -4.49
CA ALA H 154 -30.77 38.74 -4.99
C ALA H 154 -29.86 39.48 -5.94
N ASN H 155 -30.44 40.22 -6.86
CA ASN H 155 -29.63 40.99 -7.81
C ASN H 155 -28.81 42.05 -7.11
N LEU H 156 -29.38 42.65 -6.08
CA LEU H 156 -28.67 43.68 -5.34
C LEU H 156 -27.42 43.09 -4.67
N ILE H 157 -27.58 41.90 -4.10
CA ILE H 157 -26.46 41.16 -3.52
C ILE H 157 -25.47 40.55 -4.57
N SER H 158 -25.95 40.05 -5.70
CA SER H 158 -25.05 39.68 -6.79
C SER H 158 -24.12 40.79 -7.13
N GLN H 159 -24.69 41.99 -7.24
CA GLN H 159 -23.91 43.13 -7.70
C GLN H 159 -22.86 43.52 -6.63
N LEU H 160 -23.27 43.46 -5.38
CA LEU H 160 -22.38 43.80 -4.28
C LEU H 160 -21.17 42.81 -4.15
N PHE H 161 -21.46 41.53 -4.24
CA PHE H 161 -20.42 40.48 -4.15
C PHE H 161 -19.69 40.17 -5.48
N GLY H 162 -20.27 40.64 -6.60
CA GLY H 162 -19.59 40.61 -7.91
C GLY H 162 -18.35 41.49 -7.84
N SER H 163 -18.34 42.39 -6.87
CA SER H 163 -17.27 43.35 -6.72
C SER H 163 -16.02 42.75 -6.09
N ILE H 164 -16.12 41.55 -5.45
CA ILE H 164 -14.99 40.78 -4.87
C ILE H 164 -14.74 39.38 -5.48
N GLY H 165 -15.38 39.09 -6.57
CA GLY H 165 -15.06 37.88 -7.33
C GLY H 165 -16.33 37.46 -8.04
N LYS H 166 -16.56 36.17 -8.11
CA LYS H 166 -17.68 35.64 -8.88
C LYS H 166 -18.66 35.11 -7.84
N ILE H 167 -19.92 35.06 -8.23
CA ILE H 167 -20.99 34.69 -7.34
C ILE H 167 -22.04 33.90 -8.10
N TRP H 168 -22.41 32.77 -7.51
CA TRP H 168 -23.41 31.86 -8.05
C TRP H 168 -24.54 31.68 -7.00
N LYS H 169 -25.67 31.15 -7.46
CA LYS H 169 -26.79 30.86 -6.57
C LYS H 169 -26.87 29.39 -6.30
N ALA H 170 -27.23 29.03 -5.07
CA ALA H 170 -27.46 27.64 -4.75
C ALA H 170 -28.34 27.47 -3.54
N ASP H 171 -29.05 26.34 -3.47
CA ASP H 171 -29.85 26.02 -2.30
C ASP H 171 -28.94 25.91 -1.10
N ASP H 172 -29.47 26.35 0.01
CA ASP H 172 -28.80 26.28 1.30
C ASP H 172 -28.28 24.89 1.60
N LYS H 173 -28.99 23.89 1.18
CA LYS H 173 -28.62 22.55 1.55
C LYS H 173 -27.22 22.15 0.94
N TYR H 174 -26.74 22.85 -0.08
CA TYR H 174 -25.49 22.54 -0.68
C TYR H 174 -24.32 23.16 0.07
N PHE H 175 -24.57 23.97 1.08
CA PHE H 175 -23.50 24.78 1.62
C PHE H 175 -22.37 24.00 2.33
N ASP H 176 -22.67 22.88 2.89
CA ASP H 176 -21.62 22.06 3.55
C ASP H 176 -20.64 21.57 2.52
N ALA H 177 -21.17 21.09 1.42
CA ALA H 177 -20.35 20.67 0.32
C ALA H 177 -19.58 21.84 -0.34
N ILE H 178 -20.22 23.00 -0.45
CA ILE H 178 -19.56 24.09 -1.04
C ILE H 178 -18.38 24.47 -0.15
N THR H 179 -18.56 24.40 1.17
CA THR H 179 -17.51 24.75 2.11
C THR H 179 -16.27 23.88 1.86
N GLY H 180 -16.51 22.61 1.58
CA GLY H 180 -15.42 21.64 1.35
C GLY H 180 -14.72 21.84 0.03
N LEU H 181 -15.38 22.55 -0.90
CA LEU H 181 -14.82 22.80 -2.23
C LEU H 181 -14.25 24.21 -2.36
N SER H 182 -15.12 25.26 -2.41
CA SER H 182 -14.62 26.63 -2.58
C SER H 182 -14.13 27.25 -1.30
N GLY H 183 -14.67 26.85 -0.18
CA GLY H 183 -14.20 27.39 1.10
C GLY H 183 -12.82 26.85 1.52
N SER H 184 -12.67 25.55 1.40
CA SER H 184 -11.47 24.89 1.81
C SER H 184 -10.51 24.66 0.69
N GLY H 185 -11.00 24.60 -0.55
CA GLY H 185 -10.14 24.33 -1.69
C GLY H 185 -8.88 25.17 -1.87
N PRO H 186 -8.89 26.41 -1.43
CA PRO H 186 -7.62 27.16 -1.62
C PRO H 186 -6.42 26.56 -0.93
N ALA H 187 -6.60 25.98 0.23
CA ALA H 187 -5.48 25.33 0.90
C ALA H 187 -4.93 24.16 0.11
N TYR H 188 -5.81 23.46 -0.60
CA TYR H 188 -5.36 22.31 -1.39
C TYR H 188 -4.46 22.80 -2.47
N ILE H 189 -4.82 23.95 -3.00
CA ILE H 189 -4.02 24.56 -4.04
C ILE H 189 -2.72 25.19 -3.54
N TYR H 190 -2.72 25.71 -2.32
CA TYR H 190 -1.48 26.19 -1.74
C TYR H 190 -0.50 25.03 -1.58
N LEU H 191 -0.98 23.83 -1.17
CA LEU H 191 -0.14 22.69 -1.07
C LEU H 191 0.38 22.29 -2.45
N ALA H 192 -0.50 22.34 -3.43
CA ALA H 192 -0.09 22.02 -4.76
C ALA H 192 1.02 22.93 -5.23
N ILE H 193 0.87 24.23 -4.99
CA ILE H 193 1.83 25.20 -5.48
C ILE H 193 3.18 24.99 -4.84
N GLU H 194 3.16 24.74 -3.54
CA GLU H 194 4.41 24.44 -2.89
C GLU H 194 5.06 23.18 -3.45
N ALA H 195 4.24 22.18 -3.65
CA ALA H 195 4.74 20.89 -4.09
C ALA H 195 5.29 20.99 -5.48
N LEU H 196 4.61 21.73 -6.32
CA LEU H 196 5.17 21.94 -7.67
C LEU H 196 6.54 22.61 -7.60
N ALA H 197 6.64 23.60 -6.76
CA ALA H 197 7.89 24.34 -6.61
C ALA H 197 8.97 23.42 -6.07
N ASP H 198 8.62 22.60 -5.09
CA ASP H 198 9.57 21.65 -4.54
C ASP H 198 10.01 20.67 -5.63
N GLY H 199 9.05 20.29 -6.46
CA GLY H 199 9.36 19.45 -7.63
C GLY H 199 10.33 20.08 -8.59
N GLY H 200 10.12 21.36 -8.89
CA GLY H 200 11.03 22.06 -9.78
C GLY H 200 12.45 22.08 -9.20
N VAL H 201 12.56 22.39 -7.92
CA VAL H 201 13.86 22.38 -7.27
C VAL H 201 14.47 20.97 -7.34
N ALA H 202 13.64 19.96 -7.14
CA ALA H 202 14.14 18.59 -7.09
C ALA H 202 14.69 18.26 -8.47
N ALA H 203 14.16 18.87 -9.50
CA ALA H 203 14.67 18.69 -10.86
C ALA H 203 15.76 19.68 -11.23
N GLY H 204 16.23 20.49 -10.30
CA GLY H 204 17.38 21.34 -10.60
C GLY H 204 17.11 22.81 -10.75
N LEU H 205 15.85 23.25 -10.64
CA LEU H 205 15.54 24.68 -10.70
C LEU H 205 15.82 25.47 -9.45
N PRO H 206 16.23 26.75 -9.61
CA PRO H 206 16.32 27.64 -8.47
C PRO H 206 14.97 27.80 -7.86
N ARG H 207 15.00 27.97 -6.53
CA ARG H 207 13.81 28.10 -5.73
C ARG H 207 12.90 29.26 -6.16
N ASP H 208 13.47 30.46 -6.35
CA ASP H 208 12.60 31.61 -6.61
C ASP H 208 11.90 31.44 -7.94
N LEU H 209 12.64 30.99 -8.92
CA LEU H 209 12.05 30.72 -10.21
C LEU H 209 10.97 29.62 -10.12
N ALA H 210 11.30 28.57 -9.37
CA ALA H 210 10.36 27.45 -9.26
C ALA H 210 9.05 27.89 -8.71
N LEU H 211 9.11 28.65 -7.62
CA LEU H 211 7.93 29.11 -6.99
C LEU H 211 7.13 30.05 -7.89
N SER H 212 7.82 31.02 -8.48
CA SER H 212 7.18 31.94 -9.43
C SER H 212 6.52 31.19 -10.57
N LEU H 213 7.22 30.23 -11.17
CA LEU H 213 6.58 29.44 -12.23
C LEU H 213 5.36 28.63 -11.76
N ALA H 214 5.47 28.07 -10.54
CA ALA H 214 4.42 27.20 -10.04
C ALA H 214 3.13 28.02 -9.90
N SER H 215 3.26 29.15 -9.22
CA SER H 215 2.08 30.01 -8.99
C SER H 215 1.44 30.46 -10.32
N GLN H 216 2.27 30.87 -11.26
CA GLN H 216 1.71 31.43 -12.48
C GLN H 216 1.20 30.34 -13.39
N THR H 217 1.83 29.20 -13.35
CA THR H 217 1.31 28.05 -14.08
C THR H 217 -0.11 27.67 -13.61
N VAL H 218 -0.30 27.59 -12.28
CA VAL H 218 -1.59 27.29 -11.74
C VAL H 218 -2.59 28.39 -12.13
N LEU H 219 -2.17 29.64 -12.01
CA LEU H 219 -3.07 30.79 -12.38
C LEU H 219 -3.48 30.70 -13.86
N GLY H 220 -2.50 30.49 -14.71
CA GLY H 220 -2.75 30.32 -16.15
C GLY H 220 -3.69 29.19 -16.50
N ALA H 221 -3.45 28.02 -15.94
CA ALA H 221 -4.35 26.92 -16.19
C ALA H 221 -5.80 27.15 -15.79
N ALA H 222 -6.00 27.72 -14.58
CA ALA H 222 -7.30 27.98 -14.10
C ALA H 222 -7.98 29.03 -14.97
N SER H 223 -7.21 30.01 -15.45
CA SER H 223 -7.76 31.01 -16.41
C SER H 223 -8.18 30.40 -17.73
N MET H 224 -7.41 29.42 -18.20
CA MET H 224 -7.83 28.68 -19.36
C MET H 224 -9.15 27.95 -19.09
N ALA H 225 -9.26 27.38 -17.91
CA ALA H 225 -10.45 26.61 -17.60
C ALA H 225 -11.67 27.53 -17.49
N THR H 226 -11.47 28.66 -16.84
CA THR H 226 -12.60 29.57 -16.61
C THR H 226 -13.07 30.24 -17.94
N GLN H 227 -12.14 30.55 -18.83
CA GLN H 227 -12.48 31.29 -20.04
C GLN H 227 -12.71 30.46 -21.27
N SER H 228 -12.14 29.27 -21.39
CA SER H 228 -12.12 28.58 -22.68
C SER H 228 -13.47 27.97 -23.07
N GLY H 229 -14.36 27.80 -22.11
CA GLY H 229 -15.57 27.03 -22.34
C GLY H 229 -15.34 25.51 -22.58
N LYS H 230 -14.12 25.02 -22.35
CA LYS H 230 -13.83 23.62 -22.60
C LYS H 230 -13.92 22.75 -21.35
N HIS H 231 -14.26 21.50 -21.54
CA HIS H 231 -14.16 20.55 -20.45
C HIS H 231 -12.68 20.36 -20.07
N PRO H 232 -12.38 20.20 -18.78
CA PRO H 232 -10.99 19.99 -18.33
C PRO H 232 -10.28 18.87 -19.00
N GLY H 233 -11.00 17.81 -19.26
CA GLY H 233 -10.47 16.69 -20.07
C GLY H 233 -9.99 17.07 -21.47
N GLN H 234 -10.76 17.95 -22.11
CA GLN H 234 -10.42 18.45 -23.44
C GLN H 234 -9.18 19.33 -23.29
N LEU H 235 -9.12 20.13 -22.25
CA LEU H 235 -7.92 20.96 -22.06
C LEU H 235 -6.66 20.08 -21.82
N LYS H 236 -6.83 19.01 -21.09
CA LYS H 236 -5.68 18.08 -20.82
C LYS H 236 -5.30 17.42 -22.14
N ASP H 237 -6.30 17.02 -22.94
CA ASP H 237 -6.01 16.48 -24.26
C ASP H 237 -5.26 17.49 -25.11
N ASP H 238 -5.63 18.75 -25.09
CA ASP H 238 -4.93 19.75 -25.91
C ASP H 238 -3.44 19.81 -25.58
N VAL H 239 -3.01 19.59 -24.34
CA VAL H 239 -1.60 19.80 -24.04
C VAL H 239 -0.79 18.50 -23.97
N THR H 240 -1.45 17.36 -24.06
CA THR H 240 -0.76 16.08 -23.90
C THR H 240 -0.27 15.53 -25.27
N SER H 241 0.86 16.07 -25.75
CA SER H 241 1.48 15.58 -27.02
C SER H 241 1.86 14.12 -26.95
N PRO H 242 1.75 13.38 -28.06
CA PRO H 242 2.07 11.97 -28.09
C PRO H 242 3.46 11.67 -27.53
N GLY H 243 3.53 10.81 -26.53
CA GLY H 243 4.85 10.40 -25.97
C GLY H 243 5.66 11.52 -25.40
N GLY H 244 5.01 12.65 -25.15
CA GLY H 244 5.71 13.84 -24.67
C GLY H 244 5.85 13.98 -23.12
N THR H 245 6.37 15.13 -22.71
CA THR H 245 6.67 15.42 -21.35
C THR H 245 5.41 15.49 -20.48
N THR H 246 4.36 16.10 -21.03
CA THR H 246 3.14 16.33 -20.30
C THR H 246 2.43 15.02 -19.93
N ILE H 247 2.33 14.14 -20.91
CA ILE H 247 1.69 12.84 -20.65
C ILE H 247 2.53 11.98 -19.73
N ALA H 248 3.85 12.15 -19.77
CA ALA H 248 4.68 11.41 -18.78
C ALA H 248 4.35 11.88 -17.34
N GLY H 249 4.20 13.17 -17.15
CA GLY H 249 3.81 13.69 -15.84
C GLY H 249 2.38 13.28 -15.43
N VAL H 250 1.45 13.42 -16.36
CA VAL H 250 0.09 13.00 -16.12
C VAL H 250 0.00 11.50 -15.74
N HIS H 251 0.76 10.67 -16.43
CA HIS H 251 0.77 9.27 -16.10
C HIS H 251 1.20 9.01 -14.61
N GLU H 252 2.17 9.76 -14.10
CA GLU H 252 2.56 9.59 -12.69
C GLU H 252 1.44 10.00 -11.78
N LEU H 253 0.69 11.05 -12.17
CA LEU H 253 -0.42 11.46 -11.36
C LEU H 253 -1.45 10.33 -11.31
N GLU H 254 -1.74 9.74 -12.49
CA GLU H 254 -2.75 8.71 -12.54
C GLU H 254 -2.27 7.43 -11.79
N LYS H 255 -1.00 7.08 -11.92
CA LYS H 255 -0.50 5.87 -11.23
C LYS H 255 -0.76 6.03 -9.75
N ALA H 256 -0.69 7.24 -9.25
CA ALA H 256 -0.87 7.47 -7.81
C ALA H 256 -2.29 7.78 -7.36
N GLY H 257 -3.22 7.82 -8.28
CA GLY H 257 -4.58 8.11 -7.88
C GLY H 257 -4.83 9.56 -7.44
N PHE H 258 -4.11 10.46 -8.03
CA PHE H 258 -4.20 11.91 -7.76
C PHE H 258 -5.60 12.42 -7.73
N ARG H 259 -6.37 12.07 -8.75
CA ARG H 259 -7.75 12.61 -8.81
C ARG H 259 -8.53 12.19 -7.57
N GLY H 260 -8.41 10.92 -7.24
CA GLY H 260 -9.14 10.36 -6.09
C GLY H 260 -8.80 11.03 -4.77
N ILE H 261 -7.57 11.49 -4.68
CA ILE H 261 -7.07 12.09 -3.43
C ILE H 261 -7.74 13.41 -3.28
N LEU H 262 -7.87 14.12 -4.36
CA LEU H 262 -8.57 15.44 -4.28
C LEU H 262 -10.03 15.25 -4.04
N MET H 263 -10.59 14.18 -4.58
CA MET H 263 -12.02 13.88 -4.29
C MET H 263 -12.18 13.57 -2.79
N ASN H 264 -11.25 12.79 -2.27
CA ASN H 264 -11.29 12.52 -0.83
C ASN H 264 -11.22 13.77 0.02
N ALA H 265 -10.42 14.72 -0.40
CA ALA H 265 -10.26 15.91 0.41
C ALA H 265 -11.57 16.70 0.47
N VAL H 266 -12.16 16.88 -0.68
CA VAL H 266 -13.43 17.59 -0.73
C VAL H 266 -14.47 16.89 0.10
N VAL H 267 -14.57 15.58 -0.04
CA VAL H 267 -15.58 14.83 0.71
C VAL H 267 -15.34 14.94 2.21
N ALA H 268 -14.08 14.85 2.65
CA ALA H 268 -13.83 14.87 4.08
C ALA H 268 -14.13 16.25 4.64
N ALA H 269 -13.77 17.26 3.87
CA ALA H 269 -14.02 18.64 4.30
C ALA H 269 -15.51 18.93 4.36
N ALA H 270 -16.25 18.49 3.37
CA ALA H 270 -17.74 18.57 3.42
C ALA H 270 -18.34 17.81 4.60
N LYS H 271 -17.82 16.65 4.84
CA LYS H 271 -18.31 15.90 5.99
C LYS H 271 -18.00 16.65 7.33
N ARG H 272 -16.83 17.26 7.43
N ARG H 272 -16.83 17.27 7.43
CA ARG H 272 -16.48 18.01 8.64
CA ARG H 272 -16.48 18.03 8.65
C ARG H 272 -17.38 19.21 8.80
C ARG H 272 -17.39 19.22 8.80
N SER H 273 -17.73 19.83 7.69
CA SER H 273 -18.63 20.96 7.73
C SER H 273 -19.95 20.56 8.28
N GLN H 274 -20.43 19.42 7.84
CA GLN H 274 -21.73 18.96 8.31
C GLN H 274 -21.63 18.62 9.79
N GLU H 275 -20.54 18.01 10.21
CA GLU H 275 -20.37 17.69 11.64
C GLU H 275 -20.31 18.91 12.53
N LEU H 276 -19.76 20.01 12.02
CA LEU H 276 -19.62 21.24 12.81
C LEU H 276 -20.97 21.91 12.81
N SER H 277 -21.90 21.21 12.19
CA SER H 277 -23.37 21.24 12.39
C SER H 277 -23.87 21.82 11.09
N PRO I 8 -2.49 -1.33 -61.47
CA PRO I 8 -3.72 -0.89 -60.78
C PRO I 8 -4.70 -2.08 -60.67
N ILE I 9 -5.17 -2.40 -59.45
CA ILE I 9 -6.00 -3.62 -59.20
C ILE I 9 -7.44 -3.32 -59.63
N PRO I 10 -8.08 -4.20 -60.42
CA PRO I 10 -9.47 -3.91 -60.85
C PRO I 10 -10.46 -3.86 -59.68
N ALA I 11 -10.96 -2.67 -59.38
CA ALA I 11 -11.74 -2.42 -58.16
C ALA I 11 -12.96 -3.32 -57.98
N ASP I 12 -13.63 -3.68 -59.07
CA ASP I 12 -14.89 -4.43 -58.99
C ASP I 12 -14.75 -5.90 -59.33
N SER I 13 -13.61 -6.29 -59.87
CA SER I 13 -13.46 -7.66 -60.35
C SER I 13 -12.20 -8.38 -59.83
N TYR I 14 -11.49 -7.80 -58.87
CA TYR I 14 -10.26 -8.44 -58.40
C TYR I 14 -10.53 -9.75 -57.69
N THR I 15 -9.55 -10.63 -57.76
CA THR I 15 -9.58 -11.88 -57.02
C THR I 15 -8.68 -11.78 -55.77
N LEU I 16 -9.13 -12.40 -54.71
CA LEU I 16 -8.49 -12.32 -53.41
C LEU I 16 -8.00 -13.68 -52.96
N GLY I 17 -6.77 -13.74 -52.50
CA GLY I 17 -6.15 -14.99 -52.09
C GLY I 17 -5.72 -14.93 -50.64
N PHE I 18 -6.10 -15.93 -49.88
CA PHE I 18 -5.69 -16.05 -48.46
C PHE I 18 -4.62 -17.07 -48.27
N ILE I 19 -3.46 -16.62 -47.81
CA ILE I 19 -2.39 -17.51 -47.40
C ILE I 19 -2.37 -17.56 -45.89
N GLY I 20 -2.83 -18.70 -45.38
CA GLY I 20 -3.21 -18.82 -43.98
C GLY I 20 -4.71 -18.82 -43.94
N ALA I 21 -5.27 -19.86 -43.33
CA ALA I 21 -6.72 -20.07 -43.35
C ALA I 21 -7.30 -20.09 -41.93
N GLY I 22 -6.71 -19.31 -41.05
CA GLY I 22 -7.19 -19.20 -39.67
C GLY I 22 -8.45 -18.37 -39.51
N LYS I 23 -8.74 -18.05 -38.24
CA LYS I 23 -9.98 -17.34 -37.84
C LYS I 23 -10.07 -15.99 -38.52
N MET I 24 -8.93 -15.30 -38.56
CA MET I 24 -8.90 -13.94 -39.11
C MET I 24 -9.22 -13.95 -40.61
N ALA I 25 -8.58 -14.86 -41.34
CA ALA I 25 -8.87 -14.98 -42.79
C ALA I 25 -10.34 -15.35 -43.04
N GLU I 26 -10.85 -16.27 -42.23
CA GLU I 26 -12.27 -16.62 -42.29
C GLU I 26 -13.12 -15.38 -42.04
N SER I 27 -12.79 -14.64 -41.00
CA SER I 27 -13.63 -13.45 -40.68
C SER I 27 -13.64 -12.44 -41.83
N ILE I 28 -12.43 -12.19 -42.39
CA ILE I 28 -12.33 -11.26 -43.51
C ILE I 28 -13.17 -11.78 -44.72
N ALA I 29 -13.02 -13.04 -45.03
CA ALA I 29 -13.73 -13.63 -46.15
C ALA I 29 -15.25 -13.54 -45.95
N LYS I 30 -15.73 -13.96 -44.79
CA LYS I 30 -17.18 -13.96 -44.53
C LYS I 30 -17.69 -12.55 -44.57
N GLY I 31 -16.97 -11.64 -43.93
CA GLY I 31 -17.36 -10.24 -43.93
C GLY I 31 -17.44 -9.67 -45.33
N ALA I 32 -16.43 -9.97 -46.13
CA ALA I 32 -16.40 -9.38 -47.47
C ALA I 32 -17.59 -9.87 -48.32
N VAL I 33 -17.91 -11.15 -48.15
CA VAL I 33 -19.02 -11.77 -48.86
C VAL I 33 -20.33 -11.21 -48.35
N ARG I 34 -20.58 -11.33 -47.04
CA ARG I 34 -21.81 -10.78 -46.45
C ARG I 34 -22.13 -9.37 -46.98
N SER I 35 -21.14 -8.49 -46.96
CA SER I 35 -21.35 -7.09 -47.36
C SER I 35 -21.31 -6.87 -48.87
N GLY I 36 -21.03 -7.90 -49.64
CA GLY I 36 -21.04 -7.79 -51.08
C GLY I 36 -19.83 -7.14 -51.73
N VAL I 37 -18.76 -6.96 -50.96
CA VAL I 37 -17.52 -6.44 -51.54
C VAL I 37 -16.98 -7.45 -52.54
N LEU I 38 -17.22 -8.73 -52.24
CA LEU I 38 -16.71 -9.87 -52.99
C LEU I 38 -17.78 -10.97 -53.12
N SER I 39 -17.70 -11.79 -54.15
CA SER I 39 -18.44 -13.05 -54.20
C SER I 39 -17.45 -14.21 -53.92
N PRO I 40 -17.91 -15.32 -53.30
CA PRO I 40 -17.05 -16.46 -52.96
C PRO I 40 -16.23 -17.01 -54.13
N SER I 41 -16.76 -16.91 -55.34
CA SER I 41 -16.03 -17.39 -56.52
C SER I 41 -14.75 -16.58 -56.77
N ARG I 42 -14.70 -15.35 -56.25
CA ARG I 42 -13.54 -14.46 -56.42
C ARG I 42 -12.50 -14.64 -55.29
N ILE I 43 -12.76 -15.59 -54.40
CA ILE I 43 -11.87 -15.85 -53.27
C ILE I 43 -11.28 -17.26 -53.33
N LYS I 44 -9.98 -17.37 -53.04
CA LYS I 44 -9.28 -18.64 -52.95
C LYS I 44 -8.45 -18.70 -51.69
N THR I 45 -8.32 -19.90 -51.13
CA THR I 45 -7.39 -20.14 -50.04
C THR I 45 -6.76 -21.52 -50.20
N ALA I 46 -5.66 -21.77 -49.49
CA ALA I 46 -4.99 -23.07 -49.52
C ALA I 46 -4.92 -23.69 -48.15
N ILE I 47 -5.15 -24.99 -48.06
CA ILE I 47 -5.13 -25.67 -46.77
C ILE I 47 -4.30 -26.90 -47.01
N HIS I 48 -3.49 -27.27 -46.02
CA HIS I 48 -2.73 -28.50 -46.05
C HIS I 48 -3.17 -29.31 -44.83
N SER I 49 -4.02 -30.29 -45.07
CA SER I 49 -4.31 -31.35 -44.11
C SER I 49 -5.08 -30.90 -42.82
N ASN I 50 -5.63 -29.68 -42.74
CA ASN I 50 -6.74 -29.41 -41.82
C ASN I 50 -8.09 -29.61 -42.54
N PRO I 51 -8.82 -30.68 -42.21
CA PRO I 51 -10.12 -30.86 -42.88
C PRO I 51 -11.21 -29.93 -42.32
N ALA I 52 -11.05 -29.50 -41.07
CA ALA I 52 -12.01 -28.63 -40.39
C ALA I 52 -12.00 -27.21 -40.93
N ARG I 53 -10.79 -26.68 -41.17
CA ARG I 53 -10.63 -25.36 -41.78
C ARG I 53 -11.13 -25.39 -43.22
N ARG I 54 -10.86 -26.48 -43.94
CA ARG I 54 -11.42 -26.65 -45.28
C ARG I 54 -12.93 -26.54 -45.31
N THR I 55 -13.59 -27.13 -44.32
CA THR I 55 -15.04 -27.07 -44.24
C THR I 55 -15.52 -25.64 -44.06
N ALA I 56 -14.89 -24.93 -43.13
CA ALA I 56 -15.27 -23.55 -42.83
C ALA I 56 -15.30 -22.67 -44.10
N PHE I 57 -14.30 -22.84 -44.98
CA PHE I 57 -14.22 -22.03 -46.24
C PHE I 57 -15.13 -22.56 -47.34
N GLU I 58 -15.13 -23.87 -47.52
CA GLU I 58 -16.04 -24.50 -48.50
C GLU I 58 -17.49 -24.20 -48.17
N SER I 59 -17.85 -24.25 -46.89
CA SER I 59 -19.24 -24.04 -46.44
C SER I 59 -19.77 -22.64 -46.74
N ILE I 60 -18.91 -21.69 -47.10
CA ILE I 60 -19.39 -20.37 -47.52
C ILE I 60 -19.14 -20.13 -49.01
N GLY I 61 -18.78 -21.18 -49.71
CA GLY I 61 -18.71 -21.15 -51.17
C GLY I 61 -17.35 -20.82 -51.77
N ILE I 62 -16.32 -20.90 -50.95
CA ILE I 62 -14.97 -20.54 -51.38
C ILE I 62 -14.22 -21.78 -51.78
N THR I 63 -13.57 -21.72 -52.92
CA THR I 63 -12.70 -22.80 -53.38
C THR I 63 -11.36 -22.91 -52.64
N VAL I 64 -11.12 -24.09 -52.09
CA VAL I 64 -9.88 -24.40 -51.40
C VAL I 64 -8.96 -25.14 -52.37
N LEU I 65 -7.80 -24.54 -52.64
CA LEU I 65 -6.77 -25.18 -53.48
C LEU I 65 -5.74 -25.85 -52.57
N SER I 66 -4.89 -26.66 -53.17
CA SER I 66 -4.00 -27.52 -52.38
C SER I 66 -2.57 -26.98 -52.24
N SER I 67 -2.26 -25.90 -52.95
CA SER I 67 -0.96 -25.22 -52.78
C SER I 67 -1.08 -23.70 -52.69
N ASN I 68 -0.18 -23.14 -51.90
CA ASN I 68 -0.06 -21.69 -51.77
C ASN I 68 0.27 -21.02 -53.13
N ASP I 69 1.10 -21.72 -53.92
CA ASP I 69 1.55 -21.26 -55.22
C ASP I 69 0.40 -20.91 -56.13
N ASP I 70 -0.59 -21.79 -56.20
CA ASP I 70 -1.76 -21.59 -57.06
C ASP I 70 -2.72 -20.52 -56.56
N VAL I 71 -2.89 -20.44 -55.25
CA VAL I 71 -3.63 -19.30 -54.67
C VAL I 71 -3.05 -17.96 -55.18
N VAL I 72 -1.74 -17.83 -55.06
CA VAL I 72 -1.06 -16.60 -55.47
C VAL I 72 -1.24 -16.34 -56.97
N ARG I 73 -0.90 -17.35 -57.82
CA ARG I 73 -1.06 -17.23 -59.27
C ARG I 73 -2.42 -16.66 -59.67
N ASP I 74 -3.50 -17.21 -59.09
CA ASP I 74 -4.88 -16.82 -59.41
C ASP I 74 -5.43 -15.59 -58.64
N SER I 75 -4.59 -14.93 -57.85
CA SER I 75 -5.04 -13.77 -57.04
C SER I 75 -4.36 -12.42 -57.39
N ASN I 76 -5.17 -11.38 -57.52
CA ASN I 76 -4.70 -9.99 -57.64
C ASN I 76 -4.23 -9.40 -56.30
N VAL I 77 -4.89 -9.83 -55.22
CA VAL I 77 -4.63 -9.36 -53.86
C VAL I 77 -4.38 -10.60 -53.01
N VAL I 78 -3.26 -10.62 -52.32
CA VAL I 78 -2.90 -11.74 -51.44
C VAL I 78 -2.80 -11.26 -49.98
N VAL I 79 -3.60 -11.89 -49.11
CA VAL I 79 -3.60 -11.62 -47.68
C VAL I 79 -2.87 -12.76 -46.94
N PHE I 80 -1.76 -12.39 -46.28
CA PHE I 80 -1.01 -13.29 -45.41
C PHE I 80 -1.48 -13.23 -43.96
N SER I 81 -2.02 -14.35 -43.47
CA SER I 81 -2.51 -14.42 -42.10
C SER I 81 -1.94 -15.62 -41.38
N VAL I 82 -0.80 -16.09 -41.80
CA VAL I 82 -0.17 -17.16 -41.04
C VAL I 82 0.39 -16.63 -39.71
N LYS I 83 0.73 -17.55 -38.82
CA LYS I 83 1.35 -17.18 -37.56
C LYS I 83 2.60 -16.37 -37.87
N PRO I 84 2.83 -15.29 -37.12
CA PRO I 84 3.95 -14.38 -37.39
C PRO I 84 5.31 -15.05 -37.59
N GLN I 85 5.66 -15.99 -36.72
CA GLN I 85 6.98 -16.71 -36.78
C GLN I 85 7.15 -17.53 -38.07
N LEU I 86 6.05 -17.90 -38.73
CA LEU I 86 6.08 -18.67 -39.98
C LEU I 86 6.09 -17.80 -41.25
N LEU I 87 5.80 -16.51 -41.09
CA LEU I 87 5.53 -15.66 -42.24
C LEU I 87 6.74 -15.49 -43.16
N LYS I 88 7.89 -15.25 -42.55
CA LYS I 88 9.06 -15.01 -43.31
C LYS I 88 9.30 -16.15 -44.30
N ASP I 89 9.30 -17.39 -43.79
CA ASP I 89 9.61 -18.56 -44.65
C ASP I 89 8.53 -18.74 -45.72
N VAL I 90 7.28 -18.48 -45.36
CA VAL I 90 6.20 -18.60 -46.33
C VAL I 90 6.39 -17.57 -47.45
N VAL I 91 6.77 -16.34 -47.10
CA VAL I 91 6.95 -15.29 -48.12
C VAL I 91 8.13 -15.61 -49.04
N LEU I 92 9.25 -16.04 -48.44
CA LEU I 92 10.45 -16.38 -49.21
C LEU I 92 10.20 -17.49 -50.21
N LYS I 93 9.48 -18.53 -49.75
CA LYS I 93 9.08 -19.67 -50.59
C LYS I 93 8.28 -19.19 -51.81
N LEU I 94 7.37 -18.25 -51.61
CA LEU I 94 6.48 -17.80 -52.68
C LEU I 94 7.09 -16.71 -53.57
N LYS I 95 8.27 -16.23 -53.19
CA LYS I 95 8.80 -14.99 -53.76
C LYS I 95 8.72 -14.85 -55.30
N PRO I 96 9.12 -15.89 -56.08
CA PRO I 96 9.13 -15.76 -57.55
C PRO I 96 7.75 -15.43 -58.13
N LEU I 97 6.69 -15.89 -57.49
CA LEU I 97 5.29 -15.59 -57.88
C LEU I 97 4.75 -14.23 -57.40
N LEU I 98 5.48 -13.57 -56.50
CA LEU I 98 4.98 -12.30 -55.93
C LEU I 98 5.37 -11.13 -56.81
N THR I 99 4.76 -11.08 -57.98
CA THR I 99 5.09 -10.04 -58.95
C THR I 99 4.38 -8.73 -58.58
N LYS I 100 4.94 -7.61 -59.03
CA LYS I 100 4.52 -6.25 -58.65
C LYS I 100 3.08 -5.89 -59.02
N ASP I 101 2.47 -6.65 -59.92
CA ASP I 101 1.05 -6.44 -60.28
C ASP I 101 0.10 -7.00 -59.23
N LYS I 102 0.64 -7.78 -58.28
CA LYS I 102 -0.13 -8.28 -57.12
C LYS I 102 0.08 -7.47 -55.81
N LEU I 103 -1.03 -6.95 -55.28
CA LEU I 103 -1.05 -6.22 -53.99
C LEU I 103 -0.97 -7.23 -52.86
N LEU I 104 0.09 -7.11 -52.04
CA LEU I 104 0.30 -7.97 -50.86
C LEU I 104 -0.14 -7.27 -49.54
N VAL I 105 -0.73 -8.06 -48.66
CA VAL I 105 -1.30 -7.55 -47.42
C VAL I 105 -0.85 -8.51 -46.30
N SER I 106 -0.36 -7.94 -45.21
CA SER I 106 -0.04 -8.73 -44.00
C SER I 106 -0.95 -8.31 -42.85
N VAL I 107 -1.57 -9.31 -42.21
CA VAL I 107 -2.24 -9.07 -40.94
C VAL I 107 -1.44 -9.61 -39.77
N ALA I 108 -0.19 -9.99 -39.98
CA ALA I 108 0.58 -10.63 -38.93
C ALA I 108 0.95 -9.63 -37.84
N ALA I 109 0.68 -10.01 -36.60
CA ALA I 109 1.08 -9.19 -35.45
C ALA I 109 2.60 -9.04 -35.35
N GLY I 110 3.05 -7.80 -35.10
CA GLY I 110 4.48 -7.54 -34.85
C GLY I 110 5.45 -7.50 -36.03
N ILE I 111 5.03 -7.83 -37.24
CA ILE I 111 5.92 -7.79 -38.39
C ILE I 111 5.87 -6.44 -39.11
N LYS I 112 6.97 -5.73 -39.03
CA LYS I 112 7.13 -4.39 -39.59
C LYS I 112 7.11 -4.36 -41.10
N MET I 113 6.74 -3.20 -41.65
CA MET I 113 6.71 -2.98 -43.09
C MET I 113 8.06 -3.22 -43.74
N LYS I 114 9.09 -2.66 -43.13
CA LYS I 114 10.45 -2.79 -43.67
C LYS I 114 10.80 -4.24 -43.99
N ASP I 115 10.45 -5.14 -43.07
CA ASP I 115 10.73 -6.57 -43.21
C ASP I 115 9.84 -7.23 -44.25
N LEU I 116 8.56 -6.90 -44.25
CA LEU I 116 7.67 -7.44 -45.24
C LEU I 116 8.20 -7.15 -46.66
N GLN I 117 8.58 -5.90 -46.90
CA GLN I 117 9.07 -5.46 -48.20
C GLN I 117 10.37 -6.17 -48.61
N GLU I 118 11.26 -6.37 -47.65
CA GLU I 118 12.51 -7.07 -47.92
C GLU I 118 12.25 -8.50 -48.27
N TRP I 119 11.36 -9.14 -47.55
CA TRP I 119 11.05 -10.58 -47.85
C TRP I 119 10.42 -10.76 -49.22
N ALA I 120 9.46 -9.88 -49.54
CA ALA I 120 8.76 -9.96 -50.82
C ALA I 120 9.60 -9.45 -52.01
N GLY I 121 10.57 -8.58 -51.75
CA GLY I 121 11.42 -8.01 -52.79
C GLY I 121 10.80 -6.81 -53.48
N HIS I 122 9.64 -6.39 -53.03
CA HIS I 122 9.07 -5.15 -53.55
C HIS I 122 8.27 -4.43 -52.45
N GLU I 123 7.71 -3.28 -52.80
CA GLU I 123 7.11 -2.36 -51.83
C GLU I 123 5.63 -2.18 -52.01
N ARG I 124 5.02 -3.01 -52.85
CA ARG I 124 3.54 -3.00 -53.00
C ARG I 124 2.86 -3.92 -51.98
N PHE I 125 2.87 -3.39 -50.76
CA PHE I 125 2.58 -4.15 -49.56
C PHE I 125 1.81 -3.22 -48.62
N ILE I 126 0.76 -3.76 -48.03
CA ILE I 126 0.00 -3.05 -47.00
C ILE I 126 -0.04 -3.94 -45.75
N ARG I 127 0.16 -3.28 -44.61
CA ARG I 127 0.11 -3.93 -43.33
C ARG I 127 -1.13 -3.48 -42.63
N VAL I 128 -1.83 -4.47 -42.10
CA VAL I 128 -3.04 -4.23 -41.33
C VAL I 128 -2.79 -4.92 -39.98
N MET I 129 -3.16 -4.20 -38.92
CA MET I 129 -3.36 -4.80 -37.62
C MET I 129 -4.85 -4.75 -37.20
N PRO I 130 -5.59 -5.85 -37.42
CA PRO I 130 -7.00 -5.90 -36.93
C PRO I 130 -6.99 -6.39 -35.46
N ASN I 131 -8.15 -6.68 -34.91
CA ASN I 131 -8.19 -7.30 -33.63
C ASN I 131 -9.26 -8.31 -33.58
N THR I 132 -9.39 -8.99 -32.47
CA THR I 132 -10.28 -10.16 -32.37
C THR I 132 -11.77 -9.95 -32.67
N ALA I 133 -12.25 -8.71 -32.60
CA ALA I 133 -13.68 -8.43 -32.82
C ALA I 133 -14.08 -8.43 -34.31
N ALA I 134 -13.11 -8.70 -35.17
CA ALA I 134 -13.40 -9.06 -36.58
C ALA I 134 -14.43 -10.14 -36.70
N THR I 135 -14.39 -11.14 -35.84
CA THR I 135 -15.40 -12.20 -35.81
C THR I 135 -16.85 -11.69 -35.79
N VAL I 136 -17.13 -10.57 -35.12
CA VAL I 136 -18.55 -10.07 -35.15
C VAL I 136 -18.67 -8.78 -35.95
N GLY I 137 -17.71 -8.53 -36.84
CA GLY I 137 -17.71 -7.30 -37.62
C GLY I 137 -17.47 -6.01 -36.88
N GLU I 138 -16.80 -6.07 -35.73
CA GLU I 138 -16.56 -4.82 -34.98
C GLU I 138 -15.10 -4.63 -34.66
N ALA I 139 -14.25 -5.09 -35.58
CA ALA I 139 -12.82 -4.88 -35.39
C ALA I 139 -12.44 -3.43 -35.29
N ALA I 140 -11.37 -3.18 -34.55
CA ALA I 140 -10.61 -1.94 -34.65
C ALA I 140 -9.31 -2.25 -35.39
N SER I 141 -9.20 -1.77 -36.62
CA SER I 141 -8.07 -2.04 -37.46
C SER I 141 -7.30 -0.78 -37.83
N VAL I 142 -6.01 -0.93 -37.97
CA VAL I 142 -5.22 0.13 -38.55
C VAL I 142 -4.34 -0.42 -39.72
N MET I 143 -4.12 0.43 -40.72
CA MET I 143 -3.28 0.08 -41.87
C MET I 143 -2.12 1.06 -42.10
N SER I 144 -0.98 0.49 -42.50
CA SER I 144 0.15 1.30 -42.96
C SER I 144 0.47 0.84 -44.39
N LEU I 145 1.01 1.77 -45.17
CA LEU I 145 1.31 1.54 -46.59
C LEU I 145 2.80 1.34 -46.82
N GLY I 146 3.14 0.32 -47.57
CA GLY I 146 4.46 0.19 -48.16
C GLY I 146 4.76 1.32 -49.15
N GLY I 147 6.04 1.50 -49.48
CA GLY I 147 6.49 2.58 -50.36
C GLY I 147 5.91 2.62 -51.79
N ALA I 148 5.50 1.46 -52.31
CA ALA I 148 4.86 1.38 -53.63
C ALA I 148 3.34 1.11 -53.58
N ALA I 149 2.74 1.08 -52.40
CA ALA I 149 1.28 0.98 -52.31
C ALA I 149 0.63 2.29 -52.74
N THR I 150 -0.38 2.22 -53.62
CA THR I 150 -1.07 3.42 -54.15
C THR I 150 -2.28 3.79 -53.35
N GLU I 151 -2.80 5.00 -53.58
CA GLU I 151 -4.03 5.44 -52.90
C GLU I 151 -5.19 4.49 -53.19
N GLU I 152 -5.23 4.00 -54.41
CA GLU I 152 -6.26 3.06 -54.88
C GLU I 152 -6.11 1.71 -54.23
N ASP I 153 -4.85 1.26 -54.03
CA ASP I 153 -4.56 0.06 -53.21
C ASP I 153 -5.12 0.24 -51.76
N ALA I 154 -4.85 1.40 -51.17
CA ALA I 154 -5.31 1.73 -49.83
C ALA I 154 -6.83 1.69 -49.74
N ASN I 155 -7.50 2.32 -50.71
CA ASN I 155 -8.97 2.31 -50.72
C ASN I 155 -9.54 0.93 -50.88
N LEU I 156 -8.90 0.13 -51.69
CA LEU I 156 -9.35 -1.24 -51.86
C LEU I 156 -9.31 -1.99 -50.52
N ILE I 157 -8.21 -1.83 -49.79
CA ILE I 157 -8.05 -2.46 -48.47
C ILE I 157 -8.93 -1.83 -47.40
N SER I 158 -9.14 -0.51 -47.42
CA SER I 158 -10.14 0.12 -46.54
C SER I 158 -11.48 -0.54 -46.69
N GLN I 159 -11.86 -0.76 -47.94
CA GLN I 159 -13.17 -1.31 -48.21
C GLN I 159 -13.23 -2.77 -47.68
N LEU I 160 -12.16 -3.51 -47.93
CA LEU I 160 -12.13 -4.92 -47.55
C LEU I 160 -12.26 -5.05 -46.01
N PHE I 161 -11.52 -4.22 -45.28
CA PHE I 161 -11.46 -4.28 -43.84
C PHE I 161 -12.55 -3.45 -43.16
N GLY I 162 -13.22 -2.56 -43.94
CA GLY I 162 -14.44 -1.89 -43.52
C GLY I 162 -15.59 -2.89 -43.36
N SER I 163 -15.45 -4.04 -43.99
CA SER I 163 -16.44 -5.10 -43.93
C SER I 163 -16.40 -5.86 -42.60
N ILE I 164 -15.29 -5.77 -41.83
CA ILE I 164 -15.16 -6.46 -40.53
C ILE I 164 -15.08 -5.51 -39.31
N GLY I 165 -15.32 -4.22 -39.54
CA GLY I 165 -15.32 -3.24 -38.47
C GLY I 165 -14.90 -1.89 -38.99
N LYS I 166 -14.10 -1.17 -38.22
CA LYS I 166 -13.60 0.12 -38.61
C LYS I 166 -12.10 0.03 -38.90
N ILE I 167 -11.62 0.95 -39.72
CA ILE I 167 -10.24 0.98 -40.16
C ILE I 167 -9.70 2.40 -40.30
N TRP I 168 -8.53 2.60 -39.72
CA TRP I 168 -7.81 3.87 -39.73
C TRP I 168 -6.43 3.68 -40.35
N LYS I 169 -5.83 4.78 -40.79
CA LYS I 169 -4.49 4.78 -41.38
C LYS I 169 -3.52 5.32 -40.41
N ALA I 170 -2.33 4.74 -40.39
CA ALA I 170 -1.29 5.24 -39.50
C ALA I 170 0.08 4.82 -39.94
N ASP I 171 1.10 5.62 -39.56
CA ASP I 171 2.49 5.28 -39.84
C ASP I 171 2.85 3.99 -39.11
N ASP I 172 3.62 3.19 -39.78
CA ASP I 172 4.11 1.93 -39.24
C ASP I 172 4.76 2.10 -37.84
N LYS I 173 5.39 3.22 -37.59
CA LYS I 173 6.04 3.41 -36.28
C LYS I 173 5.05 3.45 -35.07
N TYR I 174 3.78 3.61 -35.30
CA TYR I 174 2.81 3.62 -34.24
C TYR I 174 2.34 2.21 -33.91
N PHE I 175 2.77 1.20 -34.64
CA PHE I 175 2.10 -0.08 -34.52
C PHE I 175 2.30 -0.82 -33.21
N ASP I 176 3.45 -0.64 -32.59
CA ASP I 176 3.67 -1.28 -31.30
C ASP I 176 2.68 -0.78 -30.29
N ALA I 177 2.44 0.51 -30.31
CA ALA I 177 1.50 1.12 -29.43
C ALA I 177 0.06 0.76 -29.79
N ILE I 178 -0.23 0.64 -31.07
CA ILE I 178 -1.55 0.23 -31.49
C ILE I 178 -1.82 -1.18 -31.02
N THR I 179 -0.79 -2.02 -31.06
CA THR I 179 -0.91 -3.43 -30.60
C THR I 179 -1.31 -3.45 -29.13
N GLY I 180 -0.72 -2.55 -28.35
CA GLY I 180 -0.98 -2.52 -26.87
C GLY I 180 -2.35 -2.02 -26.54
N LEU I 181 -2.95 -1.29 -27.50
CA LEU I 181 -4.24 -0.68 -27.30
C LEU I 181 -5.38 -1.50 -27.97
N SER I 182 -5.47 -1.45 -29.29
CA SER I 182 -6.58 -2.13 -30.02
C SER I 182 -6.30 -3.61 -30.20
N GLY I 183 -5.04 -4.01 -30.28
CA GLY I 183 -4.72 -5.46 -30.33
C GLY I 183 -4.95 -6.27 -29.07
N SER I 184 -4.50 -5.70 -27.99
CA SER I 184 -4.57 -6.32 -26.68
C SER I 184 -5.69 -5.90 -25.85
N GLY I 185 -6.16 -4.69 -26.08
CA GLY I 185 -7.26 -4.16 -25.32
C GLY I 185 -8.47 -5.06 -25.11
N PRO I 186 -8.82 -5.88 -26.05
CA PRO I 186 -10.10 -6.62 -25.76
C PRO I 186 -9.99 -7.47 -24.54
N ALA I 187 -8.80 -8.02 -24.29
CA ALA I 187 -8.66 -8.82 -23.09
C ALA I 187 -8.91 -7.99 -21.81
N TYR I 188 -8.49 -6.73 -21.84
CA TYR I 188 -8.69 -5.87 -20.69
C TYR I 188 -10.17 -5.78 -20.43
N ILE I 189 -10.92 -5.67 -21.52
CA ILE I 189 -12.34 -5.49 -21.40
C ILE I 189 -13.07 -6.78 -21.03
N TYR I 190 -12.57 -7.92 -21.46
CA TYR I 190 -13.10 -9.18 -21.01
C TYR I 190 -12.93 -9.30 -19.50
N LEU I 191 -11.79 -8.90 -18.95
CA LEU I 191 -11.61 -8.89 -17.49
C LEU I 191 -12.60 -7.94 -16.85
N ALA I 192 -12.79 -6.78 -17.47
CA ALA I 192 -13.70 -5.84 -16.94
C ALA I 192 -15.12 -6.37 -16.88
N ILE I 193 -15.55 -6.98 -17.94
CA ILE I 193 -16.93 -7.56 -18.01
C ILE I 193 -17.13 -8.64 -16.98
N GLU I 194 -16.10 -9.50 -16.78
CA GLU I 194 -16.22 -10.52 -15.79
C GLU I 194 -16.33 -9.88 -14.40
N ALA I 195 -15.48 -8.88 -14.18
CA ALA I 195 -15.38 -8.26 -12.86
C ALA I 195 -16.66 -7.47 -12.53
N LEU I 196 -17.20 -6.80 -13.51
CA LEU I 196 -18.52 -6.16 -13.32
C LEU I 196 -19.59 -7.20 -12.94
N ALA I 197 -19.61 -8.32 -13.64
CA ALA I 197 -20.54 -9.37 -13.34
C ALA I 197 -20.34 -9.87 -11.91
N ASP I 198 -19.07 -10.10 -11.54
CA ASP I 198 -18.75 -10.63 -10.22
C ASP I 198 -19.26 -9.60 -9.20
N GLY I 199 -19.10 -8.32 -9.55
CA GLY I 199 -19.57 -7.23 -8.70
C GLY I 199 -21.08 -7.24 -8.52
N GLY I 200 -21.79 -7.48 -9.59
CA GLY I 200 -23.26 -7.59 -9.50
C GLY I 200 -23.67 -8.72 -8.59
N VAL I 201 -23.03 -9.86 -8.76
CA VAL I 201 -23.31 -11.01 -7.90
C VAL I 201 -22.94 -10.68 -6.44
N ALA I 202 -21.85 -9.95 -6.25
CA ALA I 202 -21.42 -9.64 -4.91
C ALA I 202 -22.48 -8.76 -4.27
N ALA I 203 -23.18 -7.97 -5.07
CA ALA I 203 -24.26 -7.14 -4.57
C ALA I 203 -25.62 -7.83 -4.58
N GLY I 204 -25.69 -9.10 -4.88
CA GLY I 204 -26.95 -9.84 -4.73
C GLY I 204 -27.64 -10.25 -6.00
N LEU I 205 -27.08 -9.90 -7.16
CA LEU I 205 -27.67 -10.31 -8.43
C LEU I 205 -27.41 -11.74 -8.81
N PRO I 206 -28.38 -12.34 -9.48
CA PRO I 206 -28.12 -13.60 -10.13
C PRO I 206 -27.06 -13.45 -11.19
N ARG I 207 -26.32 -14.52 -11.36
CA ARG I 207 -25.21 -14.60 -12.28
C ARG I 207 -25.58 -14.31 -13.73
N ASP I 208 -26.66 -14.95 -14.25
CA ASP I 208 -26.93 -14.80 -15.66
C ASP I 208 -27.32 -13.39 -15.98
N LEU I 209 -28.14 -12.82 -15.10
CA LEU I 209 -28.53 -11.44 -15.28
C LEU I 209 -27.28 -10.50 -15.15
N ALA I 210 -26.44 -10.79 -14.15
CA ALA I 210 -25.24 -9.93 -13.92
C ALA I 210 -24.30 -9.90 -15.11
N LEU I 211 -24.07 -11.04 -15.69
CA LEU I 211 -23.28 -11.11 -16.89
C LEU I 211 -23.88 -10.46 -18.08
N SER I 212 -25.19 -10.72 -18.31
CA SER I 212 -25.85 -10.06 -19.39
C SER I 212 -25.82 -8.59 -19.22
N LEU I 213 -26.08 -8.10 -17.99
CA LEU I 213 -26.09 -6.64 -17.81
C LEU I 213 -24.71 -6.03 -18.00
N ALA I 214 -23.69 -6.76 -17.54
CA ALA I 214 -22.32 -6.26 -17.65
C ALA I 214 -21.93 -6.07 -19.13
N SER I 215 -22.13 -7.11 -19.91
CA SER I 215 -21.81 -7.04 -21.35
C SER I 215 -22.55 -5.90 -22.03
N GLN I 216 -23.83 -5.78 -21.75
CA GLN I 216 -24.67 -4.81 -22.53
C GLN I 216 -24.39 -3.40 -22.05
N THR I 217 -24.09 -3.29 -20.77
CA THR I 217 -23.64 -2.00 -20.25
C THR I 217 -22.35 -1.49 -20.89
N VAL I 218 -21.36 -2.38 -20.98
CA VAL I 218 -20.11 -2.04 -21.69
C VAL I 218 -20.37 -1.71 -23.17
N LEU I 219 -21.20 -2.52 -23.80
CA LEU I 219 -21.57 -2.26 -25.24
C LEU I 219 -22.23 -0.89 -25.40
N GLY I 220 -23.21 -0.63 -24.54
CA GLY I 220 -23.91 0.63 -24.57
C GLY I 220 -23.01 1.82 -24.39
N ALA I 221 -22.14 1.73 -23.42
CA ALA I 221 -21.26 2.87 -23.13
C ALA I 221 -20.33 3.20 -24.30
N ALA I 222 -19.72 2.17 -24.88
CA ALA I 222 -18.83 2.34 -25.98
C ALA I 222 -19.56 2.90 -27.19
N SER I 223 -20.80 2.47 -27.41
CA SER I 223 -21.63 3.05 -28.49
C SER I 223 -21.91 4.52 -28.27
N MET I 224 -22.15 4.90 -27.01
CA MET I 224 -22.32 6.30 -26.71
C MET I 224 -21.06 7.04 -27.04
N ALA I 225 -19.93 6.44 -26.73
CA ALA I 225 -18.68 7.14 -26.95
C ALA I 225 -18.41 7.26 -28.46
N THR I 226 -18.72 6.20 -29.21
CA THR I 226 -18.38 6.21 -30.62
C THR I 226 -19.30 7.17 -31.37
N GLN I 227 -20.56 7.27 -30.96
CA GLN I 227 -21.53 8.03 -31.75
C GLN I 227 -21.85 9.42 -31.24
N SER I 228 -21.62 9.72 -29.97
CA SER I 228 -22.08 10.97 -29.42
C SER I 228 -21.28 12.19 -29.86
N GLY I 229 -20.06 12.00 -30.33
CA GLY I 229 -19.15 13.14 -30.53
C GLY I 229 -18.70 13.87 -29.23
N LYS I 230 -18.97 13.30 -28.08
CA LYS I 230 -18.57 13.95 -26.82
C LYS I 230 -17.25 13.41 -26.27
N HIS I 231 -16.54 14.24 -25.52
CA HIS I 231 -15.38 13.79 -24.75
C HIS I 231 -15.86 12.82 -23.63
N PRO I 232 -15.07 11.78 -23.32
CA PRO I 232 -15.46 10.78 -22.27
C PRO I 232 -15.76 11.42 -20.98
N GLY I 233 -15.04 12.46 -20.66
CA GLY I 233 -15.29 13.26 -19.44
C GLY I 233 -16.65 13.94 -19.38
N GLN I 234 -17.10 14.41 -20.55
CA GLN I 234 -18.41 14.99 -20.65
C GLN I 234 -19.44 13.89 -20.51
N LEU I 235 -19.19 12.73 -21.09
CA LEU I 235 -20.14 11.61 -20.95
C LEU I 235 -20.26 11.18 -19.48
N LYS I 236 -19.15 11.14 -18.79
CA LYS I 236 -19.16 10.80 -17.40
C LYS I 236 -19.96 11.87 -16.64
N ASP I 237 -19.73 13.13 -16.97
CA ASP I 237 -20.46 14.23 -16.29
C ASP I 237 -21.94 14.10 -16.52
N ASP I 238 -22.32 13.69 -17.70
CA ASP I 238 -23.75 13.52 -17.96
C ASP I 238 -24.40 12.49 -17.05
N VAL I 239 -23.71 11.45 -16.61
CA VAL I 239 -24.38 10.38 -15.84
C VAL I 239 -24.09 10.44 -14.35
N THR I 240 -23.23 11.35 -13.93
CA THR I 240 -22.91 11.44 -12.52
C THR I 240 -23.84 12.45 -11.76
N SER I 241 -25.03 12.00 -11.38
CA SER I 241 -25.98 12.82 -10.56
C SER I 241 -25.39 13.20 -9.22
N PRO I 242 -25.71 14.40 -8.71
CA PRO I 242 -25.23 14.90 -7.43
C PRO I 242 -25.45 13.93 -6.31
N GLY I 243 -24.38 13.50 -5.63
CA GLY I 243 -24.51 12.58 -4.49
C GLY I 243 -25.15 11.25 -4.79
N GLY I 244 -25.19 10.89 -6.04
CA GLY I 244 -25.87 9.67 -6.49
C GLY I 244 -24.95 8.40 -6.54
N THR I 245 -25.50 7.37 -7.14
CA THR I 245 -24.94 6.06 -7.16
C THR I 245 -23.76 6.04 -8.05
N THR I 246 -23.87 6.71 -9.20
CA THR I 246 -22.80 6.71 -10.20
C THR I 246 -21.49 7.33 -9.68
N ILE I 247 -21.62 8.47 -9.01
CA ILE I 247 -20.45 9.14 -8.49
C ILE I 247 -19.85 8.34 -7.35
N ALA I 248 -20.69 7.64 -6.58
CA ALA I 248 -20.15 6.80 -5.50
C ALA I 248 -19.27 5.68 -6.09
N GLY I 249 -19.71 5.12 -7.17
CA GLY I 249 -18.89 4.09 -7.91
C GLY I 249 -17.64 4.68 -8.53
N VAL I 250 -17.80 5.78 -9.21
CA VAL I 250 -16.68 6.47 -9.78
C VAL I 250 -15.60 6.86 -8.73
N HIS I 251 -16.05 7.33 -7.58
CA HIS I 251 -15.10 7.69 -6.56
C HIS I 251 -14.27 6.49 -6.18
N GLU I 252 -14.88 5.30 -6.02
CA GLU I 252 -14.08 4.11 -5.65
C GLU I 252 -13.07 3.77 -6.73
N LEU I 253 -13.47 3.96 -7.97
CA LEU I 253 -12.47 3.77 -9.05
C LEU I 253 -11.32 4.74 -8.91
N GLU I 254 -11.63 6.04 -8.67
CA GLU I 254 -10.56 7.01 -8.56
C GLU I 254 -9.70 6.74 -7.33
N LYS I 255 -10.28 6.36 -6.20
CA LYS I 255 -9.48 6.14 -5.02
C LYS I 255 -8.42 5.10 -5.35
N ALA I 256 -8.79 4.14 -6.18
CA ALA I 256 -7.87 3.04 -6.47
C ALA I 256 -6.93 3.28 -7.62
N GLY I 257 -7.03 4.42 -8.25
CA GLY I 257 -6.15 4.67 -9.39
C GLY I 257 -6.48 3.91 -10.66
N PHE I 258 -7.77 3.66 -10.89
CA PHE I 258 -8.24 2.84 -11.96
C PHE I 258 -7.70 3.27 -13.32
N ARG I 259 -7.77 4.55 -13.57
CA ARG I 259 -7.29 5.06 -14.86
C ARG I 259 -5.84 4.77 -15.05
N GLY I 260 -5.06 4.99 -14.01
CA GLY I 260 -3.59 4.71 -14.09
C GLY I 260 -3.27 3.29 -14.40
N ILE I 261 -4.13 2.40 -13.93
CA ILE I 261 -3.91 0.93 -14.10
C ILE I 261 -4.15 0.55 -15.54
N LEU I 262 -5.16 1.14 -16.16
CA LEU I 262 -5.38 0.87 -17.59
C LEU I 262 -4.29 1.50 -18.44
N MET I 263 -3.79 2.66 -18.02
CA MET I 263 -2.67 3.27 -18.74
C MET I 263 -1.46 2.36 -18.62
N ASN I 264 -1.22 1.84 -17.45
CA ASN I 264 -0.09 0.90 -17.30
C ASN I 264 -0.19 -0.29 -18.22
N ALA I 265 -1.41 -0.80 -18.40
CA ALA I 265 -1.56 -2.03 -19.13
C ALA I 265 -1.19 -1.74 -20.62
N VAL I 266 -1.74 -0.65 -21.13
CA VAL I 266 -1.46 -0.29 -22.49
C VAL I 266 0.03 -0.08 -22.67
N VAL I 267 0.63 0.67 -21.79
CA VAL I 267 2.10 0.90 -21.91
C VAL I 267 2.90 -0.39 -21.82
N ALA I 268 2.56 -1.29 -20.92
CA ALA I 268 3.39 -2.53 -20.80
C ALA I 268 3.21 -3.38 -22.01
N ALA I 269 1.98 -3.45 -22.50
CA ALA I 269 1.74 -4.19 -23.73
C ALA I 269 2.46 -3.62 -24.95
N ALA I 270 2.43 -2.32 -25.10
CA ALA I 270 3.22 -1.63 -26.14
C ALA I 270 4.70 -1.90 -25.98
N LYS I 271 5.19 -1.83 -24.78
CA LYS I 271 6.57 -2.15 -24.56
C LYS I 271 6.90 -3.63 -24.92
N ARG I 272 6.02 -4.55 -24.59
N ARG I 272 6.02 -4.56 -24.59
CA ARG I 272 6.24 -5.96 -24.97
CA ARG I 272 6.24 -5.98 -24.97
C ARG I 272 6.24 -6.14 -26.50
C ARG I 272 6.23 -6.15 -26.51
N SER I 273 5.37 -5.41 -27.17
CA SER I 273 5.30 -5.45 -28.61
C SER I 273 6.60 -5.01 -29.21
N GLN I 274 7.15 -3.96 -28.64
CA GLN I 274 8.44 -3.47 -29.13
C GLN I 274 9.53 -4.53 -28.86
N GLU I 275 9.50 -5.15 -27.70
CA GLU I 275 10.53 -6.13 -27.36
C GLU I 275 10.47 -7.36 -28.24
N LEU I 276 9.28 -7.73 -28.70
CA LEU I 276 9.12 -8.89 -29.56
C LEU I 276 9.54 -8.50 -30.94
N SER I 277 10.00 -7.27 -31.02
CA SER I 277 10.93 -6.70 -32.01
C SER I 277 10.06 -5.74 -32.74
N ILE J 7 -59.02 -4.39 -17.66
CA ILE J 7 -59.14 -4.70 -19.12
C ILE J 7 -57.74 -4.76 -19.76
N PRO J 8 -57.48 -5.79 -20.62
CA PRO J 8 -56.15 -5.81 -21.29
C PRO J 8 -55.94 -4.55 -22.16
N ILE J 9 -54.69 -4.11 -22.27
CA ILE J 9 -54.33 -2.93 -23.08
C ILE J 9 -54.29 -3.38 -24.56
N PRO J 10 -54.94 -2.64 -25.47
CA PRO J 10 -54.93 -3.08 -26.90
C PRO J 10 -53.50 -3.09 -27.48
N ALA J 11 -52.95 -4.27 -27.73
CA ALA J 11 -51.54 -4.45 -28.13
C ALA J 11 -51.09 -3.63 -29.36
N ASP J 12 -51.97 -3.48 -30.34
CA ASP J 12 -51.60 -2.83 -31.61
C ASP J 12 -52.09 -1.38 -31.72
N SER J 13 -52.96 -0.96 -30.82
CA SER J 13 -53.60 0.36 -30.94
C SER J 13 -53.52 1.23 -29.67
N TYR J 14 -52.78 0.81 -28.67
CA TYR J 14 -52.74 1.58 -27.43
C TYR J 14 -52.10 2.95 -27.62
N THR J 15 -52.51 3.88 -26.79
CA THR J 15 -51.89 5.19 -26.74
C THR J 15 -50.93 5.25 -25.53
N LEU J 16 -49.86 5.98 -25.74
CA LEU J 16 -48.79 6.12 -24.75
C LEU J 16 -48.57 7.55 -24.29
N GLY J 17 -48.52 7.75 -22.97
CA GLY J 17 -48.41 9.08 -22.38
C GLY J 17 -47.13 9.21 -21.55
N PHE J 18 -46.36 10.26 -21.84
CA PHE J 18 -45.14 10.57 -21.09
C PHE J 18 -45.32 11.68 -20.12
N ILE J 19 -45.18 11.35 -18.85
CA ILE J 19 -45.18 12.36 -17.78
C ILE J 19 -43.74 12.58 -17.35
N GLY J 20 -43.19 13.72 -17.73
CA GLY J 20 -41.80 13.96 -17.73
C GLY J 20 -41.36 13.85 -19.19
N ALA J 21 -40.70 14.90 -19.68
CA ALA J 21 -40.31 15.01 -21.08
C ALA J 21 -38.79 15.11 -21.27
N GLY J 22 -38.04 14.48 -20.37
CA GLY J 22 -36.59 14.50 -20.43
C GLY J 22 -36.00 13.61 -21.50
N LYS J 23 -34.70 13.44 -21.41
CA LYS J 23 -33.90 12.70 -22.42
C LYS J 23 -34.41 11.27 -22.55
N MET J 24 -34.71 10.66 -21.39
CA MET J 24 -35.12 9.26 -21.38
C MET J 24 -36.48 9.07 -22.11
N ALA J 25 -37.43 9.95 -21.81
CA ALA J 25 -38.75 9.91 -22.47
C ALA J 25 -38.59 10.11 -24.00
N GLU J 26 -37.73 11.06 -24.38
CA GLU J 26 -37.42 11.29 -25.78
C GLU J 26 -36.82 10.04 -26.43
N SER J 27 -35.85 9.45 -25.77
CA SER J 27 -35.22 8.27 -26.32
C SER J 27 -36.25 7.16 -26.51
N ILE J 28 -37.10 6.94 -25.50
CA ILE J 28 -38.14 5.89 -25.62
C ILE J 28 -39.10 6.20 -26.79
N ALA J 29 -39.55 7.45 -26.86
CA ALA J 29 -40.46 7.85 -27.92
C ALA J 29 -39.85 7.67 -29.32
N LYS J 30 -38.62 8.16 -29.51
CA LYS J 30 -37.95 8.07 -30.81
C LYS J 30 -37.73 6.63 -31.18
N GLY J 31 -37.23 5.85 -30.22
CA GLY J 31 -37.01 4.45 -30.44
C GLY J 31 -38.28 3.71 -30.81
N ALA J 32 -39.36 3.99 -30.12
CA ALA J 32 -40.62 3.27 -30.40
C ALA J 32 -41.16 3.59 -31.81
N VAL J 33 -41.03 4.85 -32.19
CA VAL J 33 -41.42 5.30 -33.50
C VAL J 33 -40.50 4.70 -34.57
N ARG J 34 -39.20 4.78 -34.36
CA ARG J 34 -38.24 4.35 -35.36
C ARG J 34 -38.45 2.90 -35.69
N SER J 35 -38.73 2.11 -34.68
CA SER J 35 -38.93 0.66 -34.85
C SER J 35 -40.36 0.27 -35.21
N GLY J 36 -41.26 1.24 -35.28
CA GLY J 36 -42.64 0.96 -35.67
C GLY J 36 -43.51 0.32 -34.61
N VAL J 37 -43.08 0.30 -33.36
CA VAL J 37 -43.95 -0.16 -32.24
C VAL J 37 -45.14 0.79 -32.10
N LEU J 38 -44.89 2.07 -32.38
CA LEU J 38 -45.84 3.14 -32.24
C LEU J 38 -45.75 4.12 -33.41
N SER J 39 -46.83 4.82 -33.68
CA SER J 39 -46.78 6.03 -34.53
C SER J 39 -46.85 7.26 -33.60
N PRO J 40 -46.20 8.39 -33.98
CA PRO J 40 -46.28 9.63 -33.20
C PRO J 40 -47.68 10.11 -32.79
N SER J 41 -48.68 9.83 -33.63
CA SER J 41 -50.06 10.24 -33.32
C SER J 41 -50.62 9.49 -32.11
N ARG J 42 -50.04 8.33 -31.79
CA ARG J 42 -50.43 7.54 -30.62
C ARG J 42 -49.66 7.93 -29.33
N ILE J 43 -48.79 8.93 -29.43
CA ILE J 43 -48.01 9.39 -28.30
C ILE J 43 -48.36 10.81 -27.91
N LYS J 44 -48.46 11.04 -26.59
CA LYS J 44 -48.65 12.37 -26.01
C LYS J 44 -47.64 12.62 -24.89
N THR J 45 -47.25 13.87 -24.74
CA THR J 45 -46.49 14.30 -23.56
C THR J 45 -46.95 15.72 -23.14
N ALA J 46 -46.60 16.11 -21.92
CA ALA J 46 -46.95 17.45 -21.41
C ALA J 46 -45.69 18.22 -21.05
N ILE J 47 -45.65 19.50 -21.40
CA ILE J 47 -44.50 20.32 -21.14
C ILE J 47 -44.99 21.62 -20.45
N HIS J 48 -44.32 22.01 -19.37
CA HIS J 48 -44.57 23.30 -18.75
C HIS J 48 -43.24 24.04 -18.63
N SER J 49 -43.22 25.29 -19.09
CA SER J 49 -42.08 26.17 -18.89
C SER J 49 -40.93 25.96 -19.86
N ASN J 50 -41.06 24.97 -20.74
CA ASN J 50 -39.97 24.63 -21.65
C ASN J 50 -40.37 24.47 -23.11
N PRO J 51 -39.67 25.26 -24.04
CA PRO J 51 -40.06 25.00 -25.42
C PRO J 51 -38.99 24.18 -26.15
N ALA J 52 -37.78 24.16 -25.59
CA ALA J 52 -36.67 23.44 -26.20
C ALA J 52 -37.03 21.98 -26.21
N ARG J 53 -37.62 21.55 -25.10
CA ARG J 53 -38.13 20.19 -24.98
C ARG J 53 -39.36 20.02 -25.84
N ARG J 54 -40.22 21.03 -25.88
CA ARG J 54 -41.37 21.00 -26.78
C ARG J 54 -40.94 20.76 -28.25
N THR J 55 -39.85 21.40 -28.66
CA THR J 55 -39.35 21.25 -30.02
C THR J 55 -38.93 19.82 -30.29
N ALA J 56 -38.14 19.27 -29.37
CA ALA J 56 -37.66 17.90 -29.49
C ALA J 56 -38.80 16.88 -29.77
N PHE J 57 -39.94 17.04 -29.08
CA PHE J 57 -41.10 16.11 -29.25
C PHE J 57 -41.93 16.44 -30.49
N GLU J 58 -42.20 17.72 -30.68
CA GLU J 58 -42.95 18.17 -31.86
C GLU J 58 -42.19 17.82 -33.14
N SER J 59 -40.87 18.00 -33.15
CA SER J 59 -40.05 17.71 -34.33
C SER J 59 -40.03 16.25 -34.78
N ILE J 60 -40.53 15.33 -33.94
CA ILE J 60 -40.73 13.93 -34.39
C ILE J 60 -42.21 13.54 -34.52
N GLY J 61 -43.08 14.54 -34.46
CA GLY J 61 -44.50 14.35 -34.80
C GLY J 61 -45.42 14.06 -33.62
N ILE J 62 -44.94 14.33 -32.42
CA ILE J 62 -45.69 14.02 -31.21
C ILE J 62 -46.37 15.27 -30.70
N THR J 63 -47.65 15.11 -30.36
CA THR J 63 -48.42 16.21 -29.80
C THR J 63 -48.11 16.49 -28.32
N VAL J 64 -47.74 17.74 -28.07
CA VAL J 64 -47.46 18.22 -26.73
C VAL J 64 -48.71 18.92 -26.17
N LEU J 65 -49.26 18.38 -25.09
CA LEU J 65 -50.40 18.99 -24.39
C LEU J 65 -49.87 19.82 -23.22
N SER J 66 -50.74 20.61 -22.63
CA SER J 66 -50.29 21.61 -21.65
C SER J 66 -50.52 21.17 -20.20
N SER J 67 -51.21 20.06 -19.99
CA SER J 67 -51.37 19.51 -18.65
C SER J 67 -51.14 18.00 -18.59
N ASN J 68 -50.58 17.61 -17.45
CA ASN J 68 -50.38 16.20 -17.16
C ASN J 68 -51.68 15.43 -17.16
N ASP J 69 -52.72 16.10 -16.65
CA ASP J 69 -54.06 15.52 -16.51
C ASP J 69 -54.55 14.97 -17.86
N ASP J 70 -54.38 15.74 -18.91
CA ASP J 70 -54.92 15.38 -20.22
C ASP J 70 -54.09 14.31 -20.89
N VAL J 71 -52.78 14.37 -20.69
CA VAL J 71 -51.91 13.26 -21.13
C VAL J 71 -52.45 11.92 -20.58
N VAL J 72 -52.74 11.90 -19.27
CA VAL J 72 -53.23 10.69 -18.60
C VAL J 72 -54.59 10.24 -19.13
N ARG J 73 -55.55 11.15 -19.16
CA ARG J 73 -56.90 10.88 -19.72
C ARG J 73 -56.83 10.15 -21.06
N ASP J 74 -56.02 10.69 -21.99
CA ASP J 74 -55.91 10.18 -23.38
C ASP J 74 -54.95 8.99 -23.58
N SER J 75 -54.37 8.48 -22.48
CA SER J 75 -53.35 7.41 -22.58
C SER J 75 -53.79 6.09 -21.90
N ASN J 76 -53.60 4.99 -22.63
CA ASN J 76 -53.76 3.63 -22.07
C ASN J 76 -52.56 3.27 -21.14
N VAL J 77 -51.39 3.78 -21.51
CA VAL J 77 -50.09 3.46 -20.85
C VAL J 77 -49.40 4.76 -20.51
N VAL J 78 -49.05 4.93 -19.24
CA VAL J 78 -48.43 6.16 -18.78
C VAL J 78 -47.04 5.89 -18.21
N VAL J 79 -46.06 6.57 -18.78
CA VAL J 79 -44.66 6.44 -18.38
C VAL J 79 -44.21 7.69 -17.60
N PHE J 80 -43.85 7.45 -16.33
CA PHE J 80 -43.32 8.50 -15.45
C PHE J 80 -41.83 8.55 -15.50
N SER J 81 -41.31 9.66 -16.02
CA SER J 81 -39.85 9.88 -16.10
C SER J 81 -39.41 11.19 -15.45
N VAL J 82 -40.20 11.69 -14.51
CA VAL J 82 -39.76 12.88 -13.80
C VAL J 82 -38.63 12.54 -12.84
N LYS J 83 -37.94 13.58 -12.38
CA LYS J 83 -36.87 13.40 -11.42
C LYS J 83 -37.44 12.63 -10.23
N PRO J 84 -36.68 11.68 -9.68
CA PRO J 84 -37.20 10.81 -8.61
C PRO J 84 -37.83 11.56 -7.41
N GLN J 85 -37.19 12.60 -6.92
CA GLN J 85 -37.68 13.39 -5.77
C GLN J 85 -39.03 14.05 -6.03
N LEU J 86 -39.39 14.25 -7.30
CA LEU J 86 -40.66 14.91 -7.69
C LEU J 86 -41.80 13.93 -7.91
N LEU J 87 -41.45 12.66 -8.04
CA LEU J 87 -42.39 11.66 -8.55
C LEU J 87 -43.59 11.48 -7.63
N LYS J 88 -43.31 11.43 -6.34
CA LYS J 88 -44.36 11.19 -5.37
C LYS J 88 -45.46 12.23 -5.52
N ASP J 89 -45.08 13.49 -5.52
CA ASP J 89 -46.08 14.56 -5.61
C ASP J 89 -46.82 14.55 -6.94
N VAL J 90 -46.08 14.28 -8.01
CA VAL J 90 -46.72 14.20 -9.31
C VAL J 90 -47.77 13.08 -9.31
N VAL J 91 -47.43 11.93 -8.74
CA VAL J 91 -48.38 10.79 -8.76
C VAL J 91 -49.62 11.11 -7.92
N LEU J 92 -49.40 11.65 -6.73
CA LEU J 92 -50.49 11.99 -5.81
C LEU J 92 -51.47 12.99 -6.45
N LYS J 93 -50.92 14.00 -7.10
CA LYS J 93 -51.69 14.97 -7.87
C LYS J 93 -52.59 14.32 -8.93
N LEU J 94 -52.05 13.35 -9.67
CA LEU J 94 -52.78 12.69 -10.77
C LEU J 94 -53.69 11.53 -10.31
N LYS J 95 -53.63 11.18 -9.03
CA LYS J 95 -54.23 9.95 -8.55
C LYS J 95 -55.67 9.63 -8.99
N PRO J 96 -56.59 10.62 -8.88
CA PRO J 96 -57.98 10.34 -9.34
C PRO J 96 -58.12 9.83 -10.80
N LEU J 97 -57.24 10.31 -11.68
CA LEU J 97 -57.20 9.89 -13.09
C LEU J 97 -56.47 8.55 -13.35
N LEU J 98 -55.79 8.02 -12.34
CA LEU J 98 -55.00 6.79 -12.53
C LEU J 98 -55.87 5.55 -12.30
N THR J 99 -56.82 5.33 -13.20
CA THR J 99 -57.78 4.24 -13.05
C THR J 99 -57.12 2.94 -13.48
N LYS J 100 -57.64 1.82 -12.95
CA LYS J 100 -57.03 0.48 -13.11
C LYS J 100 -56.96 -0.05 -14.54
N ASP J 101 -57.71 0.55 -15.45
CA ASP J 101 -57.60 0.21 -16.87
C ASP J 101 -56.30 0.77 -17.53
N LYS J 102 -55.60 1.67 -16.82
CA LYS J 102 -54.37 2.29 -17.32
C LYS J 102 -53.14 1.65 -16.68
N LEU J 103 -52.29 1.11 -17.55
CA LEU J 103 -50.97 0.56 -17.16
C LEU J 103 -49.97 1.68 -16.88
N LEU J 104 -49.50 1.72 -15.64
CA LEU J 104 -48.52 2.71 -15.19
C LEU J 104 -47.07 2.17 -15.14
N VAL J 105 -46.12 3.02 -15.53
CA VAL J 105 -44.71 2.60 -15.71
C VAL J 105 -43.84 3.69 -15.12
N SER J 106 -42.88 3.26 -14.31
CA SER J 106 -41.91 4.22 -13.71
C SER J 106 -40.51 3.88 -14.15
N VAL J 107 -39.80 4.89 -14.66
CA VAL J 107 -38.37 4.72 -14.96
C VAL J 107 -37.52 5.46 -13.96
N ALA J 108 -38.13 5.93 -12.89
CA ALA J 108 -37.43 6.70 -11.89
C ALA J 108 -36.40 5.85 -11.13
N ALA J 109 -35.16 6.33 -11.09
CA ALA J 109 -34.12 5.66 -10.30
C ALA J 109 -34.44 5.62 -8.79
N GLY J 110 -34.22 4.47 -8.15
CA GLY J 110 -34.36 4.34 -6.71
C GLY J 110 -35.78 4.25 -6.10
N ILE J 111 -36.85 4.40 -6.88
CA ILE J 111 -38.19 4.31 -6.33
C ILE J 111 -38.73 2.87 -6.46
N LYS J 112 -38.91 2.23 -5.30
CA LYS J 112 -39.42 0.87 -5.15
C LYS J 112 -40.90 0.70 -5.58
N MET J 113 -41.21 -0.52 -5.99
CA MET J 113 -42.54 -0.89 -6.44
C MET J 113 -43.54 -0.65 -5.34
N LYS J 114 -43.23 -1.08 -4.13
CA LYS J 114 -44.12 -0.92 -2.98
C LYS J 114 -44.64 0.52 -2.87
N ASP J 115 -43.73 1.48 -3.02
CA ASP J 115 -44.05 2.90 -2.94
C ASP J 115 -44.88 3.37 -4.14
N LEU J 116 -44.47 2.96 -5.35
CA LEU J 116 -45.21 3.35 -6.56
C LEU J 116 -46.69 2.95 -6.42
N GLN J 117 -46.91 1.72 -5.99
CA GLN J 117 -48.24 1.18 -5.82
C GLN J 117 -49.05 1.92 -4.75
N GLU J 118 -48.41 2.27 -3.64
CA GLU J 118 -49.10 3.04 -2.61
C GLU J 118 -49.48 4.41 -3.07
N TRP J 119 -48.59 5.08 -3.79
CA TRP J 119 -48.91 6.42 -4.29
C TRP J 119 -50.06 6.41 -5.30
N ALA J 120 -50.02 5.45 -6.23
CA ALA J 120 -51.06 5.33 -7.26
C ALA J 120 -52.37 4.78 -6.74
N GLY J 121 -52.31 4.02 -5.63
CA GLY J 121 -53.48 3.39 -5.07
C GLY J 121 -53.87 2.08 -5.74
N HIS J 122 -53.08 1.61 -6.70
CA HIS J 122 -53.31 0.29 -7.27
C HIS J 122 -51.97 -0.37 -7.65
N GLU J 123 -52.04 -1.60 -8.17
CA GLU J 123 -50.88 -2.44 -8.39
C GLU J 123 -50.64 -2.78 -9.86
N ARG J 124 -51.33 -2.09 -10.75
CA ARG J 124 -51.06 -2.22 -12.19
C ARG J 124 -49.98 -1.23 -12.62
N PHE J 125 -48.77 -1.60 -12.21
CA PHE J 125 -47.59 -0.74 -12.26
C PHE J 125 -46.38 -1.60 -12.63
N ILE J 126 -45.56 -1.08 -13.54
CA ILE J 126 -44.33 -1.74 -13.94
C ILE J 126 -43.19 -0.74 -13.74
N ARG J 127 -42.11 -1.26 -13.18
CA ARG J 127 -40.92 -0.45 -12.92
C ARG J 127 -39.85 -0.90 -13.87
N VAL J 128 -39.24 0.08 -14.51
CA VAL J 128 -38.15 -0.18 -15.47
C VAL J 128 -36.96 0.68 -15.01
N MET J 129 -35.80 0.06 -15.01
CA MET J 129 -34.55 0.79 -14.81
C MET J 129 -33.69 0.67 -16.08
N PRO J 130 -33.75 1.70 -16.94
CA PRO J 130 -32.95 1.67 -18.16
C PRO J 130 -31.61 2.30 -17.81
N ASN J 131 -30.80 2.60 -18.81
CA ASN J 131 -29.61 3.37 -18.55
C ASN J 131 -29.37 4.36 -19.68
N THR J 132 -28.33 5.13 -19.60
CA THR J 132 -28.05 6.19 -20.53
C THR J 132 -27.86 5.79 -22.03
N ALA J 133 -27.54 4.54 -22.34
CA ALA J 133 -27.30 4.16 -23.71
C ALA J 133 -28.62 4.00 -24.50
N ALA J 134 -29.72 4.20 -23.83
CA ALA J 134 -31.03 4.38 -24.52
C ALA J 134 -30.94 5.37 -25.68
N THR J 135 -30.18 6.44 -25.51
CA THR J 135 -29.93 7.39 -26.57
C THR J 135 -29.50 6.76 -27.90
N VAL J 136 -28.69 5.71 -27.91
CA VAL J 136 -28.27 5.10 -29.18
C VAL J 136 -28.87 3.74 -29.35
N GLY J 137 -29.97 3.48 -28.67
CA GLY J 137 -30.65 2.16 -28.78
C GLY J 137 -29.92 0.98 -28.17
N GLU J 138 -29.01 1.21 -27.20
CA GLU J 138 -28.24 0.05 -26.66
C GLU J 138 -28.33 0.06 -25.12
N ALA J 139 -29.46 0.47 -24.62
CA ALA J 139 -29.71 0.41 -23.20
C ALA J 139 -29.70 -0.98 -22.67
N ALA J 140 -29.28 -1.05 -21.43
CA ALA J 140 -29.48 -2.26 -20.64
C ALA J 140 -30.58 -1.89 -19.64
N SER J 141 -31.72 -2.56 -19.76
CA SER J 141 -32.88 -2.28 -18.93
C SER J 141 -33.43 -3.49 -18.22
N VAL J 142 -33.95 -3.25 -17.04
CA VAL J 142 -34.60 -4.32 -16.33
C VAL J 142 -35.97 -3.86 -15.85
N MET J 143 -36.91 -4.80 -15.82
CA MET J 143 -38.25 -4.52 -15.36
C MET J 143 -38.70 -5.43 -14.21
N SER J 144 -39.45 -4.82 -13.29
CA SER J 144 -40.18 -5.58 -12.27
C SER J 144 -41.68 -5.26 -12.38
N LEU J 145 -42.50 -6.24 -11.99
CA LEU J 145 -43.97 -6.18 -12.15
C LEU J 145 -44.66 -5.92 -10.82
N GLY J 146 -45.51 -4.92 -10.78
CA GLY J 146 -46.43 -4.75 -9.66
C GLY J 146 -47.35 -5.97 -9.54
N GLY J 147 -48.01 -6.07 -8.39
CA GLY J 147 -48.89 -7.21 -8.08
C GLY J 147 -50.10 -7.42 -9.00
N ALA J 148 -50.56 -6.37 -9.69
CA ALA J 148 -51.67 -6.51 -10.69
C ALA J 148 -51.22 -6.37 -12.16
N ALA J 149 -49.93 -6.26 -12.41
CA ALA J 149 -49.46 -6.24 -13.79
C ALA J 149 -49.58 -7.65 -14.43
N THR J 150 -50.15 -7.72 -15.63
CA THR J 150 -50.38 -9.02 -16.31
C THR J 150 -49.23 -9.37 -17.25
N GLU J 151 -49.21 -10.63 -17.71
CA GLU J 151 -48.16 -11.08 -18.63
C GLU J 151 -48.18 -10.27 -19.92
N GLU J 152 -49.39 -9.92 -20.34
CA GLU J 152 -49.61 -9.10 -21.52
C GLU J 152 -49.11 -7.68 -21.31
N ASP J 153 -49.30 -7.16 -20.10
CA ASP J 153 -48.72 -5.86 -19.73
C ASP J 153 -47.16 -5.94 -19.91
N ALA J 154 -46.60 -7.01 -19.37
CA ALA J 154 -45.15 -7.18 -19.35
C ALA J 154 -44.65 -7.23 -20.77
N ASN J 155 -45.34 -7.98 -21.62
CA ASN J 155 -44.91 -8.09 -23.01
C ASN J 155 -44.98 -6.76 -23.70
N LEU J 156 -45.99 -5.99 -23.35
CA LEU J 156 -46.14 -4.72 -24.00
C LEU J 156 -44.91 -3.86 -23.70
N ILE J 157 -44.52 -3.87 -22.44
CA ILE J 157 -43.39 -3.07 -21.97
C ILE J 157 -42.05 -3.64 -22.47
N SER J 158 -41.90 -4.97 -22.53
CA SER J 158 -40.74 -5.58 -23.20
C SER J 158 -40.57 -5.04 -24.59
N GLN J 159 -41.67 -4.98 -25.33
CA GLN J 159 -41.59 -4.58 -26.74
C GLN J 159 -41.21 -3.07 -26.80
N LEU J 160 -41.77 -2.30 -25.88
CA LEU J 160 -41.57 -0.85 -25.91
C LEU J 160 -40.07 -0.55 -25.61
N PHE J 161 -39.53 -1.19 -24.57
CA PHE J 161 -38.15 -0.97 -24.13
C PHE J 161 -37.13 -1.81 -24.90
N GLY J 162 -37.59 -2.83 -25.64
CA GLY J 162 -36.78 -3.55 -26.64
C GLY J 162 -36.38 -2.61 -27.79
N SER J 163 -37.11 -1.54 -27.93
CA SER J 163 -36.86 -0.56 -28.96
C SER J 163 -35.67 0.31 -28.68
N ILE J 164 -35.26 0.40 -27.40
CA ILE J 164 -34.12 1.24 -27.00
C ILE J 164 -32.90 0.43 -26.48
N GLY J 165 -32.97 -0.88 -26.59
CA GLY J 165 -31.86 -1.73 -26.21
C GLY J 165 -32.38 -3.11 -25.82
N LYS J 166 -31.79 -3.71 -24.79
CA LYS J 166 -32.20 -5.02 -24.32
C LYS J 166 -32.93 -4.82 -23.01
N ILE J 167 -33.80 -5.77 -22.70
CA ILE J 167 -34.59 -5.72 -21.47
C ILE J 167 -34.78 -7.11 -20.86
N TRP J 168 -34.63 -7.15 -19.55
CA TRP J 168 -34.74 -8.38 -18.77
C TRP J 168 -35.78 -8.15 -17.67
N LYS J 169 -36.22 -9.25 -17.07
CA LYS J 169 -37.11 -9.23 -15.92
C LYS J 169 -36.41 -9.60 -14.67
N ALA J 170 -36.76 -8.91 -13.59
CA ALA J 170 -36.20 -9.24 -12.34
C ALA J 170 -37.06 -8.76 -11.18
N ASP J 171 -36.92 -9.41 -10.02
N ASP J 171 -36.98 -9.43 -10.02
CA ASP J 171 -37.59 -8.99 -8.83
CA ASP J 171 -37.67 -8.98 -8.81
C ASP J 171 -37.12 -7.61 -8.46
C ASP J 171 -37.13 -7.63 -8.41
N ASP J 172 -38.05 -6.82 -7.95
CA ASP J 172 -37.75 -5.51 -7.44
C ASP J 172 -36.57 -5.50 -6.45
N LYS J 173 -36.46 -6.52 -5.63
CA LYS J 173 -35.43 -6.50 -4.62
C LYS J 173 -33.96 -6.47 -5.24
N TYR J 174 -33.79 -6.79 -6.50
CA TYR J 174 -32.51 -6.74 -7.14
C TYR J 174 -32.18 -5.33 -7.64
N PHE J 175 -33.08 -4.36 -7.55
CA PHE J 175 -32.87 -3.12 -8.28
C PHE J 175 -31.73 -2.22 -7.79
N ASP J 176 -31.43 -2.27 -6.54
CA ASP J 176 -30.36 -1.48 -6.02
C ASP J 176 -29.07 -1.92 -6.67
N ALA J 177 -28.90 -3.23 -6.75
CA ALA J 177 -27.74 -3.81 -7.32
C ALA J 177 -27.69 -3.60 -8.82
N ILE J 178 -28.84 -3.65 -9.48
CA ILE J 178 -28.90 -3.39 -10.91
C ILE J 178 -28.49 -1.91 -11.18
N THR J 179 -28.90 -1.00 -10.29
CA THR J 179 -28.55 0.41 -10.42
C THR J 179 -27.01 0.62 -10.37
N GLY J 180 -26.36 -0.15 -9.50
CA GLY J 180 -24.89 -0.07 -9.34
C GLY J 180 -24.13 -0.63 -10.52
N LEU J 181 -24.76 -1.50 -11.26
CA LEU J 181 -24.17 -2.18 -12.41
C LEU J 181 -24.53 -1.56 -13.74
N SER J 182 -25.76 -1.79 -14.19
CA SER J 182 -26.18 -1.24 -15.52
C SER J 182 -26.55 0.25 -15.47
N GLY J 183 -27.04 0.75 -14.32
CA GLY J 183 -27.34 2.18 -14.22
C GLY J 183 -26.08 3.04 -14.18
N SER J 184 -25.15 2.62 -13.34
CA SER J 184 -23.97 3.40 -13.06
C SER J 184 -22.78 3.00 -13.88
N GLY J 185 -22.77 1.76 -14.31
CA GLY J 185 -21.68 1.21 -15.06
C GLY J 185 -21.19 2.04 -16.24
N PRO J 186 -22.07 2.78 -16.91
CA PRO J 186 -21.48 3.46 -18.11
C PRO J 186 -20.39 4.44 -17.77
N ALA J 187 -20.49 5.08 -16.62
CA ALA J 187 -19.46 6.00 -16.24
C ALA J 187 -18.13 5.28 -16.03
N TYR J 188 -18.22 4.04 -15.55
CA TYR J 188 -16.96 3.27 -15.26
C TYR J 188 -16.29 3.02 -16.56
N ILE J 189 -17.11 2.82 -17.59
CA ILE J 189 -16.58 2.57 -18.92
C ILE J 189 -16.09 3.83 -19.62
N TYR J 190 -16.71 4.97 -19.35
CA TYR J 190 -16.19 6.21 -19.87
C TYR J 190 -14.81 6.51 -19.31
N LEU J 191 -14.61 6.26 -18.02
CA LEU J 191 -13.29 6.40 -17.43
C LEU J 191 -12.33 5.47 -18.12
N ALA J 192 -12.77 4.26 -18.34
CA ALA J 192 -11.90 3.27 -18.98
C ALA J 192 -11.48 3.71 -20.32
N ILE J 193 -12.44 4.20 -21.10
CA ILE J 193 -12.13 4.62 -22.48
C ILE J 193 -11.12 5.77 -22.48
N GLU J 194 -11.29 6.71 -21.58
CA GLU J 194 -10.38 7.84 -21.54
C GLU J 194 -8.99 7.35 -21.13
N ALA J 195 -8.94 6.47 -20.15
CA ALA J 195 -7.69 5.97 -19.63
C ALA J 195 -6.98 5.17 -20.68
N LEU J 196 -7.73 4.40 -21.42
CA LEU J 196 -7.09 3.66 -22.55
C LEU J 196 -6.51 4.62 -23.62
N ALA J 197 -7.24 5.67 -23.93
CA ALA J 197 -6.76 6.68 -24.86
C ALA J 197 -5.52 7.35 -24.30
N ASP J 198 -5.57 7.73 -23.03
CA ASP J 198 -4.44 8.37 -22.38
C ASP J 198 -3.22 7.40 -22.44
N GLY J 199 -3.47 6.13 -22.20
CA GLY J 199 -2.43 5.11 -22.28
C GLY J 199 -1.83 5.03 -23.70
N GLY J 200 -2.66 5.17 -24.71
CA GLY J 200 -2.16 5.11 -26.09
C GLY J 200 -1.25 6.32 -26.35
N VAL J 201 -1.68 7.48 -25.89
CA VAL J 201 -0.90 8.68 -26.06
C VAL J 201 0.39 8.57 -25.27
N ALA J 202 0.32 7.95 -24.10
CA ALA J 202 1.53 7.78 -23.26
C ALA J 202 2.51 6.88 -23.97
N ALA J 203 2.02 5.96 -24.75
CA ALA J 203 2.88 5.11 -25.58
C ALA J 203 3.21 5.70 -26.98
N GLY J 204 2.85 6.94 -27.23
CA GLY J 204 3.33 7.59 -28.45
C GLY J 204 2.26 7.78 -29.55
N LEU J 205 1.03 7.34 -29.30
CA LEU J 205 -0.05 7.52 -30.30
C LEU J 205 -0.65 8.92 -30.33
N PRO J 206 -1.05 9.35 -31.52
CA PRO J 206 -1.85 10.59 -31.58
C PRO J 206 -3.13 10.41 -30.84
N ARG J 207 -3.57 11.50 -30.23
CA ARG J 207 -4.79 11.56 -29.45
C ARG J 207 -6.03 11.11 -30.21
N ASP J 208 -6.27 11.64 -31.42
CA ASP J 208 -7.51 11.28 -32.09
C ASP J 208 -7.59 9.83 -32.43
N LEU J 209 -6.51 9.30 -32.93
CA LEU J 209 -6.41 7.87 -33.14
C LEU J 209 -6.57 7.03 -31.82
N ALA J 210 -5.90 7.48 -30.78
CA ALA J 210 -5.95 6.77 -29.50
C ALA J 210 -7.35 6.67 -28.97
N LEU J 211 -8.07 7.78 -29.04
CA LEU J 211 -9.43 7.75 -28.62
C LEU J 211 -10.34 6.89 -29.48
N SER J 212 -10.21 7.05 -30.80
CA SER J 212 -11.01 6.23 -31.73
C SER J 212 -10.74 4.76 -31.53
N LEU J 213 -9.46 4.39 -31.36
CA LEU J 213 -9.15 2.99 -31.08
C LEU J 213 -9.70 2.48 -29.75
N ALA J 214 -9.66 3.34 -28.74
CA ALA J 214 -10.14 2.95 -27.41
C ALA J 214 -11.62 2.62 -27.47
N SER J 215 -12.39 3.56 -28.05
CA SER J 215 -13.85 3.36 -28.11
C SER J 215 -14.23 2.13 -28.87
N GLN J 216 -13.62 1.95 -30.01
CA GLN J 216 -14.00 0.85 -30.86
C GLN J 216 -13.49 -0.50 -30.31
N THR J 217 -12.32 -0.48 -29.66
CA THR J 217 -11.87 -1.67 -28.94
C THR J 217 -12.88 -2.12 -27.92
N VAL J 218 -13.40 -1.15 -27.12
CA VAL J 218 -14.30 -1.49 -26.10
C VAL J 218 -15.57 -2.03 -26.73
N LEU J 219 -16.06 -1.33 -27.73
CA LEU J 219 -17.30 -1.76 -28.45
C LEU J 219 -17.17 -3.16 -29.02
N GLY J 220 -16.08 -3.38 -29.75
CA GLY J 220 -15.76 -4.72 -30.25
C GLY J 220 -15.75 -5.83 -29.21
N ALA J 221 -15.04 -5.60 -28.11
CA ALA J 221 -14.95 -6.63 -27.08
C ALA J 221 -16.30 -6.99 -26.49
N ALA J 222 -17.11 -5.97 -26.20
CA ALA J 222 -18.43 -6.20 -25.65
C ALA J 222 -19.32 -6.93 -26.63
N SER J 223 -19.18 -6.60 -27.89
CA SER J 223 -19.96 -7.33 -28.95
C SER J 223 -19.58 -8.78 -29.01
N MET J 224 -18.28 -9.05 -28.85
CA MET J 224 -17.83 -10.45 -28.77
C MET J 224 -18.44 -11.14 -27.58
N ALA J 225 -18.54 -10.43 -26.46
CA ALA J 225 -19.08 -11.01 -25.25
C ALA J 225 -20.58 -11.27 -25.42
N THR J 226 -21.26 -10.33 -26.03
CA THR J 226 -22.71 -10.50 -26.15
C THR J 226 -23.08 -11.60 -27.13
N GLN J 227 -22.33 -11.71 -28.22
CA GLN J 227 -22.72 -12.61 -29.28
C GLN J 227 -22.07 -13.98 -29.22
N SER J 228 -20.91 -14.15 -28.57
CA SER J 228 -20.13 -15.36 -28.81
C SER J 228 -20.68 -16.54 -28.08
N GLY J 229 -21.50 -16.31 -27.09
CA GLY J 229 -21.90 -17.38 -26.18
C GLY J 229 -20.75 -17.91 -25.30
N LYS J 230 -19.59 -17.24 -25.28
CA LYS J 230 -18.47 -17.71 -24.47
C LYS J 230 -18.38 -17.00 -23.12
N HIS J 231 -17.84 -17.70 -22.14
CA HIS J 231 -17.52 -17.08 -20.89
C HIS J 231 -16.39 -16.03 -21.15
N PRO J 232 -16.42 -14.92 -20.44
CA PRO J 232 -15.34 -13.90 -20.55
C PRO J 232 -13.91 -14.43 -20.38
N GLY J 233 -13.75 -15.37 -19.47
CA GLY J 233 -12.46 -16.05 -19.27
C GLY J 233 -11.96 -16.80 -20.48
N GLN J 234 -12.89 -17.39 -21.20
CA GLN J 234 -12.56 -18.09 -22.42
C GLN J 234 -12.20 -17.06 -23.49
N LEU J 235 -12.92 -15.94 -23.54
CA LEU J 235 -12.60 -14.92 -24.51
C LEU J 235 -11.20 -14.35 -24.26
N LYS J 236 -10.91 -14.11 -23.01
CA LYS J 236 -9.52 -13.69 -22.63
C LYS J 236 -8.51 -14.71 -23.07
N ASP J 237 -8.80 -15.99 -22.85
CA ASP J 237 -7.84 -17.05 -23.22
C ASP J 237 -7.64 -17.06 -24.70
N ASP J 238 -8.68 -16.83 -25.47
CA ASP J 238 -8.51 -16.81 -26.90
C ASP J 238 -7.51 -15.73 -27.35
N VAL J 239 -7.40 -14.61 -26.68
CA VAL J 239 -6.52 -13.53 -27.22
C VAL J 239 -5.20 -13.45 -26.53
N THR J 240 -4.98 -14.23 -25.50
CA THR J 240 -3.70 -14.12 -24.74
C THR J 240 -2.66 -15.10 -25.25
N SER J 241 -1.99 -14.73 -26.33
CA SER J 241 -0.91 -15.58 -26.91
C SER J 241 0.28 -15.74 -25.95
N PRO J 242 0.97 -16.87 -26.02
CA PRO J 242 2.02 -17.18 -25.06
C PRO J 242 3.04 -16.09 -25.07
N GLY J 243 3.35 -15.55 -23.90
CA GLY J 243 4.49 -14.58 -23.80
C GLY J 243 4.25 -13.32 -24.65
N GLY J 244 3.01 -13.12 -25.11
CA GLY J 244 2.70 -11.99 -26.01
C GLY J 244 2.33 -10.66 -25.31
N THR J 245 1.88 -9.73 -26.13
CA THR J 245 1.59 -8.38 -25.71
C THR J 245 0.38 -8.36 -24.80
N THR J 246 -0.67 -9.10 -25.19
CA THR J 246 -1.87 -9.17 -24.43
C THR J 246 -1.72 -9.63 -23.01
N ILE J 247 -1.04 -10.75 -22.83
CA ILE J 247 -0.81 -11.29 -21.46
C ILE J 247 0.09 -10.37 -20.65
N ALA J 248 1.00 -9.66 -21.31
CA ALA J 248 1.76 -8.62 -20.56
C ALA J 248 0.85 -7.53 -20.00
N GLY J 249 -0.09 -7.08 -20.80
CA GLY J 249 -1.04 -6.08 -20.32
C GLY J 249 -1.99 -6.64 -19.27
N VAL J 250 -2.50 -7.82 -19.52
CA VAL J 250 -3.33 -8.46 -18.53
C VAL J 250 -2.60 -8.66 -17.18
N HIS J 251 -1.31 -9.06 -17.24
CA HIS J 251 -0.57 -9.25 -16.00
C HIS J 251 -0.55 -7.93 -15.18
N GLU J 252 -0.36 -6.80 -15.84
CA GLU J 252 -0.35 -5.49 -15.12
C GLU J 252 -1.67 -5.23 -14.49
N LEU J 253 -2.74 -5.57 -15.21
CA LEU J 253 -4.06 -5.40 -14.61
C LEU J 253 -4.18 -6.22 -13.34
N GLU J 254 -3.79 -7.48 -13.44
CA GLU J 254 -3.91 -8.37 -12.27
C GLU J 254 -2.97 -7.96 -11.13
N LYS J 255 -1.76 -7.53 -11.41
CA LYS J 255 -0.91 -7.04 -10.35
C LYS J 255 -1.56 -5.95 -9.53
N ALA J 256 -2.34 -5.11 -10.21
CA ALA J 256 -2.98 -4.00 -9.51
C ALA J 256 -4.38 -4.30 -8.97
N GLY J 257 -4.88 -5.48 -9.15
CA GLY J 257 -6.18 -5.84 -8.58
C GLY J 257 -7.36 -5.14 -9.35
N PHE J 258 -7.21 -5.01 -10.64
CA PHE J 258 -8.17 -4.37 -11.51
C PHE J 258 -9.58 -4.92 -11.37
N ARG J 259 -9.69 -6.24 -11.32
CA ARG J 259 -11.04 -6.85 -11.14
C ARG J 259 -11.67 -6.45 -9.84
N GLY J 260 -10.91 -6.49 -8.78
CA GLY J 260 -11.41 -6.10 -7.45
C GLY J 260 -11.95 -4.64 -7.39
N ILE J 261 -11.30 -3.77 -8.15
CA ILE J 261 -11.61 -2.36 -8.17
C ILE J 261 -12.94 -2.17 -8.80
N LEU J 262 -13.20 -2.85 -9.89
CA LEU J 262 -14.51 -2.76 -10.54
C LEU J 262 -15.60 -3.40 -9.68
N MET J 263 -15.26 -4.45 -8.98
CA MET J 263 -16.23 -5.06 -8.02
C MET J 263 -16.54 -4.03 -6.92
N ASN J 264 -15.52 -3.38 -6.40
CA ASN J 264 -15.76 -2.42 -5.38
C ASN J 264 -16.71 -1.29 -5.89
N ALA J 265 -16.58 -0.89 -7.13
CA ALA J 265 -17.38 0.20 -7.65
C ALA J 265 -18.85 -0.20 -7.68
N VAL J 266 -19.09 -1.39 -8.21
CA VAL J 266 -20.44 -1.89 -8.29
C VAL J 266 -21.04 -2.00 -6.90
N VAL J 267 -20.31 -2.58 -5.96
CA VAL J 267 -20.81 -2.70 -4.60
C VAL J 267 -21.09 -1.34 -3.97
N ALA J 268 -20.21 -0.38 -4.16
CA ALA J 268 -20.41 0.88 -3.49
C ALA J 268 -21.60 1.58 -4.09
N ALA J 269 -21.75 1.46 -5.38
CA ALA J 269 -22.85 2.12 -6.04
C ALA J 269 -24.17 1.50 -5.63
N ALA J 270 -24.20 0.19 -5.56
CA ALA J 270 -25.38 -0.53 -5.00
C ALA J 270 -25.69 -0.17 -3.56
N LYS J 271 -24.67 -0.06 -2.75
CA LYS J 271 -24.88 0.40 -1.40
C LYS J 271 -25.47 1.86 -1.37
N ARG J 272 -24.97 2.75 -2.21
N ARG J 272 -25.03 2.73 -2.26
CA ARG J 272 -25.48 4.11 -2.25
CA ARG J 272 -25.50 4.12 -2.24
C ARG J 272 -26.92 4.13 -2.71
C ARG J 272 -26.94 4.13 -2.70
N SER J 273 -27.25 3.26 -3.65
CA SER J 273 -28.63 3.15 -4.15
C SER J 273 -29.56 2.75 -3.01
N GLN J 274 -29.12 1.81 -2.21
CA GLN J 274 -29.92 1.38 -1.09
C GLN J 274 -30.07 2.53 -0.10
N GLU J 275 -28.99 3.27 0.16
CA GLU J 275 -29.05 4.38 1.10
C GLU J 275 -29.94 5.50 0.65
N LEU J 276 -30.06 5.71 -0.65
CA LEU J 276 -30.92 6.75 -1.20
C LEU J 276 -32.32 6.23 -1.17
N SER J 277 -32.43 5.08 -0.53
CA SER J 277 -33.61 4.55 0.16
C SER J 277 -34.05 3.44 -0.75
N PRO K . -22.07 -21.79 -2.26
CA PRO K . -23.10 -21.12 -1.47
C PRO K . -22.91 -19.62 -1.43
O PRO K . -23.39 -19.02 -0.42
CB PRO K . -22.88 -21.71 -0.07
CG PRO K . -21.54 -22.35 -0.09
CD PRO K . -21.36 -22.82 -1.49
OXT PRO K . -22.32 -19.09 -2.43
N PRO L . 12.13 -28.07 -7.32
CA PRO L . 13.31 -27.51 -7.98
C PRO L . 13.68 -26.13 -7.44
O PRO L . 14.52 -25.47 -8.13
CB PRO L . 12.89 -27.40 -9.44
CG PRO L . 11.41 -27.50 -9.45
CD PRO L . 11.07 -28.38 -8.30
OXT PRO L . 13.15 -25.75 -6.35
N PRO M . -3.56 -19.91 23.25
CA PRO M . -4.88 -19.42 23.64
C PRO M . -5.64 -18.78 22.49
O PRO M . -6.72 -18.18 22.78
CB PRO M . -4.56 -18.39 24.74
CG PRO M . -3.13 -18.07 24.58
CD PRO M . -2.49 -19.32 24.06
OXT PRO M . -5.11 -18.90 21.35
N PRO N . 27.43 -7.73 12.30
CA PRO N . 28.27 -7.54 11.12
C PRO N . 27.63 -6.60 10.09
O PRO N . 26.67 -5.90 10.51
CB PRO N . 28.41 -8.95 10.54
CG PRO N . 27.26 -9.71 11.08
CD PRO N . 26.97 -9.12 12.43
OXT PRO N . 28.12 -6.59 8.92
N PRO O . 2.81 10.83 28.73
CA PRO O . 1.41 10.67 29.13
C PRO O . 0.70 9.58 28.34
O PRO O . -0.57 9.46 28.49
CB PRO O . 0.79 12.04 28.81
CG PRO O . 1.68 12.64 27.79
CD PRO O . 3.06 12.11 28.05
OXT PRO O . 1.44 8.85 27.61
N PRO P . 22.39 21.62 1.82
CA PRO P . 23.07 21.25 0.57
C PRO P . 22.14 20.56 -0.42
O PRO P . 20.91 20.82 -0.32
CB PRO P . 24.18 20.30 1.03
CG PRO P . 23.83 19.92 2.43
CD PRO P . 23.06 21.07 2.99
OXT PRO P . 22.68 19.79 -1.29
N PRO Q . -12.22 28.09 6.35
CA PRO Q . -13.09 27.54 7.40
C PRO Q . -12.58 26.20 7.93
O PRO Q . -11.39 25.86 7.63
CB PRO Q . -14.42 27.35 6.69
CG PRO Q . -14.06 27.16 5.27
CD PRO Q . -12.86 28.02 5.02
OXT PRO Q . -13.40 25.52 8.64
N PRO R . 3.41 20.04 -24.25
CA PRO R . 4.70 19.49 -24.64
C PRO R . 4.82 17.99 -24.38
O PRO R . 3.78 17.38 -23.98
CB PRO R . 5.70 20.26 -23.79
CG PRO R . 4.90 20.92 -22.71
CD PRO R . 3.55 21.15 -23.30
OXT PRO R . 5.96 17.46 -24.62
N PRO S . -27.27 7.99 -12.63
CA PRO S . -28.04 7.97 -11.38
C PRO S . -27.19 8.24 -10.14
O PRO S . -26.02 8.70 -10.32
CB PRO S . -28.60 6.53 -11.32
CG PRO S . -27.87 5.77 -12.37
CD PRO S . -27.49 6.77 -13.42
OXT PRO S . -27.75 7.99 -9.03
N PRO T . -2.90 -10.80 -29.48
CA PRO T . -1.47 -10.90 -29.76
C PRO T . -0.62 -11.06 -28.49
O PRO T . 0.65 -10.91 -28.63
CB PRO T . -1.15 -9.56 -30.45
CG PRO T . -2.29 -8.67 -30.12
CD PRO T . -3.47 -9.57 -30.04
OXT PRO T . -1.23 -11.33 -27.42
#